data_7LAB
#
_entry.id   7LAB
#
_cell.length_a   1.00
_cell.length_b   1.00
_cell.length_c   1.00
_cell.angle_alpha   90.00
_cell.angle_beta   90.00
_cell.angle_gamma   90.00
#
_symmetry.space_group_name_H-M   'P 1'
#
loop_
_entity.id
_entity.type
_entity.pdbx_description
1 polymer 'DH1052 light chain'
2 polymer 'DH1052 heavy chain'
3 polymer 'Spike glycoprotein'
4 branched 2-acetamido-2-deoxy-beta-D-glucopyranose-(1-4)-2-acetamido-2-deoxy-beta-D-glucopyranose
5 non-polymer 2-acetamido-2-deoxy-beta-D-glucopyranose
#
loop_
_entity_poly.entity_id
_entity_poly.type
_entity_poly.pdbx_seq_one_letter_code
_entity_poly.pdbx_strand_id
1 'polypeptide(L)'
;LTQSPGTLSLSPGERATLSCRASQSVSSSYLAWYQQKPGQAPRLLIYGASSRATGIPDRFSGSGSGTDFTLTISRLEPED
FAVYYCQQYGSSPTWTFGQGTKVEIKRTVAAPSVFIFPPSDEQLKSGTASVVCLLNNFYPREAKVQWKVDNALQSGNSQE
SVTEQDSKDSTYSLSSTLTLSKADYEKHKVYACEVTHQG
;
X,S,L
2 'polypeptide(L)'
;EVQLVESGAEVKKPGATVKISCKVSGYTFTDYYMHWVQQAPGKGLEWMGLVDPEDGETIYAEKFQGRVTITADTSTDTAY
MELSSLRSEDTAVYYCATSSGPSRLCGGGSCYHSFDYWGQGTLVTVSSASTKGPSVFPLAPSSKSTSGGTAALGCLVKDY
FPEPVTVSWNSGALTSGVHTFPAVLQSSGLYSLSSVVTVPSSSLGTQTYICNVNHKPSNTKVDKKVE
;
Y,T,H
3 'polypeptide(L)'
;AYTNSFTRGVYYPDKVFRSSVLHSTQDLFLPFFSNVTWFHAIHVSGTNGTKRFDNPVLPFNDGVYFASTEKSNIIRGWIF
GTTLDSKTQSLLIVNNATNVVIKVCEFQFCNDPFLGVYYHKNNKSWMESEFRVYSSANNCTFEYVSQPFLMDLEGKQGNF
KNLREFVFKNIDGYFKIYSKHTPINLVRDLPQGFSALEPLVDLPIGINITRFQTLLALHRSYLTPGDSSSGWTAGAAAYY
VGYLQPRTFLLKYNENGTITDAVDCALDPLSETKCTLKSFTVEKGIYQTSNFRVQPTESIVRFPNITNLCPFGEVFNATR
FASVYAWNRKRISNCVADYSVLYNSASFSTFKCYGVSPTKLNDLCFTNVYADSFVIRGDEVRQIAPGQTGKIADYNYKLP
DDFTGCVIAWNSNNLDSKVGGNYNYLYRLFRKSNLKPFERDISTEIYQAGSTPCNGVEGFNCYFPLQSYGFQPTNGVGYQ
PYRVVVLSFELLHAPATVCGPKKSTNLVKNKCVNFNFNGLTGTGVLTESNKKFLPFQQFGRDIADTTDAVRDPQTLEILD
ITPCSFGGVSVITPGTNTSNQVAVLYQDVNCTEVPVAIHADQLTPTWRVYSTGSNVFQTRAGCLIGAEHVNNSYECDIPI
GAGICASYQTQTNSPRRARSVASQSIIAYTMSLGAENSVAYSNNSIAIPTNFTISVTTEILPVSMTKTSVDCTMYICGDS
TECSNLLLQYGSFCTQLNRALTGIAVEQDKNTQEVFAQVKQIYKTPPIKDFGGFNFSQILPDPSKPSKRSFIEDLLFNKV
TLADAGFIKQYGDCLGDIAARDLICAQKFNGLTVLPPLLTDEMIAQYTSALLAGTITSGWTFGAGAALQIPFAMQMAYRF
NGIGVTQNVLYENQKLIANQFNSAIGKIQDSLSSTASALGKLQDVVNQNAQALNTLVKQLSSNFGAISSVLNDILSRLDP
PEAEVQIDRLITGRLQSLQTYVTQQLIRAAEIRASANLAATKMSECVLGQSKRVDFCGKGYHLMSFPQSAPHGVVFLHVT
YVPAQEKNFTTAPAICHDGKAHFPREGVFVSNGTHWFVTQRNFYEPQIITTDNTFVSGNCDVVIGIVNNTVYDPLQPELD
S
;
A,B,C
#
loop_
_chem_comp.id
_chem_comp.type
_chem_comp.name
_chem_comp.formula
NAG D-saccharide, beta linking 2-acetamido-2-deoxy-beta-D-glucopyranose 'C8 H15 N O6'
#
# COMPACT_ATOMS: atom_id res chain seq x y z
N LEU A 1 -31.45 35.53 36.40
CA LEU A 1 -31.12 34.09 36.53
C LEU A 1 -32.39 33.23 36.56
N THR A 2 -32.33 32.04 35.97
CA THR A 2 -33.32 30.95 36.13
C THR A 2 -32.81 29.95 37.16
N GLN A 3 -33.66 29.46 38.05
CA GLN A 3 -33.32 28.37 38.96
C GLN A 3 -34.49 27.39 39.04
N SER A 4 -34.23 26.09 39.03
CA SER A 4 -35.27 25.05 38.91
C SER A 4 -34.93 23.76 39.68
N PRO A 5 -35.94 22.94 40.02
CA PRO A 5 -37.37 23.27 40.02
C PRO A 5 -37.71 24.35 41.07
N GLY A 6 -38.83 25.06 40.93
CA GLY A 6 -39.21 26.16 41.84
C GLY A 6 -39.30 25.76 43.33
N THR A 7 -39.59 24.49 43.59
CA THR A 7 -39.39 23.80 44.87
C THR A 7 -38.88 22.38 44.62
N LEU A 8 -38.00 21.89 45.48
CA LEU A 8 -37.41 20.56 45.41
C LEU A 8 -37.77 19.78 46.67
N SER A 9 -38.62 18.76 46.54
CA SER A 9 -39.37 18.16 47.67
C SER A 9 -39.14 16.65 47.86
N LEU A 10 -38.04 16.10 47.34
CA LEU A 10 -37.68 14.67 47.45
C LEU A 10 -37.48 14.21 48.91
N SER A 11 -37.51 12.90 49.17
CA SER A 11 -37.21 12.33 50.48
C SER A 11 -35.77 12.62 50.97
N PRO A 12 -35.56 12.78 52.28
CA PRO A 12 -34.25 12.70 52.92
C PRO A 12 -33.50 11.41 52.56
N GLY A 13 -32.16 11.42 52.64
CA GLY A 13 -31.27 10.30 52.30
C GLY A 13 -30.98 10.06 50.80
N GLU A 14 -31.77 10.62 49.90
CA GLU A 14 -31.61 10.46 48.44
C GLU A 14 -30.44 11.27 47.83
N ARG A 15 -30.33 11.30 46.50
CA ARG A 15 -29.67 12.39 45.75
C ARG A 15 -30.72 13.27 45.08
N ALA A 16 -30.58 14.59 45.20
CA ALA A 16 -31.49 15.57 44.63
C ALA A 16 -30.69 16.70 43.96
N THR A 17 -31.10 17.15 42.77
CA THR A 17 -30.37 18.18 42.01
C THR A 17 -31.18 19.44 41.80
N LEU A 18 -30.63 20.59 42.22
CA LEU A 18 -31.07 21.93 41.81
C LEU A 18 -30.30 22.35 40.54
N SER A 19 -30.92 23.13 39.65
CA SER A 19 -30.24 23.76 38.51
C SER A 19 -30.32 25.28 38.57
N CYS A 20 -29.28 25.94 38.05
CA CYS A 20 -29.20 27.38 37.85
C CYS A 20 -28.76 27.64 36.40
N ARG A 21 -29.46 28.50 35.68
CA ARG A 21 -29.31 28.74 34.24
C ARG A 21 -29.37 30.21 33.88
N ALA A 22 -28.71 30.60 32.80
CA ALA A 22 -28.59 32.00 32.39
C ALA A 22 -28.51 32.22 30.88
N SER A 23 -28.79 33.46 30.46
CA SER A 23 -28.33 34.01 29.19
C SER A 23 -26.81 34.20 29.20
N GLN A 24 -26.21 34.58 28.06
CA GLN A 24 -24.78 34.89 27.95
C GLN A 24 -24.34 36.23 28.61
N SER A 25 -25.13 36.75 29.55
CA SER A 25 -24.86 37.99 30.31
C SER A 25 -23.84 37.84 31.46
N VAL A 26 -23.33 36.62 31.67
CA VAL A 26 -22.61 36.18 32.88
C VAL A 26 -21.39 35.28 32.54
N SER A 27 -20.46 35.10 33.49
CA SER A 27 -19.18 34.40 33.26
C SER A 27 -19.04 33.10 34.07
N SER A 28 -18.39 32.08 33.48
CA SER A 28 -18.53 30.66 33.88
C SER A 28 -17.97 30.24 35.25
N SER A 29 -16.96 30.92 35.82
CA SER A 29 -16.39 30.51 37.12
C SER A 29 -17.15 31.07 38.32
N TYR A 30 -17.76 32.25 38.19
CA TYR A 30 -18.28 33.06 39.28
C TYR A 30 -19.67 32.64 39.79
N LEU A 31 -20.17 31.43 39.51
CA LEU A 31 -21.36 30.92 40.17
C LEU A 31 -21.08 30.55 41.62
N ALA A 32 -22.08 30.75 42.46
CA ALA A 32 -22.05 30.40 43.87
C ALA A 32 -23.45 30.02 44.35
N TRP A 33 -23.54 29.35 45.51
CA TRP A 33 -24.80 28.86 46.08
C TRP A 33 -24.88 29.09 47.58
N TYR A 34 -26.08 29.33 48.10
CA TYR A 34 -26.34 29.81 49.46
C TYR A 34 -27.56 29.12 50.07
N GLN A 35 -27.51 28.89 51.38
CA GLN A 35 -28.61 28.37 52.19
C GLN A 35 -29.21 29.48 53.03
N GLN A 36 -30.54 29.60 53.09
CA GLN A 36 -31.23 30.45 54.07
C GLN A 36 -32.41 29.70 54.71
N LYS A 37 -32.31 29.44 56.01
CA LYS A 37 -33.45 29.08 56.87
C LYS A 37 -34.36 30.31 57.09
N PRO A 38 -35.63 30.15 57.50
CA PRO A 38 -36.55 31.26 57.72
C PRO A 38 -35.97 32.40 58.58
N GLY A 39 -35.95 33.60 58.02
CA GLY A 39 -35.50 34.84 58.66
C GLY A 39 -33.99 35.01 58.86
N GLN A 40 -33.16 34.04 58.48
CA GLN A 40 -31.71 34.09 58.72
C GLN A 40 -30.96 34.86 57.62
N ALA A 41 -29.78 35.38 57.93
CA ALA A 41 -28.82 35.78 56.90
C ALA A 41 -28.38 34.56 56.07
N PRO A 42 -28.23 34.66 54.74
CA PRO A 42 -27.76 33.55 53.92
C PRO A 42 -26.34 33.05 54.27
N ARG A 43 -26.09 31.76 54.04
CA ARG A 43 -24.82 31.04 54.27
C ARG A 43 -24.23 30.51 52.97
N LEU A 44 -22.99 30.88 52.64
CA LEU A 44 -22.27 30.48 51.41
C LEU A 44 -21.91 28.99 51.44
N LEU A 45 -22.51 28.20 50.55
CA LEU A 45 -22.27 26.77 50.40
C LEU A 45 -21.16 26.48 49.37
N ILE A 46 -21.35 26.99 48.15
CA ILE A 46 -20.51 26.72 46.98
C ILE A 46 -20.05 28.05 46.41
N TYR A 47 -18.82 28.11 45.90
CA TYR A 47 -18.29 29.17 45.07
C TYR A 47 -17.46 28.56 43.93
N GLY A 48 -17.03 29.37 42.97
CA GLY A 48 -16.22 28.86 41.85
C GLY A 48 -16.96 27.83 40.98
N ALA A 49 -18.29 27.85 40.99
CA ALA A 49 -19.18 26.87 40.36
C ALA A 49 -19.01 25.40 40.81
N SER A 50 -18.21 25.12 41.84
CA SER A 50 -17.85 23.73 42.20
C SER A 50 -17.14 23.56 43.54
N SER A 51 -16.49 24.59 44.09
CA SER A 51 -15.76 24.49 45.36
C SER A 51 -16.69 24.72 46.56
N ARG A 52 -16.68 23.81 47.55
CA ARG A 52 -17.33 24.06 48.84
C ARG A 52 -16.56 25.10 49.64
N ALA A 53 -17.26 25.97 50.35
CA ALA A 53 -16.64 26.77 51.40
C ALA A 53 -16.16 25.89 52.57
N THR A 54 -15.20 26.37 53.35
CA THR A 54 -14.70 25.64 54.53
C THR A 54 -15.80 25.51 55.58
N GLY A 55 -15.98 24.30 56.12
CA GLY A 55 -17.06 23.99 57.07
C GLY A 55 -18.39 23.58 56.44
N ILE A 56 -18.43 23.24 55.15
CA ILE A 56 -19.60 22.68 54.48
C ILE A 56 -19.41 21.18 54.17
N PRO A 57 -20.38 20.30 54.52
CA PRO A 57 -20.29 18.84 54.30
C PRO A 57 -19.97 18.40 52.86
N ASP A 58 -19.17 17.35 52.73
CA ASP A 58 -18.70 16.78 51.45
C ASP A 58 -19.82 16.16 50.58
N ARG A 59 -21.03 16.02 51.13
CA ARG A 59 -22.23 15.54 50.43
C ARG A 59 -22.90 16.56 49.51
N PHE A 60 -22.50 17.84 49.56
CA PHE A 60 -22.87 18.87 48.59
C PHE A 60 -21.88 18.91 47.41
N SER A 61 -22.35 19.10 46.18
CA SER A 61 -21.49 19.12 44.99
C SER A 61 -22.07 20.01 43.89
N GLY A 62 -21.34 21.06 43.50
CA GLY A 62 -21.67 21.93 42.36
C GLY A 62 -20.98 21.48 41.07
N SER A 63 -21.61 21.67 39.90
CA SER A 63 -21.01 21.44 38.58
C SER A 63 -21.75 22.17 37.45
N GLY A 64 -21.07 22.40 36.31
CA GLY A 64 -21.71 22.89 35.08
C GLY A 64 -20.78 23.42 34.00
N SER A 65 -21.38 23.96 32.94
CA SER A 65 -20.73 24.32 31.68
C SER A 65 -21.50 25.42 30.94
N GLY A 66 -20.78 26.38 30.34
CA GLY A 66 -21.37 27.43 29.50
C GLY A 66 -22.30 28.36 30.27
N THR A 67 -23.61 28.09 30.21
CA THR A 67 -24.63 28.74 31.06
C THR A 67 -25.63 27.74 31.70
N ASP A 68 -25.32 26.44 31.68
CA ASP A 68 -26.08 25.40 32.37
C ASP A 68 -25.29 24.82 33.56
N PHE A 69 -25.80 25.05 34.76
CA PHE A 69 -25.13 24.71 36.01
C PHE A 69 -26.09 24.10 37.04
N THR A 70 -25.53 23.40 38.02
CA THR A 70 -26.26 22.55 38.96
C THR A 70 -25.60 22.51 40.33
N LEU A 71 -26.39 22.23 41.36
CA LEU A 71 -25.99 21.81 42.69
C LEU A 71 -26.71 20.50 43.02
N THR A 72 -25.98 19.40 43.14
CA THR A 72 -26.53 18.15 43.67
C THR A 72 -26.31 18.09 45.17
N ILE A 73 -27.42 17.99 45.91
CA ILE A 73 -27.41 17.55 47.30
C ILE A 73 -27.40 16.02 47.28
N SER A 74 -26.62 15.38 48.14
CA SER A 74 -26.68 13.94 48.39
C SER A 74 -26.83 13.69 49.89
N ARG A 75 -27.35 12.51 50.25
CA ARG A 75 -27.57 12.06 51.63
C ARG A 75 -28.35 13.10 52.46
N LEU A 76 -29.43 13.61 51.84
CA LEU A 76 -30.24 14.74 52.31
C LEU A 76 -30.62 14.61 53.79
N GLU A 77 -30.63 15.72 54.51
CA GLU A 77 -30.99 15.80 55.93
C GLU A 77 -32.09 16.84 56.16
N PRO A 78 -32.90 16.77 57.24
CA PRO A 78 -33.90 17.80 57.55
C PRO A 78 -33.31 19.21 57.70
N GLU A 79 -32.03 19.32 58.06
CA GLU A 79 -31.29 20.59 58.11
C GLU A 79 -31.19 21.30 56.75
N ASP A 80 -31.29 20.56 55.64
CA ASP A 80 -31.33 21.11 54.28
C ASP A 80 -32.66 21.79 53.95
N PHE A 81 -33.74 21.55 54.69
CA PHE A 81 -35.06 22.13 54.43
C PHE A 81 -35.03 23.65 54.64
N ALA A 82 -34.90 24.39 53.55
CA ALA A 82 -34.59 25.82 53.52
C ALA A 82 -34.81 26.36 52.10
N VAL A 83 -34.74 27.68 51.90
CA VAL A 83 -34.62 28.23 50.53
C VAL A 83 -33.16 28.23 50.13
N TYR A 84 -32.88 27.77 48.90
CA TYR A 84 -31.52 27.69 48.34
C TYR A 84 -31.40 28.66 47.15
N TYR A 85 -30.42 29.56 47.20
CA TYR A 85 -30.15 30.55 46.15
C TYR A 85 -28.86 30.21 45.41
N CYS A 86 -28.85 30.18 44.09
CA CYS A 86 -27.61 30.44 43.35
C CYS A 86 -27.37 31.95 43.25
N GLN A 87 -26.19 32.38 42.83
CA GLN A 87 -25.92 33.73 42.32
C GLN A 87 -24.77 33.68 41.32
N GLN A 88 -24.66 34.70 40.46
CA GLN A 88 -23.57 34.81 39.48
C GLN A 88 -23.18 36.26 39.22
N TYR A 89 -21.91 36.50 38.92
CA TYR A 89 -21.38 37.80 38.52
C TYR A 89 -21.90 38.17 37.12
N GLY A 90 -22.51 39.35 36.98
CA GLY A 90 -22.92 39.96 35.72
C GLY A 90 -21.73 40.49 34.91
N SER A 91 -20.73 39.63 34.69
CA SER A 91 -19.45 39.86 34.02
C SER A 91 -18.48 40.88 34.66
N SER A 92 -18.94 42.04 35.13
CA SER A 92 -18.08 43.04 35.78
C SER A 92 -18.78 44.07 36.70
N PRO A 93 -19.95 44.64 36.38
CA PRO A 93 -20.53 45.72 37.19
C PRO A 93 -21.38 45.26 38.39
N THR A 94 -22.06 44.11 38.30
CA THR A 94 -23.28 43.86 39.08
C THR A 94 -23.41 42.40 39.55
N TRP A 95 -24.12 42.20 40.67
CA TRP A 95 -24.32 40.93 41.36
C TRP A 95 -25.75 40.45 41.19
N THR A 96 -25.98 39.23 40.72
CA THR A 96 -27.32 38.73 40.39
C THR A 96 -27.64 37.39 41.06
N PHE A 97 -28.75 37.32 41.78
CA PHE A 97 -29.19 36.16 42.55
C PHE A 97 -30.27 35.33 41.83
N GLY A 98 -30.35 34.04 42.14
CA GLY A 98 -31.38 33.11 41.64
C GLY A 98 -32.71 33.20 42.39
N GLN A 99 -33.64 32.31 42.05
CA GLN A 99 -35.04 32.40 42.54
C GLN A 99 -35.20 32.14 44.04
N GLY A 100 -34.43 31.22 44.62
CA GLY A 100 -34.56 30.81 46.02
C GLY A 100 -35.37 29.52 46.16
N THR A 101 -35.00 28.49 45.40
CA THR A 101 -35.67 27.18 45.33
C THR A 101 -35.89 26.61 46.73
N LYS A 102 -37.16 26.48 47.15
CA LYS A 102 -37.48 25.97 48.48
C LYS A 102 -37.34 24.46 48.52
N VAL A 103 -36.43 23.98 49.34
CA VAL A 103 -36.07 22.58 49.52
C VAL A 103 -37.09 21.95 50.48
N GLU A 104 -38.32 21.78 49.99
CA GLU A 104 -39.53 21.38 50.74
C GLU A 104 -39.59 19.85 50.94
N ILE A 105 -38.46 19.27 51.36
CA ILE A 105 -38.16 17.83 51.29
C ILE A 105 -39.13 16.98 52.12
N LYS A 106 -39.44 15.80 51.60
CA LYS A 106 -40.60 15.00 52.02
C LYS A 106 -40.62 14.72 53.52
N ARG A 107 -41.70 15.14 54.20
CA ARG A 107 -41.94 14.88 55.63
C ARG A 107 -42.96 13.77 55.87
N THR A 108 -44.21 13.98 55.44
CA THR A 108 -45.34 13.03 55.53
C THR A 108 -46.24 13.17 54.28
N VAL A 109 -47.36 12.44 54.21
CA VAL A 109 -48.50 12.75 53.32
C VAL A 109 -49.79 12.66 54.15
N ALA A 110 -50.63 13.70 54.13
CA ALA A 110 -51.83 13.82 54.96
C ALA A 110 -52.84 14.87 54.43
N ALA A 111 -54.14 14.60 54.55
CA ALA A 111 -55.22 15.59 54.35
C ALA A 111 -55.53 16.38 55.64
N PRO A 112 -56.06 17.61 55.57
CA PRO A 112 -56.22 18.50 56.72
C PRO A 112 -57.30 18.05 57.71
N SER A 113 -57.01 18.10 59.00
CA SER A 113 -58.05 18.29 60.02
C SER A 113 -58.50 19.77 60.00
N VAL A 114 -59.79 20.00 60.24
CA VAL A 114 -60.44 21.31 60.02
C VAL A 114 -61.37 21.71 61.16
N PHE A 115 -61.30 22.99 61.55
CA PHE A 115 -62.16 23.64 62.55
C PHE A 115 -62.72 24.99 62.02
N ILE A 116 -63.97 25.33 62.34
CA ILE A 116 -64.69 26.47 61.75
C ILE A 116 -65.34 27.30 62.86
N PHE A 117 -65.19 28.63 62.81
CA PHE A 117 -65.45 29.54 63.93
C PHE A 117 -66.33 30.73 63.49
N PRO A 118 -67.58 30.86 63.98
CA PRO A 118 -68.39 32.06 63.74
C PRO A 118 -67.91 33.25 64.59
N PRO A 119 -68.44 34.47 64.35
CA PRO A 119 -68.22 35.64 65.20
C PRO A 119 -68.58 35.44 66.68
N SER A 120 -68.03 36.30 67.54
CA SER A 120 -68.09 36.16 69.01
C SER A 120 -68.42 37.48 69.73
N ASP A 121 -68.93 37.40 70.96
CA ASP A 121 -69.62 38.51 71.64
C ASP A 121 -68.79 39.80 71.76
N GLU A 122 -67.52 39.69 72.14
CA GLU A 122 -66.58 40.82 72.25
C GLU A 122 -66.29 41.48 70.89
N GLN A 123 -66.17 40.66 69.84
CA GLN A 123 -65.87 41.08 68.47
C GLN A 123 -67.06 41.87 67.90
N LEU A 124 -68.27 41.33 68.11
CA LEU A 124 -69.55 41.90 67.69
C LEU A 124 -69.92 43.17 68.48
N LYS A 125 -69.74 43.19 69.80
CA LYS A 125 -69.94 44.40 70.63
C LYS A 125 -68.92 45.51 70.34
N SER A 126 -67.72 45.15 69.88
CA SER A 126 -66.74 46.09 69.27
C SER A 126 -67.11 46.57 67.84
N GLY A 127 -68.28 46.20 67.32
CA GLY A 127 -68.78 46.66 66.01
C GLY A 127 -68.24 45.89 64.81
N THR A 128 -67.70 44.69 65.00
CA THR A 128 -66.97 43.95 63.97
C THR A 128 -67.37 42.48 63.92
N ALA A 129 -67.07 41.83 62.80
CA ALA A 129 -67.07 40.37 62.71
C ALA A 129 -65.77 39.90 62.05
N SER A 130 -65.32 38.69 62.39
CA SER A 130 -64.35 37.95 61.59
C SER A 130 -64.53 36.45 61.80
N VAL A 131 -64.98 35.78 60.74
CA VAL A 131 -65.23 34.34 60.70
C VAL A 131 -63.89 33.65 60.44
N VAL A 132 -63.57 32.56 61.14
CA VAL A 132 -62.25 31.93 61.04
C VAL A 132 -62.36 30.44 60.65
N CYS A 133 -61.54 29.96 59.71
CA CYS A 133 -61.49 28.56 59.28
C CYS A 133 -60.03 28.10 59.35
N LEU A 134 -59.74 27.04 60.11
CA LEU A 134 -58.39 26.58 60.46
C LEU A 134 -58.11 25.18 59.91
N LEU A 135 -56.97 25.03 59.25
CA LEU A 135 -56.49 23.79 58.63
C LEU A 135 -55.15 23.39 59.26
N ASN A 136 -54.96 22.12 59.58
CA ASN A 136 -53.73 21.62 60.20
C ASN A 136 -53.52 20.13 59.96
N ASN A 137 -52.32 19.63 60.29
CA ASN A 137 -51.92 18.23 60.14
C ASN A 137 -51.95 17.72 58.69
N PHE A 138 -51.56 18.54 57.70
CA PHE A 138 -51.54 18.15 56.29
C PHE A 138 -50.14 18.18 55.67
N TYR A 139 -49.88 17.34 54.67
CA TYR A 139 -48.73 17.48 53.78
C TYR A 139 -49.01 16.83 52.42
N PRO A 140 -48.51 17.37 51.29
CA PRO A 140 -47.96 18.71 51.11
C PRO A 140 -48.97 19.83 51.44
N ARG A 141 -48.56 21.09 51.30
CA ARG A 141 -49.44 22.26 51.34
C ARG A 141 -50.26 22.41 50.05
N GLU A 142 -51.06 21.39 49.77
CA GLU A 142 -51.93 21.26 48.61
C GLU A 142 -53.32 21.91 48.82
N ALA A 143 -53.49 22.75 49.85
CA ALA A 143 -54.77 23.22 50.35
C ALA A 143 -55.45 24.29 49.47
N LYS A 144 -56.78 24.23 49.41
CA LYS A 144 -57.72 25.23 48.87
C LYS A 144 -58.89 25.40 49.85
N VAL A 145 -59.34 26.64 50.06
CA VAL A 145 -60.35 27.00 51.07
C VAL A 145 -61.43 27.90 50.47
N GLN A 146 -62.71 27.66 50.77
CA GLN A 146 -63.85 28.47 50.28
C GLN A 146 -64.88 28.78 51.37
N TRP A 147 -65.28 30.04 51.49
CA TRP A 147 -66.31 30.52 52.42
C TRP A 147 -67.72 30.60 51.83
N LYS A 148 -68.71 30.25 52.66
CA LYS A 148 -70.12 30.08 52.29
C LYS A 148 -71.08 30.52 53.41
N VAL A 149 -72.30 30.98 53.05
CA VAL A 149 -73.31 31.51 54.00
C VAL A 149 -74.78 31.08 53.76
N ASP A 150 -75.11 29.81 53.48
CA ASP A 150 -74.26 28.64 53.22
C ASP A 150 -74.00 28.44 51.71
N ASN A 151 -74.30 29.45 50.88
CA ASN A 151 -74.10 29.44 49.44
C ASN A 151 -72.66 29.89 49.04
N ALA A 152 -72.32 31.17 49.16
CA ALA A 152 -71.00 31.72 48.83
C ALA A 152 -70.76 33.10 49.46
N LEU A 153 -69.58 33.32 50.04
CA LEU A 153 -69.07 34.63 50.49
C LEU A 153 -67.56 34.81 50.16
N GLN A 154 -66.95 33.85 49.47
CA GLN A 154 -65.54 33.86 49.02
C GLN A 154 -65.21 35.01 48.04
N SER A 155 -66.23 35.59 47.39
CA SER A 155 -66.13 36.80 46.56
C SER A 155 -65.82 38.08 47.35
N GLY A 156 -65.93 38.07 48.68
CA GLY A 156 -65.74 39.24 49.53
C GLY A 156 -64.30 39.77 49.50
N ASN A 157 -64.14 41.06 49.22
CA ASN A 157 -62.83 41.71 49.15
C ASN A 157 -62.08 41.71 50.52
N SER A 158 -62.81 41.55 51.64
CA SER A 158 -62.30 41.46 53.00
C SER A 158 -61.88 40.04 53.46
N GLN A 159 -62.01 39.02 52.61
CA GLN A 159 -61.50 37.67 52.86
C GLN A 159 -59.95 37.62 52.80
N GLU A 160 -59.31 36.82 53.65
CA GLU A 160 -57.85 36.60 53.67
C GLU A 160 -57.50 35.14 54.03
N SER A 161 -56.33 34.67 53.60
CA SER A 161 -55.84 33.30 53.79
C SER A 161 -54.30 33.31 53.79
N VAL A 162 -53.70 33.39 54.98
CA VAL A 162 -52.26 33.59 55.18
C VAL A 162 -51.42 32.40 54.66
N THR A 163 -50.13 32.65 54.39
CA THR A 163 -49.15 31.61 54.00
C THR A 163 -49.05 30.48 55.03
N GLU A 164 -48.66 29.29 54.61
CA GLU A 164 -48.69 28.08 55.44
C GLU A 164 -47.54 28.01 56.46
N GLN A 165 -47.81 27.47 57.65
CA GLN A 165 -46.83 27.25 58.71
C GLN A 165 -46.48 25.75 58.80
N ASP A 166 -45.22 25.40 58.61
CA ASP A 166 -44.69 24.03 58.84
C ASP A 166 -44.53 23.77 60.36
N SER A 167 -44.50 22.51 60.80
CA SER A 167 -44.59 22.16 62.23
C SER A 167 -43.75 20.94 62.64
N LYS A 168 -43.53 20.78 63.96
CA LYS A 168 -42.96 19.57 64.56
C LYS A 168 -43.78 18.30 64.32
N ASP A 169 -45.06 18.45 63.95
CA ASP A 169 -45.96 17.37 63.50
C ASP A 169 -45.70 16.97 62.03
N SER A 170 -44.52 17.28 61.47
CA SER A 170 -44.06 16.87 60.15
C SER A 170 -45.06 17.22 59.02
N THR A 171 -45.79 18.32 59.21
CA THR A 171 -46.95 18.75 58.44
C THR A 171 -47.11 20.28 58.45
N TYR A 172 -47.72 20.81 57.39
CA TYR A 172 -48.19 22.19 57.31
C TYR A 172 -49.53 22.40 58.03
N SER A 173 -49.83 23.69 58.23
CA SER A 173 -51.06 24.26 58.78
C SER A 173 -51.30 25.64 58.14
N LEU A 174 -52.56 26.14 58.08
CA LEU A 174 -52.90 27.49 57.61
C LEU A 174 -54.24 27.99 58.17
N SER A 175 -54.52 29.28 58.09
CA SER A 175 -55.79 29.89 58.51
C SER A 175 -56.38 30.81 57.44
N SER A 176 -57.71 30.76 57.26
CA SER A 176 -58.46 31.82 56.55
C SER A 176 -59.33 32.62 57.52
N THR A 177 -59.29 33.95 57.39
CA THR A 177 -60.11 34.90 58.15
C THR A 177 -61.00 35.68 57.20
N LEU A 178 -62.30 35.68 57.44
CA LEU A 178 -63.31 36.42 56.70
C LEU A 178 -63.81 37.56 57.58
N THR A 179 -63.11 38.70 57.55
CA THR A 179 -63.50 39.91 58.29
C THR A 179 -64.74 40.55 57.65
N LEU A 180 -65.65 41.06 58.46
CA LEU A 180 -67.00 41.46 58.08
C LEU A 180 -67.52 42.56 59.02
N SER A 181 -68.65 43.19 58.66
CA SER A 181 -69.38 44.06 59.58
C SER A 181 -70.14 43.21 60.61
N LYS A 182 -70.49 43.78 61.77
CA LYS A 182 -71.45 43.14 62.68
C LYS A 182 -72.83 42.97 62.02
N ALA A 183 -73.23 43.86 61.11
CA ALA A 183 -74.48 43.70 60.35
C ALA A 183 -74.50 42.47 59.42
N ASP A 184 -73.36 41.97 58.96
CA ASP A 184 -73.30 40.67 58.27
C ASP A 184 -73.62 39.49 59.21
N TYR A 185 -73.18 39.55 60.48
CA TYR A 185 -73.56 38.53 61.46
C TYR A 185 -75.06 38.60 61.82
N GLU A 186 -75.65 39.80 61.78
CA GLU A 186 -77.10 39.96 61.85
C GLU A 186 -77.83 39.44 60.59
N LYS A 187 -77.26 39.65 59.40
CA LYS A 187 -77.83 39.23 58.09
C LYS A 187 -77.83 37.71 57.90
N HIS A 188 -76.65 37.10 57.86
CA HIS A 188 -76.48 35.69 57.51
C HIS A 188 -76.91 34.76 58.66
N LYS A 189 -77.79 33.80 58.37
CA LYS A 189 -78.36 32.87 59.37
C LYS A 189 -77.43 31.72 59.76
N VAL A 190 -76.43 31.44 58.93
CA VAL A 190 -75.38 30.43 59.13
C VAL A 190 -74.10 30.85 58.39
N TYR A 191 -72.94 30.37 58.87
CA TYR A 191 -71.61 30.51 58.27
C TYR A 191 -70.94 29.14 58.13
N ALA A 192 -70.24 28.90 57.03
CA ALA A 192 -69.57 27.64 56.73
C ALA A 192 -68.31 27.81 55.89
N CYS A 193 -67.39 26.86 56.02
CA CYS A 193 -66.15 26.77 55.26
C CYS A 193 -65.96 25.34 54.68
N GLU A 194 -65.52 25.26 53.43
CA GLU A 194 -65.26 24.01 52.71
C GLU A 194 -63.82 23.99 52.19
N VAL A 195 -63.21 22.79 52.12
CA VAL A 195 -61.77 22.60 51.88
C VAL A 195 -61.54 21.54 50.79
N THR A 196 -60.59 21.79 49.89
CA THR A 196 -60.09 20.82 48.90
C THR A 196 -58.59 20.60 49.14
N HIS A 197 -58.14 19.35 49.08
CA HIS A 197 -56.75 18.95 49.37
C HIS A 197 -56.37 17.66 48.63
N GLN A 198 -55.06 17.39 48.55
CA GLN A 198 -54.41 16.28 47.83
C GLN A 198 -54.59 16.26 46.29
N GLY A 199 -55.21 17.26 45.69
CA GLY A 199 -55.37 17.39 44.23
C GLY A 199 -56.38 18.46 43.82
N GLU B 1 -15.82 34.44 64.00
CA GLU B 1 -14.54 35.06 63.60
C GLU B 1 -14.74 36.44 62.94
N VAL B 2 -15.22 36.49 61.69
CA VAL B 2 -15.70 37.72 61.04
C VAL B 2 -17.10 38.09 61.57
N GLN B 3 -17.28 39.35 61.95
CA GLN B 3 -18.52 39.89 62.49
C GLN B 3 -18.98 41.12 61.69
N LEU B 4 -20.21 41.09 61.20
CA LEU B 4 -20.90 42.25 60.65
C LEU B 4 -22.10 42.56 61.57
N VAL B 5 -22.21 43.78 62.08
CA VAL B 5 -23.18 44.16 63.12
C VAL B 5 -23.96 45.41 62.72
N GLU B 6 -25.21 45.21 62.34
CA GLU B 6 -26.07 46.26 61.83
C GLU B 6 -26.80 47.07 62.90
N SER B 7 -27.45 48.15 62.47
CA SER B 7 -28.50 48.88 63.18
C SER B 7 -29.68 48.01 63.59
N GLY B 8 -30.48 48.51 64.54
CA GLY B 8 -31.83 48.02 64.83
C GLY B 8 -32.87 48.51 63.82
N ALA B 9 -34.04 47.86 63.79
CA ALA B 9 -35.09 48.09 62.79
C ALA B 9 -35.68 49.51 62.80
N GLU B 10 -36.29 49.90 61.68
CA GLU B 10 -36.87 51.22 61.45
C GLU B 10 -38.29 51.17 60.87
N VAL B 11 -39.09 52.19 61.19
CA VAL B 11 -40.49 52.35 60.75
C VAL B 11 -40.70 53.76 60.19
N LYS B 12 -41.26 53.87 58.98
CA LYS B 12 -41.37 55.13 58.22
C LYS B 12 -42.70 55.29 57.47
N LYS B 13 -43.06 56.53 57.15
CA LYS B 13 -44.12 56.90 56.19
C LYS B 13 -43.59 56.82 54.75
N PRO B 14 -44.46 56.60 53.73
CA PRO B 14 -44.09 56.82 52.33
C PRO B 14 -43.55 58.24 52.08
N GLY B 15 -42.59 58.39 51.17
CA GLY B 15 -41.91 59.66 50.86
C GLY B 15 -40.76 60.04 51.81
N ALA B 16 -40.57 59.33 52.92
CA ALA B 16 -39.49 59.59 53.88
C ALA B 16 -38.10 59.13 53.38
N THR B 17 -37.07 59.37 54.22
CA THR B 17 -35.68 58.89 54.06
C THR B 17 -35.19 58.20 55.33
N VAL B 18 -34.45 57.09 55.22
CA VAL B 18 -33.90 56.33 56.35
C VAL B 18 -32.42 55.99 56.12
N LYS B 19 -31.65 55.90 57.21
CA LYS B 19 -30.24 55.49 57.22
C LYS B 19 -30.02 54.24 58.08
N ILE B 20 -29.27 53.29 57.54
CA ILE B 20 -28.98 51.96 58.05
C ILE B 20 -27.47 51.89 58.30
N SER B 21 -27.00 51.15 59.32
CA SER B 21 -25.57 51.05 59.65
C SER B 21 -25.12 49.59 59.73
N CYS B 22 -23.83 49.35 59.53
CA CYS B 22 -23.18 48.05 59.55
C CYS B 22 -21.72 48.20 60.02
N LYS B 23 -21.49 47.99 61.32
CA LYS B 23 -20.17 47.93 61.95
C LYS B 23 -19.45 46.65 61.54
N VAL B 24 -18.13 46.74 61.39
CA VAL B 24 -17.23 45.63 61.09
C VAL B 24 -16.38 45.30 62.31
N SER B 25 -16.23 44.01 62.60
CA SER B 25 -15.33 43.50 63.64
C SER B 25 -14.75 42.13 63.22
N GLY B 26 -13.59 41.76 63.77
CA GLY B 26 -12.87 40.53 63.47
C GLY B 26 -11.96 40.56 62.22
N TYR B 27 -12.04 41.61 61.40
CA TYR B 27 -11.19 41.77 60.21
C TYR B 27 -10.81 43.23 59.93
N THR B 28 -9.75 43.41 59.13
CA THR B 28 -9.23 44.71 58.69
C THR B 28 -10.16 45.35 57.67
N PHE B 29 -11.00 46.30 58.11
CA PHE B 29 -12.11 46.86 57.35
C PHE B 29 -11.72 47.44 55.99
N THR B 30 -10.57 48.13 55.94
CA THR B 30 -10.05 48.78 54.72
C THR B 30 -9.91 47.87 53.51
N ASP B 31 -9.70 46.57 53.68
CA ASP B 31 -9.26 45.70 52.59
C ASP B 31 -10.43 45.15 51.76
N TYR B 32 -11.66 45.31 52.24
CA TYR B 32 -12.84 44.58 51.78
C TYR B 32 -13.91 45.49 51.15
N TYR B 33 -14.64 45.02 50.14
CA TYR B 33 -15.94 45.64 49.79
C TYR B 33 -16.96 45.37 50.90
N MET B 34 -17.85 46.34 51.10
CA MET B 34 -19.12 46.15 51.78
C MET B 34 -20.26 46.33 50.79
N HIS B 35 -21.20 45.39 50.76
CA HIS B 35 -22.35 45.35 49.85
C HIS B 35 -23.64 45.47 50.66
N TRP B 36 -24.70 45.97 50.03
CA TRP B 36 -26.03 46.04 50.64
C TRP B 36 -27.06 45.27 49.80
N VAL B 37 -27.89 44.46 50.45
CA VAL B 37 -28.81 43.50 49.83
C VAL B 37 -30.20 43.58 50.45
N GLN B 38 -31.23 43.76 49.64
CA GLN B 38 -32.63 43.73 50.03
C GLN B 38 -33.19 42.31 50.09
N GLN B 39 -34.21 42.10 50.91
CA GLN B 39 -35.13 40.97 50.78
C GLN B 39 -36.53 41.32 51.33
N ALA B 40 -37.51 41.44 50.44
CA ALA B 40 -38.92 41.53 50.85
C ALA B 40 -39.42 40.17 51.41
N PRO B 41 -40.33 40.13 52.40
CA PRO B 41 -40.73 38.89 53.06
C PRO B 41 -41.28 37.82 52.11
N GLY B 42 -40.62 36.67 52.03
CA GLY B 42 -40.97 35.57 51.12
C GLY B 42 -40.48 35.73 49.66
N LYS B 43 -39.83 36.84 49.29
CA LYS B 43 -39.18 37.04 47.99
C LYS B 43 -37.70 36.65 48.03
N GLY B 44 -37.05 36.66 46.86
CA GLY B 44 -35.62 36.40 46.75
C GLY B 44 -34.72 37.53 47.27
N LEU B 45 -33.42 37.25 47.30
CA LEU B 45 -32.37 38.21 47.60
C LEU B 45 -32.19 39.20 46.44
N GLU B 46 -31.80 40.45 46.73
CA GLU B 46 -31.63 41.49 45.69
C GLU B 46 -30.50 42.46 46.05
N TRP B 47 -29.39 42.43 45.30
CA TRP B 47 -28.26 43.33 45.53
C TRP B 47 -28.61 44.78 45.14
N MET B 48 -28.32 45.74 46.01
CA MET B 48 -28.59 47.15 45.80
C MET B 48 -27.35 47.98 45.46
N GLY B 49 -26.21 47.69 46.07
CA GLY B 49 -24.97 48.43 45.82
C GLY B 49 -23.79 47.99 46.69
N LEU B 50 -22.63 48.62 46.51
CA LEU B 50 -21.42 48.39 47.30
C LEU B 50 -20.61 49.66 47.52
N VAL B 51 -19.74 49.66 48.53
CA VAL B 51 -18.77 50.72 48.81
C VAL B 51 -17.39 50.13 49.09
N ASP B 52 -16.35 50.79 48.59
CA ASP B 52 -14.98 50.56 49.03
C ASP B 52 -14.62 51.50 50.19
N PRO B 53 -14.51 51.00 51.43
CA PRO B 53 -14.22 51.84 52.60
C PRO B 53 -12.82 52.48 52.57
N GLU B 54 -11.90 52.03 51.71
CA GLU B 54 -10.55 52.58 51.65
C GLU B 54 -10.48 53.96 50.97
N ASP B 55 -11.49 54.37 50.17
CA ASP B 55 -11.54 55.71 49.57
C ASP B 55 -12.96 56.28 49.36
N GLY B 56 -14.00 55.46 49.48
CA GLY B 56 -15.40 55.87 49.32
C GLY B 56 -15.98 55.72 47.92
N GLU B 57 -15.27 55.17 46.94
CA GLU B 57 -15.88 54.77 45.66
C GLU B 57 -17.03 53.77 45.86
N THR B 58 -18.04 53.80 44.99
CA THR B 58 -19.29 53.05 45.18
C THR B 58 -19.95 52.68 43.85
N ILE B 59 -20.66 51.55 43.84
CA ILE B 59 -21.40 51.01 42.67
C ILE B 59 -22.82 50.65 43.13
N TYR B 60 -23.81 50.77 42.28
CA TYR B 60 -25.22 50.49 42.56
C TYR B 60 -25.85 49.61 41.48
N ALA B 61 -26.89 48.85 41.81
CA ALA B 61 -27.82 48.36 40.81
C ALA B 61 -28.66 49.54 40.28
N GLU B 62 -28.76 49.68 38.96
CA GLU B 62 -29.42 50.85 38.33
C GLU B 62 -30.93 50.95 38.65
N LYS B 63 -31.51 49.81 39.06
CA LYS B 63 -32.86 49.64 39.60
C LYS B 63 -33.12 50.42 40.90
N PHE B 64 -32.08 50.66 41.70
CA PHE B 64 -32.16 51.33 43.01
C PHE B 64 -31.33 52.63 43.10
N GLN B 65 -30.41 52.83 42.16
CA GLN B 65 -29.64 54.06 41.99
C GLN B 65 -30.55 55.32 42.04
N GLY B 66 -30.08 56.36 42.71
CA GLY B 66 -30.81 57.61 42.94
C GLY B 66 -31.79 57.58 44.12
N ARG B 67 -32.43 56.44 44.41
CA ARG B 67 -33.12 56.24 45.70
C ARG B 67 -32.14 55.86 46.81
N VAL B 68 -31.26 54.89 46.53
CA VAL B 68 -30.20 54.46 47.46
C VAL B 68 -28.97 55.37 47.37
N THR B 69 -28.20 55.45 48.45
CA THR B 69 -26.80 55.94 48.49
C THR B 69 -26.06 55.20 49.60
N ILE B 70 -24.76 54.95 49.44
CA ILE B 70 -23.94 54.19 50.39
C ILE B 70 -22.69 54.99 50.74
N THR B 71 -22.27 54.92 52.00
CA THR B 71 -21.10 55.65 52.53
C THR B 71 -20.36 54.81 53.58
N ALA B 72 -19.13 55.15 53.90
CA ALA B 72 -18.27 54.40 54.81
C ALA B 72 -17.47 55.32 55.75
N ASP B 73 -17.04 54.79 56.88
CA ASP B 73 -16.29 55.53 57.89
C ASP B 73 -15.27 54.62 58.59
N THR B 74 -14.00 54.81 58.29
CA THR B 74 -12.87 54.10 58.90
C THR B 74 -12.53 54.55 60.32
N SER B 75 -13.16 55.60 60.87
CA SER B 75 -13.00 56.00 62.27
C SER B 75 -13.93 55.21 63.19
N THR B 76 -15.11 54.85 62.70
CA THR B 76 -16.12 54.03 63.40
C THR B 76 -16.16 52.57 62.93
N ASP B 77 -15.23 52.15 62.05
CA ASP B 77 -15.17 50.81 61.46
C ASP B 77 -16.51 50.39 60.82
N THR B 78 -17.25 51.34 60.23
CA THR B 78 -18.68 51.17 59.92
C THR B 78 -19.03 51.65 58.51
N ALA B 79 -19.85 50.87 57.83
CA ALA B 79 -20.51 51.22 56.57
C ALA B 79 -21.97 51.61 56.82
N TYR B 80 -22.54 52.43 55.95
CA TYR B 80 -23.90 52.94 56.09
C TYR B 80 -24.59 52.98 54.72
N MET B 81 -25.90 52.77 54.70
CA MET B 81 -26.74 52.89 53.51
C MET B 81 -27.92 53.81 53.84
N GLU B 82 -28.22 54.72 52.94
CA GLU B 82 -29.39 55.60 52.99
C GLU B 82 -30.35 55.22 51.87
N LEU B 83 -31.63 55.04 52.19
CA LEU B 83 -32.69 54.88 51.21
C LEU B 83 -33.67 56.05 51.34
N SER B 84 -33.86 56.75 50.23
CA SER B 84 -34.61 58.01 50.13
C SER B 84 -35.80 57.84 49.17
N SER B 85 -36.84 58.66 49.34
CA SER B 85 -38.11 58.54 48.62
C SER B 85 -38.72 57.15 48.80
N LEU B 86 -38.91 56.77 50.07
CA LEU B 86 -39.43 55.48 50.50
C LEU B 86 -40.86 55.23 50.00
N ARG B 87 -41.24 53.96 49.86
CA ARG B 87 -42.57 53.47 49.45
C ARG B 87 -42.94 52.21 50.22
N SER B 88 -44.21 51.81 50.22
CA SER B 88 -44.67 50.57 50.90
C SER B 88 -43.92 49.32 50.40
N GLU B 89 -43.54 49.28 49.13
CA GLU B 89 -42.72 48.20 48.54
C GLU B 89 -41.33 48.06 49.17
N ASP B 90 -40.82 49.09 49.86
CA ASP B 90 -39.58 49.05 50.63
C ASP B 90 -39.72 48.37 52.00
N THR B 91 -40.91 47.85 52.36
CA THR B 91 -41.12 47.02 53.55
C THR B 91 -40.40 45.69 53.38
N ALA B 92 -39.17 45.61 53.90
CA ALA B 92 -38.21 44.55 53.60
C ALA B 92 -37.05 44.49 54.62
N VAL B 93 -36.30 43.39 54.60
CA VAL B 93 -34.94 43.31 55.16
C VAL B 93 -33.96 44.04 54.25
N TYR B 94 -32.92 44.62 54.85
CA TYR B 94 -31.76 45.19 54.20
C TYR B 94 -30.49 44.72 54.91
N TYR B 95 -29.87 43.66 54.41
CA TYR B 95 -28.59 43.16 54.94
C TYR B 95 -27.41 43.98 54.45
N CYS B 96 -26.39 44.16 55.29
CA CYS B 96 -25.03 44.36 54.77
C CYS B 96 -24.33 43.01 54.54
N ALA B 97 -23.33 42.96 53.66
CA ALA B 97 -22.52 41.77 53.41
C ALA B 97 -21.15 42.09 52.80
N THR B 98 -20.11 41.35 53.16
CA THR B 98 -18.93 41.22 52.28
C THR B 98 -19.28 40.31 51.10
N SER B 99 -18.83 40.70 49.91
CA SER B 99 -18.61 39.78 48.79
C SER B 99 -17.12 39.77 48.53
N SER B 100 -16.35 39.43 49.56
CA SER B 100 -14.98 39.90 49.70
C SER B 100 -14.14 39.08 50.67
N GLY B 101 -13.03 38.54 50.18
CA GLY B 101 -11.98 37.91 50.99
C GLY B 101 -10.59 38.17 50.43
N PRO B 102 -9.97 39.34 50.70
CA PRO B 102 -8.54 39.61 50.46
C PRO B 102 -7.64 38.47 50.94
N SER B 103 -8.11 37.86 52.03
CA SER B 103 -7.91 36.48 52.42
C SER B 103 -9.32 36.06 52.83
N ARG B 104 -9.88 34.95 52.35
CA ARG B 104 -11.23 34.52 52.81
C ARG B 104 -11.14 33.89 54.20
N LEU B 105 -10.79 34.69 55.20
CA LEU B 105 -10.50 34.30 56.59
C LEU B 105 -11.56 33.34 57.14
N CYS B 106 -11.13 32.19 57.68
CA CYS B 106 -11.99 31.10 58.18
C CYS B 106 -12.90 30.43 57.13
N GLY B 107 -12.83 30.83 55.85
CA GLY B 107 -13.71 30.37 54.76
C GLY B 107 -13.00 29.74 53.55
N GLY B 108 -11.77 30.15 53.22
CA GLY B 108 -11.03 29.71 52.04
C GLY B 108 -9.68 30.41 51.89
N GLY B 109 -9.30 30.74 50.65
CA GLY B 109 -8.19 31.64 50.30
C GLY B 109 -8.64 32.65 49.24
N SER B 110 -8.77 32.22 47.98
CA SER B 110 -9.42 32.98 46.91
C SER B 110 -10.87 33.32 47.24
N CYS B 111 -11.40 34.47 46.82
CA CYS B 111 -12.77 34.84 47.16
C CYS B 111 -13.80 34.72 46.01
N TYR B 112 -13.44 34.87 44.74
CA TYR B 112 -14.39 34.91 43.62
C TYR B 112 -15.53 35.92 43.86
N HIS B 113 -15.31 36.93 44.71
CA HIS B 113 -16.31 37.82 45.30
C HIS B 113 -17.35 37.07 46.17
N SER B 114 -18.38 36.46 45.56
CA SER B 114 -19.22 35.38 46.10
C SER B 114 -19.88 35.52 47.50
N PHE B 115 -20.05 36.72 48.05
CA PHE B 115 -20.90 37.00 49.22
C PHE B 115 -20.59 36.12 50.45
N ASP B 116 -19.38 36.25 51.00
CA ASP B 116 -18.87 35.37 52.06
C ASP B 116 -19.45 35.61 53.46
N TYR B 117 -19.63 36.85 53.91
CA TYR B 117 -20.12 37.14 55.27
C TYR B 117 -21.20 38.22 55.27
N TRP B 118 -22.16 38.09 56.19
CA TRP B 118 -23.42 38.85 56.17
C TRP B 118 -23.75 39.42 57.56
N GLY B 119 -24.33 40.62 57.60
CA GLY B 119 -24.94 41.21 58.80
C GLY B 119 -26.33 40.65 59.12
N GLN B 120 -26.89 41.01 60.26
CA GLN B 120 -28.11 40.35 60.76
C GLN B 120 -29.41 40.74 60.02
N GLY B 121 -29.39 41.70 59.08
CA GLY B 121 -30.51 42.04 58.24
C GLY B 121 -31.52 42.98 58.90
N THR B 122 -31.21 44.26 58.90
CA THR B 122 -32.08 45.33 59.43
C THR B 122 -33.41 45.35 58.68
N LEU B 123 -34.52 45.31 59.40
CA LEU B 123 -35.85 45.51 58.83
C LEU B 123 -36.17 47.00 58.68
N VAL B 124 -36.74 47.40 57.54
CA VAL B 124 -37.47 48.66 57.39
C VAL B 124 -38.93 48.34 57.10
N THR B 125 -39.86 48.93 57.83
CA THR B 125 -41.31 48.86 57.59
C THR B 125 -41.82 50.20 57.08
N VAL B 126 -42.52 50.21 55.95
CA VAL B 126 -43.14 51.42 55.38
C VAL B 126 -44.65 51.25 55.26
N SER B 127 -45.40 52.10 55.96
CA SER B 127 -46.88 52.12 55.97
C SER B 127 -47.38 53.53 56.25
N SER B 128 -48.62 53.82 55.84
CA SER B 128 -49.32 55.07 56.19
C SER B 128 -49.79 55.12 57.66
N ALA B 129 -49.78 53.98 58.37
CA ALA B 129 -50.21 53.86 59.76
C ALA B 129 -49.25 54.53 60.77
N SER B 130 -49.70 54.65 62.01
CA SER B 130 -48.95 55.12 63.19
C SER B 130 -49.16 54.15 64.36
N THR B 131 -48.27 54.20 65.35
CA THR B 131 -48.25 53.27 66.50
C THR B 131 -49.63 53.11 67.16
N LYS B 132 -50.15 51.87 67.20
CA LYS B 132 -51.44 51.50 67.80
C LYS B 132 -51.38 50.07 68.36
N GLY B 133 -52.00 49.85 69.52
CA GLY B 133 -52.15 48.53 70.14
C GLY B 133 -53.25 47.64 69.53
N PRO B 134 -53.10 46.30 69.60
CA PRO B 134 -54.05 45.34 69.04
C PRO B 134 -55.42 45.32 69.74
N SER B 135 -56.45 44.95 68.99
CA SER B 135 -57.65 44.31 69.56
C SER B 135 -57.35 42.80 69.74
N VAL B 136 -57.92 42.15 70.75
CA VAL B 136 -57.91 40.67 70.87
C VAL B 136 -59.33 40.14 71.05
N PHE B 137 -59.75 39.16 70.26
CA PHE B 137 -61.08 38.56 70.35
C PHE B 137 -61.03 37.02 70.43
N PRO B 138 -61.87 36.39 71.27
CA PRO B 138 -61.85 34.94 71.47
C PRO B 138 -62.53 34.18 70.32
N LEU B 139 -62.07 32.95 70.07
CA LEU B 139 -62.59 32.02 69.07
C LEU B 139 -62.86 30.64 69.68
N ALA B 140 -64.08 30.12 69.48
CA ALA B 140 -64.45 28.73 69.73
C ALA B 140 -65.28 28.19 68.54
N PRO B 141 -65.06 26.93 68.09
CA PRO B 141 -65.63 26.46 66.84
C PRO B 141 -67.15 26.19 66.97
N SER B 142 -67.85 26.25 65.83
CA SER B 142 -69.30 26.05 65.70
C SER B 142 -70.20 27.06 66.45
N SER B 143 -71.53 26.95 66.27
CA SER B 143 -72.51 27.83 66.90
C SER B 143 -72.58 27.60 68.42
N LYS B 144 -72.07 28.59 69.17
CA LYS B 144 -71.63 28.54 70.58
C LYS B 144 -70.52 27.51 70.83
N SER B 145 -69.76 27.74 71.90
CA SER B 145 -68.72 26.81 72.36
C SER B 145 -69.31 25.47 72.80
N THR B 146 -68.55 24.38 72.64
CA THR B 146 -69.00 23.00 72.92
C THR B 146 -67.87 22.17 73.55
N SER B 147 -68.23 21.08 74.23
CA SER B 147 -67.29 20.17 74.92
C SER B 147 -66.15 19.65 74.03
N GLY B 148 -66.43 18.99 72.92
CA GLY B 148 -65.41 18.55 71.95
C GLY B 148 -64.70 19.72 71.27
N GLY B 149 -65.44 20.81 71.03
CA GLY B 149 -64.93 22.07 70.47
C GLY B 149 -63.86 22.77 71.32
N THR B 150 -63.77 22.49 72.63
CA THR B 150 -62.65 22.97 73.49
C THR B 150 -61.27 22.58 72.93
N ALA B 151 -61.19 21.56 72.07
CA ALA B 151 -59.96 21.09 71.43
C ALA B 151 -59.28 22.07 70.45
N ALA B 152 -59.89 23.22 70.11
CA ALA B 152 -59.35 24.15 69.11
C ALA B 152 -59.52 25.65 69.47
N LEU B 153 -59.73 25.99 70.74
CA LEU B 153 -59.98 27.38 71.18
C LEU B 153 -58.80 28.31 70.90
N GLY B 154 -59.09 29.56 70.55
CA GLY B 154 -58.11 30.52 70.06
C GLY B 154 -58.46 31.98 70.27
N CYS B 155 -57.62 32.84 69.69
CA CYS B 155 -57.87 34.26 69.53
C CYS B 155 -57.52 34.75 68.12
N LEU B 156 -58.17 35.84 67.72
CA LEU B 156 -57.77 36.72 66.63
C LEU B 156 -57.23 38.02 67.23
N VAL B 157 -56.03 38.42 66.82
CA VAL B 157 -55.34 39.65 67.24
C VAL B 157 -55.33 40.61 66.05
N LYS B 158 -55.88 41.81 66.17
CA LYS B 158 -56.27 42.64 65.02
C LYS B 158 -55.79 44.10 65.10
N ASP B 159 -55.38 44.65 63.96
CA ASP B 159 -55.00 46.07 63.73
C ASP B 159 -54.06 46.68 64.79
N TYR B 160 -52.83 46.16 64.85
CA TYR B 160 -51.72 46.73 65.61
C TYR B 160 -50.63 47.25 64.68
N PHE B 161 -49.87 48.27 65.10
CA PHE B 161 -48.72 48.76 64.35
C PHE B 161 -47.72 49.47 65.27
N PRO B 162 -46.41 49.48 64.99
CA PRO B 162 -45.67 48.54 64.14
C PRO B 162 -45.55 47.16 64.82
N GLU B 163 -44.65 46.29 64.35
CA GLU B 163 -44.23 45.07 65.08
C GLU B 163 -43.28 45.43 66.26
N PRO B 164 -43.10 44.55 67.27
CA PRO B 164 -43.71 43.23 67.38
C PRO B 164 -44.92 43.13 68.32
N VAL B 165 -45.89 42.30 67.94
CA VAL B 165 -46.77 41.64 68.92
C VAL B 165 -46.04 40.42 69.47
N THR B 166 -46.23 40.12 70.76
CA THR B 166 -45.82 38.87 71.41
C THR B 166 -47.04 38.22 72.08
N VAL B 167 -47.11 36.88 72.05
CA VAL B 167 -48.25 36.10 72.54
C VAL B 167 -47.77 34.91 73.38
N SER B 168 -48.51 34.60 74.44
CA SER B 168 -48.37 33.41 75.29
C SER B 168 -49.73 32.96 75.83
N TRP B 169 -49.81 31.79 76.45
CA TRP B 169 -51.08 31.22 76.89
C TRP B 169 -51.10 30.88 78.38
N ASN B 170 -52.23 31.18 79.03
CA ASN B 170 -52.48 31.00 80.46
C ASN B 170 -51.32 31.52 81.33
N SER B 171 -51.04 32.83 81.22
CA SER B 171 -49.98 33.57 81.92
C SER B 171 -48.56 32.98 81.70
N GLY B 172 -48.34 32.37 80.53
CA GLY B 172 -47.07 31.74 80.14
C GLY B 172 -46.83 30.34 80.71
N ALA B 173 -47.79 29.76 81.43
CA ALA B 173 -47.69 28.42 81.98
C ALA B 173 -48.21 27.30 81.04
N LEU B 174 -48.92 27.63 79.96
CA LEU B 174 -49.44 26.63 78.99
C LEU B 174 -48.66 26.71 77.66
N THR B 175 -48.03 25.60 77.30
CA THR B 175 -47.32 25.43 76.01
C THR B 175 -47.74 24.17 75.24
N SER B 176 -48.28 23.14 75.90
CA SER B 176 -48.81 21.93 75.25
C SER B 176 -49.92 22.28 74.24
N GLY B 177 -49.78 21.85 72.99
CA GLY B 177 -50.75 22.11 71.92
C GLY B 177 -50.92 23.57 71.48
N VAL B 178 -50.09 24.50 71.96
CA VAL B 178 -50.10 25.91 71.50
C VAL B 178 -49.60 25.99 70.05
N HIS B 179 -50.28 26.79 69.25
CA HIS B 179 -49.99 27.01 67.83
C HIS B 179 -50.31 28.45 67.44
N THR B 180 -49.58 28.99 66.47
CA THR B 180 -49.78 30.35 65.94
C THR B 180 -49.68 30.33 64.41
N PHE B 181 -50.62 30.98 63.74
CA PHE B 181 -50.63 31.20 62.28
C PHE B 181 -49.89 32.50 61.93
N PRO B 182 -49.24 32.63 60.76
CA PRO B 182 -48.45 33.82 60.43
C PRO B 182 -49.22 35.15 60.50
N ALA B 183 -48.58 36.18 61.04
CA ALA B 183 -49.09 37.54 60.96
C ALA B 183 -49.19 38.03 59.50
N VAL B 184 -50.19 38.88 59.21
CA VAL B 184 -50.43 39.50 57.91
C VAL B 184 -50.68 41.00 58.09
N LEU B 185 -50.16 41.80 57.17
CA LEU B 185 -50.40 43.25 57.11
C LEU B 185 -51.76 43.52 56.43
N GLN B 186 -52.73 44.09 57.14
CA GLN B 186 -54.05 44.37 56.57
C GLN B 186 -54.05 45.63 55.68
N SER B 187 -55.12 45.79 54.88
CA SER B 187 -55.36 46.96 54.03
C SER B 187 -55.52 48.28 54.80
N SER B 188 -55.81 48.20 56.10
CA SER B 188 -55.80 49.34 57.04
C SER B 188 -54.43 49.99 57.20
N GLY B 189 -53.35 49.29 56.85
CA GLY B 189 -51.96 49.63 57.15
C GLY B 189 -51.42 49.02 58.46
N LEU B 190 -52.20 48.17 59.14
CA LEU B 190 -51.86 47.58 60.44
C LEU B 190 -51.86 46.03 60.39
N TYR B 191 -51.01 45.40 61.21
CA TYR B 191 -50.86 43.94 61.27
C TYR B 191 -52.05 43.25 61.96
N SER B 192 -52.20 41.94 61.74
CA SER B 192 -53.13 41.01 62.40
C SER B 192 -52.57 39.58 62.40
N LEU B 193 -52.94 38.74 63.36
CA LEU B 193 -52.51 37.34 63.48
C LEU B 193 -53.55 36.49 64.23
N SER B 194 -53.39 35.17 64.26
CA SER B 194 -54.23 34.27 65.07
C SER B 194 -53.43 33.16 65.77
N SER B 195 -53.93 32.67 66.90
CA SER B 195 -53.30 31.63 67.72
C SER B 195 -54.36 30.72 68.36
N VAL B 196 -54.02 29.45 68.63
CA VAL B 196 -54.92 28.44 69.23
C VAL B 196 -54.23 27.54 70.26
N VAL B 197 -55.02 26.98 71.17
CA VAL B 197 -54.70 25.80 71.99
C VAL B 197 -55.42 24.60 71.39
N THR B 198 -54.64 23.68 70.83
CA THR B 198 -55.13 22.51 70.06
C THR B 198 -55.43 21.30 70.96
N VAL B 199 -55.92 21.53 72.18
CA VAL B 199 -56.17 20.49 73.21
C VAL B 199 -57.41 20.80 74.08
N PRO B 200 -58.30 19.83 74.35
CA PRO B 200 -59.59 20.06 75.03
C PRO B 200 -59.47 20.23 76.55
N SER B 201 -60.59 20.59 77.18
CA SER B 201 -60.72 20.92 78.60
C SER B 201 -60.65 19.73 79.57
N SER B 202 -60.00 18.63 79.18
CA SER B 202 -59.81 17.40 79.96
C SER B 202 -58.92 17.55 81.22
N SER B 203 -58.29 18.71 81.43
CA SER B 203 -57.32 18.96 82.52
C SER B 203 -57.59 20.31 83.21
N LEU B 204 -57.12 20.49 84.45
CA LEU B 204 -57.10 21.79 85.13
C LEU B 204 -56.28 22.86 84.36
N GLY B 205 -55.31 22.44 83.54
CA GLY B 205 -54.55 23.32 82.64
C GLY B 205 -55.31 23.74 81.37
N THR B 206 -56.49 23.17 81.12
CA THR B 206 -57.30 23.41 79.91
C THR B 206 -58.79 23.63 80.21
N GLN B 207 -59.23 23.57 81.47
CA GLN B 207 -60.60 23.91 81.87
C GLN B 207 -61.03 25.34 81.47
N THR B 208 -60.05 26.24 81.35
CA THR B 208 -60.17 27.61 80.84
C THR B 208 -58.91 27.95 80.04
N TYR B 209 -59.01 28.90 79.12
CA TYR B 209 -57.89 29.31 78.27
C TYR B 209 -57.77 30.83 78.17
N ILE B 210 -56.55 31.37 78.15
CA ILE B 210 -56.30 32.81 78.15
C ILE B 210 -55.24 33.15 77.08
N CYS B 211 -55.57 34.05 76.16
CA CYS B 211 -54.68 34.66 75.20
C CYS B 211 -53.97 35.85 75.87
N ASN B 212 -52.75 35.65 76.33
CA ASN B 212 -51.94 36.73 76.88
C ASN B 212 -51.15 37.37 75.74
N VAL B 213 -51.48 38.61 75.39
CA VAL B 213 -50.93 39.36 74.26
C VAL B 213 -50.28 40.65 74.78
N ASN B 214 -49.06 40.93 74.33
CA ASN B 214 -48.35 42.17 74.63
C ASN B 214 -47.73 42.75 73.34
N HIS B 215 -48.05 43.99 73.04
CA HIS B 215 -47.53 44.75 71.89
C HIS B 215 -46.49 45.75 72.38
N LYS B 216 -45.22 45.48 72.07
CA LYS B 216 -44.07 46.23 72.59
C LYS B 216 -44.11 47.73 72.28
N PRO B 217 -44.37 48.18 71.03
CA PRO B 217 -44.35 49.61 70.68
C PRO B 217 -45.34 50.48 71.49
N SER B 218 -46.56 49.99 71.69
CA SER B 218 -47.60 50.68 72.49
C SER B 218 -47.38 50.52 74.01
N ASN B 219 -46.60 49.52 74.44
CA ASN B 219 -46.63 48.94 75.78
C ASN B 219 -48.03 48.39 76.18
N THR B 220 -48.87 47.99 75.21
CA THR B 220 -50.23 47.44 75.46
C THR B 220 -50.14 46.02 76.02
N LYS B 221 -50.96 45.67 77.01
CA LYS B 221 -51.08 44.32 77.58
C LYS B 221 -52.56 43.89 77.64
N VAL B 222 -52.84 42.66 77.24
CA VAL B 222 -54.19 42.06 77.20
C VAL B 222 -54.13 40.61 77.68
N ASP B 223 -55.08 40.18 78.52
CA ASP B 223 -55.19 38.82 79.06
C ASP B 223 -56.58 38.23 78.72
N LYS B 224 -56.84 37.98 77.43
CA LYS B 224 -58.19 37.71 76.90
C LYS B 224 -58.63 36.28 77.21
N LYS B 225 -59.74 36.08 77.93
CA LYS B 225 -60.25 34.73 78.24
C LYS B 225 -61.10 34.17 77.10
N VAL B 226 -60.89 32.89 76.81
CA VAL B 226 -61.61 32.11 75.80
C VAL B 226 -62.50 31.07 76.50
N GLU B 227 -63.74 30.95 76.04
CA GLU B 227 -64.83 30.14 76.64
C GLU B 227 -65.66 29.41 75.59
N LEU C 1 2.64 14.72 -57.06
CA LEU C 1 2.15 15.80 -56.14
C LEU C 1 0.86 16.39 -56.70
N THR C 2 -0.13 16.66 -55.84
CA THR C 2 -1.47 17.17 -56.23
C THR C 2 -1.94 18.32 -55.34
N GLN C 3 -2.51 19.35 -55.95
CA GLN C 3 -3.24 20.43 -55.27
C GLN C 3 -4.75 20.17 -55.29
N SER C 4 -5.47 20.69 -54.28
CA SER C 4 -6.92 20.86 -54.32
C SER C 4 -7.36 22.19 -53.67
N PRO C 5 -8.50 22.78 -54.08
CA PRO C 5 -9.28 22.48 -55.29
C PRO C 5 -8.50 22.72 -56.59
N GLY C 6 -9.09 22.41 -57.76
CA GLY C 6 -8.55 22.85 -59.06
C GLY C 6 -8.81 24.35 -59.32
N THR C 7 -9.98 24.83 -58.92
CA THR C 7 -10.37 26.24 -58.90
C THR C 7 -11.36 26.49 -57.77
N LEU C 8 -11.40 27.72 -57.26
CA LEU C 8 -12.29 28.13 -56.16
C LEU C 8 -12.68 29.60 -56.33
N SER C 9 -13.87 29.87 -56.85
CA SER C 9 -14.49 31.20 -56.86
C SER C 9 -15.17 31.48 -55.52
N LEU C 10 -14.63 32.40 -54.71
CA LEU C 10 -15.05 32.63 -53.33
C LEU C 10 -15.06 34.13 -52.96
N SER C 11 -16.02 34.58 -52.16
CA SER C 11 -16.28 36.02 -51.94
C SER C 11 -15.13 36.75 -51.20
N PRO C 12 -14.82 38.02 -51.50
CA PRO C 12 -13.91 38.83 -50.70
C PRO C 12 -14.31 38.85 -49.21
N GLY C 13 -13.33 38.85 -48.30
CA GLY C 13 -13.53 38.73 -46.85
C GLY C 13 -13.80 37.32 -46.31
N GLU C 14 -14.02 36.30 -47.15
CA GLU C 14 -14.06 34.89 -46.74
C GLU C 14 -12.66 34.34 -46.42
N ARG C 15 -12.56 33.04 -46.08
CA ARG C 15 -11.28 32.29 -46.02
C ARG C 15 -11.21 31.19 -47.10
N ALA C 16 -10.14 31.16 -47.91
CA ALA C 16 -9.84 30.06 -48.81
C ALA C 16 -8.78 29.14 -48.18
N THR C 17 -9.05 27.82 -48.14
CA THR C 17 -8.04 26.82 -47.77
C THR C 17 -7.67 25.95 -48.96
N LEU C 18 -6.39 25.97 -49.31
CA LEU C 18 -5.79 25.18 -50.40
C LEU C 18 -5.05 24.01 -49.78
N SER C 19 -5.15 22.82 -50.34
CA SER C 19 -4.38 21.65 -49.91
C SER C 19 -3.36 21.22 -50.96
N CYS C 20 -2.23 20.72 -50.48
CA CYS C 20 -1.10 20.20 -51.23
C CYS C 20 -0.75 18.82 -50.66
N ARG C 21 -0.78 17.78 -51.48
CA ARG C 21 -0.64 16.38 -51.05
C ARG C 21 0.34 15.60 -51.92
N ALA C 22 1.12 14.74 -51.31
CA ALA C 22 2.15 13.96 -52.01
C ALA C 22 2.62 12.71 -51.25
N SER C 23 3.01 11.65 -51.97
CA SER C 23 3.85 10.57 -51.42
C SER C 23 5.29 11.05 -51.19
N GLN C 24 6.04 10.39 -50.31
CA GLN C 24 7.32 10.87 -49.77
C GLN C 24 8.55 10.64 -50.69
N SER C 25 8.38 10.73 -52.01
CA SER C 25 9.50 11.02 -52.94
C SER C 25 9.97 12.48 -52.81
N VAL C 26 9.01 13.37 -52.53
CA VAL C 26 9.22 14.74 -52.05
C VAL C 26 9.25 14.78 -50.51
N SER C 27 9.92 15.77 -49.92
CA SER C 27 10.22 15.79 -48.47
C SER C 27 9.50 16.93 -47.72
N SER C 28 9.01 16.65 -46.51
CA SER C 28 7.99 17.49 -45.84
C SER C 28 8.41 18.91 -45.43
N SER C 29 9.70 19.19 -45.27
CA SER C 29 10.19 20.55 -44.93
C SER C 29 10.36 21.48 -46.13
N TYR C 30 10.33 20.94 -47.35
CA TYR C 30 10.62 21.66 -48.59
C TYR C 30 9.40 22.04 -49.40
N LEU C 31 8.25 22.28 -48.76
CA LEU C 31 7.15 22.98 -49.41
C LEU C 31 7.42 24.48 -49.48
N ALA C 32 7.06 25.08 -50.61
CA ALA C 32 6.88 26.51 -50.77
C ALA C 32 5.63 26.79 -51.59
N TRP C 33 5.02 27.96 -51.37
CA TRP C 33 3.80 28.40 -52.03
C TRP C 33 4.02 29.75 -52.72
N TYR C 34 3.43 29.91 -53.90
CA TYR C 34 3.60 31.06 -54.79
C TYR C 34 2.26 31.58 -55.30
N GLN C 35 2.25 32.83 -55.72
CA GLN C 35 1.11 33.52 -56.34
C GLN C 35 1.47 33.95 -57.77
N GLN C 36 0.70 33.54 -58.77
CA GLN C 36 0.82 34.01 -60.14
C GLN C 36 -0.49 34.70 -60.57
N LYS C 37 -0.46 36.02 -60.71
CA LYS C 37 -1.46 36.77 -61.48
C LYS C 37 -1.28 36.49 -62.99
N PRO C 38 -2.32 36.56 -63.84
CA PRO C 38 -2.22 36.19 -65.25
C PRO C 38 -1.10 36.91 -66.03
N GLY C 39 -0.35 36.16 -66.84
CA GLY C 39 0.79 36.65 -67.63
C GLY C 39 2.07 37.00 -66.85
N GLN C 40 2.09 36.87 -65.52
CA GLN C 40 3.22 37.28 -64.67
C GLN C 40 4.19 36.15 -64.31
N ALA C 41 5.42 36.50 -63.97
CA ALA C 41 6.32 35.62 -63.24
C ALA C 41 5.85 35.48 -61.77
N PRO C 42 5.80 34.26 -61.19
CA PRO C 42 5.24 34.03 -59.85
C PRO C 42 5.97 34.79 -58.74
N ARG C 43 5.27 35.07 -57.63
CA ARG C 43 5.83 35.66 -56.41
C ARG C 43 5.89 34.61 -55.31
N LEU C 44 7.03 34.45 -54.64
CA LEU C 44 7.19 33.57 -53.48
C LEU C 44 6.39 34.11 -52.29
N LEU C 45 5.46 33.33 -51.76
CA LEU C 45 4.70 33.69 -50.56
C LEU C 45 5.17 32.96 -49.29
N ILE C 46 5.20 31.62 -49.31
CA ILE C 46 5.51 30.80 -48.13
C ILE C 46 6.70 29.92 -48.46
N TYR C 47 7.62 29.73 -47.52
CA TYR C 47 8.72 28.77 -47.62
C TYR C 47 8.85 28.01 -46.30
N GLY C 48 9.51 26.86 -46.32
CA GLY C 48 9.62 26.01 -45.12
C GLY C 48 8.28 25.43 -44.67
N ALA C 49 7.36 25.20 -45.61
CA ALA C 49 5.93 24.93 -45.42
C ALA C 49 5.09 26.01 -44.71
N SER C 50 5.66 26.83 -43.83
CA SER C 50 4.86 27.63 -42.88
C SER C 50 5.41 29.03 -42.54
N SER C 51 6.52 29.48 -43.14
CA SER C 51 7.07 30.82 -42.90
C SER C 51 6.80 31.73 -44.09
N ARG C 52 6.24 32.92 -43.86
CA ARG C 52 6.01 33.93 -44.91
C ARG C 52 7.33 34.54 -45.36
N ALA C 53 7.45 34.87 -46.64
CA ALA C 53 8.43 35.86 -47.08
C ALA C 53 8.12 37.23 -46.46
N THR C 54 9.13 37.95 -45.99
CA THR C 54 8.94 39.23 -45.28
C THR C 54 8.33 40.27 -46.22
N GLY C 55 7.24 40.93 -45.80
CA GLY C 55 6.41 41.81 -46.62
C GLY C 55 5.11 41.19 -47.16
N ILE C 56 4.97 39.86 -47.16
CA ILE C 56 3.71 39.17 -47.47
C ILE C 56 2.72 39.31 -46.30
N PRO C 57 1.45 39.71 -46.52
CA PRO C 57 0.51 39.98 -45.42
C PRO C 57 0.23 38.76 -44.53
N ASP C 58 0.17 38.99 -43.21
CA ASP C 58 0.11 37.92 -42.20
C ASP C 58 -1.20 37.11 -42.18
N ARG C 59 -2.20 37.51 -42.96
CA ARG C 59 -3.41 36.72 -43.24
C ARG C 59 -3.15 35.46 -44.09
N PHE C 60 -2.01 35.38 -44.78
CA PHE C 60 -1.50 34.14 -45.37
C PHE C 60 -0.79 33.27 -44.32
N SER C 61 -1.11 31.98 -44.24
CA SER C 61 -0.47 31.06 -43.29
C SER C 61 -0.46 29.62 -43.81
N GLY C 62 0.73 29.03 -44.00
CA GLY C 62 0.86 27.61 -44.36
C GLY C 62 0.94 26.70 -43.13
N SER C 63 0.48 25.45 -43.23
CA SER C 63 0.56 24.44 -42.15
C SER C 63 0.41 23.01 -42.69
N GLY C 64 0.85 21.99 -41.95
CA GLY C 64 0.66 20.59 -42.32
C GLY C 64 1.71 19.62 -41.75
N SER C 65 1.69 18.38 -42.22
CA SER C 65 2.63 17.31 -41.83
C SER C 65 2.68 16.21 -42.88
N GLY C 66 3.87 15.66 -43.13
CA GLY C 66 4.10 14.47 -43.96
C GLY C 66 3.51 14.55 -45.37
N THR C 67 2.46 13.78 -45.60
CA THR C 67 1.78 13.66 -46.92
C THR C 67 0.73 14.75 -47.18
N ASP C 68 0.33 15.54 -46.18
CA ASP C 68 -0.76 16.53 -46.30
C ASP C 68 -0.39 17.90 -45.72
N PHE C 69 -0.49 18.93 -46.55
CA PHE C 69 -0.18 20.32 -46.24
C PHE C 69 -1.25 21.25 -46.81
N THR C 70 -1.30 22.47 -46.30
CA THR C 70 -2.30 23.47 -46.67
C THR C 70 -1.75 24.89 -46.62
N LEU C 71 -2.37 25.78 -47.39
CA LEU C 71 -2.26 27.22 -47.24
C LEU C 71 -3.63 27.79 -46.88
N THR C 72 -3.68 28.53 -45.78
CA THR C 72 -4.82 29.32 -45.33
C THR C 72 -4.67 30.74 -45.88
N ILE C 73 -5.48 31.09 -46.87
CA ILE C 73 -5.65 32.47 -47.33
C ILE C 73 -6.84 33.04 -46.55
N SER C 74 -6.61 33.60 -45.37
CA SER C 74 -7.71 34.19 -44.58
C SER C 74 -8.03 35.61 -45.06
N ARG C 75 -9.30 36.04 -44.87
CA ARG C 75 -9.82 37.39 -45.18
C ARG C 75 -9.46 37.86 -46.60
N LEU C 76 -10.03 37.21 -47.62
CA LEU C 76 -9.64 37.41 -49.02
C LEU C 76 -9.73 38.88 -49.49
N GLU C 77 -8.90 39.22 -50.47
CA GLU C 77 -8.90 40.51 -51.18
C GLU C 77 -8.95 40.27 -52.70
N PRO C 78 -9.32 41.26 -53.54
CA PRO C 78 -9.24 41.15 -55.00
C PRO C 78 -7.85 40.79 -55.54
N GLU C 79 -6.79 41.08 -54.78
CA GLU C 79 -5.43 40.61 -55.04
C GLU C 79 -5.31 39.08 -55.15
N ASP C 80 -6.16 38.35 -54.41
CA ASP C 80 -6.16 36.89 -54.33
C ASP C 80 -6.91 36.22 -55.49
N PHE C 81 -7.36 37.00 -56.48
CA PHE C 81 -7.73 36.49 -57.80
C PHE C 81 -6.45 36.14 -58.59
N ALA C 82 -5.86 35.00 -58.27
CA ALA C 82 -4.60 34.54 -58.81
C ALA C 82 -4.51 33.02 -58.82
N VAL C 83 -3.64 32.47 -59.67
CA VAL C 83 -3.23 31.07 -59.56
C VAL C 83 -2.26 30.95 -58.40
N TYR C 84 -2.53 30.04 -57.47
CA TYR C 84 -1.62 29.71 -56.38
C TYR C 84 -0.96 28.36 -56.63
N TYR C 85 0.36 28.32 -56.52
CA TYR C 85 1.14 27.10 -56.67
C TYR C 85 1.75 26.67 -55.35
N CYS C 86 1.27 25.56 -54.77
CA CYS C 86 2.16 24.78 -53.92
C CYS C 86 3.17 24.04 -54.81
N GLN C 87 4.40 23.92 -54.36
CA GLN C 87 5.41 23.08 -54.99
C GLN C 87 6.42 22.60 -53.93
N GLN C 88 7.17 21.54 -54.23
CA GLN C 88 7.91 20.81 -53.20
C GLN C 88 9.17 20.13 -53.77
N TYR C 89 10.24 20.05 -52.98
CA TYR C 89 11.49 19.42 -53.45
C TYR C 89 11.49 17.89 -53.35
N GLY C 90 12.03 17.22 -54.37
CA GLY C 90 12.13 15.77 -54.55
C GLY C 90 13.36 15.13 -53.90
N SER C 91 13.52 15.30 -52.59
CA SER C 91 14.61 14.78 -51.72
C SER C 91 16.04 15.28 -52.02
N SER C 92 16.54 15.13 -53.25
CA SER C 92 17.81 15.72 -53.76
C SER C 92 17.92 15.75 -55.30
N PRO C 93 17.53 14.71 -56.09
CA PRO C 93 17.72 14.73 -57.55
C PRO C 93 16.82 15.68 -58.37
N THR C 94 15.65 16.11 -57.89
CA THR C 94 14.67 16.85 -58.72
C THR C 94 13.77 17.83 -57.96
N TRP C 95 13.34 18.91 -58.62
CA TRP C 95 12.14 19.68 -58.24
C TRP C 95 10.83 18.96 -58.60
N THR C 96 9.69 19.48 -58.14
CA THR C 96 8.33 18.99 -58.40
C THR C 96 7.30 20.10 -58.12
N PHE C 97 6.31 20.29 -59.00
CA PHE C 97 5.25 21.30 -58.90
C PHE C 97 3.86 20.66 -59.03
N GLY C 98 2.82 21.34 -58.50
CA GLY C 98 1.41 20.97 -58.70
C GLY C 98 0.71 21.75 -59.83
N GLN C 99 -0.57 21.47 -60.06
CA GLN C 99 -1.33 21.98 -61.22
C GLN C 99 -1.42 23.52 -61.27
N GLY C 100 -1.55 24.16 -60.12
CA GLY C 100 -1.83 25.59 -59.98
C GLY C 100 -3.30 25.80 -59.70
N THR C 101 -3.63 26.15 -58.46
CA THR C 101 -5.01 26.34 -57.99
C THR C 101 -5.51 27.71 -58.42
N LYS C 102 -6.45 27.79 -59.35
CA LYS C 102 -7.01 29.07 -59.81
C LYS C 102 -8.02 29.63 -58.78
N VAL C 103 -7.56 30.47 -57.84
CA VAL C 103 -8.45 31.21 -56.93
C VAL C 103 -9.05 32.42 -57.65
N GLU C 104 -10.32 32.69 -57.39
CA GLU C 104 -11.09 33.77 -58.00
C GLU C 104 -11.94 34.46 -56.93
N ILE C 105 -12.04 35.79 -56.97
CA ILE C 105 -13.04 36.46 -56.12
C ILE C 105 -14.44 36.31 -56.73
N LYS C 106 -15.39 35.78 -55.95
CA LYS C 106 -16.79 35.59 -56.39
C LYS C 106 -17.47 36.92 -56.73
N ARG C 107 -17.81 37.11 -58.01
CA ARG C 107 -18.59 38.25 -58.52
C ARG C 107 -20.10 38.01 -58.36
N THR C 108 -20.94 38.99 -58.68
CA THR C 108 -22.41 38.83 -58.63
C THR C 108 -22.92 37.86 -59.70
N VAL C 109 -23.71 36.85 -59.32
CA VAL C 109 -24.33 35.87 -60.25
C VAL C 109 -25.29 36.58 -61.21
N ALA C 110 -25.23 36.25 -62.50
CA ALA C 110 -25.94 36.95 -63.58
C ALA C 110 -26.16 36.07 -64.82
N ALA C 111 -27.35 36.15 -65.43
CA ALA C 111 -27.73 35.35 -66.61
C ALA C 111 -27.15 35.91 -67.93
N PRO C 112 -26.88 35.05 -68.93
CA PRO C 112 -26.34 35.46 -70.21
C PRO C 112 -27.30 36.34 -71.03
N SER C 113 -26.72 37.24 -71.81
CA SER C 113 -27.29 37.82 -73.03
C SER C 113 -26.48 37.38 -74.23
N VAL C 114 -27.16 37.16 -75.36
CA VAL C 114 -26.63 36.41 -76.52
C VAL C 114 -27.00 37.09 -77.85
N PHE C 115 -26.06 37.10 -78.80
CA PHE C 115 -26.23 37.59 -80.17
C PHE C 115 -25.67 36.58 -81.20
N ILE C 116 -26.31 36.44 -82.36
CA ILE C 116 -25.85 35.60 -83.48
C ILE C 116 -25.58 36.47 -84.71
N PHE C 117 -24.35 36.43 -85.23
CA PHE C 117 -23.94 37.16 -86.43
C PHE C 117 -23.74 36.18 -87.60
N PRO C 118 -24.55 36.23 -88.68
CA PRO C 118 -24.20 35.59 -89.93
C PRO C 118 -23.02 36.32 -90.62
N PRO C 119 -22.26 35.63 -91.49
CA PRO C 119 -21.15 36.23 -92.24
C PRO C 119 -21.59 37.36 -93.17
N SER C 120 -20.79 38.42 -93.26
CA SER C 120 -20.99 39.52 -94.21
C SER C 120 -20.56 39.12 -95.63
N ASP C 121 -21.09 39.84 -96.63
CA ASP C 121 -20.82 39.54 -98.04
C ASP C 121 -19.33 39.57 -98.39
N GLU C 122 -18.51 40.44 -97.80
CA GLU C 122 -17.07 40.45 -98.05
C GLU C 122 -16.36 39.13 -97.72
N GLN C 123 -16.83 38.39 -96.70
CA GLN C 123 -16.28 37.08 -96.41
C GLN C 123 -16.74 36.04 -97.43
N LEU C 124 -18.02 36.09 -97.84
CA LEU C 124 -18.62 35.21 -98.86
C LEU C 124 -17.98 35.42 -100.25
N LYS C 125 -17.75 36.67 -100.67
CA LYS C 125 -16.96 37.03 -101.87
C LYS C 125 -15.53 36.48 -101.76
N SER C 126 -14.96 36.51 -100.56
CA SER C 126 -13.69 35.87 -100.19
C SER C 126 -13.80 34.34 -99.94
N GLY C 127 -14.81 33.67 -100.49
CA GLY C 127 -14.90 32.21 -100.60
C GLY C 127 -15.20 31.45 -99.30
N THR C 128 -15.42 32.14 -98.18
CA THR C 128 -15.44 31.56 -96.82
C THR C 128 -16.59 32.13 -96.01
N ALA C 129 -16.91 31.51 -94.88
CA ALA C 129 -17.99 31.93 -94.02
C ALA C 129 -17.64 31.67 -92.55
N SER C 130 -18.24 32.43 -91.62
CA SER C 130 -18.29 32.05 -90.21
C SER C 130 -19.51 32.67 -89.53
N VAL C 131 -20.38 31.83 -88.99
CA VAL C 131 -21.49 32.28 -88.13
C VAL C 131 -20.93 32.45 -86.72
N VAL C 132 -21.10 33.62 -86.09
CA VAL C 132 -20.47 33.90 -84.78
C VAL C 132 -21.53 34.10 -83.70
N CYS C 133 -21.44 33.32 -82.63
CA CYS C 133 -22.32 33.41 -81.46
C CYS C 133 -21.55 34.06 -80.31
N LEU C 134 -22.10 35.14 -79.75
CA LEU C 134 -21.52 35.92 -78.66
C LEU C 134 -22.33 35.74 -77.39
N LEU C 135 -21.66 35.48 -76.28
CA LEU C 135 -22.27 35.48 -74.95
C LEU C 135 -21.63 36.62 -74.15
N ASN C 136 -22.43 37.35 -73.38
CA ASN C 136 -22.00 38.42 -72.49
C ASN C 136 -22.93 38.51 -71.27
N ASN C 137 -22.59 39.37 -70.29
CA ASN C 137 -23.31 39.56 -69.01
C ASN C 137 -23.34 38.35 -68.07
N PHE C 138 -22.69 37.23 -68.39
CA PHE C 138 -22.88 36.00 -67.60
C PHE C 138 -21.87 35.87 -66.45
N TYR C 139 -22.32 35.42 -65.28
CA TYR C 139 -21.45 34.94 -64.20
C TYR C 139 -22.19 33.91 -63.31
N PRO C 140 -21.60 32.82 -62.79
CA PRO C 140 -20.20 32.38 -62.89
C PRO C 140 -19.65 32.28 -64.32
N ARG C 141 -18.33 32.40 -64.46
CA ARG C 141 -17.59 32.60 -65.74
C ARG C 141 -17.54 31.39 -66.69
N GLU C 142 -18.43 30.42 -66.52
CA GLU C 142 -18.47 29.19 -67.33
C GLU C 142 -19.84 29.10 -68.05
N ALA C 143 -19.83 29.07 -69.38
CA ALA C 143 -21.01 28.96 -70.22
C ALA C 143 -20.74 28.05 -71.44
N LYS C 144 -21.80 27.59 -72.10
CA LYS C 144 -21.78 26.51 -73.10
C LYS C 144 -22.62 26.86 -74.34
N VAL C 145 -22.26 26.26 -75.48
CA VAL C 145 -22.80 26.57 -76.83
C VAL C 145 -23.18 25.27 -77.57
N GLN C 146 -24.24 25.30 -78.39
CA GLN C 146 -24.55 24.24 -79.36
C GLN C 146 -25.17 24.79 -80.66
N TRP C 147 -24.43 24.75 -81.76
CA TRP C 147 -24.91 25.17 -83.08
C TRP C 147 -25.95 24.20 -83.69
N LYS C 148 -26.94 24.76 -84.41
CA LYS C 148 -28.04 24.05 -85.08
C LYS C 148 -28.39 24.75 -86.42
N VAL C 149 -28.85 24.00 -87.44
CA VAL C 149 -29.06 24.54 -88.81
C VAL C 149 -30.32 24.04 -89.59
N ASP C 150 -31.51 23.93 -89.01
CA ASP C 150 -31.94 24.16 -87.62
C ASP C 150 -31.91 22.87 -86.75
N ASN C 151 -31.41 21.75 -87.31
CA ASN C 151 -31.30 20.45 -86.64
C ASN C 151 -30.11 20.37 -85.66
N ALA C 152 -28.87 20.26 -86.17
CA ALA C 152 -27.63 20.16 -85.38
C ALA C 152 -26.39 20.38 -86.27
N LEU C 153 -25.43 21.20 -85.83
CA LEU C 153 -24.12 21.35 -86.48
C LEU C 153 -22.96 21.54 -85.47
N GLN C 154 -23.19 21.33 -84.17
CA GLN C 154 -22.13 21.43 -83.14
C GLN C 154 -20.99 20.42 -83.32
N SER C 155 -21.25 19.31 -84.03
CA SER C 155 -20.30 18.25 -84.37
C SER C 155 -19.24 18.62 -85.42
N GLY C 156 -19.45 19.66 -86.23
CA GLY C 156 -18.52 20.01 -87.31
C GLY C 156 -17.17 20.53 -86.77
N ASN C 157 -16.07 19.88 -87.17
CA ASN C 157 -14.71 20.15 -86.67
C ASN C 157 -14.20 21.58 -86.97
N SER C 158 -14.82 22.28 -87.92
CA SER C 158 -14.54 23.68 -88.28
C SER C 158 -15.12 24.71 -87.29
N GLN C 159 -15.92 24.30 -86.31
CA GLN C 159 -16.34 25.17 -85.20
C GLN C 159 -15.20 25.42 -84.18
N GLU C 160 -15.28 26.55 -83.49
CA GLU C 160 -14.39 26.90 -82.39
C GLU C 160 -15.13 27.72 -81.33
N SER C 161 -14.65 27.72 -80.08
CA SER C 161 -15.17 28.54 -78.99
C SER C 161 -14.06 28.90 -77.99
N VAL C 162 -13.84 30.19 -77.77
CA VAL C 162 -12.69 30.71 -77.01
C VAL C 162 -12.95 30.79 -75.50
N THR C 163 -11.88 30.84 -74.70
CA THR C 163 -11.98 31.04 -73.25
C THR C 163 -12.65 32.36 -72.88
N GLU C 164 -13.28 32.41 -71.72
CA GLU C 164 -14.07 33.56 -71.30
C GLU C 164 -13.18 34.72 -70.80
N GLN C 165 -13.59 35.96 -71.06
CA GLN C 165 -12.95 37.18 -70.54
C GLN C 165 -13.95 38.07 -69.81
N ASP C 166 -13.48 38.65 -68.71
CA ASP C 166 -14.21 39.50 -67.76
C ASP C 166 -14.63 40.84 -68.38
N SER C 167 -15.28 41.72 -67.60
CA SER C 167 -15.71 43.04 -68.06
C SER C 167 -15.76 44.09 -66.94
N LYS C 168 -15.88 45.37 -67.33
CA LYS C 168 -16.29 46.45 -66.41
C LYS C 168 -17.63 46.16 -65.73
N ASP C 169 -18.51 45.46 -66.42
CA ASP C 169 -19.81 44.98 -65.92
C ASP C 169 -19.67 43.75 -64.98
N SER C 170 -18.48 43.48 -64.43
CA SER C 170 -18.18 42.41 -63.45
C SER C 170 -18.67 41.01 -63.89
N THR C 171 -18.70 40.77 -65.20
CA THR C 171 -19.35 39.61 -65.83
C THR C 171 -18.61 39.19 -67.08
N TYR C 172 -18.71 37.92 -67.44
CA TYR C 172 -17.87 37.31 -68.46
C TYR C 172 -18.53 37.28 -69.84
N SER C 173 -17.70 36.97 -70.83
CA SER C 173 -18.07 36.97 -72.24
C SER C 173 -17.22 35.98 -73.04
N LEU C 174 -17.73 35.53 -74.17
CA LEU C 174 -16.99 34.69 -75.13
C LEU C 174 -17.58 34.78 -76.53
N SER C 175 -16.81 34.35 -77.53
CA SER C 175 -17.28 34.11 -78.89
C SER C 175 -17.10 32.64 -79.30
N SER C 176 -18.12 32.03 -79.90
CA SER C 176 -17.99 30.81 -80.69
C SER C 176 -18.13 31.13 -82.18
N THR C 177 -17.23 30.63 -83.00
CA THR C 177 -17.22 30.81 -84.45
C THR C 177 -17.52 29.47 -85.12
N LEU C 178 -18.68 29.32 -85.74
CA LEU C 178 -19.00 28.26 -86.68
C LEU C 178 -18.43 28.61 -88.07
N THR C 179 -17.15 28.38 -88.25
CA THR C 179 -16.46 28.64 -89.53
C THR C 179 -16.80 27.55 -90.55
N LEU C 180 -16.97 27.96 -91.80
CA LEU C 180 -17.56 27.20 -92.91
C LEU C 180 -16.92 27.65 -94.25
N SER C 181 -17.06 26.85 -95.30
CA SER C 181 -16.89 27.37 -96.67
C SER C 181 -18.13 28.15 -97.13
N LYS C 182 -18.01 28.99 -98.15
CA LYS C 182 -19.18 29.65 -98.78
C LYS C 182 -20.23 28.61 -99.20
N ALA C 183 -19.79 27.50 -99.79
CA ALA C 183 -20.67 26.40 -100.21
C ALA C 183 -21.45 25.79 -99.03
N ASP C 184 -20.83 25.52 -97.88
CA ASP C 184 -21.55 25.03 -96.70
C ASP C 184 -22.56 26.08 -96.20
N TYR C 185 -22.20 27.35 -96.23
CA TYR C 185 -23.08 28.43 -95.80
C TYR C 185 -24.29 28.63 -96.72
N GLU C 186 -24.10 28.45 -98.02
CA GLU C 186 -25.19 28.41 -99.01
C GLU C 186 -26.06 27.15 -98.90
N LYS C 187 -25.50 26.02 -98.45
CA LYS C 187 -26.20 24.73 -98.36
C LYS C 187 -27.31 24.73 -97.30
N HIS C 188 -27.10 25.37 -96.14
CA HIS C 188 -28.08 25.41 -95.05
C HIS C 188 -28.73 26.80 -94.95
N LYS C 189 -30.06 26.87 -94.90
CA LYS C 189 -30.81 28.13 -95.09
C LYS C 189 -31.07 28.94 -93.82
N VAL C 190 -30.86 28.36 -92.63
CA VAL C 190 -31.07 28.99 -91.33
C VAL C 190 -30.01 28.54 -90.31
N TYR C 191 -29.67 29.40 -89.36
CA TYR C 191 -28.62 29.17 -88.36
C TYR C 191 -29.09 29.55 -86.95
N ALA C 192 -28.76 28.72 -85.96
CA ALA C 192 -29.09 28.95 -84.56
C ALA C 192 -27.95 28.51 -83.62
N CYS C 193 -27.78 29.25 -82.53
CA CYS C 193 -26.88 28.94 -81.43
C CYS C 193 -27.73 28.69 -80.16
N GLU C 194 -27.76 27.46 -79.65
CA GLU C 194 -28.20 27.19 -78.28
C GLU C 194 -27.12 27.68 -77.30
N VAL C 195 -27.53 28.16 -76.13
CA VAL C 195 -26.64 28.55 -75.02
C VAL C 195 -27.10 27.90 -73.70
N THR C 196 -26.15 27.53 -72.86
CA THR C 196 -26.36 27.00 -71.50
C THR C 196 -25.46 27.73 -70.51
N HIS C 197 -26.00 28.06 -69.34
CA HIS C 197 -25.28 28.75 -68.27
C HIS C 197 -25.87 28.40 -66.92
N GLN C 198 -25.21 27.49 -66.20
CA GLN C 198 -25.37 27.29 -64.74
C GLN C 198 -26.80 26.93 -64.26
N GLY C 199 -27.61 26.28 -65.10
CA GLY C 199 -28.96 25.80 -64.77
C GLY C 199 -29.77 25.31 -65.96
N GLU D 1 14.27 45.28 -57.06
CA GLU D 1 15.70 45.37 -56.65
C GLU D 1 16.56 44.36 -57.43
N VAL D 2 16.46 43.07 -57.10
CA VAL D 2 17.11 41.97 -57.86
C VAL D 2 16.55 41.91 -59.28
N GLN D 3 17.41 41.90 -60.29
CA GLN D 3 17.03 41.79 -61.70
C GLN D 3 17.51 40.49 -62.32
N LEU D 4 16.56 39.68 -62.80
CA LEU D 4 16.80 38.66 -63.82
C LEU D 4 16.08 39.15 -65.08
N VAL D 5 16.78 39.13 -66.22
CA VAL D 5 16.29 39.69 -67.49
C VAL D 5 16.57 38.71 -68.62
N GLU D 6 15.52 38.00 -69.03
CA GLU D 6 15.56 37.06 -70.14
C GLU D 6 15.66 37.81 -71.47
N SER D 7 16.21 37.17 -72.51
CA SER D 7 16.08 37.69 -73.89
C SER D 7 14.62 37.75 -74.36
N GLY D 8 14.34 38.46 -75.45
CA GLY D 8 12.99 38.64 -75.98
C GLY D 8 12.32 37.33 -76.46
N ALA D 9 11.01 37.37 -76.71
CA ALA D 9 10.26 36.21 -77.18
C ALA D 9 10.73 35.72 -78.56
N GLU D 10 10.50 34.43 -78.85
CA GLU D 10 11.00 33.78 -80.06
C GLU D 10 9.95 32.90 -80.75
N VAL D 11 10.07 32.78 -82.07
CA VAL D 11 9.17 32.01 -82.94
C VAL D 11 10.00 31.13 -83.88
N LYS D 12 9.67 29.84 -83.99
CA LYS D 12 10.41 28.85 -84.80
C LYS D 12 9.47 27.84 -85.47
N LYS D 13 9.92 27.23 -86.57
CA LYS D 13 9.30 26.04 -87.16
C LYS D 13 9.51 24.80 -86.27
N PRO D 14 8.75 23.71 -86.45
CA PRO D 14 9.06 22.42 -85.82
C PRO D 14 10.46 21.90 -86.21
N GLY D 15 11.06 21.09 -85.34
CA GLY D 15 12.39 20.48 -85.54
C GLY D 15 13.59 21.43 -85.32
N ALA D 16 13.36 22.73 -85.24
CA ALA D 16 14.39 23.75 -85.04
C ALA D 16 14.97 23.77 -83.61
N THR D 17 15.95 24.66 -83.38
CA THR D 17 16.58 24.93 -82.08
C THR D 17 16.55 26.42 -81.75
N VAL D 18 16.30 26.77 -80.49
CA VAL D 18 16.30 28.14 -79.97
C VAL D 18 17.14 28.26 -78.69
N LYS D 19 17.74 29.43 -78.44
CA LYS D 19 18.48 29.75 -77.22
C LYS D 19 17.99 31.06 -76.62
N ILE D 20 17.79 31.05 -75.31
CA ILE D 20 17.29 32.16 -74.49
C ILE D 20 18.40 32.54 -73.49
N SER D 21 18.77 33.82 -73.42
CA SER D 21 19.67 34.31 -72.37
C SER D 21 18.89 34.77 -71.14
N CYS D 22 19.61 35.05 -70.07
CA CYS D 22 19.10 35.52 -68.79
C CYS D 22 20.20 36.35 -68.12
N LYS D 23 20.27 37.64 -68.49
CA LYS D 23 21.19 38.63 -67.93
C LYS D 23 20.79 38.96 -66.48
N VAL D 24 21.75 39.28 -65.62
CA VAL D 24 21.55 39.46 -64.17
C VAL D 24 22.10 40.80 -63.67
N SER D 25 21.41 41.43 -62.72
CA SER D 25 21.91 42.56 -61.93
C SER D 25 21.28 42.57 -60.53
N GLY D 26 21.79 43.38 -59.61
CA GLY D 26 21.28 43.56 -58.25
C GLY D 26 21.66 42.44 -57.25
N TYR D 27 21.96 41.23 -57.72
CA TYR D 27 22.40 40.10 -56.90
C TYR D 27 23.78 39.57 -57.35
N THR D 28 24.55 39.03 -56.41
CA THR D 28 25.87 38.44 -56.70
C THR D 28 25.70 37.09 -57.40
N PHE D 29 25.77 37.13 -58.73
CA PHE D 29 25.38 36.08 -59.68
C PHE D 29 25.79 34.66 -59.27
N THR D 30 27.05 34.48 -58.90
CA THR D 30 27.65 33.20 -58.52
C THR D 30 26.95 32.50 -57.35
N ASP D 31 26.32 33.21 -56.43
CA ASP D 31 26.03 32.67 -55.09
C ASP D 31 24.65 32.03 -54.96
N TYR D 32 23.74 32.29 -55.90
CA TYR D 32 22.38 31.79 -55.90
C TYR D 32 22.23 30.93 -57.15
N TYR D 33 22.03 29.63 -57.00
CA TYR D 33 22.11 28.71 -58.13
C TYR D 33 20.88 28.82 -59.03
N MET D 34 21.07 28.71 -60.34
CA MET D 34 20.13 29.19 -61.35
C MET D 34 19.35 28.02 -61.95
N HIS D 35 18.03 28.15 -62.03
CA HIS D 35 17.10 27.16 -62.54
C HIS D 35 16.34 27.71 -63.74
N TRP D 36 15.95 26.81 -64.66
CA TRP D 36 14.99 27.11 -65.72
C TRP D 36 13.69 26.36 -65.51
N VAL D 37 12.59 27.02 -65.81
CA VAL D 37 11.21 26.54 -65.65
C VAL D 37 10.44 26.83 -66.94
N GLN D 38 9.49 25.96 -67.29
CA GLN D 38 8.59 26.07 -68.42
C GLN D 38 7.13 26.06 -67.93
N GLN D 39 6.18 26.63 -68.69
CA GLN D 39 4.76 26.61 -68.39
C GLN D 39 3.90 26.63 -69.67
N ALA D 40 3.33 25.48 -70.01
CA ALA D 40 2.45 25.31 -71.18
C ALA D 40 1.03 25.86 -70.93
N PRO D 41 0.25 26.21 -71.98
CA PRO D 41 -1.07 26.85 -71.82
C PRO D 41 -2.06 26.06 -70.94
N GLY D 42 -2.46 26.67 -69.82
CA GLY D 42 -3.33 26.05 -68.82
C GLY D 42 -2.73 24.86 -68.05
N LYS D 43 -1.41 24.65 -68.10
CA LYS D 43 -0.70 23.59 -67.38
C LYS D 43 0.05 24.13 -66.16
N GLY D 44 0.49 23.23 -65.27
CA GLY D 44 1.37 23.59 -64.15
C GLY D 44 2.72 24.15 -64.58
N LEU D 45 3.42 24.81 -63.65
CA LEU D 45 4.85 25.12 -63.82
C LEU D 45 5.65 23.82 -63.90
N GLU D 46 6.81 23.86 -64.57
CA GLU D 46 7.57 22.67 -64.89
C GLU D 46 9.07 22.95 -64.91
N TRP D 47 9.81 22.43 -63.92
CA TRP D 47 11.26 22.61 -63.86
C TRP D 47 12.00 21.89 -64.99
N MET D 48 12.96 22.57 -65.63
CA MET D 48 13.75 22.06 -66.76
C MET D 48 15.14 21.56 -66.35
N GLY D 49 15.80 22.25 -65.43
CA GLY D 49 17.19 21.99 -65.06
C GLY D 49 17.83 23.10 -64.22
N LEU D 50 19.09 22.91 -63.82
CA LEU D 50 19.84 23.76 -62.89
C LEU D 50 21.27 23.95 -63.42
N VAL D 51 21.80 25.16 -63.29
CA VAL D 51 23.21 25.47 -63.50
C VAL D 51 23.75 26.23 -62.29
N ASP D 52 24.99 25.95 -61.94
CA ASP D 52 25.74 26.69 -60.94
C ASP D 52 26.41 27.93 -61.60
N PRO D 53 25.92 29.17 -61.42
CA PRO D 53 26.58 30.38 -61.90
C PRO D 53 27.96 30.64 -61.29
N GLU D 54 28.42 29.87 -60.30
CA GLU D 54 29.78 29.96 -59.78
C GLU D 54 30.82 29.25 -60.68
N ASP D 55 30.46 28.22 -61.47
CA ASP D 55 31.43 27.51 -62.32
C ASP D 55 30.88 26.86 -63.61
N GLY D 56 29.57 26.86 -63.83
CA GLY D 56 28.91 26.32 -65.02
C GLY D 56 28.51 24.83 -64.96
N GLU D 57 28.73 24.11 -63.86
CA GLU D 57 28.19 22.74 -63.72
C GLU D 57 26.65 22.72 -63.82
N THR D 58 26.11 21.77 -64.58
CA THR D 58 24.74 21.83 -65.10
C THR D 58 24.02 20.48 -65.09
N ILE D 59 22.70 20.52 -64.87
CA ILE D 59 21.83 19.41 -64.45
C ILE D 59 20.48 19.53 -65.19
N TYR D 60 19.87 18.42 -65.60
CA TYR D 60 18.62 18.42 -66.38
C TYR D 60 17.54 17.54 -65.74
N ALA D 61 16.28 17.96 -65.82
CA ALA D 61 15.10 17.17 -65.48
C ALA D 61 14.78 16.16 -66.60
N GLU D 62 14.18 15.01 -66.28
CA GLU D 62 13.91 13.95 -67.27
C GLU D 62 13.07 14.43 -68.47
N LYS D 63 12.08 15.29 -68.23
CA LYS D 63 11.15 15.83 -69.24
C LYS D 63 11.83 16.65 -70.35
N PHE D 64 13.00 17.22 -70.07
CA PHE D 64 13.76 18.07 -70.99
C PHE D 64 15.16 17.53 -71.34
N GLN D 65 15.64 16.51 -70.63
CA GLN D 65 16.88 15.80 -70.93
C GLN D 65 16.96 15.37 -72.40
N GLY D 66 18.15 15.51 -73.00
CA GLY D 66 18.41 15.27 -74.42
C GLY D 66 18.05 16.47 -75.30
N ARG D 67 16.88 17.08 -75.11
CA ARG D 67 16.43 18.25 -75.89
C ARG D 67 16.98 19.59 -75.39
N VAL D 68 17.19 19.73 -74.08
CA VAL D 68 17.71 20.96 -73.47
C VAL D 68 19.25 21.00 -73.43
N THR D 69 19.79 22.20 -73.27
CA THR D 69 21.12 22.51 -72.74
C THR D 69 21.01 23.76 -71.89
N ILE D 70 21.74 23.85 -70.78
CA ILE D 70 21.70 24.99 -69.85
C ILE D 70 23.13 25.33 -69.43
N THR D 71 23.50 26.61 -69.40
CA THR D 71 24.89 27.04 -69.11
C THR D 71 24.96 28.46 -68.54
N ALA D 72 26.07 28.85 -67.91
CA ALA D 72 26.25 30.15 -67.27
C ALA D 72 27.63 30.79 -67.50
N ASP D 73 27.67 32.11 -67.69
CA ASP D 73 28.89 32.91 -67.82
C ASP D 73 29.00 34.00 -66.75
N THR D 74 30.04 33.93 -65.93
CA THR D 74 30.40 34.95 -64.92
C THR D 74 31.01 36.22 -65.50
N SER D 75 31.54 36.21 -66.73
CA SER D 75 32.16 37.38 -67.35
C SER D 75 31.13 38.51 -67.54
N THR D 76 29.92 38.14 -67.99
CA THR D 76 28.80 39.05 -68.26
C THR D 76 27.71 39.00 -67.18
N ASP D 77 27.76 38.05 -66.25
CA ASP D 77 26.64 37.68 -65.37
C ASP D 77 25.38 37.28 -66.18
N THR D 78 25.52 36.29 -67.06
CA THR D 78 24.43 35.82 -67.94
C THR D 78 24.32 34.30 -67.90
N ALA D 79 23.17 33.79 -67.46
CA ALA D 79 22.80 32.40 -67.67
C ALA D 79 22.10 32.23 -69.03
N TYR D 80 22.06 31.02 -69.56
CA TYR D 80 21.39 30.69 -70.82
C TYR D 80 20.70 29.32 -70.76
N MET D 81 19.63 29.16 -71.53
CA MET D 81 19.02 27.87 -71.83
C MET D 81 18.81 27.74 -73.34
N GLU D 82 19.07 26.56 -73.86
CA GLU D 82 18.86 26.18 -75.27
C GLU D 82 17.92 24.98 -75.34
N LEU D 83 16.93 25.01 -76.23
CA LEU D 83 15.98 23.93 -76.46
C LEU D 83 15.98 23.55 -77.93
N SER D 84 16.15 22.25 -78.20
CA SER D 84 16.44 21.67 -79.51
C SER D 84 15.37 20.66 -79.93
N SER D 85 15.22 20.44 -81.24
CA SER D 85 14.13 19.63 -81.81
C SER D 85 12.76 20.12 -81.32
N LEU D 86 12.50 21.43 -81.46
CA LEU D 86 11.30 22.12 -81.00
C LEU D 86 10.01 21.51 -81.58
N ARG D 87 8.94 21.52 -80.78
CA ARG D 87 7.62 20.97 -81.11
C ARG D 87 6.47 21.89 -80.69
N SER D 88 5.26 21.65 -81.17
CA SER D 88 4.08 22.47 -80.86
C SER D 88 3.87 22.68 -79.36
N GLU D 89 4.09 21.63 -78.57
CA GLU D 89 4.05 21.62 -77.10
C GLU D 89 5.05 22.59 -76.43
N ASP D 90 6.14 22.96 -77.10
CA ASP D 90 7.09 23.97 -76.63
C ASP D 90 6.59 25.41 -76.81
N THR D 91 5.39 25.60 -77.37
CA THR D 91 4.65 26.86 -77.35
C THR D 91 4.17 27.15 -75.93
N ALA D 92 5.04 27.78 -75.14
CA ALA D 92 4.94 27.86 -73.69
C ALA D 92 5.68 29.10 -73.16
N VAL D 93 5.41 29.48 -71.92
CA VAL D 93 6.30 30.40 -71.19
C VAL D 93 7.51 29.64 -70.70
N TYR D 94 8.64 30.31 -70.65
CA TYR D 94 9.90 29.87 -70.05
C TYR D 94 10.36 30.95 -69.09
N TYR D 95 10.92 30.58 -67.93
CA TYR D 95 11.43 31.50 -66.93
C TYR D 95 12.83 31.06 -66.50
N CYS D 96 13.72 32.00 -66.24
CA CYS D 96 14.90 31.75 -65.42
C CYS D 96 14.64 32.21 -63.98
N ALA D 97 15.14 31.47 -62.99
CA ALA D 97 14.96 31.80 -61.57
C ALA D 97 16.15 31.33 -60.71
N THR D 98 16.54 32.10 -59.70
CA THR D 98 17.44 31.60 -58.66
C THR D 98 16.70 30.69 -57.69
N SER D 99 17.36 29.77 -57.00
CA SER D 99 16.72 28.93 -55.97
C SER D 99 17.68 28.44 -54.88
N SER D 100 18.44 29.32 -54.23
CA SER D 100 19.31 28.94 -53.11
C SER D 100 19.82 30.14 -52.30
N GLY D 101 19.04 31.20 -52.15
CA GLY D 101 19.54 32.51 -51.74
C GLY D 101 20.23 32.55 -50.37
N PRO D 102 21.55 32.76 -50.30
CA PRO D 102 22.29 32.71 -49.04
C PRO D 102 21.85 33.79 -48.06
N SER D 103 21.54 34.98 -48.58
CA SER D 103 20.61 35.92 -47.95
C SER D 103 19.46 36.11 -48.93
N ARG D 104 18.22 35.79 -48.53
CA ARG D 104 17.02 36.17 -49.28
C ARG D 104 16.84 37.67 -49.08
N LEU D 105 17.43 38.48 -49.96
CA LEU D 105 17.68 39.90 -49.76
C LEU D 105 16.43 40.65 -49.27
N CYS D 106 16.46 41.10 -48.02
CA CYS D 106 15.34 41.63 -47.22
C CYS D 106 14.19 40.63 -46.93
N GLY D 107 13.84 39.74 -47.86
CA GLY D 107 12.72 38.79 -47.71
C GLY D 107 12.90 37.76 -46.59
N GLY D 108 14.13 37.35 -46.25
CA GLY D 108 14.40 36.38 -45.18
C GLY D 108 15.85 35.95 -45.06
N GLY D 109 16.09 34.86 -44.32
CA GLY D 109 17.40 34.21 -44.17
C GLY D 109 17.50 32.89 -44.94
N SER D 110 17.07 31.81 -44.29
CA SER D 110 17.15 30.43 -44.80
C SER D 110 16.57 30.23 -46.20
N CYS D 111 17.32 29.57 -47.09
CA CYS D 111 16.90 29.44 -48.49
C CYS D 111 15.80 28.38 -48.72
N TYR D 112 15.90 27.17 -48.15
CA TYR D 112 14.98 26.05 -48.39
C TYR D 112 14.75 25.74 -49.90
N HIS D 113 15.76 25.93 -50.73
CA HIS D 113 15.63 26.04 -52.20
C HIS D 113 14.79 27.26 -52.62
N SER D 114 13.44 27.15 -52.58
CA SER D 114 12.44 28.22 -52.66
C SER D 114 12.34 29.09 -53.92
N PHE D 115 13.08 28.88 -55.00
CA PHE D 115 13.00 29.71 -56.20
C PHE D 115 12.98 31.23 -55.90
N ASP D 116 14.02 31.73 -55.22
CA ASP D 116 14.09 33.05 -54.58
C ASP D 116 13.64 34.23 -55.45
N TYR D 117 14.16 34.36 -56.67
CA TYR D 117 13.84 35.44 -57.63
C TYR D 117 13.71 34.89 -59.04
N TRP D 118 12.83 35.50 -59.85
CA TRP D 118 12.48 35.06 -61.21
C TRP D 118 12.69 36.19 -62.22
N GLY D 119 13.04 35.88 -63.46
CA GLY D 119 13.00 36.82 -64.59
C GLY D 119 11.57 37.11 -65.05
N GLN D 120 11.39 37.93 -66.09
CA GLN D 120 10.07 38.39 -66.53
C GLN D 120 9.16 37.30 -67.13
N GLY D 121 9.70 36.13 -67.47
CA GLY D 121 9.03 35.10 -68.25
C GLY D 121 8.94 35.45 -69.74
N THR D 122 9.20 34.47 -70.59
CA THR D 122 9.43 34.66 -72.03
C THR D 122 8.73 33.58 -72.83
N LEU D 123 8.18 33.92 -74.00
CA LEU D 123 7.51 32.95 -74.85
C LEU D 123 8.43 32.38 -75.93
N VAL D 124 8.41 31.06 -76.07
CA VAL D 124 8.82 30.35 -77.30
C VAL D 124 7.57 29.87 -78.00
N THR D 125 7.54 29.94 -79.32
CA THR D 125 6.34 29.76 -80.15
C THR D 125 6.63 28.86 -81.34
N VAL D 126 5.81 27.83 -81.58
CA VAL D 126 6.04 26.83 -82.65
C VAL D 126 4.78 26.54 -83.47
N SER D 127 4.88 26.71 -84.80
CA SER D 127 3.84 26.40 -85.80
C SER D 127 4.46 26.21 -87.19
N SER D 128 3.73 25.57 -88.09
CA SER D 128 4.09 25.45 -89.51
C SER D 128 3.95 26.77 -90.31
N ALA D 129 3.26 27.77 -89.77
CA ALA D 129 2.97 29.05 -90.43
C ALA D 129 4.20 29.97 -90.57
N SER D 130 4.08 31.00 -91.42
CA SER D 130 5.05 32.10 -91.58
C SER D 130 4.33 33.46 -91.45
N THR D 131 5.08 34.52 -91.11
CA THR D 131 4.54 35.84 -90.77
C THR D 131 3.55 36.36 -91.82
N LYS D 132 2.33 36.70 -91.37
CA LYS D 132 1.16 37.07 -92.18
C LYS D 132 0.23 37.98 -91.37
N GLY D 133 -0.08 39.15 -91.90
CA GLY D 133 -1.08 40.05 -91.30
C GLY D 133 -2.51 39.51 -91.42
N PRO D 134 -3.42 39.91 -90.52
CA PRO D 134 -4.82 39.46 -90.51
C PRO D 134 -5.65 39.92 -91.70
N SER D 135 -6.66 39.13 -92.06
CA SER D 135 -7.86 39.59 -92.79
C SER D 135 -8.98 39.90 -91.78
N VAL D 136 -9.77 40.96 -92.00
CA VAL D 136 -10.84 41.39 -91.09
C VAL D 136 -12.19 41.44 -91.80
N PHE D 137 -13.24 40.87 -91.21
CA PHE D 137 -14.60 40.88 -91.74
C PHE D 137 -15.60 41.52 -90.75
N PRO D 138 -16.40 42.52 -91.18
CA PRO D 138 -17.40 43.17 -90.33
C PRO D 138 -18.62 42.27 -90.09
N LEU D 139 -19.29 42.38 -88.95
CA LEU D 139 -20.40 41.51 -88.53
C LEU D 139 -21.47 42.22 -87.67
N ALA D 140 -22.74 41.78 -87.80
CA ALA D 140 -23.92 42.32 -87.11
C ALA D 140 -25.02 41.24 -86.99
N PRO D 141 -26.02 41.37 -86.09
CA PRO D 141 -26.92 40.27 -85.77
C PRO D 141 -28.15 40.13 -86.69
N SER D 142 -28.68 38.91 -86.77
CA SER D 142 -29.73 38.49 -87.73
C SER D 142 -29.35 38.78 -89.20
N SER D 143 -30.28 38.62 -90.14
CA SER D 143 -30.06 38.87 -91.56
C SER D 143 -29.85 40.37 -91.83
N LYS D 144 -28.57 40.78 -91.83
CA LYS D 144 -28.04 42.15 -91.88
C LYS D 144 -28.49 43.06 -90.72
N SER D 145 -27.66 44.06 -90.41
CA SER D 145 -27.81 44.97 -89.27
C SER D 145 -29.17 45.69 -89.23
N THR D 146 -29.66 45.95 -88.01
CA THR D 146 -30.94 46.64 -87.72
C THR D 146 -30.76 47.57 -86.53
N SER D 147 -31.67 48.54 -86.33
CA SER D 147 -31.61 49.54 -85.25
C SER D 147 -31.41 48.90 -83.87
N GLY D 148 -32.29 47.98 -83.46
CA GLY D 148 -32.13 47.21 -82.24
C GLY D 148 -30.91 46.26 -82.27
N GLY D 149 -30.61 45.69 -83.44
CA GLY D 149 -29.40 44.87 -83.64
C GLY D 149 -28.08 45.61 -83.38
N THR D 150 -28.04 46.95 -83.48
CA THR D 150 -26.82 47.74 -83.24
C THR D 150 -26.21 47.54 -81.84
N ALA D 151 -26.98 47.03 -80.87
CA ALA D 151 -26.56 46.80 -79.50
C ALA D 151 -25.39 45.82 -79.33
N ALA D 152 -25.07 45.02 -80.34
CA ALA D 152 -23.76 44.39 -80.47
C ALA D 152 -23.39 44.28 -81.95
N LEU D 153 -22.34 44.99 -82.35
CA LEU D 153 -21.70 44.94 -83.67
C LEU D 153 -20.24 44.55 -83.46
N GLY D 154 -19.65 43.81 -84.40
CA GLY D 154 -18.26 43.37 -84.28
C GLY D 154 -17.50 43.18 -85.59
N CYS D 155 -16.30 42.63 -85.45
CA CYS D 155 -15.50 42.05 -86.52
C CYS D 155 -14.93 40.69 -86.12
N LEU D 156 -14.73 39.82 -87.11
CA LEU D 156 -13.93 38.60 -87.02
C LEU D 156 -12.58 38.87 -87.69
N VAL D 157 -11.49 38.57 -87.00
CA VAL D 157 -10.11 38.74 -87.45
C VAL D 157 -9.51 37.36 -87.64
N LYS D 158 -9.07 37.03 -88.86
CA LYS D 158 -8.84 35.64 -89.29
C LYS D 158 -7.45 35.44 -89.89
N ASP D 159 -6.85 34.29 -89.57
CA ASP D 159 -5.57 33.78 -90.09
C ASP D 159 -4.43 34.81 -90.11
N TYR D 160 -3.90 35.15 -88.94
CA TYR D 160 -2.69 35.94 -88.79
C TYR D 160 -1.61 35.18 -88.02
N PHE D 161 -0.34 35.48 -88.27
CA PHE D 161 0.77 34.86 -87.59
C PHE D 161 2.00 35.79 -87.55
N PRO D 162 2.87 35.66 -86.53
CA PRO D 162 2.57 35.15 -85.19
C PRO D 162 1.70 36.15 -84.39
N GLU D 163 1.42 35.87 -83.12
CA GLU D 163 0.98 36.89 -82.16
C GLU D 163 2.09 37.96 -81.92
N PRO D 164 1.75 39.18 -81.45
CA PRO D 164 0.41 39.64 -81.04
C PRO D 164 -0.37 40.46 -82.08
N VAL D 165 -1.70 40.36 -82.00
CA VAL D 165 -2.67 41.34 -82.53
C VAL D 165 -3.37 42.07 -81.39
N THR D 166 -3.66 43.36 -81.58
CA THR D 166 -4.47 44.22 -80.68
C THR D 166 -5.57 44.97 -81.46
N VAL D 167 -6.68 45.32 -80.80
CA VAL D 167 -7.88 45.89 -81.47
C VAL D 167 -8.42 47.15 -80.75
N SER D 168 -8.91 48.11 -81.53
CA SER D 168 -9.53 49.38 -81.11
C SER D 168 -10.70 49.77 -82.05
N TRP D 169 -11.50 50.78 -81.69
CA TRP D 169 -12.66 51.20 -82.49
C TRP D 169 -12.64 52.70 -82.76
N ASN D 170 -13.01 53.12 -83.98
CA ASN D 170 -12.94 54.51 -84.45
C ASN D 170 -11.55 55.14 -84.20
N SER D 171 -10.48 54.43 -84.59
CA SER D 171 -9.06 54.71 -84.32
C SER D 171 -8.68 54.78 -82.82
N GLY D 172 -9.55 54.28 -81.95
CA GLY D 172 -9.45 54.36 -80.48
C GLY D 172 -10.23 55.52 -79.85
N ALA D 173 -10.93 56.34 -80.64
CA ALA D 173 -11.84 57.37 -80.14
C ALA D 173 -13.13 56.80 -79.51
N LEU D 174 -13.53 55.57 -79.86
CA LEU D 174 -14.68 54.86 -79.28
C LEU D 174 -14.20 53.77 -78.31
N THR D 175 -14.65 53.86 -77.06
CA THR D 175 -14.22 52.97 -75.96
C THR D 175 -15.38 52.43 -75.11
N SER D 176 -16.54 53.08 -75.13
CA SER D 176 -17.74 52.67 -74.39
C SER D 176 -18.26 51.31 -74.88
N GLY D 177 -18.41 50.34 -73.98
CA GLY D 177 -18.92 48.99 -74.30
C GLY D 177 -18.04 48.17 -75.24
N VAL D 178 -16.82 48.62 -75.53
CA VAL D 178 -15.88 47.91 -76.40
C VAL D 178 -15.37 46.63 -75.73
N HIS D 179 -15.20 45.55 -76.50
CA HIS D 179 -14.65 44.30 -75.98
C HIS D 179 -13.91 43.52 -77.07
N THR D 180 -13.01 42.61 -76.68
CA THR D 180 -12.27 41.73 -77.59
C THR D 180 -12.08 40.37 -76.94
N PHE D 181 -12.62 39.32 -77.55
CA PHE D 181 -12.61 37.97 -77.00
C PHE D 181 -11.25 37.28 -77.25
N PRO D 182 -10.73 36.45 -76.32
CA PRO D 182 -9.34 36.00 -76.35
C PRO D 182 -8.95 35.22 -77.61
N ALA D 183 -7.73 35.43 -78.11
CA ALA D 183 -7.24 34.82 -79.34
C ALA D 183 -7.09 33.29 -79.24
N VAL D 184 -7.23 32.62 -80.38
CA VAL D 184 -7.10 31.16 -80.51
C VAL D 184 -6.31 30.80 -81.78
N LEU D 185 -5.49 29.76 -81.71
CA LEU D 185 -4.82 29.19 -82.87
C LEU D 185 -5.80 28.29 -83.65
N GLN D 186 -6.19 28.67 -84.87
CA GLN D 186 -7.09 27.88 -85.70
C GLN D 186 -6.41 26.62 -86.25
N SER D 187 -7.19 25.69 -86.81
CA SER D 187 -6.69 24.47 -87.46
C SER D 187 -5.73 24.72 -88.64
N SER D 188 -5.72 25.94 -89.19
CA SER D 188 -4.72 26.43 -90.17
C SER D 188 -3.29 26.51 -89.61
N GLY D 189 -3.11 26.63 -88.30
CA GLY D 189 -1.83 26.96 -87.66
C GLY D 189 -1.56 28.46 -87.56
N LEU D 190 -2.56 29.30 -87.84
CA LEU D 190 -2.55 30.75 -87.67
C LEU D 190 -3.59 31.17 -86.63
N TYR D 191 -3.34 32.29 -85.97
CA TYR D 191 -4.19 32.85 -84.92
C TYR D 191 -5.41 33.58 -85.48
N SER D 192 -6.46 33.70 -84.66
CA SER D 192 -7.69 34.45 -84.95
C SER D 192 -8.36 34.95 -83.66
N LEU D 193 -9.17 35.99 -83.75
CA LEU D 193 -9.91 36.60 -82.63
C LEU D 193 -11.13 37.39 -83.13
N SER D 194 -11.99 37.86 -82.23
CA SER D 194 -13.12 38.72 -82.56
C SER D 194 -13.31 39.88 -81.56
N SER D 195 -13.78 41.03 -82.02
CA SER D 195 -13.99 42.26 -81.23
C SER D 195 -15.33 42.92 -81.52
N VAL D 196 -15.84 43.74 -80.60
CA VAL D 196 -17.18 44.34 -80.60
C VAL D 196 -17.25 45.73 -79.98
N VAL D 197 -18.33 46.44 -80.33
CA VAL D 197 -18.95 47.49 -79.52
C VAL D 197 -20.30 46.97 -79.01
N THR D 198 -20.50 46.95 -77.69
CA THR D 198 -21.67 46.35 -77.01
C THR D 198 -22.73 47.41 -76.65
N VAL D 199 -22.87 48.45 -77.48
CA VAL D 199 -23.78 49.59 -77.28
C VAL D 199 -24.41 50.00 -78.62
N PRO D 200 -25.73 50.24 -78.67
CA PRO D 200 -26.43 50.57 -79.91
C PRO D 200 -26.13 51.99 -80.44
N SER D 201 -26.71 52.32 -81.59
CA SER D 201 -26.73 53.68 -82.18
C SER D 201 -27.52 54.73 -81.36
N SER D 202 -27.70 54.53 -80.06
CA SER D 202 -28.38 55.45 -79.15
C SER D 202 -27.57 56.73 -78.84
N SER D 203 -26.30 56.81 -79.21
CA SER D 203 -25.44 57.97 -78.98
C SER D 203 -24.65 58.39 -80.24
N LEU D 204 -24.40 59.69 -80.40
CA LEU D 204 -23.87 60.28 -81.63
C LEU D 204 -22.45 59.81 -81.99
N GLY D 205 -21.68 59.39 -80.99
CA GLY D 205 -20.43 58.65 -81.19
C GLY D 205 -20.66 57.18 -81.53
N THR D 206 -21.42 56.47 -80.69
CA THR D 206 -21.59 55.00 -80.78
C THR D 206 -22.27 54.54 -82.06
N GLN D 207 -23.13 55.36 -82.68
CA GLN D 207 -23.76 55.08 -83.98
C GLN D 207 -22.76 55.00 -85.17
N THR D 208 -21.47 55.27 -84.95
CA THR D 208 -20.40 55.15 -85.95
C THR D 208 -19.46 53.99 -85.57
N TYR D 209 -19.29 53.02 -86.47
CA TYR D 209 -18.73 51.70 -86.16
C TYR D 209 -17.59 51.32 -87.12
N ILE D 210 -16.34 51.59 -86.72
CA ILE D 210 -15.14 51.12 -87.42
C ILE D 210 -14.32 50.23 -86.47
N CYS D 211 -14.06 48.98 -86.85
CA CYS D 211 -13.03 48.14 -86.24
C CYS D 211 -11.65 48.58 -86.73
N ASN D 212 -10.70 48.81 -85.84
CA ASN D 212 -9.31 49.07 -86.17
C ASN D 212 -8.40 48.02 -85.50
N VAL D 213 -7.76 47.20 -86.32
CA VAL D 213 -6.96 46.03 -85.91
C VAL D 213 -5.49 46.28 -86.23
N ASN D 214 -4.57 45.91 -85.33
CA ASN D 214 -3.14 46.07 -85.50
C ASN D 214 -2.37 44.77 -85.19
N HIS D 215 -1.40 44.43 -86.03
CA HIS D 215 -0.50 43.27 -85.94
C HIS D 215 0.93 43.76 -85.77
N LYS D 216 1.59 43.37 -84.67
CA LYS D 216 2.98 43.81 -84.40
C LYS D 216 4.01 43.19 -85.35
N PRO D 217 4.00 41.88 -85.67
CA PRO D 217 5.13 41.26 -86.35
C PRO D 217 5.46 41.78 -87.77
N SER D 218 4.49 42.30 -88.52
CA SER D 218 4.72 43.03 -89.79
C SER D 218 4.18 44.46 -89.79
N ASN D 219 3.85 45.01 -88.61
CA ASN D 219 3.29 46.36 -88.41
C ASN D 219 2.01 46.62 -89.23
N THR D 220 1.26 45.56 -89.58
CA THR D 220 0.03 45.67 -90.38
C THR D 220 -1.08 46.31 -89.56
N LYS D 221 -1.84 47.22 -90.17
CA LYS D 221 -3.11 47.74 -89.65
C LYS D 221 -4.24 47.46 -90.64
N VAL D 222 -5.42 47.17 -90.12
CA VAL D 222 -6.65 47.01 -90.91
C VAL D 222 -7.77 47.82 -90.28
N ASP D 223 -8.39 48.68 -91.08
CA ASP D 223 -9.54 49.51 -90.69
C ASP D 223 -10.78 49.03 -91.45
N LYS D 224 -11.86 48.72 -90.73
CA LYS D 224 -13.03 48.03 -91.32
C LYS D 224 -14.36 48.55 -90.77
N LYS D 225 -15.19 49.13 -91.64
CA LYS D 225 -16.49 49.70 -91.27
C LYS D 225 -17.57 48.64 -91.11
N VAL D 226 -18.48 48.82 -90.17
CA VAL D 226 -19.50 47.83 -89.78
C VAL D 226 -20.91 48.37 -90.01
N GLU D 227 -21.82 47.48 -90.39
CA GLU D 227 -23.13 47.71 -91.03
C GLU D 227 -24.07 48.72 -90.34
N ALA E 1 23.76 35.65 -43.67
CA ALA E 1 23.41 34.50 -44.53
C ALA E 1 23.18 33.26 -43.67
N TYR E 2 22.12 32.48 -43.91
CA TYR E 2 21.63 31.47 -42.93
C TYR E 2 20.97 30.27 -43.60
N THR E 3 20.83 29.15 -42.89
CA THR E 3 19.94 28.04 -43.27
C THR E 3 19.48 27.24 -42.04
N ASN E 4 18.78 26.14 -42.22
CA ASN E 4 18.03 25.44 -41.19
C ASN E 4 18.62 24.08 -40.80
N SER E 5 18.82 23.81 -39.51
CA SER E 5 19.23 22.48 -39.03
C SER E 5 18.06 21.46 -39.03
N PHE E 6 17.71 20.94 -40.21
CA PHE E 6 16.57 20.01 -40.39
C PHE E 6 16.58 18.80 -39.46
N THR E 7 17.67 18.04 -39.48
CA THR E 7 17.82 16.68 -38.92
C THR E 7 19.31 16.41 -38.67
N ARG E 8 20.01 17.44 -38.18
CA ARG E 8 21.48 17.57 -38.24
C ARG E 8 22.05 17.79 -36.84
N GLY E 9 23.28 17.34 -36.61
CA GLY E 9 24.00 17.55 -35.34
C GLY E 9 23.64 16.60 -34.21
N VAL E 10 23.20 15.37 -34.53
CA VAL E 10 23.03 14.29 -33.55
C VAL E 10 24.20 13.31 -33.65
N TYR E 11 24.78 13.00 -32.52
CA TYR E 11 26.00 12.23 -32.34
C TYR E 11 25.84 11.34 -31.10
N TYR E 12 26.72 10.34 -30.95
CA TYR E 12 26.65 9.40 -29.84
C TYR E 12 27.25 10.02 -28.55
N PRO E 13 26.49 10.14 -27.45
CA PRO E 13 26.91 10.88 -26.25
C PRO E 13 28.04 10.21 -25.45
N ASP E 14 28.17 8.88 -25.54
CA ASP E 14 29.13 8.05 -24.81
C ASP E 14 29.53 6.83 -25.66
N LYS E 15 30.64 6.17 -25.31
CA LYS E 15 31.23 5.07 -26.10
C LYS E 15 30.66 3.68 -25.75
N VAL E 16 29.36 3.64 -25.48
CA VAL E 16 28.60 2.45 -25.03
C VAL E 16 27.69 1.96 -26.16
N PHE E 17 27.69 0.66 -26.46
CA PHE E 17 26.71 0.12 -27.39
C PHE E 17 25.35 -0.01 -26.71
N ARG E 18 24.31 0.49 -27.37
CA ARG E 18 22.90 0.28 -27.01
C ARG E 18 22.15 -0.04 -28.29
N SER E 19 21.09 -0.82 -28.24
CA SER E 19 20.31 -1.18 -29.42
C SER E 19 18.83 -1.39 -29.10
N SER E 20 17.98 -1.16 -30.10
CA SER E 20 16.50 -1.23 -30.01
C SER E 20 15.91 -0.51 -28.79
N VAL E 21 16.47 0.64 -28.41
CA VAL E 21 16.13 1.36 -27.17
C VAL E 21 16.10 2.87 -27.37
N LEU E 22 15.11 3.52 -26.76
CA LEU E 22 14.89 4.96 -26.80
C LEU E 22 15.61 5.63 -25.62
N HIS E 23 16.93 5.72 -25.65
CA HIS E 23 17.74 6.18 -24.52
C HIS E 23 17.63 7.68 -24.25
N SER E 24 17.42 8.06 -22.98
CA SER E 24 17.09 9.41 -22.54
C SER E 24 18.33 10.22 -22.16
N THR E 25 19.23 10.45 -23.12
CA THR E 25 20.46 11.20 -22.86
C THR E 25 20.22 12.67 -22.49
N GLN E 26 21.20 13.30 -21.86
CA GLN E 26 21.34 14.75 -21.77
C GLN E 26 22.74 15.15 -22.24
N ASP E 27 22.86 16.08 -23.18
CA ASP E 27 24.16 16.57 -23.66
C ASP E 27 24.06 17.91 -24.44
N LEU E 28 25.19 18.50 -24.78
CA LEU E 28 25.29 19.68 -25.61
C LEU E 28 25.00 19.35 -27.09
N PHE E 29 23.74 19.16 -27.45
CA PHE E 29 23.30 18.99 -28.84
C PHE E 29 23.01 20.32 -29.54
N LEU E 30 23.01 20.29 -30.88
CA LEU E 30 22.43 21.34 -31.72
C LEU E 30 20.90 21.17 -31.70
N PRO E 31 20.09 22.13 -31.23
CA PRO E 31 18.64 21.98 -31.28
C PRO E 31 18.12 21.85 -32.71
N PHE E 32 17.07 21.08 -32.95
CA PHE E 32 16.51 20.98 -34.30
C PHE E 32 15.89 22.31 -34.76
N PHE E 33 15.82 22.49 -36.08
CA PHE E 33 15.23 23.65 -36.74
C PHE E 33 15.86 25.00 -36.34
N SER E 34 17.06 24.97 -35.76
CA SER E 34 17.85 26.14 -35.35
C SER E 34 18.67 26.73 -36.50
N ASN E 35 19.13 27.96 -36.34
CA ASN E 35 19.88 28.69 -37.35
C ASN E 35 21.35 28.27 -37.37
N VAL E 36 21.79 27.63 -38.45
CA VAL E 36 23.21 27.56 -38.78
C VAL E 36 23.52 28.71 -39.73
N THR E 37 24.52 29.51 -39.40
CA THR E 37 25.03 30.55 -40.29
C THR E 37 25.62 29.88 -41.53
N TRP E 38 25.58 30.54 -42.68
CA TRP E 38 26.06 30.02 -43.95
C TRP E 38 27.19 30.90 -44.50
N PHE E 39 28.28 30.29 -44.95
CA PHE E 39 29.41 30.95 -45.60
C PHE E 39 29.83 30.21 -46.88
N HIS E 40 30.35 30.96 -47.86
CA HIS E 40 30.78 30.40 -49.16
C HIS E 40 32.30 30.26 -49.23
N ALA E 41 32.80 29.51 -50.22
CA ALA E 41 34.23 29.52 -50.57
C ALA E 41 34.72 30.87 -51.15
N ILE E 42 33.81 31.79 -51.46
CA ILE E 42 34.07 33.10 -52.08
C ILE E 42 33.30 34.22 -51.35
N HIS E 43 33.73 35.48 -51.53
CA HIS E 43 33.12 36.67 -50.92
C HIS E 43 32.93 36.54 -49.39
N ASP E 54 34.80 33.07 -48.09
CA ASP E 54 35.69 33.65 -47.08
C ASP E 54 35.63 32.92 -45.73
N ASN E 55 36.67 33.08 -44.91
CA ASN E 55 36.87 32.41 -43.61
C ASN E 55 37.24 33.37 -42.45
N PRO E 56 36.28 34.17 -41.96
CA PRO E 56 36.48 35.02 -40.78
C PRO E 56 36.71 34.22 -39.49
N VAL E 57 37.16 34.87 -38.42
CA VAL E 57 37.07 34.28 -37.08
C VAL E 57 35.62 34.27 -36.61
N LEU E 58 35.09 33.09 -36.30
CA LEU E 58 33.83 32.82 -35.62
C LEU E 58 34.04 32.79 -34.08
N PRO E 59 33.01 33.02 -33.24
CA PRO E 59 33.00 32.51 -31.88
C PRO E 59 32.90 30.97 -31.87
N PHE E 60 33.42 30.29 -30.84
CA PHE E 60 33.17 28.85 -30.60
C PHE E 60 31.94 28.63 -29.70
N ASN E 61 31.54 29.64 -28.92
CA ASN E 61 30.51 29.56 -27.86
C ASN E 61 30.80 28.38 -26.93
N ASP E 62 29.78 27.60 -26.53
CA ASP E 62 29.93 26.37 -25.75
C ASP E 62 30.10 25.12 -26.63
N GLY E 63 30.47 25.26 -27.89
CA GLY E 63 30.62 24.17 -28.85
C GLY E 63 29.91 24.45 -30.17
N VAL E 64 30.35 23.74 -31.21
CA VAL E 64 30.07 24.03 -32.62
C VAL E 64 29.58 22.79 -33.34
N TYR E 65 28.60 22.99 -34.21
CA TYR E 65 28.32 22.13 -35.34
C TYR E 65 28.94 22.76 -36.59
N PHE E 66 29.58 21.98 -37.45
CA PHE E 66 30.14 22.45 -38.70
C PHE E 66 29.73 21.49 -39.83
N ALA E 67 29.32 22.01 -40.96
CA ALA E 67 29.06 21.20 -42.15
C ALA E 67 29.68 21.84 -43.39
N SER E 68 29.91 21.04 -44.41
CA SER E 68 30.57 21.44 -45.66
C SER E 68 29.90 20.73 -46.82
N THR E 69 29.49 21.47 -47.85
CA THR E 69 29.04 20.91 -49.13
C THR E 69 30.05 21.25 -50.20
N GLU E 70 30.41 20.26 -51.00
CA GLU E 70 31.67 20.25 -51.73
C GLU E 70 31.57 19.65 -53.11
N LYS E 71 32.47 20.10 -53.98
CA LYS E 71 32.60 19.70 -55.39
C LYS E 71 34.06 19.59 -55.87
N SER E 72 35.01 20.12 -55.11
CA SER E 72 36.44 20.14 -55.48
C SER E 72 37.40 20.10 -54.29
N ASN E 73 36.91 19.88 -53.07
CA ASN E 73 37.69 19.82 -51.83
C ASN E 73 38.49 21.12 -51.55
N ILE E 74 37.82 22.26 -51.56
CA ILE E 74 38.39 23.55 -51.13
C ILE E 74 38.54 23.60 -49.60
N ILE E 75 37.57 23.06 -48.86
CA ILE E 75 37.52 23.15 -47.39
C ILE E 75 38.43 22.07 -46.80
N ARG E 76 39.53 22.46 -46.14
CA ARG E 76 40.62 21.54 -45.74
C ARG E 76 41.13 21.66 -44.30
N GLY E 77 40.51 22.45 -43.44
CA GLY E 77 40.98 22.52 -42.04
C GLY E 77 40.26 23.53 -41.15
N TRP E 78 40.76 23.66 -39.93
CA TRP E 78 40.22 24.53 -38.89
C TRP E 78 41.31 25.02 -37.95
N ILE E 79 41.04 26.13 -37.26
CA ILE E 79 41.82 26.70 -36.16
C ILE E 79 40.89 26.96 -35.00
N PHE E 80 41.30 26.75 -33.75
CA PHE E 80 40.55 27.10 -32.55
C PHE E 80 41.46 27.80 -31.51
N GLY E 81 40.91 28.62 -30.60
CA GLY E 81 41.69 29.25 -29.53
C GLY E 81 40.95 30.39 -28.83
N THR E 82 41.66 31.43 -28.39
CA THR E 82 41.07 32.70 -27.89
C THR E 82 41.65 33.92 -28.64
N THR E 83 42.96 34.14 -28.56
CA THR E 83 43.63 35.31 -29.19
C THR E 83 44.41 34.98 -30.46
N LEU E 84 44.71 33.69 -30.72
CA LEU E 84 45.21 33.19 -32.02
C LEU E 84 46.54 33.84 -32.47
N ASP E 85 47.36 34.29 -31.53
CA ASP E 85 48.52 35.17 -31.76
C ASP E 85 49.76 34.77 -30.94
N SER E 86 50.02 33.46 -30.82
CA SER E 86 51.08 32.84 -30.00
C SER E 86 51.00 33.04 -28.48
N LYS E 87 50.03 33.79 -27.96
CA LYS E 87 49.85 33.98 -26.50
C LYS E 87 49.12 32.81 -25.79
N THR E 88 48.56 31.87 -26.54
CA THR E 88 47.88 30.66 -26.03
C THR E 88 48.03 29.50 -27.02
N GLN E 89 47.76 28.26 -26.59
CA GLN E 89 47.67 27.08 -27.45
C GLN E 89 46.50 27.20 -28.42
N SER E 90 46.70 26.77 -29.65
CA SER E 90 45.70 26.96 -30.71
C SER E 90 45.64 25.76 -31.64
N LEU E 91 44.64 24.91 -31.43
CA LEU E 91 44.39 23.70 -32.17
C LEU E 91 44.24 23.98 -33.66
N LEU E 92 45.14 23.43 -34.47
CA LEU E 92 45.10 23.40 -35.93
C LEU E 92 44.75 21.98 -36.37
N ILE E 93 43.80 21.85 -37.27
CA ILE E 93 43.43 20.59 -37.91
C ILE E 93 43.54 20.79 -39.41
N VAL E 94 44.18 19.87 -40.11
CA VAL E 94 44.36 19.93 -41.56
C VAL E 94 44.10 18.57 -42.19
N ASN E 95 43.49 18.53 -43.37
CA ASN E 95 43.18 17.32 -44.11
C ASN E 95 43.65 17.53 -45.56
N ASN E 96 44.89 17.11 -45.83
CA ASN E 96 45.69 17.54 -47.00
C ASN E 96 46.40 16.38 -47.73
N ALA E 97 46.32 16.43 -49.06
CA ALA E 97 46.82 15.44 -50.03
C ALA E 97 46.37 14.00 -49.75
N THR E 98 47.01 13.35 -48.77
CA THR E 98 46.85 11.92 -48.43
C THR E 98 46.56 11.68 -46.94
N ASN E 99 46.63 12.70 -46.07
CA ASN E 99 46.63 12.51 -44.62
C ASN E 99 45.86 13.61 -43.86
N VAL E 100 45.41 13.25 -42.65
CA VAL E 100 44.93 14.20 -41.64
C VAL E 100 46.10 14.51 -40.70
N VAL E 101 46.23 15.77 -40.33
CA VAL E 101 47.27 16.32 -39.48
C VAL E 101 46.61 17.15 -38.38
N ILE E 102 47.03 17.02 -37.13
CA ILE E 102 46.54 17.83 -36.01
C ILE E 102 47.72 18.34 -35.20
N LYS E 103 47.69 19.61 -34.80
CA LYS E 103 48.71 20.28 -33.98
C LYS E 103 48.04 21.18 -32.95
N VAL E 104 48.69 21.53 -31.83
CA VAL E 104 48.14 22.46 -30.81
C VAL E 104 49.11 23.55 -30.34
N CYS E 105 50.20 23.76 -31.08
CA CYS E 105 51.22 24.74 -30.75
C CYS E 105 50.67 26.16 -30.53
N GLU E 106 51.43 27.00 -29.83
CA GLU E 106 51.12 28.43 -29.68
C GLU E 106 51.54 29.18 -30.95
N PHE E 107 50.79 28.97 -32.04
CA PHE E 107 51.15 29.47 -33.36
C PHE E 107 51.05 31.00 -33.46
N GLN E 108 52.00 31.60 -34.17
CA GLN E 108 51.84 32.90 -34.79
C GLN E 108 51.35 32.70 -36.25
N PHE E 109 50.04 32.54 -36.45
CA PHE E 109 49.46 32.14 -37.73
C PHE E 109 49.73 33.13 -38.88
N CYS E 110 49.64 32.62 -40.11
CA CYS E 110 49.71 33.39 -41.35
C CYS E 110 48.66 34.52 -41.40
N ASN E 111 48.98 35.63 -42.08
CA ASN E 111 48.23 36.89 -42.03
C ASN E 111 46.76 36.79 -42.55
N ASP E 112 46.51 35.87 -43.47
CA ASP E 112 45.19 35.46 -43.91
C ASP E 112 45.19 33.93 -44.14
N PRO E 113 44.84 33.12 -43.12
CA PRO E 113 45.10 31.69 -43.11
C PRO E 113 44.47 30.90 -44.27
N PHE E 114 45.33 30.35 -45.13
CA PHE E 114 44.98 29.44 -46.21
C PHE E 114 46.09 28.41 -46.44
N LEU E 115 45.75 27.33 -47.15
CA LEU E 115 46.67 26.24 -47.49
C LEU E 115 47.04 26.32 -48.99
N GLY E 116 48.33 26.44 -49.29
CA GLY E 116 48.82 26.54 -50.67
C GLY E 116 48.81 25.21 -51.41
N VAL E 117 48.00 25.10 -52.47
CA VAL E 117 47.94 23.93 -53.36
C VAL E 117 49.19 23.83 -54.24
N ASN E 139 54.77 26.37 -27.34
CA ASN E 139 54.48 25.26 -26.44
C ASN E 139 53.57 24.21 -27.11
N CYS E 140 54.16 23.42 -28.01
CA CYS E 140 53.51 22.34 -28.77
C CYS E 140 53.18 21.11 -27.91
N THR E 141 52.07 21.13 -27.16
CA THR E 141 51.76 20.03 -26.21
C THR E 141 51.28 18.73 -26.86
N PHE E 142 50.88 18.75 -28.14
CA PHE E 142 50.35 17.62 -28.88
C PHE E 142 50.63 17.77 -30.39
N GLU E 143 50.80 16.65 -31.10
CA GLU E 143 50.73 16.55 -32.56
C GLU E 143 50.29 15.13 -32.96
N TYR E 144 49.61 14.97 -34.10
CA TYR E 144 49.16 13.68 -34.64
C TYR E 144 49.08 13.71 -36.18
N VAL E 145 49.26 12.54 -36.80
CA VAL E 145 49.06 12.34 -38.24
C VAL E 145 48.36 10.99 -38.46
N SER E 146 47.26 10.98 -39.19
CA SER E 146 46.51 9.78 -39.56
C SER E 146 46.99 9.16 -40.85
N PHE E 160 26.73 20.55 -56.18
CA PHE E 160 27.67 19.90 -55.28
C PHE E 160 27.70 18.37 -55.50
N LYS E 161 28.69 17.70 -54.89
CA LYS E 161 28.97 16.25 -55.01
C LYS E 161 28.98 15.53 -53.65
N ASN E 162 29.47 16.20 -52.60
CA ASN E 162 29.66 15.63 -51.26
C ASN E 162 29.11 16.55 -50.17
N LEU E 163 28.62 15.97 -49.07
CA LEU E 163 28.29 16.63 -47.81
C LEU E 163 29.13 16.00 -46.68
N ARG E 164 29.87 16.83 -45.94
CA ARG E 164 30.80 16.40 -44.88
C ARG E 164 30.51 17.16 -43.60
N GLU E 165 30.42 16.45 -42.48
CA GLU E 165 29.74 16.93 -41.29
C GLU E 165 30.57 16.69 -40.04
N PHE E 166 30.60 17.64 -39.11
CA PHE E 166 31.50 17.64 -37.98
C PHE E 166 30.85 18.29 -36.77
N VAL E 167 31.05 17.75 -35.56
CA VAL E 167 30.70 18.39 -34.29
C VAL E 167 31.99 18.59 -33.52
N PHE E 168 32.16 19.75 -32.91
CA PHE E 168 33.26 20.04 -32.00
C PHE E 168 32.68 20.51 -30.67
N LYS E 169 33.16 19.99 -29.53
CA LYS E 169 32.84 20.58 -28.22
C LYS E 169 34.02 20.48 -27.27
N ASN E 170 34.08 21.39 -26.31
CA ASN E 170 35.19 21.54 -25.38
C ASN E 170 34.63 21.70 -23.97
N ILE E 171 34.88 20.70 -23.11
CA ILE E 171 34.33 20.61 -21.75
C ILE E 171 35.44 20.25 -20.78
N ASP E 172 35.62 21.04 -19.72
CA ASP E 172 36.47 20.73 -18.56
C ASP E 172 37.92 20.25 -18.89
N GLY E 173 38.51 20.83 -19.94
CA GLY E 173 39.86 20.49 -20.44
C GLY E 173 39.92 19.44 -21.56
N TYR E 174 38.78 18.94 -22.04
CA TYR E 174 38.69 17.95 -23.12
C TYR E 174 38.00 18.51 -24.37
N PHE E 175 38.65 18.44 -25.52
CA PHE E 175 38.10 18.80 -26.82
C PHE E 175 37.76 17.53 -27.61
N LYS E 176 36.53 17.39 -28.10
CA LYS E 176 36.03 16.17 -28.74
C LYS E 176 35.49 16.45 -30.14
N ILE E 177 35.70 15.50 -31.04
CA ILE E 177 35.38 15.60 -32.47
C ILE E 177 34.50 14.43 -32.88
N TYR E 178 33.44 14.71 -33.63
CA TYR E 178 32.53 13.72 -34.19
C TYR E 178 32.31 14.06 -35.66
N SER E 179 31.99 13.09 -36.51
CA SER E 179 31.84 13.35 -37.94
C SER E 179 30.97 12.34 -38.70
N LYS E 180 30.46 12.73 -39.87
CA LYS E 180 29.83 11.84 -40.87
C LYS E 180 30.06 12.40 -42.27
N HIS E 181 30.03 11.55 -43.29
CA HIS E 181 30.22 11.90 -44.70
C HIS E 181 29.21 11.16 -45.57
N THR E 182 28.62 11.85 -46.54
CA THR E 182 27.64 11.27 -47.46
C THR E 182 27.64 12.00 -48.81
N PRO E 183 27.43 11.32 -49.96
CA PRO E 183 27.38 11.97 -51.27
C PRO E 183 26.01 12.60 -51.54
N ILE E 184 25.99 13.72 -52.25
CA ILE E 184 24.76 14.42 -52.67
C ILE E 184 24.78 14.70 -54.18
N ASN E 185 23.61 14.76 -54.80
CA ASN E 185 23.43 15.15 -56.22
C ASN E 185 22.73 16.52 -56.37
N LEU E 186 22.87 17.40 -55.37
CA LEU E 186 22.15 18.66 -55.23
C LEU E 186 23.11 19.80 -54.89
N VAL E 187 22.99 20.92 -55.61
CA VAL E 187 23.75 22.16 -55.42
C VAL E 187 23.19 22.98 -54.25
N ARG E 188 23.03 22.40 -53.06
CA ARG E 188 22.46 23.06 -51.87
C ARG E 188 22.86 22.41 -50.55
N ASP E 189 22.60 23.13 -49.47
CA ASP E 189 22.85 22.79 -48.07
C ASP E 189 22.40 21.40 -47.62
N LEU E 190 22.97 21.00 -46.49
CA LEU E 190 22.50 19.99 -45.54
C LEU E 190 20.98 19.67 -45.66
N PRO E 191 20.59 18.64 -46.43
CA PRO E 191 19.19 18.32 -46.69
C PRO E 191 18.41 17.80 -45.48
N GLN E 192 17.08 17.78 -45.56
CA GLN E 192 16.25 17.00 -44.64
C GLN E 192 16.48 15.50 -44.83
N GLY E 193 16.82 14.80 -43.75
CA GLY E 193 17.21 13.39 -43.73
C GLY E 193 18.26 13.15 -42.66
N PHE E 194 18.06 12.18 -41.78
CA PHE E 194 18.81 12.10 -40.52
C PHE E 194 20.27 11.69 -40.72
N SER E 195 21.21 12.42 -40.10
CA SER E 195 22.64 12.07 -40.04
C SER E 195 23.11 11.91 -38.59
N ALA E 196 23.64 10.73 -38.26
CA ALA E 196 24.25 10.41 -36.98
C ALA E 196 25.78 10.39 -37.10
N LEU E 197 26.46 11.13 -36.23
CA LEU E 197 27.90 11.34 -36.27
C LEU E 197 28.60 10.53 -35.18
N GLU E 198 29.36 9.49 -35.52
CA GLU E 198 30.28 8.84 -34.58
C GLU E 198 31.48 9.73 -34.21
N PRO E 199 32.13 9.52 -33.06
CA PRO E 199 33.37 10.22 -32.71
C PRO E 199 34.51 9.89 -33.68
N LEU E 200 35.44 10.84 -33.88
CA LEU E 200 36.75 10.58 -34.49
C LEU E 200 37.91 10.70 -33.50
N VAL E 201 37.90 11.72 -32.64
CA VAL E 201 39.07 12.14 -31.84
C VAL E 201 38.62 12.74 -30.49
N ASP E 202 39.45 12.59 -29.47
CA ASP E 202 39.38 13.35 -28.21
C ASP E 202 40.80 13.82 -27.82
N LEU E 203 40.91 15.08 -27.43
CA LEU E 203 42.15 15.74 -27.05
C LEU E 203 42.01 16.29 -25.60
N PRO E 204 42.76 15.76 -24.61
CA PRO E 204 42.75 16.23 -23.21
C PRO E 204 43.63 17.49 -23.01
N ILE E 205 43.61 18.38 -24.00
CA ILE E 205 44.63 19.40 -24.27
C ILE E 205 44.43 20.72 -23.51
N GLY E 206 43.38 20.85 -22.70
CA GLY E 206 43.29 21.90 -21.69
C GLY E 206 43.06 23.33 -22.19
N ILE E 207 42.82 23.58 -23.48
CA ILE E 207 42.58 24.94 -24.01
C ILE E 207 41.27 25.53 -23.43
N ASN E 208 41.27 26.79 -23.01
CA ASN E 208 40.08 27.54 -22.57
C ASN E 208 39.48 28.36 -23.74
N ILE E 209 39.02 27.68 -24.80
CA ILE E 209 38.62 28.25 -26.11
C ILE E 209 37.47 29.27 -26.00
N THR E 210 37.48 30.26 -26.90
CA THR E 210 36.33 31.14 -27.19
C THR E 210 36.11 31.42 -28.69
N ARG E 211 37.06 31.13 -29.60
CA ARG E 211 36.99 31.48 -31.04
C ARG E 211 37.53 30.39 -31.97
N PHE E 212 37.14 30.41 -33.24
CA PHE E 212 37.58 29.45 -34.27
C PHE E 212 37.53 30.02 -35.69
N GLN E 213 38.12 29.36 -36.68
CA GLN E 213 37.86 29.60 -38.11
C GLN E 213 38.07 28.34 -38.95
N THR E 214 37.51 28.25 -40.15
CA THR E 214 37.92 27.23 -41.13
C THR E 214 39.20 27.64 -41.89
N LEU E 215 39.72 26.75 -42.72
CA LEU E 215 40.85 26.93 -43.63
C LEU E 215 40.47 26.45 -45.02
N LEU E 216 40.86 27.22 -46.03
CA LEU E 216 40.57 26.95 -47.43
C LEU E 216 41.88 26.74 -48.22
N ALA E 217 41.80 25.89 -49.23
CA ALA E 217 42.91 25.49 -50.08
C ALA E 217 42.75 26.03 -51.50
N LEU E 218 43.77 26.73 -51.99
CA LEU E 218 43.80 27.33 -53.32
C LEU E 218 45.26 27.48 -53.83
N HIS E 219 45.43 27.62 -55.13
CA HIS E 219 46.74 27.75 -55.80
C HIS E 219 47.51 29.00 -55.38
N ALA E 237 31.79 25.54 -53.62
CA ALA E 237 31.66 24.90 -52.32
C ALA E 237 31.14 25.88 -51.24
N ALA E 238 30.58 25.34 -50.16
CA ALA E 238 30.03 26.11 -49.04
C ALA E 238 30.20 25.41 -47.68
N TYR E 239 30.12 26.19 -46.60
CA TYR E 239 30.21 25.68 -45.24
C TYR E 239 29.25 26.40 -44.29
N TYR E 240 28.84 25.70 -43.25
CA TYR E 240 27.73 26.07 -42.38
C TYR E 240 28.12 25.89 -40.91
N VAL E 241 27.79 26.83 -40.05
CA VAL E 241 28.23 26.87 -38.64
C VAL E 241 27.06 27.01 -37.69
N GLY E 242 26.92 26.12 -36.71
CA GLY E 242 25.88 26.16 -35.67
C GLY E 242 26.44 25.95 -34.27
N TYR E 243 25.63 26.10 -33.24
CA TYR E 243 26.09 26.14 -31.85
C TYR E 243 25.26 25.28 -30.91
N LEU E 244 25.87 24.78 -29.84
CA LEU E 244 25.34 23.68 -29.01
C LEU E 244 24.71 24.18 -27.71
N GLN E 245 23.64 23.52 -27.28
CA GLN E 245 22.88 23.83 -26.05
C GLN E 245 22.71 22.59 -25.19
N PRO E 246 22.67 22.71 -23.85
CA PRO E 246 22.33 21.60 -22.97
C PRO E 246 20.88 21.16 -23.20
N ARG E 247 20.69 20.07 -23.96
CA ARG E 247 19.39 19.50 -24.32
C ARG E 247 19.23 18.07 -23.81
N THR E 248 18.08 17.76 -23.22
CA THR E 248 17.64 16.37 -23.08
C THR E 248 17.21 15.86 -24.45
N PHE E 249 17.59 14.65 -24.84
CA PHE E 249 17.31 14.07 -26.14
C PHE E 249 16.88 12.61 -25.99
N LEU E 250 15.83 12.19 -26.67
CA LEU E 250 15.42 10.79 -26.67
C LEU E 250 15.94 10.15 -27.97
N LEU E 251 16.92 9.27 -27.86
CA LEU E 251 17.67 8.75 -29.00
C LEU E 251 17.17 7.38 -29.41
N LYS E 252 16.83 7.20 -30.69
CA LYS E 252 16.48 5.88 -31.24
C LYS E 252 17.73 5.14 -31.70
N TYR E 253 18.44 4.53 -30.76
CA TYR E 253 19.37 3.46 -31.07
C TYR E 253 18.60 2.29 -31.71
N ASN E 254 18.86 1.97 -32.98
CA ASN E 254 18.10 0.97 -33.73
C ASN E 254 18.57 -0.47 -33.49
N GLU E 255 18.09 -1.43 -34.28
CA GLU E 255 18.49 -2.84 -34.21
C GLU E 255 20.02 -3.05 -34.32
N ASN E 256 20.69 -2.23 -35.13
CA ASN E 256 22.14 -2.26 -35.35
C ASN E 256 22.89 -1.25 -34.45
N GLY E 257 22.24 -0.70 -33.43
CA GLY E 257 22.87 0.19 -32.44
C GLY E 257 23.35 1.54 -32.97
N THR E 258 22.94 1.92 -34.18
CA THR E 258 23.13 3.28 -34.71
C THR E 258 21.97 4.17 -34.30
N ILE E 259 22.19 5.44 -34.01
CA ILE E 259 21.06 6.36 -33.76
C ILE E 259 20.39 6.66 -35.12
N THR E 260 19.21 6.11 -35.41
CA THR E 260 18.56 6.35 -36.71
C THR E 260 17.62 7.56 -36.69
N ASP E 261 17.24 8.03 -35.51
CA ASP E 261 16.31 9.13 -35.30
C ASP E 261 16.44 9.67 -33.87
N ALA E 262 15.91 10.85 -33.59
CA ALA E 262 15.97 11.45 -32.26
C ALA E 262 14.85 12.47 -32.03
N VAL E 263 14.57 12.78 -30.77
CA VAL E 263 13.61 13.80 -30.35
C VAL E 263 14.32 14.83 -29.48
N ASP E 264 14.16 16.12 -29.81
CA ASP E 264 14.69 17.26 -29.06
C ASP E 264 13.68 17.69 -27.99
N CYS E 265 13.92 17.33 -26.74
CA CYS E 265 12.85 17.23 -25.75
C CYS E 265 12.32 18.55 -25.19
N ALA E 266 12.92 19.68 -25.55
CA ALA E 266 12.43 21.02 -25.27
C ALA E 266 12.04 21.81 -26.53
N LEU E 267 12.00 21.18 -27.72
CA LEU E 267 11.65 21.83 -28.98
C LEU E 267 10.23 22.42 -28.96
N ASP E 268 9.24 21.63 -28.56
CA ASP E 268 7.83 21.98 -28.52
C ASP E 268 7.08 21.04 -27.54
N PRO E 269 5.82 21.34 -27.15
CA PRO E 269 5.09 20.52 -26.17
C PRO E 269 4.85 19.08 -26.64
N LEU E 270 4.70 18.84 -27.95
CA LEU E 270 4.65 17.46 -28.47
C LEU E 270 5.95 16.70 -28.20
N SER E 271 7.11 17.29 -28.44
CA SER E 271 8.38 16.65 -28.13
C SER E 271 8.55 16.45 -26.63
N GLU E 272 8.14 17.40 -25.80
CA GLU E 272 8.13 17.20 -24.35
C GLU E 272 7.22 16.04 -23.92
N THR E 273 6.13 15.80 -24.65
CA THR E 273 5.26 14.65 -24.43
C THR E 273 5.97 13.34 -24.77
N LYS E 274 6.56 13.24 -25.98
CA LYS E 274 7.36 12.08 -26.42
C LYS E 274 8.44 11.72 -25.41
N CYS E 275 9.13 12.71 -24.87
CA CYS E 275 10.20 12.52 -23.91
C CYS E 275 9.72 12.33 -22.46
N THR E 276 8.49 12.67 -22.10
CA THR E 276 7.95 12.29 -20.77
C THR E 276 7.48 10.84 -20.75
N LEU E 277 6.88 10.37 -21.85
CA LEU E 277 6.44 8.99 -22.06
C LEU E 277 7.54 8.03 -22.53
N LYS E 278 8.78 8.52 -22.69
CA LYS E 278 9.95 7.79 -23.24
C LYS E 278 9.57 6.99 -24.50
N SER E 279 8.81 7.61 -25.41
CA SER E 279 8.26 6.96 -26.59
C SER E 279 8.19 7.94 -27.76
N PHE E 280 8.44 7.49 -28.98
CA PHE E 280 8.32 8.34 -30.18
C PHE E 280 6.87 8.49 -30.64
N THR E 281 6.14 7.39 -30.77
CA THR E 281 4.69 7.46 -31.01
C THR E 281 3.98 7.81 -29.70
N VAL E 282 2.92 8.61 -29.78
CA VAL E 282 2.04 8.92 -28.65
C VAL E 282 0.58 8.72 -29.08
N GLU E 283 -0.19 7.97 -28.31
CA GLU E 283 -1.60 7.69 -28.59
C GLU E 283 -2.50 8.87 -28.20
N LYS E 284 -3.72 8.96 -28.74
CA LYS E 284 -4.70 10.00 -28.41
C LYS E 284 -4.91 10.07 -26.90
N GLY E 285 -4.88 11.28 -26.34
CA GLY E 285 -5.06 11.47 -24.92
C GLY E 285 -4.67 12.84 -24.41
N ILE E 286 -4.67 12.99 -23.10
CA ILE E 286 -4.15 14.15 -22.38
C ILE E 286 -3.03 13.71 -21.44
N TYR E 287 -1.83 14.30 -21.55
CA TYR E 287 -0.65 13.89 -20.79
C TYR E 287 -0.11 15.04 -19.94
N GLN E 288 0.06 14.85 -18.63
CA GLN E 288 0.68 15.85 -17.76
C GLN E 288 2.20 15.75 -17.88
N THR E 289 2.76 16.50 -18.83
CA THR E 289 4.16 16.35 -19.24
C THR E 289 5.12 16.97 -18.24
N SER E 290 4.74 18.11 -17.68
CA SER E 290 5.72 19.09 -17.22
C SER E 290 5.04 20.12 -16.33
N ASN E 291 5.80 20.96 -15.65
CA ASN E 291 5.29 22.07 -14.86
C ASN E 291 5.70 23.41 -15.47
N PHE E 292 4.75 24.33 -15.61
CA PHE E 292 5.01 25.75 -15.87
C PHE E 292 5.42 26.40 -14.55
N ARG E 293 6.42 27.28 -14.55
CA ARG E 293 6.80 28.10 -13.38
C ARG E 293 7.34 29.44 -13.88
N VAL E 294 6.67 30.55 -13.60
CA VAL E 294 7.17 31.89 -13.97
C VAL E 294 8.49 32.13 -13.26
N GLN E 295 9.52 32.52 -14.00
CA GLN E 295 10.87 32.71 -13.47
C GLN E 295 11.04 34.05 -12.75
N PRO E 296 11.87 34.16 -11.69
CA PRO E 296 12.19 35.43 -11.05
C PRO E 296 12.88 36.40 -12.00
N THR E 297 12.38 37.63 -12.05
CA THR E 297 12.87 38.69 -12.95
C THR E 297 14.21 39.28 -12.48
N GLU E 298 14.35 39.52 -11.18
CA GLU E 298 15.47 40.23 -10.56
C GLU E 298 15.55 39.90 -9.06
N SER E 299 16.65 40.24 -8.38
CA SER E 299 16.88 39.94 -6.96
C SER E 299 16.69 41.16 -6.06
N ILE E 300 15.81 41.01 -5.06
CA ILE E 300 15.36 42.03 -4.12
C ILE E 300 15.98 41.76 -2.76
N VAL E 301 17.14 42.36 -2.50
CA VAL E 301 17.97 42.11 -1.32
C VAL E 301 17.75 43.22 -0.32
N ARG E 302 17.34 42.89 0.89
CA ARG E 302 16.80 43.84 1.87
C ARG E 302 17.41 43.57 3.26
N PHE E 303 18.54 44.20 3.55
CA PHE E 303 19.19 44.21 4.88
C PHE E 303 18.82 45.52 5.61
N PRO E 304 18.97 45.63 6.94
CA PRO E 304 18.78 46.91 7.63
C PRO E 304 19.79 47.97 7.15
N ASN E 305 19.47 49.26 7.26
CA ASN E 305 20.34 50.35 6.76
C ASN E 305 21.44 50.78 7.76
N ILE E 306 21.99 49.81 8.50
CA ILE E 306 23.07 49.98 9.47
C ILE E 306 24.43 50.05 8.76
N THR E 307 25.34 50.89 9.25
CA THR E 307 26.70 51.11 8.71
C THR E 307 27.82 50.92 9.74
N ASN E 308 27.52 50.61 11.00
CA ASN E 308 28.51 50.40 12.06
C ASN E 308 29.37 49.16 11.75
N LEU E 309 30.69 49.23 11.71
CA LEU E 309 31.51 48.01 11.62
C LEU E 309 31.58 47.31 12.98
N CYS E 310 31.28 46.01 13.03
CA CYS E 310 31.33 45.23 14.28
C CYS E 310 32.75 45.24 14.90
N PRO E 311 32.87 45.16 16.24
CA PRO E 311 34.14 45.26 16.97
C PRO E 311 35.09 44.04 16.84
N PHE E 312 35.02 43.24 15.77
CA PHE E 312 35.96 42.14 15.55
C PHE E 312 37.42 42.62 15.60
N GLY E 313 37.71 43.79 15.04
CA GLY E 313 39.06 44.37 15.07
C GLY E 313 39.64 44.60 16.46
N GLU E 314 38.81 44.66 17.50
CA GLU E 314 39.22 44.61 18.91
C GLU E 314 39.30 43.17 19.42
N VAL E 315 38.25 42.36 19.23
CA VAL E 315 38.16 40.98 19.76
C VAL E 315 39.35 40.12 19.36
N PHE E 316 39.80 40.19 18.10
CA PHE E 316 40.95 39.42 17.62
C PHE E 316 42.31 40.03 17.99
N ASN E 317 42.36 41.25 18.55
CA ASN E 317 43.59 42.02 18.79
C ASN E 317 43.80 42.47 20.26
N ALA E 318 42.90 42.14 21.18
CA ALA E 318 43.00 42.53 22.59
C ALA E 318 44.28 42.02 23.28
N THR E 319 44.82 42.84 24.20
CA THR E 319 46.16 42.69 24.78
C THR E 319 46.37 41.34 25.48
N ARG E 320 45.37 40.89 26.23
CA ARG E 320 45.33 39.58 26.89
C ARG E 320 43.97 38.93 26.69
N PHE E 321 43.98 37.67 26.27
CA PHE E 321 42.79 36.82 26.23
C PHE E 321 42.56 36.20 27.62
N ALA E 322 41.38 35.62 27.87
CA ALA E 322 41.13 34.96 29.14
C ALA E 322 41.87 33.62 29.31
N SER E 323 42.11 33.23 30.56
CA SER E 323 42.31 31.83 30.92
C SER E 323 41.08 31.01 30.57
N VAL E 324 41.26 29.79 30.04
CA VAL E 324 40.14 28.99 29.52
C VAL E 324 39.10 28.61 30.58
N TYR E 325 39.44 28.51 31.88
CA TYR E 325 38.43 28.27 32.92
C TYR E 325 37.45 29.44 33.10
N ALA E 326 37.89 30.65 32.74
CA ALA E 326 37.17 31.92 32.90
C ALA E 326 36.98 32.61 31.53
N TRP E 327 36.69 31.84 30.48
CA TRP E 327 36.60 32.29 29.10
C TRP E 327 35.70 33.52 28.93
N ASN E 328 36.19 34.56 28.23
CA ASN E 328 35.42 35.78 27.97
C ASN E 328 34.37 35.55 26.90
N ARG E 329 33.33 36.38 26.89
CA ARG E 329 32.23 36.36 25.94
C ARG E 329 31.79 37.78 25.64
N LYS E 330 31.98 38.25 24.41
CA LYS E 330 31.44 39.53 23.93
C LYS E 330 30.21 39.28 23.07
N ARG E 331 29.08 39.88 23.41
CA ARG E 331 27.90 39.95 22.54
C ARG E 331 28.09 41.06 21.50
N ILE E 332 27.85 40.71 20.25
CA ILE E 332 28.01 41.58 19.09
C ILE E 332 26.64 41.70 18.42
N SER E 333 26.15 42.92 18.25
CA SER E 333 24.81 43.19 17.74
C SER E 333 24.74 44.56 17.05
N ASN E 334 23.74 44.76 16.20
CA ASN E 334 23.42 46.06 15.57
C ASN E 334 24.60 46.64 14.78
N CYS E 335 25.25 45.81 13.97
CA CYS E 335 26.45 46.17 13.19
C CYS E 335 26.60 45.31 11.91
N VAL E 336 27.34 45.85 10.95
CA VAL E 336 27.82 45.15 9.77
C VAL E 336 29.08 44.38 10.14
N ALA E 337 29.04 43.05 10.04
CA ALA E 337 30.17 42.17 10.24
C ALA E 337 30.78 41.78 8.90
N ASP E 338 32.07 42.02 8.69
CA ASP E 338 32.78 41.56 7.50
C ASP E 338 33.64 40.34 7.84
N TYR E 339 33.20 39.18 7.39
CA TYR E 339 33.87 37.91 7.64
C TYR E 339 34.97 37.61 6.62
N SER E 340 34.98 38.29 5.47
CA SER E 340 36.09 38.17 4.51
C SER E 340 37.39 38.69 5.11
N VAL E 341 37.33 39.83 5.82
CA VAL E 341 38.46 40.42 6.55
C VAL E 341 39.07 39.48 7.60
N LEU E 342 38.31 38.52 8.11
CA LEU E 342 38.80 37.44 8.96
C LEU E 342 39.33 36.26 8.12
N TYR E 343 38.49 35.64 7.29
CA TYR E 343 38.83 34.39 6.59
C TYR E 343 40.02 34.50 5.63
N ASN E 344 40.21 35.68 5.03
CA ASN E 344 41.34 35.96 4.13
C ASN E 344 42.69 36.18 4.84
N SER E 345 42.75 36.38 6.16
CA SER E 345 44.02 36.58 6.89
C SER E 345 44.90 35.32 6.86
N ALA E 346 46.22 35.50 6.68
CA ALA E 346 47.18 34.40 6.84
C ALA E 346 47.42 34.00 8.31
N SER E 347 47.03 34.83 9.28
CA SER E 347 47.36 34.62 10.70
C SER E 347 46.66 33.42 11.35
N PHE E 348 45.44 33.10 10.94
CA PHE E 348 44.63 32.04 11.57
C PHE E 348 45.11 30.65 11.18
N SER E 349 45.71 29.94 12.14
CA SER E 349 46.16 28.56 11.98
C SER E 349 45.01 27.58 11.72
N THR E 350 43.79 27.93 12.13
CA THR E 350 42.54 27.21 11.83
C THR E 350 41.35 28.17 11.85
N PHE E 351 40.32 27.86 11.07
CA PHE E 351 39.11 28.67 10.90
C PHE E 351 37.87 27.77 10.80
N LYS E 352 37.82 26.68 11.58
CA LYS E 352 36.83 25.62 11.40
C LYS E 352 35.41 26.06 11.78
N CYS E 353 34.50 26.12 10.83
CA CYS E 353 33.09 26.46 11.05
C CYS E 353 32.16 25.25 10.96
N TYR E 354 31.12 25.26 11.78
CA TYR E 354 30.08 24.23 11.85
C TYR E 354 28.72 24.85 11.62
N GLY E 355 27.82 24.16 10.91
CA GLY E 355 26.47 24.64 10.59
C GLY E 355 26.38 25.80 9.60
N VAL E 356 27.50 26.42 9.23
CA VAL E 356 27.67 27.46 8.20
C VAL E 356 29.06 27.33 7.57
N SER E 357 29.25 27.75 6.32
CA SER E 357 30.54 27.74 5.62
C SER E 357 31.16 29.14 5.64
N PRO E 358 32.48 29.34 5.89
CA PRO E 358 33.05 30.68 6.10
C PRO E 358 32.95 31.62 4.90
N THR E 359 32.87 31.05 3.71
CA THR E 359 32.56 31.70 2.42
C THR E 359 31.18 32.36 2.39
N LYS E 360 30.17 31.70 2.95
CA LYS E 360 28.75 32.09 2.91
C LYS E 360 28.39 33.21 3.87
N LEU E 361 29.19 33.46 4.91
CA LEU E 361 28.79 34.31 6.04
C LEU E 361 28.39 35.74 5.64
N ASN E 362 28.94 36.31 4.57
CA ASN E 362 28.51 37.64 4.10
C ASN E 362 27.06 37.69 3.56
N ASP E 363 26.44 36.55 3.24
CA ASP E 363 25.03 36.45 2.84
C ASP E 363 24.05 36.51 4.02
N LEU E 364 24.52 36.22 5.24
CA LEU E 364 23.66 35.98 6.40
C LEU E 364 23.42 37.25 7.21
N CYS E 365 22.29 37.29 7.91
CA CYS E 365 22.16 38.09 9.12
C CYS E 365 21.81 37.19 10.31
N PHE E 366 22.29 37.60 11.48
CA PHE E 366 22.13 36.93 12.75
C PHE E 366 21.43 37.86 13.72
N THR E 367 20.63 37.32 14.64
CA THR E 367 20.08 38.09 15.75
C THR E 367 21.24 38.63 16.61
N ASN E 368 22.16 37.77 17.03
CA ASN E 368 23.40 38.08 17.70
C ASN E 368 24.55 37.25 17.14
N VAL E 369 25.76 37.77 17.26
CA VAL E 369 26.99 36.97 17.31
C VAL E 369 27.50 37.04 18.75
N TYR E 370 27.83 35.91 19.36
CA TYR E 370 28.71 35.89 20.52
C TYR E 370 30.13 35.55 20.08
N ALA E 371 31.14 36.18 20.66
CA ALA E 371 32.53 35.83 20.43
C ALA E 371 33.18 35.40 21.74
N ASP E 372 33.54 34.13 21.88
CA ASP E 372 34.11 33.58 23.11
C ASP E 372 35.62 33.49 22.99
N SER E 373 36.36 34.16 23.87
CA SER E 373 37.80 34.44 23.70
C SER E 373 38.66 33.87 24.84
N PHE E 374 39.64 33.04 24.51
CA PHE E 374 40.54 32.41 25.49
C PHE E 374 41.84 31.83 24.88
N VAL E 375 42.82 31.52 25.73
CA VAL E 375 44.09 30.83 25.37
C VAL E 375 44.07 29.36 25.80
N ILE E 376 44.57 28.48 24.93
CA ILE E 376 44.81 27.06 25.18
C ILE E 376 46.17 26.65 24.63
N ARG E 377 46.73 25.51 25.04
CA ARG E 377 47.87 24.90 24.35
C ARG E 377 47.42 24.37 22.99
N GLY E 378 48.27 24.47 21.97
CA GLY E 378 47.97 24.10 20.57
C GLY E 378 47.44 22.68 20.40
N ASP E 379 47.90 21.74 21.22
CA ASP E 379 47.38 20.37 21.25
C ASP E 379 45.87 20.28 21.52
N GLU E 380 45.30 21.16 22.35
CA GLU E 380 43.88 21.11 22.71
C GLU E 380 42.95 21.84 21.73
N VAL E 381 43.46 22.44 20.66
CA VAL E 381 42.62 23.10 19.63
C VAL E 381 41.66 22.09 18.97
N ARG E 382 42.00 20.79 18.95
CA ARG E 382 41.09 19.68 18.60
C ARG E 382 39.80 19.69 19.41
N GLN E 383 39.89 19.98 20.71
CA GLN E 383 38.80 19.84 21.69
C GLN E 383 37.72 20.92 21.55
N ILE E 384 38.02 22.03 20.88
CA ILE E 384 37.11 23.16 20.67
C ILE E 384 36.22 22.89 19.45
N ALA E 385 35.32 21.92 19.59
CA ALA E 385 34.41 21.48 18.54
C ALA E 385 33.15 20.83 19.12
N PRO E 386 32.01 20.85 18.40
CA PRO E 386 30.82 20.08 18.78
C PRO E 386 31.14 18.59 18.88
N GLY E 387 30.80 17.98 20.01
CA GLY E 387 30.91 16.54 20.25
C GLY E 387 32.31 15.99 20.58
N GLN E 388 33.38 16.78 20.49
CA GLN E 388 34.73 16.36 20.92
C GLN E 388 34.84 16.22 22.44
N THR E 389 35.90 15.54 22.90
CA THR E 389 36.12 15.15 24.31
C THR E 389 37.58 15.34 24.76
N GLY E 390 37.76 15.45 26.07
CA GLY E 390 39.03 15.68 26.74
C GLY E 390 38.93 16.74 27.83
N LYS E 391 40.03 16.98 28.56
CA LYS E 391 40.04 17.87 29.73
C LYS E 391 39.60 19.32 29.49
N ILE E 392 39.73 19.87 28.28
CA ILE E 392 39.25 21.22 27.96
C ILE E 392 37.76 21.16 27.58
N ALA E 393 37.37 20.22 26.73
CA ALA E 393 35.98 20.05 26.32
C ALA E 393 35.03 19.70 27.47
N ASP E 394 35.52 19.00 28.50
CA ASP E 394 34.72 18.61 29.67
C ASP E 394 34.76 19.67 30.77
N TYR E 395 35.95 20.00 31.28
CA TYR E 395 36.08 20.73 32.54
C TYR E 395 36.08 22.26 32.41
N ASN E 396 36.09 22.87 31.22
CA ASN E 396 36.19 24.34 31.14
C ASN E 396 35.51 25.01 29.94
N TYR E 397 35.44 24.40 28.76
CA TYR E 397 34.69 24.97 27.63
C TYR E 397 34.03 23.92 26.73
N LYS E 398 32.73 23.67 26.92
CA LYS E 398 31.95 22.74 26.10
C LYS E 398 31.06 23.46 25.10
N LEU E 399 31.13 23.07 23.84
CA LEU E 399 30.20 23.51 22.78
C LEU E 399 28.96 22.62 22.70
N PRO E 400 27.81 23.14 22.24
CA PRO E 400 26.61 22.34 21.97
C PRO E 400 26.86 21.26 20.92
N ASP E 401 26.06 20.19 20.93
CA ASP E 401 26.11 19.15 19.88
C ASP E 401 25.68 19.70 18.51
N ASP E 402 24.82 20.71 18.52
CA ASP E 402 24.25 21.41 17.38
C ASP E 402 24.77 22.86 17.28
N PHE E 403 26.04 23.06 17.63
CA PHE E 403 26.73 24.34 17.48
C PHE E 403 26.62 24.85 16.04
N THR E 404 26.31 26.13 15.88
CA THR E 404 26.47 26.88 14.62
C THR E 404 27.36 28.08 14.84
N GLY E 405 28.51 28.14 14.16
CA GLY E 405 29.55 29.10 14.49
C GLY E 405 30.90 28.76 13.88
N CYS E 406 31.90 29.59 14.12
CA CYS E 406 33.26 29.43 13.63
C CYS E 406 34.27 29.44 14.77
N VAL E 407 35.17 28.46 14.80
CA VAL E 407 36.28 28.39 15.73
C VAL E 407 37.52 28.90 15.01
N ILE E 408 38.08 30.02 15.46
CA ILE E 408 39.20 30.66 14.80
C ILE E 408 40.39 30.69 15.76
N ALA E 409 41.47 29.99 15.48
CA ALA E 409 42.61 29.91 16.38
C ALA E 409 43.94 30.17 15.69
N TRP E 410 44.87 30.74 16.45
CA TRP E 410 46.20 31.07 15.95
C TRP E 410 47.25 30.91 17.03
N ASN E 411 48.43 30.45 16.64
CA ASN E 411 49.60 30.42 17.50
C ASN E 411 49.90 31.83 18.02
N SER E 412 50.17 31.96 19.32
CA SER E 412 50.36 33.23 20.00
C SER E 412 51.68 33.28 20.76
N ASN E 413 52.69 32.48 20.38
CA ASN E 413 53.90 32.27 21.18
C ASN E 413 54.65 33.56 21.54
N ASN E 414 54.78 34.50 20.59
CA ASN E 414 55.41 35.81 20.81
C ASN E 414 54.59 36.77 21.72
N LEU E 415 53.33 36.46 22.00
CA LEU E 415 52.42 37.26 22.84
C LEU E 415 52.21 36.61 24.22
N ASP E 416 51.88 35.31 24.26
CA ASP E 416 51.38 34.61 25.45
C ASP E 416 52.42 33.73 26.18
N SER E 417 53.61 33.48 25.63
CA SER E 417 54.72 32.86 26.38
C SER E 417 55.58 33.89 27.13
N LYS E 418 56.29 33.45 28.19
CA LYS E 418 57.30 34.26 28.92
C LYS E 418 58.56 33.46 29.26
N GLY E 421 57.59 29.40 32.71
CA GLY E 421 56.60 29.83 31.73
C GLY E 421 55.56 30.84 32.24
N ASN E 422 54.69 31.29 31.34
CA ASN E 422 53.63 32.26 31.66
C ASN E 422 52.44 31.61 32.38
N TYR E 423 52.61 31.27 33.65
CA TYR E 423 51.60 30.57 34.48
C TYR E 423 50.31 31.37 34.77
N ASN E 424 50.22 32.61 34.27
CA ASN E 424 49.01 33.44 34.31
C ASN E 424 47.89 32.95 33.37
N TYR E 425 48.14 31.91 32.57
CA TYR E 425 47.10 31.16 31.85
C TYR E 425 46.81 29.82 32.55
N LEU E 426 45.54 29.57 32.88
CA LEU E 426 45.11 28.38 33.63
C LEU E 426 43.90 27.68 33.00
N TYR E 427 43.73 26.40 33.32
CA TYR E 427 42.59 25.56 32.96
C TYR E 427 42.13 24.74 34.17
N ARG E 428 40.88 24.27 34.17
CA ARG E 428 40.32 23.49 35.28
C ARG E 428 40.66 21.99 35.17
N LYS E 436 28.97 21.11 30.65
CA LYS E 436 27.68 21.47 30.08
C LYS E 436 27.84 22.62 29.05
N PRO E 437 27.09 22.64 27.93
CA PRO E 437 27.31 23.63 26.87
C PRO E 437 27.26 25.09 27.33
N PHE E 438 28.26 25.88 26.92
CA PHE E 438 28.41 27.31 27.24
C PHE E 438 28.30 27.66 28.73
N GLU E 439 28.93 26.90 29.62
CA GLU E 439 28.97 27.16 31.06
C GLU E 439 30.34 27.68 31.52
N ARG E 440 30.36 28.78 32.30
CA ARG E 440 31.58 29.25 33.01
C ARG E 440 31.68 28.59 34.38
N ASP E 441 32.89 28.22 34.78
CA ASP E 441 33.16 27.43 35.98
C ASP E 441 34.27 28.06 36.85
N ILE E 442 33.91 29.18 37.48
CA ILE E 442 34.77 29.98 38.35
C ILE E 442 34.86 29.36 39.75
N TYR E 463 41.41 23.35 48.24
CA TYR E 463 41.41 22.47 47.09
C TYR E 463 41.87 23.20 45.82
N PHE E 464 42.48 22.47 44.88
CA PHE E 464 43.13 23.02 43.69
C PHE E 464 42.67 22.31 42.40
N PRO E 465 41.43 22.58 41.94
CA PRO E 465 40.92 22.12 40.65
C PRO E 465 41.57 22.84 39.45
N LEU E 466 42.27 23.97 39.64
CA LEU E 466 42.99 24.70 38.57
C LEU E 466 44.42 24.20 38.33
N GLN E 467 44.84 24.17 37.07
CA GLN E 467 46.20 23.87 36.59
C GLN E 467 46.69 25.01 35.69
N SER E 468 48.00 25.26 35.67
CA SER E 468 48.64 26.40 35.00
C SER E 468 49.46 25.97 33.79
N TYR E 469 49.27 26.57 32.61
CA TYR E 469 50.09 26.27 31.43
C TYR E 469 51.53 26.81 31.55
N GLY E 470 52.53 25.99 31.22
CA GLY E 470 53.94 26.36 31.14
C GLY E 470 54.34 26.91 29.78
N PHE E 471 53.71 28.01 29.35
CA PHE E 471 54.02 28.63 28.06
C PHE E 471 55.37 29.36 28.10
N GLN E 472 56.43 28.69 27.65
CA GLN E 472 57.75 29.25 27.37
C GLN E 472 57.99 29.34 25.86
N PRO E 473 58.68 30.39 25.37
CA PRO E 473 58.89 30.61 23.93
C PRO E 473 59.60 29.46 23.22
N THR E 474 60.44 28.72 23.93
CA THR E 474 61.18 27.55 23.45
C THR E 474 60.34 26.26 23.30
N ASN E 475 59.07 26.26 23.70
CA ASN E 475 58.20 25.06 23.66
C ASN E 475 58.13 24.43 22.26
N VAL E 477 55.82 22.19 18.30
CA VAL E 477 55.12 23.48 18.19
C VAL E 477 53.78 23.45 18.92
N GLY E 478 53.12 22.28 19.00
CA GLY E 478 51.83 22.12 19.68
C GLY E 478 51.84 22.44 21.18
N TYR E 479 53.00 22.45 21.82
CA TYR E 479 53.18 22.88 23.20
C TYR E 479 53.07 24.41 23.43
N GLN E 480 53.09 25.21 22.37
CA GLN E 480 53.00 26.67 22.43
C GLN E 480 51.55 27.14 22.73
N PRO E 481 51.36 28.40 23.20
CA PRO E 481 50.02 28.95 23.37
C PRO E 481 49.35 29.24 22.03
N TYR E 482 48.05 28.99 21.97
CA TYR E 482 47.17 29.31 20.86
C TYR E 482 46.00 30.11 21.41
N ARG E 483 45.76 31.27 20.83
CA ARG E 483 44.53 32.05 21.05
C ARG E 483 43.43 31.43 20.23
N VAL E 484 42.21 31.41 20.76
CA VAL E 484 41.01 31.05 20.01
C VAL E 484 39.88 32.04 20.29
N VAL E 485 39.18 32.39 19.21
CA VAL E 485 37.91 33.08 19.22
C VAL E 485 36.87 32.15 18.64
N VAL E 486 35.86 31.79 19.43
CA VAL E 486 34.72 31.01 18.95
C VAL E 486 33.57 31.96 18.69
N LEU E 487 33.34 32.27 17.42
CA LEU E 487 32.14 32.95 16.96
C LEU E 487 30.97 31.97 17.05
N SER E 488 29.93 32.31 17.80
CA SER E 488 28.69 31.55 17.90
C SER E 488 27.55 32.38 17.32
N PHE E 489 26.74 31.80 16.44
CA PHE E 489 25.77 32.53 15.62
C PHE E 489 24.32 32.23 16.00
N GLU E 490 23.53 33.24 16.33
CA GLU E 490 22.13 33.08 16.72
C GLU E 490 21.18 33.38 15.54
N LEU E 491 20.81 32.35 14.77
CA LEU E 491 20.06 32.44 13.51
C LEU E 491 18.53 32.57 13.65
N LEU E 492 18.01 32.75 14.86
CA LEU E 492 16.56 32.71 15.16
C LEU E 492 15.70 33.70 14.35
N HIS E 493 14.41 33.43 14.26
CA HIS E 493 13.41 34.18 13.46
C HIS E 493 13.07 35.58 13.99
N ALA E 494 13.71 36.05 15.06
CA ALA E 494 13.65 37.44 15.50
C ALA E 494 14.31 38.39 14.49
N PRO E 495 14.11 39.72 14.60
CA PRO E 495 14.83 40.71 13.81
C PRO E 495 16.35 40.53 13.90
N ALA E 496 16.98 40.17 12.79
CA ALA E 496 18.42 40.05 12.74
C ALA E 496 19.11 41.42 12.85
N THR E 497 20.25 41.49 13.54
CA THR E 497 20.95 42.75 13.88
C THR E 497 22.41 42.78 13.46
N VAL E 498 23.06 41.63 13.31
CA VAL E 498 24.42 41.51 12.76
C VAL E 498 24.28 41.04 11.34
N CYS E 499 24.86 41.73 10.36
CA CYS E 499 24.68 41.41 8.95
C CYS E 499 25.98 41.46 8.16
N GLY E 500 26.10 40.63 7.14
CA GLY E 500 27.20 40.74 6.18
C GLY E 500 27.22 42.08 5.42
N PRO E 501 28.32 42.41 4.74
CA PRO E 501 28.48 43.66 3.99
C PRO E 501 27.63 43.75 2.71
N LYS E 502 26.99 42.65 2.30
CA LYS E 502 26.12 42.54 1.12
C LYS E 502 25.05 43.66 1.11
N LYS E 503 25.06 44.50 0.09
CA LYS E 503 24.29 45.76 0.02
C LYS E 503 22.86 45.56 -0.50
N SER E 504 21.92 46.33 0.02
CA SER E 504 20.51 46.25 -0.38
C SER E 504 20.20 46.84 -1.76
N THR E 505 19.28 46.22 -2.48
CA THR E 505 18.67 46.74 -3.72
C THR E 505 17.29 47.33 -3.40
N ASN E 506 16.69 48.09 -4.32
CA ASN E 506 15.38 48.69 -4.13
C ASN E 506 14.27 47.62 -4.02
N LEU E 507 13.18 47.90 -3.30
CA LEU E 507 11.99 47.05 -3.27
C LEU E 507 11.24 47.11 -4.62
N VAL E 508 10.74 45.96 -5.07
CA VAL E 508 9.90 45.79 -6.27
C VAL E 508 8.64 45.01 -5.89
N LYS E 509 7.48 45.38 -6.43
CA LYS E 509 6.16 44.86 -6.06
C LYS E 509 5.31 44.55 -7.29
N ASN E 510 4.32 43.68 -7.12
CA ASN E 510 3.39 43.19 -8.12
C ASN E 510 4.04 42.43 -9.32
N LYS E 511 5.33 42.11 -9.21
CA LYS E 511 6.17 41.43 -10.22
C LYS E 511 6.95 40.29 -9.58
N CYS E 512 7.15 39.18 -10.29
CA CYS E 512 7.88 38.01 -9.77
C CYS E 512 9.38 38.30 -9.65
N VAL E 513 9.93 38.07 -8.46
CA VAL E 513 11.33 38.38 -8.09
C VAL E 513 11.93 37.27 -7.21
N ASN E 514 13.24 37.15 -7.24
CA ASN E 514 14.00 36.47 -6.18
C ASN E 514 14.12 37.46 -5.01
N PHE E 515 14.08 37.03 -3.75
CA PHE E 515 14.22 37.95 -2.61
C PHE E 515 15.11 37.41 -1.50
N ASN E 516 15.60 38.32 -0.68
CA ASN E 516 16.47 38.04 0.46
C ASN E 516 16.25 39.10 1.55
N PHE E 517 15.28 38.88 2.44
CA PHE E 517 15.02 39.76 3.58
C PHE E 517 15.83 39.32 4.80
N ASN E 518 16.86 40.06 5.20
CA ASN E 518 17.74 39.69 6.31
C ASN E 518 18.28 38.25 6.25
N GLY E 519 18.52 37.68 5.07
CA GLY E 519 18.94 36.27 4.91
C GLY E 519 17.79 35.27 4.69
N LEU E 520 16.53 35.69 4.79
CA LEU E 520 15.36 34.92 4.32
C LEU E 520 15.36 34.90 2.78
N THR E 521 16.11 33.97 2.19
CA THR E 521 16.18 33.78 0.74
C THR E 521 14.92 33.06 0.24
N GLY E 522 14.39 33.48 -0.90
CA GLY E 522 13.16 32.95 -1.48
C GLY E 522 12.84 33.50 -2.86
N THR E 523 11.66 33.20 -3.39
CA THR E 523 11.15 33.71 -4.67
C THR E 523 9.64 33.89 -4.62
N GLY E 524 9.11 34.93 -5.27
CA GLY E 524 7.68 35.23 -5.27
C GLY E 524 7.32 36.55 -5.91
N VAL E 525 6.03 36.77 -6.13
CA VAL E 525 5.42 38.08 -6.30
C VAL E 525 5.23 38.70 -4.93
N LEU E 526 5.94 39.79 -4.65
CA LEU E 526 5.67 40.62 -3.47
C LEU E 526 4.49 41.55 -3.73
N THR E 527 3.62 41.79 -2.76
CA THR E 527 2.59 42.85 -2.82
C THR E 527 2.45 43.49 -1.46
N GLU E 528 1.95 44.73 -1.39
CA GLU E 528 1.43 45.25 -0.13
C GLU E 528 0.28 44.35 0.39
N SER E 529 0.02 44.38 1.69
CA SER E 529 -0.95 43.48 2.33
C SER E 529 -1.76 44.20 3.41
N ASN E 530 -2.98 43.72 3.65
CA ASN E 530 -3.84 44.16 4.75
C ASN E 530 -3.71 43.29 6.01
N LYS E 531 -2.67 42.43 6.09
CA LYS E 531 -2.36 41.61 7.26
C LYS E 531 -1.77 42.48 8.36
N LYS E 532 -2.58 42.75 9.38
CA LYS E 532 -2.32 43.73 10.45
C LYS E 532 -1.31 43.18 11.46
N PHE E 533 -0.03 43.19 11.11
CA PHE E 533 1.05 42.80 12.02
C PHE E 533 1.05 43.71 13.26
N LEU E 534 1.17 43.14 14.46
CA LEU E 534 1.42 43.90 15.68
C LEU E 534 2.87 44.40 15.66
N PRO E 535 3.23 45.53 16.27
CA PRO E 535 4.50 46.21 16.00
C PRO E 535 5.79 45.38 16.19
N PHE E 536 5.74 44.30 16.96
CA PHE E 536 6.86 43.36 17.19
C PHE E 536 7.01 42.29 16.10
N GLN E 537 5.98 42.00 15.32
CA GLN E 537 5.96 40.87 14.36
C GLN E 537 6.75 41.18 13.09
N GLN E 538 7.38 40.18 12.50
CA GLN E 538 8.42 40.36 11.48
C GLN E 538 8.23 39.47 10.23
N PHE E 539 7.70 38.26 10.39
CA PHE E 539 7.35 37.34 9.31
C PHE E 539 5.95 36.78 9.53
N GLY E 540 5.29 36.29 8.49
CA GLY E 540 4.06 35.49 8.58
C GLY E 540 4.33 34.09 8.04
N ARG E 541 3.58 33.08 8.47
CA ARG E 541 3.90 31.66 8.20
C ARG E 541 2.81 30.90 7.46
N ASP E 542 3.26 30.03 6.58
CA ASP E 542 2.54 28.98 5.89
C ASP E 542 2.46 27.69 6.75
N ILE E 543 1.55 26.77 6.44
CA ILE E 543 1.36 25.54 7.21
C ILE E 543 2.60 24.62 7.17
N ALA E 544 3.29 24.58 6.02
CA ALA E 544 4.56 23.91 5.86
C ALA E 544 5.77 24.66 6.46
N ASP E 545 5.55 25.70 7.26
CA ASP E 545 6.59 26.62 7.78
C ASP E 545 7.41 27.34 6.69
N THR E 546 6.87 27.51 5.48
CA THR E 546 7.34 28.53 4.53
C THR E 546 6.88 29.92 4.99
N THR E 547 7.45 31.00 4.46
CA THR E 547 7.01 32.37 4.78
C THR E 547 5.92 32.85 3.82
N ASP E 548 4.88 33.43 4.41
CA ASP E 548 3.66 33.93 3.74
C ASP E 548 3.57 35.47 3.67
N ALA E 549 4.32 36.17 4.53
CA ALA E 549 4.40 37.62 4.58
C ALA E 549 5.68 38.06 5.31
N VAL E 550 6.06 39.32 5.17
CA VAL E 550 7.21 39.95 5.83
C VAL E 550 6.93 41.40 6.16
N ARG E 551 7.66 41.98 7.13
CA ARG E 551 7.78 43.43 7.34
C ARG E 551 9.14 43.84 6.81
N ASP E 552 9.20 44.78 5.87
CA ASP E 552 10.46 45.16 5.22
C ASP E 552 11.41 45.92 6.20
N PRO E 553 12.73 45.59 6.22
CA PRO E 553 13.68 46.12 7.20
C PRO E 553 14.21 47.53 6.94
N GLN E 554 13.69 48.23 5.93
CA GLN E 554 14.04 49.62 5.60
C GLN E 554 12.79 50.50 5.55
N THR E 555 11.71 50.02 4.93
CA THR E 555 10.37 50.60 5.06
C THR E 555 9.50 49.59 5.79
N LEU E 556 8.95 49.96 6.95
CA LEU E 556 8.26 49.01 7.83
C LEU E 556 6.83 48.66 7.35
N GLU E 557 6.60 48.65 6.04
CA GLU E 557 5.37 48.16 5.41
C GLU E 557 5.34 46.62 5.42
N ILE E 558 4.12 46.05 5.38
CA ILE E 558 3.89 44.61 5.44
C ILE E 558 3.61 44.09 4.03
N LEU E 559 4.41 43.13 3.58
CA LEU E 559 4.33 42.55 2.25
C LEU E 559 3.82 41.13 2.33
N ASP E 560 2.87 40.77 1.48
CA ASP E 560 2.58 39.39 1.17
C ASP E 560 3.73 38.77 0.38
N ILE E 561 3.95 37.47 0.52
CA ILE E 561 4.69 36.68 -0.46
C ILE E 561 3.68 35.74 -1.11
N THR E 562 3.44 35.91 -2.40
CA THR E 562 2.71 34.93 -3.21
C THR E 562 3.71 34.22 -4.11
N PRO E 563 3.74 32.89 -4.21
CA PRO E 563 4.73 32.21 -5.05
C PRO E 563 4.52 32.54 -6.53
N CYS E 564 5.61 32.62 -7.29
CA CYS E 564 5.54 32.98 -8.71
C CYS E 564 4.73 31.94 -9.48
N SER E 565 3.83 32.40 -10.34
CA SER E 565 2.73 31.57 -10.85
C SER E 565 3.24 30.28 -11.50
N PHE E 566 2.62 29.15 -11.17
CA PHE E 566 3.02 27.82 -11.60
C PHE E 566 1.80 26.92 -11.86
N GLY E 567 2.02 25.77 -12.48
CA GLY E 567 0.99 24.74 -12.60
C GLY E 567 1.43 23.53 -13.41
N GLY E 568 0.56 22.54 -13.51
CA GLY E 568 0.72 21.44 -14.47
C GLY E 568 0.53 21.94 -15.90
N VAL E 569 1.36 21.45 -16.81
CA VAL E 569 1.16 21.59 -18.25
C VAL E 569 0.65 20.26 -18.74
N SER E 570 -0.55 20.24 -19.32
CA SER E 570 -1.12 19.04 -19.92
C SER E 570 -1.19 19.22 -21.42
N VAL E 571 -0.59 18.31 -22.17
CA VAL E 571 -0.62 18.33 -23.62
C VAL E 571 -1.74 17.43 -24.09
N ILE E 572 -2.83 18.03 -24.54
CA ILE E 572 -3.92 17.39 -25.26
C ILE E 572 -3.40 17.04 -26.63
N THR E 573 -3.48 15.78 -27.03
CA THR E 573 -3.02 15.35 -28.35
C THR E 573 -3.96 14.31 -28.96
N PRO E 574 -4.28 14.40 -30.27
CA PRO E 574 -4.70 13.24 -31.03
C PRO E 574 -3.54 12.24 -31.10
N GLY E 575 -3.72 11.06 -31.69
CA GLY E 575 -2.56 10.20 -31.90
C GLY E 575 -1.54 10.87 -32.81
N THR E 576 -0.24 10.69 -32.60
CA THR E 576 0.78 11.13 -33.57
C THR E 576 0.60 10.47 -34.95
N ASN E 577 -0.02 9.28 -34.98
CA ASN E 577 -0.52 8.63 -36.19
C ASN E 577 -1.51 9.51 -36.97
N THR E 578 -2.39 10.23 -36.26
CA THR E 578 -3.42 11.11 -36.82
C THR E 578 -2.88 12.51 -37.14
N SER E 579 -2.15 13.15 -36.22
CA SER E 579 -1.52 14.47 -36.48
C SER E 579 -0.42 14.80 -35.46
N ASN E 580 0.50 15.70 -35.85
CA ASN E 580 1.47 16.32 -34.95
C ASN E 580 0.99 17.65 -34.35
N GLN E 581 -0.26 18.07 -34.57
CA GLN E 581 -0.87 19.21 -33.89
C GLN E 581 -1.19 18.85 -32.43
N VAL E 582 -1.00 19.75 -31.48
CA VAL E 582 -1.37 19.58 -30.07
C VAL E 582 -2.00 20.84 -29.50
N ALA E 583 -2.72 20.70 -28.39
CA ALA E 583 -3.19 21.82 -27.59
C ALA E 583 -2.67 21.68 -26.17
N VAL E 584 -2.42 22.79 -25.48
CA VAL E 584 -1.78 22.83 -24.18
C VAL E 584 -2.70 23.45 -23.14
N LEU E 585 -3.01 22.70 -22.09
CA LEU E 585 -3.76 23.16 -20.94
C LEU E 585 -2.77 23.57 -19.86
N TYR E 586 -2.66 24.86 -19.58
CA TYR E 586 -1.97 25.39 -18.41
C TYR E 586 -2.95 25.32 -17.24
N GLN E 587 -2.75 24.33 -16.38
CA GLN E 587 -3.76 23.91 -15.43
C GLN E 587 -3.99 24.93 -14.32
N ASP E 588 -5.26 25.22 -14.07
CA ASP E 588 -5.78 26.16 -13.07
C ASP E 588 -5.33 27.63 -13.20
N VAL E 589 -4.32 27.96 -14.00
CA VAL E 589 -3.91 29.35 -14.27
C VAL E 589 -4.98 30.13 -15.01
N ASN E 590 -4.78 31.44 -15.09
CA ASN E 590 -5.58 32.35 -15.90
C ASN E 590 -4.80 32.69 -17.19
N CYS E 591 -5.45 32.79 -18.35
CA CYS E 591 -4.79 33.09 -19.62
C CYS E 591 -4.07 34.46 -19.63
N THR E 592 -4.42 35.34 -18.70
CA THR E 592 -3.66 36.56 -18.38
C THR E 592 -2.23 36.28 -17.90
N GLU E 593 -2.02 35.20 -17.15
CA GLU E 593 -0.78 34.91 -16.41
C GLU E 593 0.25 34.12 -17.24
N VAL E 594 -0.19 33.46 -18.31
CA VAL E 594 0.65 32.59 -19.14
C VAL E 594 1.75 33.39 -19.83
N ASN E 615 -8.56 30.82 -30.28
CA ASN E 615 -7.50 29.81 -30.16
C ASN E 615 -6.92 29.71 -28.74
N VAL E 616 -7.28 30.63 -27.86
CA VAL E 616 -6.97 30.63 -26.41
C VAL E 616 -8.27 30.71 -25.63
N PHE E 617 -8.51 29.79 -24.71
CA PHE E 617 -9.80 29.58 -24.06
C PHE E 617 -9.62 29.37 -22.55
N GLN E 618 -10.29 30.15 -21.70
CA GLN E 618 -10.27 29.92 -20.26
C GLN E 618 -11.33 28.89 -19.88
N THR E 619 -10.97 27.95 -19.02
CA THR E 619 -11.86 26.92 -18.46
C THR E 619 -11.61 26.77 -16.95
N ARG E 620 -12.50 26.13 -16.19
CA ARG E 620 -12.26 25.83 -14.76
C ARG E 620 -11.10 24.85 -14.53
N ALA E 621 -10.72 24.08 -15.54
CA ALA E 621 -9.51 23.24 -15.54
C ALA E 621 -8.20 24.03 -15.75
N GLY E 622 -8.26 25.27 -16.24
CA GLY E 622 -7.07 26.02 -16.64
C GLY E 622 -7.21 26.71 -17.99
N CYS E 623 -6.16 27.42 -18.40
CA CYS E 623 -6.11 28.06 -19.71
C CYS E 623 -5.75 27.05 -20.79
N LEU E 624 -6.57 26.89 -21.82
CA LEU E 624 -6.33 25.97 -22.92
C LEU E 624 -5.91 26.75 -24.16
N ILE E 625 -4.70 26.49 -24.64
CA ILE E 625 -4.05 27.18 -25.75
C ILE E 625 -3.87 26.21 -26.91
N GLY E 626 -4.32 26.59 -28.10
CA GLY E 626 -4.14 25.80 -29.32
C GLY E 626 -5.34 24.96 -29.72
N ALA E 627 -6.41 24.96 -28.94
CA ALA E 627 -7.70 24.32 -29.28
C ALA E 627 -8.78 25.37 -29.57
N GLU E 628 -9.51 25.16 -30.66
CA GLU E 628 -10.61 25.98 -31.15
C GLU E 628 -11.87 25.75 -30.32
N HIS E 629 -12.31 26.72 -29.52
CA HIS E 629 -13.59 26.57 -28.80
C HIS E 629 -14.78 26.63 -29.77
N VAL E 630 -15.70 25.67 -29.66
CA VAL E 630 -16.91 25.62 -30.50
C VAL E 630 -18.18 25.57 -29.65
N ASN E 631 -19.26 26.20 -30.10
CA ASN E 631 -20.54 26.26 -29.38
C ASN E 631 -21.35 24.94 -29.48
N ASN E 632 -20.93 23.97 -30.29
CA ASN E 632 -21.56 22.66 -30.35
C ASN E 632 -21.22 21.82 -29.11
N SER E 633 -21.81 20.63 -29.01
CA SER E 633 -21.44 19.62 -28.01
C SER E 633 -21.47 18.22 -28.62
N TYR E 634 -20.58 17.36 -28.14
CA TYR E 634 -20.33 16.01 -28.66
C TYR E 634 -20.12 15.03 -27.51
N GLU E 635 -20.10 13.72 -27.76
CA GLU E 635 -19.53 12.77 -26.80
C GLU E 635 -18.12 13.19 -26.39
N CYS E 636 -17.71 12.98 -25.15
CA CYS E 636 -16.39 13.40 -24.69
C CYS E 636 -15.28 12.54 -25.31
N ASP E 637 -14.40 13.12 -26.11
CA ASP E 637 -13.32 12.39 -26.78
C ASP E 637 -12.02 12.36 -25.95
N ILE E 638 -11.45 13.53 -25.62
CA ILE E 638 -10.34 13.68 -24.67
C ILE E 638 -10.82 14.55 -23.49
N PRO E 639 -10.87 14.05 -22.25
CA PRO E 639 -11.42 14.79 -21.13
C PRO E 639 -10.46 15.84 -20.59
N ILE E 640 -10.83 17.12 -20.64
CA ILE E 640 -10.04 18.23 -20.07
C ILE E 640 -10.44 18.47 -18.61
N GLY E 641 -11.73 18.48 -18.30
CA GLY E 641 -12.22 18.64 -16.93
C GLY E 641 -13.28 19.72 -16.80
N ALA E 642 -14.11 19.65 -15.76
CA ALA E 642 -15.19 20.60 -15.51
C ALA E 642 -16.13 20.79 -16.70
N GLY E 643 -16.54 19.69 -17.31
CA GLY E 643 -17.45 19.62 -18.44
C GLY E 643 -16.79 19.82 -19.80
N ILE E 644 -15.52 20.21 -19.89
CA ILE E 644 -14.84 20.42 -21.17
C ILE E 644 -14.14 19.16 -21.66
N CYS E 645 -14.23 18.91 -22.95
CA CYS E 645 -13.48 17.90 -23.69
C CYS E 645 -12.89 18.51 -24.96
N ALA E 646 -11.92 17.83 -25.57
CA ALA E 646 -11.35 18.23 -26.84
C ALA E 646 -11.26 17.04 -27.80
N SER E 647 -11.16 17.30 -29.09
CA SER E 647 -11.02 16.28 -30.13
C SER E 647 -10.41 16.85 -31.41
N TYR E 648 -9.77 16.01 -32.22
CA TYR E 648 -9.35 16.41 -33.57
C TYR E 648 -10.53 16.22 -34.53
N GLN E 649 -11.05 17.29 -35.11
CA GLN E 649 -12.20 17.30 -36.02
C GLN E 649 -12.12 18.45 -37.03
N THR E 650 -12.89 18.38 -38.13
CA THR E 650 -12.88 19.39 -39.21
C THR E 650 -13.21 20.80 -38.70
N SER E 663 -8.77 21.04 -43.24
CA SER E 663 -9.81 21.62 -42.38
C SER E 663 -9.84 21.03 -40.97
N GLN E 664 -9.04 20.01 -40.70
CA GLN E 664 -8.88 19.43 -39.37
C GLN E 664 -8.20 20.42 -38.40
N SER E 665 -8.67 20.44 -37.16
CA SER E 665 -8.11 21.21 -36.05
C SER E 665 -8.45 20.51 -34.74
N ILE E 666 -7.76 20.83 -33.64
CA ILE E 666 -8.22 20.41 -32.32
C ILE E 666 -9.33 21.37 -31.90
N ILE E 667 -10.54 20.88 -31.72
CA ILE E 667 -11.63 21.64 -31.09
C ILE E 667 -11.70 21.35 -29.60
N ALA E 668 -12.31 22.28 -28.85
CA ALA E 668 -12.71 22.07 -27.47
C ALA E 668 -14.16 22.50 -27.26
N TYR E 669 -14.93 21.72 -26.51
CA TYR E 669 -16.37 21.83 -26.39
C TYR E 669 -16.84 21.39 -25.00
N THR E 670 -18.01 21.86 -24.56
CA THR E 670 -18.68 21.28 -23.39
C THR E 670 -19.30 19.95 -23.75
N MET E 671 -19.01 18.87 -23.03
CA MET E 671 -19.45 17.52 -23.39
C MET E 671 -20.97 17.34 -23.32
N SER E 672 -21.51 16.53 -24.23
CA SER E 672 -22.91 16.16 -24.27
C SER E 672 -23.16 14.91 -23.44
N LEU E 673 -24.17 14.93 -22.57
CA LEU E 673 -24.48 13.82 -21.67
C LEU E 673 -25.34 12.73 -22.34
N GLY E 674 -25.91 13.02 -23.50
CA GLY E 674 -26.80 12.17 -24.26
C GLY E 674 -27.84 13.00 -24.98
N ALA E 675 -28.53 12.44 -25.96
CA ALA E 675 -29.64 13.11 -26.62
C ALA E 675 -30.77 13.44 -25.61
N GLU E 676 -31.35 14.63 -25.64
CA GLU E 676 -32.49 14.96 -24.77
C GLU E 676 -33.76 14.24 -25.26
N ASN E 677 -34.63 13.80 -24.35
CA ASN E 677 -35.83 13.05 -24.70
C ASN E 677 -36.98 13.34 -23.74
N SER E 678 -37.98 14.12 -24.17
CA SER E 678 -39.24 14.25 -23.46
C SER E 678 -40.08 12.99 -23.64
N VAL E 679 -40.16 12.15 -22.61
CA VAL E 679 -41.00 10.94 -22.60
C VAL E 679 -42.46 11.34 -22.70
N ALA E 680 -43.23 10.66 -23.56
CA ALA E 680 -44.59 11.03 -23.95
C ALA E 680 -45.68 10.75 -22.90
N TYR E 681 -45.39 10.96 -21.62
CA TYR E 681 -46.22 10.52 -20.49
C TYR E 681 -47.58 11.23 -20.43
N SER E 682 -48.62 10.47 -20.13
CA SER E 682 -49.91 10.97 -19.65
C SER E 682 -50.60 9.92 -18.78
N ASN E 683 -51.53 10.32 -17.92
CA ASN E 683 -52.27 9.44 -17.01
C ASN E 683 -53.09 8.30 -17.66
N ASN E 684 -53.16 8.17 -18.99
CA ASN E 684 -53.85 7.05 -19.65
C ASN E 684 -53.15 6.54 -20.91
N SER E 685 -51.88 6.82 -21.13
CA SER E 685 -51.13 6.36 -22.31
C SER E 685 -50.09 5.35 -21.90
N ILE E 686 -49.98 4.24 -22.63
CA ILE E 686 -48.94 3.23 -22.44
C ILE E 686 -48.31 2.87 -23.78
N ALA E 687 -47.00 2.71 -23.81
CA ALA E 687 -46.30 2.14 -24.95
C ALA E 687 -46.03 0.66 -24.71
N ILE E 688 -46.41 -0.22 -25.65
CA ILE E 688 -46.10 -1.65 -25.59
C ILE E 688 -45.28 -2.05 -26.83
N PRO E 689 -44.11 -2.69 -26.69
CA PRO E 689 -43.26 -3.10 -27.78
C PRO E 689 -43.95 -4.18 -28.61
N THR E 690 -44.00 -4.04 -29.92
CA THR E 690 -44.70 -4.99 -30.80
C THR E 690 -43.76 -6.00 -31.43
N ASN E 691 -42.46 -5.87 -31.20
CA ASN E 691 -41.41 -6.74 -31.69
C ASN E 691 -40.20 -6.67 -30.73
N PHE E 692 -39.15 -7.41 -30.99
CA PHE E 692 -37.94 -7.45 -30.17
C PHE E 692 -36.69 -7.55 -31.03
N THR E 693 -35.55 -7.30 -30.40
CA THR E 693 -34.26 -7.66 -30.95
C THR E 693 -33.50 -8.50 -29.93
N ILE E 694 -33.06 -9.69 -30.31
CA ILE E 694 -32.14 -10.49 -29.49
C ILE E 694 -30.76 -9.86 -29.58
N SER E 695 -30.37 -9.12 -28.56
CA SER E 695 -29.05 -8.50 -28.49
C SER E 695 -28.02 -9.50 -27.96
N VAL E 696 -26.75 -9.39 -28.35
CA VAL E 696 -25.65 -10.14 -27.74
C VAL E 696 -24.57 -9.15 -27.36
N THR E 697 -24.59 -8.73 -26.12
CA THR E 697 -23.58 -7.83 -25.54
C THR E 697 -22.33 -8.64 -25.24
N THR E 698 -21.14 -8.08 -25.34
CA THR E 698 -19.89 -8.74 -24.91
C THR E 698 -19.33 -8.02 -23.70
N GLU E 699 -19.03 -8.71 -22.61
CA GLU E 699 -18.41 -8.13 -21.41
C GLU E 699 -17.08 -8.76 -21.09
N ILE E 700 -16.02 -7.96 -21.01
CA ILE E 700 -14.66 -8.43 -20.81
C ILE E 700 -14.26 -8.12 -19.37
N LEU E 701 -13.77 -9.10 -18.62
CA LEU E 701 -13.36 -8.97 -17.22
C LEU E 701 -11.96 -9.54 -17.02
N PRO E 702 -11.03 -8.84 -16.36
CA PRO E 702 -9.82 -9.45 -15.85
C PRO E 702 -10.14 -10.49 -14.79
N VAL E 703 -9.34 -11.55 -14.75
CA VAL E 703 -9.51 -12.66 -13.79
C VAL E 703 -8.22 -13.00 -13.10
N SER E 704 -7.07 -12.84 -13.72
CA SER E 704 -5.77 -13.08 -13.11
C SER E 704 -4.80 -12.07 -13.67
N MET E 705 -3.58 -12.04 -13.15
CA MET E 705 -2.51 -11.20 -13.65
C MET E 705 -1.23 -12.00 -13.66
N THR E 706 -0.19 -11.57 -14.38
CA THR E 706 1.00 -12.38 -14.57
C THR E 706 1.61 -12.78 -13.23
N LYS E 707 1.82 -14.09 -12.97
CA LYS E 707 2.38 -14.60 -11.72
C LYS E 707 3.87 -14.32 -11.63
N THR E 708 4.28 -13.09 -11.37
CA THR E 708 5.71 -12.76 -11.18
C THR E 708 6.21 -13.25 -9.83
N SER E 709 7.51 -13.51 -9.72
CA SER E 709 8.20 -13.54 -8.43
C SER E 709 9.59 -12.95 -8.59
N VAL E 710 10.06 -12.23 -7.57
CA VAL E 710 11.38 -11.60 -7.56
C VAL E 710 12.15 -12.16 -6.40
N ASP E 711 13.30 -12.79 -6.64
CA ASP E 711 14.21 -13.17 -5.58
C ASP E 711 14.89 -11.93 -5.02
N CYS E 712 14.39 -11.38 -3.92
CA CYS E 712 14.83 -10.08 -3.46
C CYS E 712 16.31 -10.02 -3.07
N THR E 713 16.98 -11.09 -2.68
CA THR E 713 18.44 -11.05 -2.47
C THR E 713 19.18 -10.94 -3.79
N MET E 714 18.68 -11.56 -4.87
CA MET E 714 19.33 -11.45 -6.16
C MET E 714 19.02 -10.13 -6.87
N TYR E 715 17.85 -9.56 -6.64
CA TYR E 715 17.53 -8.19 -7.05
C TYR E 715 18.38 -7.17 -6.30
N ILE E 716 18.37 -7.18 -4.96
CA ILE E 716 19.08 -6.20 -4.14
C ILE E 716 20.59 -6.35 -4.29
N CYS E 717 21.13 -7.56 -4.26
CA CYS E 717 22.57 -7.83 -4.35
C CYS E 717 22.96 -8.53 -5.66
N GLY E 718 22.68 -9.83 -5.77
CA GLY E 718 23.08 -10.70 -6.89
C GLY E 718 24.57 -11.01 -6.91
N ASP E 719 24.93 -12.27 -6.70
CA ASP E 719 26.31 -12.81 -6.61
C ASP E 719 27.20 -12.27 -5.47
N SER E 720 27.06 -11.02 -5.04
CA SER E 720 27.88 -10.46 -3.97
C SER E 720 27.46 -11.00 -2.62
N THR E 721 28.33 -11.78 -1.97
CA THR E 721 28.11 -12.16 -0.56
C THR E 721 28.41 -11.01 0.38
N GLU E 722 29.19 -10.01 -0.04
CA GLU E 722 29.50 -8.80 0.73
C GLU E 722 28.22 -7.99 0.94
N CYS E 723 27.44 -7.79 -0.12
CA CYS E 723 26.12 -7.20 -0.07
C CYS E 723 25.12 -8.10 0.65
N SER E 724 25.14 -9.40 0.39
CA SER E 724 24.18 -10.32 1.01
C SER E 724 24.34 -10.34 2.53
N ASN E 725 25.57 -10.31 3.06
CA ASN E 725 25.81 -10.22 4.50
C ASN E 725 25.33 -8.88 5.08
N LEU E 726 25.40 -7.76 4.35
CA LEU E 726 24.78 -6.52 4.77
C LEU E 726 23.25 -6.60 4.76
N LEU E 727 22.65 -7.27 3.79
CA LEU E 727 21.21 -7.38 3.68
C LEU E 727 20.61 -8.21 4.82
N LEU E 728 21.38 -9.11 5.45
CA LEU E 728 20.97 -9.82 6.66
C LEU E 728 20.74 -8.88 7.84
N GLN E 729 21.45 -7.75 7.91
CA GLN E 729 21.32 -6.81 9.02
C GLN E 729 19.97 -6.09 9.04
N TYR E 730 19.29 -6.00 7.89
CA TYR E 730 17.91 -5.53 7.74
C TYR E 730 16.86 -6.57 8.14
N GLY E 731 17.27 -7.79 8.46
CA GLY E 731 16.41 -8.86 8.96
C GLY E 731 15.40 -9.36 7.93
N SER E 732 14.21 -9.72 8.41
CA SER E 732 13.18 -10.40 7.63
C SER E 732 12.42 -9.52 6.65
N PHE E 733 12.96 -8.38 6.22
CA PHE E 733 12.38 -7.65 5.09
C PHE E 733 12.36 -8.51 3.84
N CYS E 734 13.49 -9.11 3.47
CA CYS E 734 13.52 -9.88 2.25
C CYS E 734 12.60 -11.10 2.27
N THR E 735 12.54 -11.88 3.35
CA THR E 735 11.64 -13.04 3.41
C THR E 735 10.16 -12.65 3.33
N GLN E 736 9.74 -11.54 3.93
CA GLN E 736 8.35 -11.08 3.82
C GLN E 736 8.03 -10.40 2.49
N LEU E 737 9.02 -9.97 1.70
CA LEU E 737 8.76 -9.63 0.29
C LEU E 737 8.49 -10.88 -0.54
N ASN E 738 9.33 -11.91 -0.41
CA ASN E 738 9.13 -13.19 -1.10
C ASN E 738 7.78 -13.85 -0.72
N ARG E 739 7.37 -13.75 0.54
CA ARG E 739 6.06 -14.21 1.04
C ARG E 739 4.90 -13.43 0.43
N ALA E 740 4.98 -12.11 0.40
CA ALA E 740 3.94 -11.27 -0.20
C ALA E 740 3.75 -11.52 -1.69
N LEU E 741 4.81 -11.60 -2.50
CA LEU E 741 4.70 -11.95 -3.91
C LEU E 741 4.18 -13.37 -4.09
N THR E 742 4.60 -14.34 -3.28
CA THR E 742 4.09 -15.72 -3.35
C THR E 742 2.62 -15.82 -3.02
N GLY E 743 2.11 -15.07 -2.05
CA GLY E 743 0.68 -15.00 -1.75
C GLY E 743 -0.15 -14.42 -2.90
N ILE E 744 0.39 -13.43 -3.63
CA ILE E 744 -0.22 -12.92 -4.88
C ILE E 744 -0.23 -14.00 -5.94
N ALA E 745 0.88 -14.70 -6.17
CA ALA E 745 0.99 -15.72 -7.21
C ALA E 745 0.06 -16.92 -6.97
N VAL E 746 -0.02 -17.44 -5.76
CA VAL E 746 -0.97 -18.51 -5.39
C VAL E 746 -2.43 -18.06 -5.53
N GLU E 747 -2.73 -16.80 -5.23
CA GLU E 747 -4.05 -16.23 -5.43
C GLU E 747 -4.46 -16.20 -6.90
N GLN E 748 -3.54 -15.99 -7.85
CA GLN E 748 -3.91 -15.91 -9.26
C GLN E 748 -4.49 -17.22 -9.78
N ASP E 749 -4.03 -18.34 -9.25
CA ASP E 749 -4.64 -19.63 -9.53
C ASP E 749 -5.98 -19.77 -8.85
N LYS E 750 -6.15 -19.34 -7.61
CA LYS E 750 -7.47 -19.30 -6.93
C LYS E 750 -8.47 -18.43 -7.69
N ASN E 751 -8.10 -17.23 -8.11
CA ASN E 751 -8.92 -16.36 -8.94
C ASN E 751 -9.38 -17.04 -10.22
N THR E 752 -8.47 -17.70 -10.93
CA THR E 752 -8.78 -18.41 -12.17
C THR E 752 -9.65 -19.64 -11.91
N GLN E 753 -9.34 -20.42 -10.88
CA GLN E 753 -10.07 -21.63 -10.51
C GLN E 753 -11.51 -21.32 -10.14
N GLU E 754 -11.77 -20.31 -9.31
CA GLU E 754 -13.12 -19.95 -8.88
C GLU E 754 -14.01 -19.47 -10.02
N VAL E 755 -13.44 -18.85 -11.06
CA VAL E 755 -14.19 -18.40 -12.22
C VAL E 755 -14.58 -19.58 -13.09
N PHE E 756 -13.63 -20.37 -13.57
CA PHE E 756 -13.89 -21.36 -14.61
C PHE E 756 -14.28 -22.74 -14.07
N ALA E 757 -13.73 -23.18 -12.93
CA ALA E 757 -13.97 -24.51 -12.38
C ALA E 757 -15.33 -24.66 -11.69
N GLN E 758 -16.35 -23.93 -12.13
CA GLN E 758 -17.71 -23.99 -11.60
C GLN E 758 -18.52 -25.20 -12.08
N VAL E 759 -17.89 -26.05 -12.88
CA VAL E 759 -18.48 -27.21 -13.53
C VAL E 759 -17.78 -28.47 -13.05
N LYS E 760 -18.53 -29.42 -12.49
CA LYS E 760 -17.96 -30.61 -11.87
C LYS E 760 -17.56 -31.70 -12.86
N GLN E 761 -18.20 -31.72 -14.03
CA GLN E 761 -17.95 -32.66 -15.12
C GLN E 761 -17.56 -31.88 -16.36
N ILE E 762 -16.71 -32.42 -17.21
CA ILE E 762 -16.44 -31.83 -18.51
C ILE E 762 -17.58 -32.25 -19.42
N TYR E 763 -18.68 -31.51 -19.40
CA TYR E 763 -19.76 -31.72 -20.34
C TYR E 763 -19.28 -31.53 -21.76
N LYS E 764 -19.85 -32.25 -22.71
CA LYS E 764 -19.54 -32.09 -24.12
C LYS E 764 -20.79 -32.22 -24.99
N THR E 765 -20.80 -31.51 -26.11
CA THR E 765 -21.95 -31.43 -27.03
C THR E 765 -22.12 -32.70 -27.86
N PRO E 766 -23.35 -33.03 -28.28
CA PRO E 766 -23.64 -34.17 -29.16
C PRO E 766 -22.93 -34.09 -30.52
N PRO E 767 -22.89 -35.21 -31.27
CA PRO E 767 -22.44 -35.21 -32.66
C PRO E 767 -23.33 -34.36 -33.58
N ILE E 768 -24.65 -34.33 -33.35
CA ILE E 768 -25.64 -33.61 -34.16
C ILE E 768 -26.05 -32.31 -33.46
N LYS E 769 -25.97 -31.18 -34.17
CA LYS E 769 -26.20 -29.83 -33.67
C LYS E 769 -27.65 -29.37 -33.92
N ASP E 770 -28.62 -30.18 -33.52
CA ASP E 770 -30.05 -29.91 -33.68
C ASP E 770 -30.59 -28.95 -32.60
N PHE E 771 -30.00 -27.76 -32.48
CA PHE E 771 -30.37 -26.71 -31.51
C PHE E 771 -31.52 -25.78 -31.97
N GLY E 772 -32.48 -26.28 -32.72
CA GLY E 772 -33.67 -25.51 -33.10
C GLY E 772 -33.41 -24.29 -33.98
N GLY E 773 -32.27 -24.22 -34.66
CA GLY E 773 -31.88 -23.13 -35.56
C GLY E 773 -30.75 -22.24 -35.04
N PHE E 774 -30.48 -22.25 -33.75
CA PHE E 774 -29.43 -21.42 -33.15
C PHE E 774 -28.06 -22.03 -33.48
N ASN E 775 -27.07 -21.21 -33.81
CA ASN E 775 -25.77 -21.65 -34.32
C ASN E 775 -24.61 -21.20 -33.43
N PHE E 776 -24.25 -22.07 -32.47
CA PHE E 776 -23.13 -21.84 -31.56
C PHE E 776 -21.77 -22.19 -32.13
N SER E 777 -21.63 -22.61 -33.39
CA SER E 777 -20.36 -23.11 -33.94
C SER E 777 -19.18 -22.13 -33.83
N GLN E 778 -19.41 -20.82 -33.80
CA GLN E 778 -18.36 -19.81 -33.61
C GLN E 778 -17.84 -19.73 -32.17
N ILE E 779 -18.61 -20.20 -31.19
CA ILE E 779 -18.30 -20.16 -29.75
C ILE E 779 -18.06 -21.55 -29.15
N LEU E 780 -18.47 -22.63 -29.82
CA LEU E 780 -18.10 -24.00 -29.48
C LEU E 780 -16.66 -24.35 -29.91
N PRO E 781 -16.02 -25.36 -29.31
CA PRO E 781 -14.64 -25.73 -29.62
C PRO E 781 -14.41 -26.06 -31.08
N ASP E 782 -13.22 -25.74 -31.57
CA ASP E 782 -12.75 -26.06 -32.91
C ASP E 782 -11.65 -27.13 -32.82
N PRO E 783 -11.88 -28.38 -33.26
CA PRO E 783 -10.85 -29.42 -33.26
C PRO E 783 -9.69 -29.17 -34.23
N SER E 784 -9.78 -28.20 -35.13
CA SER E 784 -8.79 -27.92 -36.20
C SER E 784 -7.47 -27.32 -35.68
N LYS E 785 -7.29 -27.24 -34.36
CA LYS E 785 -6.38 -26.34 -33.67
C LYS E 785 -5.47 -27.09 -32.67
N PRO E 786 -4.24 -26.60 -32.42
CA PRO E 786 -3.30 -27.18 -31.46
C PRO E 786 -3.74 -27.00 -29.99
N SER E 787 -4.63 -26.05 -29.71
CA SER E 787 -5.46 -25.93 -28.52
C SER E 787 -6.90 -25.71 -28.99
N LYS E 788 -7.90 -26.43 -28.49
CA LYS E 788 -9.26 -26.45 -29.07
C LYS E 788 -10.11 -25.26 -28.62
N ARG E 789 -9.57 -24.06 -28.71
CA ARG E 789 -10.30 -22.79 -28.52
C ARG E 789 -11.40 -22.69 -29.56
N SER E 790 -12.52 -22.06 -29.25
CA SER E 790 -13.54 -21.74 -30.24
C SER E 790 -13.04 -20.70 -31.24
N PHE E 791 -13.79 -20.43 -32.31
CA PHE E 791 -13.41 -19.39 -33.25
C PHE E 791 -13.31 -18.00 -32.60
N ILE E 792 -14.25 -17.63 -31.73
CA ILE E 792 -14.18 -16.39 -30.96
C ILE E 792 -13.07 -16.42 -29.92
N GLU E 793 -12.83 -17.52 -29.20
CA GLU E 793 -11.69 -17.60 -28.29
C GLU E 793 -10.35 -17.43 -29.00
N ASP E 794 -10.19 -17.80 -30.27
CA ASP E 794 -9.00 -17.44 -31.04
C ASP E 794 -8.89 -15.93 -31.34
N LEU E 795 -9.98 -15.25 -31.69
CA LEU E 795 -9.93 -13.80 -31.89
C LEU E 795 -9.51 -13.08 -30.60
N LEU E 796 -10.10 -13.43 -29.47
CA LEU E 796 -9.77 -12.88 -28.16
C LEU E 796 -8.30 -13.13 -27.82
N PHE E 797 -7.76 -14.32 -28.12
CA PHE E 797 -6.36 -14.62 -27.84
C PHE E 797 -5.39 -13.87 -28.77
N ASN E 798 -5.76 -13.60 -30.02
CA ASN E 798 -4.91 -12.83 -30.95
C ASN E 798 -4.83 -11.34 -30.59
N LYS E 799 -5.93 -10.76 -30.07
CA LYS E 799 -6.09 -9.33 -29.73
C LYS E 799 -5.40 -8.87 -28.43
N VAL E 800 -4.67 -9.73 -27.71
CA VAL E 800 -3.90 -9.36 -26.51
C VAL E 800 -2.44 -9.78 -26.68
N THR E 801 -1.49 -8.90 -26.36
CA THR E 801 -0.05 -9.15 -26.56
C THR E 801 0.47 -10.34 -25.74
N LYS E 828 14.79 -9.79 -16.98
CA LYS E 828 14.56 -11.24 -16.96
C LYS E 828 15.65 -12.03 -16.23
N PHE E 829 16.78 -11.40 -15.92
CA PHE E 829 17.92 -12.02 -15.24
C PHE E 829 18.25 -11.43 -13.86
N ASN E 830 17.66 -10.30 -13.48
CA ASN E 830 17.92 -9.62 -12.21
C ASN E 830 17.10 -10.22 -11.05
N GLY E 831 16.92 -11.54 -11.00
CA GLY E 831 16.10 -12.23 -10.00
C GLY E 831 14.59 -12.24 -10.28
N LEU E 832 14.13 -11.45 -11.26
CA LEU E 832 12.77 -11.46 -11.79
C LEU E 832 12.47 -12.78 -12.51
N THR E 833 11.31 -13.38 -12.27
CA THR E 833 10.83 -14.60 -12.93
C THR E 833 9.32 -14.56 -13.12
N VAL E 834 8.81 -15.22 -14.15
CA VAL E 834 7.38 -15.43 -14.36
C VAL E 834 7.07 -16.91 -14.19
N LEU E 835 6.25 -17.24 -13.21
CA LEU E 835 5.80 -18.60 -12.94
C LEU E 835 4.59 -18.89 -13.85
N PRO E 836 4.42 -20.09 -14.42
CA PRO E 836 3.25 -20.37 -15.24
C PRO E 836 1.97 -20.48 -14.41
N PRO E 837 0.78 -20.20 -14.98
CA PRO E 837 -0.48 -20.52 -14.34
C PRO E 837 -0.64 -22.02 -14.13
N LEU E 838 -1.45 -22.44 -13.15
CA LEU E 838 -1.75 -23.85 -12.93
C LEU E 838 -2.53 -24.43 -14.09
N LEU E 839 -3.65 -23.83 -14.45
CA LEU E 839 -4.46 -24.24 -15.59
C LEU E 839 -3.85 -23.66 -16.86
N THR E 840 -3.43 -24.50 -17.80
CA THR E 840 -2.97 -24.03 -19.11
C THR E 840 -4.11 -23.36 -19.85
N ASP E 841 -3.82 -22.54 -20.86
CA ASP E 841 -4.88 -21.92 -21.67
C ASP E 841 -5.81 -22.95 -22.33
N GLU E 842 -5.29 -24.14 -22.62
CA GLU E 842 -6.04 -25.28 -23.15
C GLU E 842 -6.99 -25.90 -22.11
N MET E 843 -6.62 -25.95 -20.83
CA MET E 843 -7.50 -26.37 -19.76
C MET E 843 -8.58 -25.35 -19.47
N ILE E 844 -8.25 -24.06 -19.45
CA ILE E 844 -9.23 -22.98 -19.36
C ILE E 844 -10.23 -23.05 -20.52
N ALA E 845 -9.75 -23.24 -21.75
CA ALA E 845 -10.63 -23.42 -22.90
C ALA E 845 -11.43 -24.73 -22.85
N GLN E 846 -11.04 -25.70 -22.03
CA GLN E 846 -11.80 -26.93 -21.81
C GLN E 846 -12.86 -26.78 -20.71
N TYR E 847 -12.67 -25.91 -19.73
CA TYR E 847 -13.74 -25.48 -18.84
C TYR E 847 -14.78 -24.62 -19.53
N THR E 848 -14.41 -23.61 -20.32
CA THR E 848 -15.39 -22.83 -21.10
C THR E 848 -16.15 -23.72 -22.07
N SER E 849 -15.52 -24.71 -22.68
CA SER E 849 -16.21 -25.76 -23.46
C SER E 849 -17.26 -26.50 -22.66
N ALA E 850 -16.98 -26.89 -21.42
CA ALA E 850 -17.92 -27.60 -20.57
C ALA E 850 -19.09 -26.72 -20.13
N LEU E 851 -18.81 -25.46 -19.77
CA LEU E 851 -19.82 -24.46 -19.44
C LEU E 851 -20.73 -24.17 -20.63
N LEU E 852 -20.20 -24.07 -21.85
CA LEU E 852 -20.97 -23.96 -23.08
C LEU E 852 -21.85 -25.19 -23.27
N ALA E 853 -21.26 -26.38 -23.30
CA ALA E 853 -21.98 -27.60 -23.61
C ALA E 853 -23.06 -27.96 -22.60
N GLY E 854 -22.81 -27.70 -21.31
CA GLY E 854 -23.81 -27.81 -20.25
C GLY E 854 -24.92 -26.79 -20.46
N THR E 855 -24.58 -25.51 -20.65
CA THR E 855 -25.56 -24.43 -20.88
C THR E 855 -26.45 -24.71 -22.06
N ILE E 856 -25.92 -25.14 -23.19
CA ILE E 856 -26.67 -25.39 -24.41
C ILE E 856 -27.55 -26.62 -24.25
N THR E 857 -27.02 -27.74 -23.75
CA THR E 857 -27.80 -28.98 -23.73
C THR E 857 -28.75 -29.11 -22.55
N SER E 858 -28.56 -28.40 -21.46
CA SER E 858 -29.29 -28.61 -20.21
C SER E 858 -29.78 -27.36 -19.49
N GLY E 859 -29.57 -26.15 -19.98
CA GLY E 859 -30.06 -24.93 -19.36
C GLY E 859 -29.36 -24.61 -18.06
N TRP E 860 -30.08 -24.06 -17.09
CA TRP E 860 -29.55 -23.80 -15.74
C TRP E 860 -29.36 -25.07 -14.89
N THR E 861 -29.91 -26.21 -15.31
CA THR E 861 -30.03 -27.38 -14.46
C THR E 861 -28.68 -27.96 -14.03
N PHE E 862 -27.63 -27.85 -14.85
CA PHE E 862 -26.29 -28.34 -14.51
C PHE E 862 -25.57 -27.54 -13.42
N GLY E 863 -26.13 -26.40 -13.02
CA GLY E 863 -25.69 -25.66 -11.84
C GLY E 863 -26.29 -26.25 -10.55
N ALA E 864 -27.59 -26.53 -10.57
CA ALA E 864 -28.32 -27.05 -9.42
C ALA E 864 -28.05 -28.53 -9.14
N GLY E 865 -28.05 -29.38 -10.15
CA GLY E 865 -27.93 -30.83 -10.03
C GLY E 865 -27.03 -31.42 -11.11
N ALA E 866 -27.30 -32.65 -11.52
CA ALA E 866 -26.77 -33.16 -12.78
C ALA E 866 -27.38 -32.40 -13.95
N ALA E 867 -26.68 -32.27 -15.07
CA ALA E 867 -27.24 -31.70 -16.29
C ALA E 867 -28.46 -32.52 -16.75
N LEU E 868 -29.64 -31.93 -16.72
CA LEU E 868 -30.87 -32.52 -17.26
C LEU E 868 -31.00 -32.07 -18.70
N GLN E 869 -30.96 -32.96 -19.69
CA GLN E 869 -31.07 -32.49 -21.07
C GLN E 869 -32.43 -31.84 -21.31
N ILE E 870 -32.48 -30.81 -22.14
CA ILE E 870 -33.71 -30.21 -22.64
C ILE E 870 -33.47 -29.67 -24.05
N PRO E 871 -34.41 -29.76 -25.01
CA PRO E 871 -34.21 -29.20 -26.34
C PRO E 871 -33.94 -27.71 -26.28
N PHE E 872 -33.01 -27.19 -27.05
CA PHE E 872 -32.61 -25.78 -26.91
C PHE E 872 -33.77 -24.81 -27.20
N ALA E 873 -34.65 -25.16 -28.13
CA ALA E 873 -35.88 -24.44 -28.38
C ALA E 873 -36.79 -24.30 -27.14
N MET E 874 -36.89 -25.32 -26.28
CA MET E 874 -37.69 -25.27 -25.06
C MET E 874 -36.97 -24.59 -23.91
N GLN E 875 -35.65 -24.70 -23.83
CA GLN E 875 -34.85 -23.92 -22.91
C GLN E 875 -34.94 -22.44 -23.18
N MET E 876 -35.01 -22.00 -24.43
CA MET E 876 -35.24 -20.58 -24.71
C MET E 876 -36.67 -20.17 -24.40
N ALA E 877 -37.66 -21.01 -24.64
CA ALA E 877 -39.02 -20.77 -24.21
C ALA E 877 -39.15 -20.62 -22.69
N TYR E 878 -38.41 -21.38 -21.90
CA TYR E 878 -38.29 -21.15 -20.45
C TYR E 878 -37.70 -19.78 -20.15
N ARG E 879 -36.61 -19.38 -20.81
CA ARG E 879 -35.93 -18.11 -20.57
C ARG E 879 -36.77 -16.91 -21.01
N PHE E 880 -37.65 -17.03 -22.00
CA PHE E 880 -38.69 -16.04 -22.29
C PHE E 880 -39.69 -15.95 -21.15
N ASN E 881 -40.17 -17.06 -20.61
CA ASN E 881 -40.99 -17.02 -19.41
C ASN E 881 -40.27 -16.36 -18.23
N GLY E 882 -38.95 -16.53 -18.10
CA GLY E 882 -38.18 -15.89 -17.03
C GLY E 882 -38.12 -14.38 -17.10
N ILE E 883 -38.26 -13.78 -18.29
CA ILE E 883 -38.35 -12.33 -18.49
C ILE E 883 -39.79 -11.81 -18.58
N GLY E 884 -40.78 -12.66 -18.39
CA GLY E 884 -42.19 -12.26 -18.39
C GLY E 884 -42.82 -12.16 -19.77
N VAL E 885 -42.25 -12.83 -20.78
CA VAL E 885 -42.80 -12.94 -22.14
C VAL E 885 -43.36 -14.35 -22.29
N THR E 886 -44.62 -14.53 -22.68
CA THR E 886 -45.25 -15.85 -22.70
C THR E 886 -44.60 -16.74 -23.73
N GLN E 887 -44.39 -18.03 -23.45
CA GLN E 887 -43.51 -18.86 -24.27
C GLN E 887 -43.97 -19.08 -25.70
N ASN E 888 -45.25 -18.95 -26.01
CA ASN E 888 -45.73 -18.98 -27.39
C ASN E 888 -45.08 -17.90 -28.25
N VAL E 889 -44.70 -16.77 -27.67
CA VAL E 889 -43.93 -15.73 -28.37
C VAL E 889 -42.63 -16.29 -28.90
N LEU E 890 -41.96 -17.24 -28.25
CA LEU E 890 -40.77 -17.84 -28.83
C LEU E 890 -41.14 -18.84 -29.92
N TYR E 891 -41.99 -19.81 -29.64
CA TYR E 891 -42.25 -20.87 -30.59
C TYR E 891 -42.89 -20.39 -31.89
N GLU E 892 -43.67 -19.31 -31.84
CA GLU E 892 -44.27 -18.69 -33.01
C GLU E 892 -43.29 -17.79 -33.77
N ASN E 893 -42.17 -17.40 -33.17
CA ASN E 893 -41.13 -16.55 -33.78
C ASN E 893 -39.76 -17.23 -33.76
N GLN E 894 -39.67 -18.56 -33.71
CA GLN E 894 -38.42 -19.25 -33.40
C GLN E 894 -37.37 -19.06 -34.48
N LYS E 895 -37.75 -19.04 -35.76
CA LYS E 895 -36.82 -18.74 -36.87
C LYS E 895 -36.33 -17.32 -36.82
N LEU E 896 -37.21 -16.33 -36.59
CA LEU E 896 -36.83 -14.93 -36.41
C LEU E 896 -35.81 -14.78 -35.28
N ILE E 897 -36.11 -15.31 -34.11
CA ILE E 897 -35.26 -15.26 -32.92
C ILE E 897 -33.92 -15.92 -33.17
N ALA E 898 -33.89 -17.08 -33.81
CA ALA E 898 -32.67 -17.80 -34.12
C ALA E 898 -31.79 -17.06 -35.13
N ASN E 899 -32.38 -16.49 -36.18
CA ASN E 899 -31.69 -15.62 -37.13
C ASN E 899 -31.12 -14.38 -36.45
N GLN E 900 -31.83 -13.73 -35.54
CA GLN E 900 -31.31 -12.60 -34.77
C GLN E 900 -30.13 -13.02 -33.90
N PHE E 901 -30.19 -14.14 -33.19
CA PHE E 901 -29.05 -14.64 -32.42
C PHE E 901 -27.84 -14.95 -33.31
N ASN E 902 -28.03 -15.67 -34.41
CA ASN E 902 -26.94 -16.04 -35.32
C ASN E 902 -26.24 -14.80 -35.90
N SER E 903 -27.03 -13.82 -36.34
CA SER E 903 -26.52 -12.53 -36.80
C SER E 903 -25.77 -11.76 -35.73
N ALA E 904 -26.25 -11.74 -34.49
CA ALA E 904 -25.60 -11.06 -33.38
C ALA E 904 -24.27 -11.70 -32.99
N ILE E 905 -24.10 -13.02 -33.09
CA ILE E 905 -22.78 -13.67 -32.97
C ILE E 905 -21.86 -13.29 -34.14
N GLY E 906 -22.40 -13.15 -35.35
CA GLY E 906 -21.71 -12.56 -36.50
C GLY E 906 -21.17 -11.17 -36.18
N LYS E 907 -22.01 -10.25 -35.71
CA LYS E 907 -21.62 -8.89 -35.32
C LYS E 907 -20.53 -8.90 -34.24
N ILE E 908 -20.56 -9.84 -33.29
CA ILE E 908 -19.47 -10.00 -32.32
C ILE E 908 -18.16 -10.39 -33.00
N GLN E 909 -18.13 -11.38 -33.89
CA GLN E 909 -16.85 -11.79 -34.49
C GLN E 909 -16.34 -10.75 -35.51
N ASP E 910 -17.20 -10.01 -36.18
CA ASP E 910 -16.83 -8.89 -37.05
C ASP E 910 -16.22 -7.73 -36.24
N SER E 911 -16.88 -7.33 -35.16
CA SER E 911 -16.35 -6.40 -34.18
C SER E 911 -15.00 -6.87 -33.64
N LEU E 912 -14.89 -8.12 -33.14
CA LEU E 912 -13.64 -8.64 -32.56
C LEU E 912 -12.51 -8.75 -33.60
N SER E 913 -12.80 -9.08 -34.85
CA SER E 913 -11.80 -9.12 -35.93
C SER E 913 -11.27 -7.73 -36.28
N SER E 914 -12.18 -6.75 -36.39
CA SER E 914 -11.87 -5.39 -36.89
C SER E 914 -11.36 -4.41 -35.84
N THR E 915 -11.73 -4.54 -34.56
CA THR E 915 -11.66 -3.44 -33.58
C THR E 915 -10.79 -3.80 -32.37
N ALA E 916 -9.57 -3.27 -32.32
CA ALA E 916 -8.57 -3.63 -31.32
C ALA E 916 -8.87 -3.15 -29.89
N SER E 917 -9.63 -2.06 -29.75
CA SER E 917 -9.97 -1.43 -28.46
C SER E 917 -10.97 -2.21 -27.60
N ALA E 918 -11.54 -3.31 -28.10
CA ALA E 918 -12.48 -4.15 -27.36
C ALA E 918 -11.81 -4.80 -26.12
N LEU E 919 -10.67 -5.46 -26.30
CA LEU E 919 -9.92 -6.16 -25.25
C LEU E 919 -9.16 -5.23 -24.29
N GLY E 920 -9.29 -3.92 -24.42
CA GLY E 920 -8.46 -2.92 -23.74
C GLY E 920 -8.34 -3.06 -22.23
N LYS E 921 -9.34 -3.65 -21.57
CA LYS E 921 -9.34 -3.92 -20.12
C LYS E 921 -8.38 -5.03 -19.69
N LEU E 922 -8.22 -6.08 -20.50
CA LEU E 922 -7.20 -7.12 -20.31
C LEU E 922 -5.84 -6.57 -20.72
N GLN E 923 -5.74 -5.88 -21.85
CA GLN E 923 -4.47 -5.28 -22.28
C GLN E 923 -3.94 -4.25 -21.27
N ASP E 924 -4.80 -3.48 -20.60
CA ASP E 924 -4.42 -2.57 -19.52
C ASP E 924 -3.76 -3.31 -18.35
N VAL E 925 -4.28 -4.46 -17.95
CA VAL E 925 -3.65 -5.28 -16.90
C VAL E 925 -2.30 -5.82 -17.35
N VAL E 926 -2.16 -6.31 -18.58
CA VAL E 926 -0.85 -6.72 -19.13
C VAL E 926 0.12 -5.52 -19.14
N ASN E 927 -0.33 -4.34 -19.56
CA ASN E 927 0.48 -3.12 -19.57
C ASN E 927 0.88 -2.68 -18.16
N GLN E 928 0.01 -2.74 -17.15
CA GLN E 928 0.35 -2.40 -15.78
C GLN E 928 1.37 -3.35 -15.17
N ASN E 929 1.28 -4.65 -15.42
CA ASN E 929 2.31 -5.59 -14.97
C ASN E 929 3.64 -5.32 -15.68
N ALA E 930 3.64 -5.14 -17.00
CA ALA E 930 4.85 -4.87 -17.78
C ALA E 930 5.53 -3.57 -17.32
N GLN E 931 4.78 -2.50 -17.13
CA GLN E 931 5.29 -1.21 -16.70
C GLN E 931 5.86 -1.22 -15.28
N ALA E 932 5.27 -1.99 -14.37
CA ALA E 932 5.77 -2.16 -13.02
C ALA E 932 7.07 -2.98 -12.97
N LEU E 933 7.23 -4.04 -13.77
CA LEU E 933 8.51 -4.72 -13.92
C LEU E 933 9.55 -3.84 -14.59
N ASN E 934 9.23 -3.13 -15.67
CA ASN E 934 10.19 -2.24 -16.30
C ASN E 934 10.70 -1.17 -15.35
N THR E 935 9.82 -0.59 -14.51
CA THR E 935 10.19 0.40 -13.50
C THR E 935 11.09 -0.21 -12.43
N LEU E 936 10.79 -1.44 -11.99
CA LEU E 936 11.60 -2.18 -11.02
C LEU E 936 13.00 -2.48 -11.57
N VAL E 937 13.15 -2.83 -12.85
CA VAL E 937 14.46 -3.11 -13.46
C VAL E 937 15.25 -1.83 -13.72
N LYS E 938 14.62 -0.78 -14.21
CA LYS E 938 15.26 0.54 -14.37
C LYS E 938 15.75 1.10 -13.04
N GLN E 939 15.13 0.78 -11.91
CA GLN E 939 15.63 1.18 -10.60
C GLN E 939 16.94 0.51 -10.19
N LEU E 940 17.46 -0.48 -10.92
CA LEU E 940 18.83 -0.96 -10.71
C LEU E 940 19.88 -0.01 -11.32
N SER E 941 19.49 0.89 -12.23
CA SER E 941 20.39 1.88 -12.81
C SER E 941 20.70 3.07 -11.90
N SER E 942 19.96 3.25 -10.80
CA SER E 942 20.06 4.41 -9.92
C SER E 942 21.21 4.30 -8.94
N ASN E 943 21.81 5.43 -8.57
CA ASN E 943 22.85 5.46 -7.54
C ASN E 943 22.30 5.43 -6.11
N PHE E 944 21.16 6.08 -5.85
CA PHE E 944 20.66 6.36 -4.49
C PHE E 944 21.69 7.08 -3.59
N GLY E 945 22.69 7.73 -4.18
CA GLY E 945 23.80 8.39 -3.53
C GLY E 945 25.13 7.62 -3.52
N ALA E 946 25.18 6.37 -3.96
CA ALA E 946 26.42 5.62 -4.06
C ALA E 946 27.36 6.21 -5.14
N ILE E 947 28.64 5.84 -5.16
CA ILE E 947 29.56 6.22 -6.26
C ILE E 947 29.15 5.66 -7.62
N SER E 948 28.43 4.53 -7.67
CA SER E 948 27.87 3.99 -8.90
C SER E 948 26.67 3.09 -8.65
N SER E 949 25.82 2.93 -9.66
CA SER E 949 24.71 1.97 -9.70
C SER E 949 25.19 0.53 -9.72
N VAL E 950 26.34 0.24 -10.31
CA VAL E 950 26.89 -1.11 -10.46
C VAL E 950 27.65 -1.50 -9.20
N LEU E 951 27.24 -2.59 -8.58
CA LEU E 951 27.77 -3.06 -7.30
C LEU E 951 29.12 -3.78 -7.45
N ASN E 952 29.36 -4.47 -8.55
CA ASN E 952 30.70 -4.98 -8.84
C ASN E 952 31.74 -3.87 -9.09
N ASP E 953 31.34 -2.66 -9.47
CA ASP E 953 32.25 -1.51 -9.51
C ASP E 953 32.59 -1.02 -8.10
N ILE E 954 31.62 -0.88 -7.21
CA ILE E 954 31.86 -0.52 -5.81
C ILE E 954 32.83 -1.50 -5.16
N LEU E 955 32.60 -2.80 -5.31
CA LEU E 955 33.40 -3.84 -4.67
C LEU E 955 34.77 -4.00 -5.29
N SER E 956 34.94 -3.74 -6.60
CA SER E 956 36.26 -3.83 -7.24
C SER E 956 37.12 -2.60 -6.98
N ARG E 957 36.53 -1.41 -6.78
CA ARG E 957 37.27 -0.19 -6.49
C ARG E 957 37.61 0.03 -5.03
N LEU E 958 36.76 -0.40 -4.09
CA LEU E 958 36.89 -0.05 -2.68
C LEU E 958 37.12 -1.25 -1.76
N ASP E 959 37.94 -1.06 -0.74
CA ASP E 959 38.12 -1.98 0.38
C ASP E 959 36.94 -1.94 1.37
N PRO E 960 36.68 -3.00 2.15
CA PRO E 960 35.40 -3.21 2.82
C PRO E 960 34.88 -2.07 3.71
N PRO E 961 35.67 -1.40 4.56
CA PRO E 961 35.14 -0.40 5.49
C PRO E 961 34.47 0.78 4.78
N GLU E 962 35.04 1.18 3.65
CA GLU E 962 34.53 2.26 2.80
C GLU E 962 33.61 1.78 1.69
N ALA E 963 33.71 0.53 1.24
CA ALA E 963 32.74 -0.07 0.34
C ALA E 963 31.37 -0.25 1.00
N GLU E 964 31.30 -0.72 2.25
CA GLU E 964 30.03 -0.96 2.96
C GLU E 964 29.14 0.27 3.05
N VAL E 965 29.70 1.48 3.13
CA VAL E 965 28.94 2.74 3.11
C VAL E 965 28.18 2.93 1.80
N GLN E 966 28.83 2.60 0.69
CA GLN E 966 28.27 2.73 -0.66
C GLN E 966 27.28 1.62 -0.98
N ILE E 967 27.56 0.39 -0.54
CA ILE E 967 26.65 -0.75 -0.72
C ILE E 967 25.38 -0.57 0.11
N ASP E 968 25.47 -0.01 1.31
CA ASP E 968 24.30 0.26 2.13
C ASP E 968 23.38 1.32 1.51
N ARG E 969 23.88 2.24 0.68
CA ARG E 969 23.02 3.14 -0.12
C ARG E 969 22.26 2.36 -1.19
N LEU E 970 22.94 1.48 -1.92
CA LEU E 970 22.31 0.61 -2.90
C LEU E 970 21.28 -0.32 -2.26
N ILE E 971 21.58 -0.97 -1.15
CA ILE E 971 20.64 -1.83 -0.42
C ILE E 971 19.42 -1.05 0.01
N THR E 972 19.58 0.15 0.58
CA THR E 972 18.46 0.99 1.02
C THR E 972 17.53 1.34 -0.13
N GLY E 973 18.05 1.83 -1.25
CA GLY E 973 17.23 2.24 -2.38
C GLY E 973 16.64 1.08 -3.16
N ARG E 974 17.39 0.01 -3.36
CA ARG E 974 16.89 -1.21 -4.00
C ARG E 974 15.83 -1.87 -3.15
N LEU E 975 15.98 -1.96 -1.83
CA LEU E 975 14.94 -2.49 -0.96
C LEU E 975 13.69 -1.61 -0.95
N GLN E 976 13.83 -0.30 -0.91
CA GLN E 976 12.70 0.65 -0.99
C GLN E 976 11.96 0.61 -2.32
N SER E 977 12.65 0.42 -3.44
CA SER E 977 12.02 0.25 -4.77
C SER E 977 11.41 -1.13 -4.97
N LEU E 978 11.91 -2.15 -4.28
CA LEU E 978 11.23 -3.44 -4.14
C LEU E 978 9.96 -3.35 -3.29
N GLN E 979 10.00 -2.71 -2.11
CA GLN E 979 8.80 -2.52 -1.28
C GLN E 979 7.75 -1.67 -1.99
N THR E 980 8.15 -0.69 -2.77
CA THR E 980 7.23 0.11 -3.60
C THR E 980 6.56 -0.76 -4.65
N TYR E 981 7.30 -1.64 -5.32
CA TYR E 981 6.76 -2.59 -6.27
C TYR E 981 5.81 -3.60 -5.64
N VAL E 982 6.22 -4.28 -4.57
CA VAL E 982 5.41 -5.29 -3.89
C VAL E 982 4.17 -4.68 -3.26
N THR E 983 4.24 -3.47 -2.71
CA THR E 983 3.06 -2.77 -2.22
C THR E 983 2.06 -2.50 -3.33
N GLN E 984 2.50 -1.93 -4.46
CA GLN E 984 1.60 -1.65 -5.57
C GLN E 984 1.04 -2.92 -6.19
N GLN E 985 1.80 -4.01 -6.25
CA GLN E 985 1.31 -5.32 -6.68
C GLN E 985 0.32 -5.97 -5.71
N LEU E 986 0.46 -5.82 -4.39
CA LEU E 986 -0.54 -6.28 -3.42
C LEU E 986 -1.86 -5.55 -3.58
N ILE E 987 -1.81 -4.24 -3.82
CA ILE E 987 -2.99 -3.41 -4.07
C ILE E 987 -3.64 -3.77 -5.40
N ARG E 988 -2.86 -3.93 -6.45
CA ARG E 988 -3.32 -4.34 -7.78
C ARG E 988 -3.87 -5.76 -7.81
N ALA E 989 -3.26 -6.70 -7.09
CA ALA E 989 -3.84 -8.03 -6.89
C ALA E 989 -5.24 -7.95 -6.27
N ALA E 990 -5.48 -7.08 -5.30
CA ALA E 990 -6.79 -6.90 -4.70
C ALA E 990 -7.83 -6.36 -5.68
N GLU E 991 -7.44 -5.50 -6.62
CA GLU E 991 -8.28 -5.08 -7.73
C GLU E 991 -8.57 -6.22 -8.72
N ILE E 992 -7.59 -7.05 -9.06
CA ILE E 992 -7.81 -8.23 -9.91
C ILE E 992 -8.67 -9.28 -9.20
N ARG E 993 -8.49 -9.49 -7.90
CA ARG E 993 -9.34 -10.37 -7.08
C ARG E 993 -10.75 -9.85 -6.98
N ALA E 994 -10.99 -8.55 -6.82
CA ALA E 994 -12.34 -7.99 -6.90
C ALA E 994 -12.98 -8.28 -8.26
N SER E 995 -12.22 -8.16 -9.36
CA SER E 995 -12.69 -8.55 -10.70
C SER E 995 -12.87 -10.05 -10.92
N ALA E 996 -12.06 -10.92 -10.32
CA ALA E 996 -12.29 -12.36 -10.34
C ALA E 996 -13.47 -12.79 -9.46
N ASN E 997 -13.71 -12.19 -8.30
CA ASN E 997 -14.93 -12.40 -7.53
C ASN E 997 -16.16 -11.97 -8.33
N LEU E 998 -16.07 -10.87 -9.07
CA LEU E 998 -17.13 -10.44 -9.96
C LEU E 998 -17.33 -11.39 -11.13
N ALA E 999 -16.26 -11.85 -11.77
CA ALA E 999 -16.35 -12.80 -12.88
C ALA E 999 -16.84 -14.18 -12.44
N ALA E 1000 -16.49 -14.65 -11.25
CA ALA E 1000 -17.04 -15.85 -10.65
C ALA E 1000 -18.54 -15.71 -10.39
N THR E 1001 -18.98 -14.55 -9.92
CA THR E 1001 -20.40 -14.22 -9.71
C THR E 1001 -21.16 -14.15 -11.03
N LYS E 1002 -20.60 -13.52 -12.07
CA LYS E 1002 -21.21 -13.49 -13.40
C LYS E 1002 -21.32 -14.89 -13.96
N MET E 1003 -20.32 -15.73 -13.79
CA MET E 1003 -20.38 -17.12 -14.19
C MET E 1003 -21.54 -17.84 -13.53
N SER E 1004 -21.70 -17.76 -12.22
CA SER E 1004 -22.80 -18.44 -11.53
C SER E 1004 -24.16 -17.88 -11.90
N GLU E 1005 -24.35 -16.57 -11.94
CA GLU E 1005 -25.68 -15.97 -12.12
C GLU E 1005 -26.10 -15.81 -13.57
N CYS E 1006 -25.18 -15.46 -14.48
CA CYS E 1006 -25.46 -15.27 -15.89
C CYS E 1006 -25.39 -16.55 -16.71
N VAL E 1007 -24.38 -17.40 -16.51
CA VAL E 1007 -24.14 -18.59 -17.34
C VAL E 1007 -24.91 -19.79 -16.79
N LEU E 1008 -24.65 -20.15 -15.54
CA LEU E 1008 -25.29 -21.28 -14.85
C LEU E 1008 -26.78 -20.99 -14.52
N GLY E 1009 -27.28 -19.78 -14.75
CA GLY E 1009 -28.63 -19.35 -14.42
C GLY E 1009 -29.28 -18.43 -15.45
N GLN E 1010 -30.34 -17.76 -15.04
CA GLN E 1010 -30.86 -16.56 -15.69
C GLN E 1010 -31.08 -15.51 -14.62
N SER E 1011 -30.57 -14.31 -14.79
CA SER E 1011 -30.52 -13.32 -13.74
C SER E 1011 -31.64 -12.31 -13.88
N LYS E 1012 -32.41 -12.10 -12.81
CA LYS E 1012 -33.39 -11.01 -12.71
C LYS E 1012 -32.76 -9.68 -12.33
N ARG E 1013 -31.47 -9.65 -11.98
CA ARG E 1013 -30.74 -8.44 -11.61
C ARG E 1013 -30.53 -7.56 -12.84
N VAL E 1014 -31.15 -6.38 -12.84
CA VAL E 1014 -31.08 -5.41 -13.95
C VAL E 1014 -29.64 -5.02 -14.24
N ASP E 1015 -29.29 -5.01 -15.52
CA ASP E 1015 -27.97 -4.70 -16.08
C ASP E 1015 -26.79 -5.51 -15.54
N PHE E 1016 -27.01 -6.60 -14.79
CA PHE E 1016 -25.90 -7.42 -14.31
C PHE E 1016 -25.30 -8.25 -15.44
N CYS E 1017 -26.15 -8.93 -16.19
CA CYS E 1017 -25.77 -9.70 -17.36
C CYS E 1017 -26.11 -8.94 -18.65
N GLY E 1018 -25.52 -7.76 -18.84
CA GLY E 1018 -25.76 -6.88 -19.99
C GLY E 1018 -27.11 -6.15 -19.96
N LYS E 1019 -27.26 -5.11 -20.78
CA LYS E 1019 -28.50 -4.33 -20.93
C LYS E 1019 -29.57 -5.10 -21.68
N GLY E 1020 -30.84 -4.82 -21.42
CA GLY E 1020 -31.97 -5.63 -21.88
C GLY E 1020 -32.32 -6.71 -20.87
N TYR E 1021 -33.45 -7.39 -21.04
CA TYR E 1021 -33.81 -8.48 -20.15
C TYR E 1021 -32.93 -9.69 -20.45
N HIS E 1022 -32.21 -10.21 -19.47
CA HIS E 1022 -31.27 -11.32 -19.66
C HIS E 1022 -31.95 -12.60 -20.11
N LEU E 1023 -31.40 -13.27 -21.12
CA LEU E 1023 -31.83 -14.60 -21.52
C LEU E 1023 -30.81 -15.64 -21.07
N MET E 1024 -29.55 -15.55 -21.48
CA MET E 1024 -28.49 -16.51 -21.14
C MET E 1024 -27.13 -15.90 -21.37
N SER E 1025 -26.05 -16.61 -21.12
CA SER E 1025 -24.71 -16.12 -21.44
C SER E 1025 -23.76 -17.25 -21.72
N PHE E 1026 -22.74 -16.97 -22.52
CA PHE E 1026 -21.72 -17.94 -22.89
C PHE E 1026 -20.35 -17.42 -22.49
N PRO E 1027 -19.56 -18.11 -21.65
CA PRO E 1027 -18.23 -17.66 -21.34
C PRO E 1027 -17.28 -18.05 -22.46
N GLN E 1028 -16.34 -17.19 -22.79
CA GLN E 1028 -15.23 -17.46 -23.68
C GLN E 1028 -13.97 -17.08 -22.92
N SER E 1029 -12.93 -17.88 -23.02
CA SER E 1029 -11.67 -17.58 -22.38
C SER E 1029 -10.97 -16.45 -23.12
N ALA E 1030 -10.22 -15.62 -22.39
CA ALA E 1030 -9.33 -14.63 -22.97
C ALA E 1030 -8.06 -14.54 -22.13
N PRO E 1031 -6.94 -14.01 -22.64
CA PRO E 1031 -5.69 -13.97 -21.91
C PRO E 1031 -5.80 -13.23 -20.58
N HIS E 1032 -5.62 -13.95 -19.47
CA HIS E 1032 -5.78 -13.43 -18.10
C HIS E 1032 -7.15 -12.86 -17.74
N GLY E 1033 -8.21 -13.29 -18.41
CA GLY E 1033 -9.57 -12.81 -18.21
C GLY E 1033 -10.63 -13.74 -18.74
N VAL E 1034 -11.85 -13.23 -18.84
CA VAL E 1034 -13.00 -13.94 -19.39
C VAL E 1034 -13.84 -12.95 -20.17
N VAL E 1035 -14.51 -13.43 -21.21
CA VAL E 1035 -15.47 -12.66 -21.99
C VAL E 1035 -16.81 -13.34 -21.89
N PHE E 1036 -17.85 -12.64 -21.47
CA PHE E 1036 -19.20 -13.20 -21.45
C PHE E 1036 -19.97 -12.65 -22.62
N LEU E 1037 -20.53 -13.52 -23.45
CA LEU E 1037 -21.43 -13.13 -24.53
C LEU E 1037 -22.85 -13.16 -23.97
N HIS E 1038 -23.32 -12.06 -23.43
CA HIS E 1038 -24.63 -11.96 -22.79
C HIS E 1038 -25.74 -11.84 -23.81
N VAL E 1039 -26.56 -12.86 -23.99
CA VAL E 1039 -27.77 -12.79 -24.82
C VAL E 1039 -28.88 -12.13 -24.02
N THR E 1040 -29.49 -11.09 -24.56
CA THR E 1040 -30.58 -10.37 -23.90
C THR E 1040 -31.71 -10.07 -24.88
N TYR E 1041 -32.93 -10.05 -24.38
CA TYR E 1041 -34.11 -9.61 -25.10
C TYR E 1041 -34.21 -8.09 -24.92
N VAL E 1042 -34.16 -7.35 -26.02
CA VAL E 1042 -34.32 -5.90 -26.02
C VAL E 1042 -35.64 -5.60 -26.71
N PRO E 1043 -36.63 -4.97 -26.08
CA PRO E 1043 -37.90 -4.72 -26.73
C PRO E 1043 -37.78 -3.61 -27.78
N ALA E 1044 -38.60 -3.65 -28.84
CA ALA E 1044 -38.51 -2.76 -29.98
C ALA E 1044 -39.88 -2.49 -30.64
N GLN E 1045 -39.95 -1.52 -31.53
CA GLN E 1045 -41.13 -1.16 -32.31
C GLN E 1045 -42.37 -0.97 -31.44
N GLU E 1046 -42.31 -0.05 -30.49
CA GLU E 1046 -43.45 0.38 -29.68
C GLU E 1046 -44.63 0.88 -30.52
N LYS E 1047 -45.85 0.51 -30.13
CA LYS E 1047 -47.06 1.28 -30.43
C LYS E 1047 -47.47 2.08 -29.20
N ASN E 1048 -48.31 3.09 -29.36
CA ASN E 1048 -48.98 3.78 -28.27
C ASN E 1048 -50.40 3.27 -28.13
N PHE E 1049 -50.88 3.14 -26.90
CA PHE E 1049 -52.24 2.75 -26.59
C PHE E 1049 -52.84 3.59 -25.47
N THR E 1050 -54.15 3.78 -25.51
CA THR E 1050 -54.91 4.18 -24.32
C THR E 1050 -54.94 3.00 -23.35
N THR E 1051 -54.93 3.24 -22.05
CA THR E 1051 -54.91 2.19 -21.01
C THR E 1051 -55.76 2.52 -19.79
N ALA E 1052 -56.10 1.50 -19.01
CA ALA E 1052 -56.85 1.64 -17.77
C ALA E 1052 -56.37 0.67 -16.71
N PRO E 1053 -56.43 1.02 -15.42
CA PRO E 1053 -56.10 0.12 -14.33
C PRO E 1053 -57.09 -1.02 -14.14
N ALA E 1054 -58.36 -0.84 -14.51
CA ALA E 1054 -59.43 -1.80 -14.33
C ALA E 1054 -60.54 -1.61 -15.36
N ILE E 1055 -61.41 -2.60 -15.51
CA ILE E 1055 -62.64 -2.53 -16.30
C ILE E 1055 -63.88 -2.64 -15.40
N CYS E 1056 -64.84 -1.74 -15.51
CA CYS E 1056 -66.17 -1.88 -14.96
C CYS E 1056 -67.02 -2.76 -15.86
N HIS E 1057 -67.33 -3.98 -15.45
CA HIS E 1057 -68.22 -4.82 -16.24
C HIS E 1057 -69.69 -4.66 -15.83
N ASP E 1058 -69.97 -4.83 -14.54
CA ASP E 1058 -71.30 -5.15 -14.03
C ASP E 1058 -71.37 -4.70 -12.56
N GLY E 1059 -70.98 -3.45 -12.30
CA GLY E 1059 -70.57 -2.97 -10.98
C GLY E 1059 -69.19 -3.50 -10.57
N LYS E 1060 -68.92 -4.78 -10.83
CA LYS E 1060 -67.62 -5.45 -10.63
C LYS E 1060 -66.49 -4.72 -11.34
N ALA E 1061 -65.40 -4.46 -10.62
CA ALA E 1061 -64.17 -3.92 -11.19
C ALA E 1061 -63.17 -5.05 -11.44
N HIS E 1062 -62.78 -5.27 -12.69
CA HIS E 1062 -61.94 -6.38 -13.14
C HIS E 1062 -60.51 -5.92 -13.39
N PHE E 1063 -59.52 -6.61 -12.85
CA PHE E 1063 -58.10 -6.32 -12.99
C PHE E 1063 -57.43 -7.43 -13.80
N PRO E 1064 -56.33 -7.21 -14.51
CA PRO E 1064 -55.69 -8.23 -15.32
C PRO E 1064 -54.91 -9.23 -14.45
N ARG E 1065 -54.99 -10.53 -14.72
CA ARG E 1065 -54.19 -11.53 -13.99
C ARG E 1065 -52.72 -11.39 -14.33
N GLU E 1066 -52.40 -11.40 -15.61
CA GLU E 1066 -51.09 -11.06 -16.17
C GLU E 1066 -51.26 -9.91 -17.16
N GLY E 1067 -50.35 -8.94 -17.19
CA GLY E 1067 -50.39 -7.90 -18.21
C GLY E 1067 -51.31 -6.72 -17.92
N VAL E 1068 -51.69 -5.98 -18.96
CA VAL E 1068 -52.39 -4.68 -18.90
C VAL E 1068 -53.56 -4.61 -19.84
N PHE E 1069 -54.58 -3.80 -19.50
CA PHE E 1069 -55.61 -3.40 -20.43
C PHE E 1069 -55.10 -2.31 -21.36
N VAL E 1070 -55.43 -2.41 -22.64
CA VAL E 1070 -55.13 -1.44 -23.69
C VAL E 1070 -56.29 -1.31 -24.63
N SER E 1071 -56.38 -0.17 -25.30
CA SER E 1071 -57.27 0.02 -26.42
C SER E 1071 -56.52 0.52 -27.64
N ASN E 1072 -56.89 0.02 -28.80
CA ASN E 1072 -56.42 0.49 -30.10
C ASN E 1072 -57.12 1.79 -30.55
N GLY E 1073 -58.11 2.26 -29.80
CA GLY E 1073 -58.94 3.40 -30.10
C GLY E 1073 -60.41 3.14 -29.84
N THR E 1074 -60.91 1.95 -30.16
CA THR E 1074 -62.35 1.62 -30.06
C THR E 1074 -62.67 0.31 -29.33
N HIS E 1075 -61.75 -0.65 -29.31
CA HIS E 1075 -61.91 -1.93 -28.63
C HIS E 1075 -60.92 -2.05 -27.49
N TRP E 1076 -61.28 -2.80 -26.45
CA TRP E 1076 -60.44 -3.04 -25.28
C TRP E 1076 -59.95 -4.48 -25.23
N PHE E 1077 -58.66 -4.64 -24.94
CA PHE E 1077 -57.91 -5.89 -24.93
C PHE E 1077 -57.03 -5.96 -23.70
N VAL E 1078 -56.57 -7.14 -23.34
CA VAL E 1078 -55.53 -7.34 -22.34
C VAL E 1078 -54.32 -7.98 -23.01
N THR E 1079 -53.12 -7.55 -22.65
CA THR E 1079 -51.87 -8.02 -23.28
C THR E 1079 -50.81 -8.24 -22.24
N GLN E 1080 -49.85 -9.12 -22.46
CA GLN E 1080 -48.64 -9.15 -21.63
C GLN E 1080 -47.89 -7.81 -21.66
N ARG E 1081 -47.09 -7.52 -20.64
CA ARG E 1081 -46.46 -6.21 -20.48
C ARG E 1081 -45.34 -5.94 -21.50
N ASN E 1082 -44.65 -6.98 -21.96
CA ASN E 1082 -43.35 -6.91 -22.66
C ASN E 1082 -43.39 -7.27 -24.16
N PHE E 1083 -44.57 -7.49 -24.71
CA PHE E 1083 -44.78 -7.87 -26.09
C PHE E 1083 -46.26 -7.67 -26.45
N TYR E 1084 -46.63 -6.84 -27.41
CA TYR E 1084 -48.03 -6.62 -27.72
C TYR E 1084 -48.67 -7.84 -28.36
N GLU E 1085 -49.54 -8.53 -27.62
CA GLU E 1085 -50.36 -9.65 -28.09
C GLU E 1085 -51.77 -9.56 -27.48
N PRO E 1086 -52.72 -8.87 -28.15
CA PRO E 1086 -54.00 -8.49 -27.58
C PRO E 1086 -55.00 -9.63 -27.55
N GLN E 1087 -55.32 -10.10 -26.35
CA GLN E 1087 -56.40 -11.05 -26.12
C GLN E 1087 -57.68 -10.29 -25.77
N ILE E 1088 -58.84 -10.83 -26.13
CA ILE E 1088 -60.14 -10.31 -25.68
C ILE E 1088 -60.19 -10.37 -24.15
N ILE E 1089 -60.82 -9.39 -23.51
CA ILE E 1089 -60.94 -9.36 -22.06
C ILE E 1089 -62.04 -10.33 -21.62
N THR E 1090 -61.71 -11.23 -20.70
CA THR E 1090 -62.58 -12.31 -20.26
C THR E 1090 -62.57 -12.48 -18.75
N THR E 1091 -63.54 -13.20 -18.21
CA THR E 1091 -63.55 -13.64 -16.80
C THR E 1091 -62.42 -14.62 -16.47
N ASP E 1092 -61.62 -15.10 -17.46
CA ASP E 1092 -60.49 -16.00 -17.25
C ASP E 1092 -59.11 -15.32 -17.26
N ASN E 1093 -58.90 -14.27 -18.04
CA ASN E 1093 -57.65 -13.47 -17.99
C ASN E 1093 -57.73 -12.26 -17.05
N THR E 1094 -58.82 -12.13 -16.29
CA THR E 1094 -59.02 -11.08 -15.29
C THR E 1094 -59.44 -11.63 -13.93
N PHE E 1095 -59.25 -10.85 -12.87
CA PHE E 1095 -59.81 -11.13 -11.55
C PHE E 1095 -60.64 -9.95 -11.06
N VAL E 1096 -61.79 -10.22 -10.44
CA VAL E 1096 -62.65 -9.18 -9.83
C VAL E 1096 -62.06 -8.72 -8.51
N SER E 1097 -62.19 -7.44 -8.17
CA SER E 1097 -62.10 -7.02 -6.78
C SER E 1097 -62.94 -5.77 -6.51
N GLY E 1098 -63.98 -5.89 -5.69
CA GLY E 1098 -64.79 -4.74 -5.31
C GLY E 1098 -65.67 -4.23 -6.43
N ASN E 1099 -65.86 -2.92 -6.52
CA ASN E 1099 -66.79 -2.30 -7.46
C ASN E 1099 -66.27 -0.97 -8.01
N CYS E 1100 -66.94 -0.46 -9.04
CA CYS E 1100 -66.55 0.70 -9.84
C CYS E 1100 -66.22 1.98 -9.07
N ASP E 1101 -66.79 2.17 -7.88
CA ASP E 1101 -66.67 3.42 -7.13
C ASP E 1101 -65.23 3.72 -6.66
N VAL E 1102 -64.40 2.70 -6.40
CA VAL E 1102 -63.15 2.87 -5.65
C VAL E 1102 -61.95 3.26 -6.52
N VAL E 1103 -61.89 2.82 -7.78
CA VAL E 1103 -60.67 2.86 -8.60
C VAL E 1103 -60.55 4.18 -9.36
N ILE E 1104 -59.40 4.84 -9.26
CA ILE E 1104 -59.13 6.12 -9.96
C ILE E 1104 -58.76 5.84 -11.42
N GLY E 1105 -59.69 6.05 -12.35
CA GLY E 1105 -59.46 5.86 -13.78
C GLY E 1105 -59.98 4.56 -14.39
N ILE E 1106 -60.88 3.83 -13.73
CA ILE E 1106 -61.56 2.65 -14.30
C ILE E 1106 -62.42 3.01 -15.52
N VAL E 1107 -62.51 2.11 -16.50
CA VAL E 1107 -63.26 2.32 -17.76
C VAL E 1107 -64.39 1.31 -17.93
N ASN E 1108 -65.49 1.70 -18.58
CA ASN E 1108 -66.66 0.84 -18.78
C ASN E 1108 -66.54 0.04 -20.08
N ASN E 1109 -66.33 -1.28 -19.99
CA ASN E 1109 -66.30 -2.19 -21.13
C ASN E 1109 -66.93 -3.53 -20.76
N THR E 1110 -67.56 -4.25 -21.68
CA THR E 1110 -68.01 -5.63 -21.41
C THR E 1110 -66.82 -6.54 -21.17
N VAL E 1111 -66.97 -7.52 -20.27
CA VAL E 1111 -66.02 -8.62 -20.09
C VAL E 1111 -66.69 -9.92 -20.49
N TYR E 1112 -66.11 -10.66 -21.43
CA TYR E 1112 -66.69 -11.87 -21.97
C TYR E 1112 -66.60 -13.04 -20.97
N ASP E 1113 -67.70 -13.74 -20.71
CA ASP E 1113 -67.71 -14.92 -19.86
C ASP E 1113 -67.66 -16.20 -20.72
N PRO E 1114 -66.56 -16.95 -20.77
CA PRO E 1114 -66.42 -18.06 -21.72
C PRO E 1114 -67.43 -19.18 -21.51
N LEU E 1115 -67.95 -19.30 -20.29
CA LEU E 1115 -68.97 -20.28 -19.92
C LEU E 1115 -70.34 -20.05 -20.58
N GLN E 1116 -70.69 -18.80 -20.90
CA GLN E 1116 -72.05 -18.43 -21.29
C GLN E 1116 -72.58 -19.18 -22.53
N PRO E 1117 -71.90 -19.14 -23.70
CA PRO E 1117 -72.37 -19.90 -24.87
C PRO E 1117 -72.41 -21.41 -24.63
N GLU E 1118 -71.54 -21.98 -23.80
CA GLU E 1118 -71.56 -23.41 -23.52
C GLU E 1118 -72.85 -23.83 -22.81
N LEU E 1119 -73.26 -23.07 -21.79
CA LEU E 1119 -74.50 -23.32 -21.06
C LEU E 1119 -75.73 -22.97 -21.91
N ASP E 1120 -75.68 -21.93 -22.75
CA ASP E 1120 -76.73 -21.61 -23.72
C ASP E 1120 -76.93 -22.70 -24.79
N SER E 1121 -75.83 -23.28 -25.27
CA SER E 1121 -75.80 -24.33 -26.31
C SER E 1121 -76.51 -25.59 -25.83
N ALA F 1 -1.67 34.02 51.04
CA ALA F 1 -3.01 34.23 50.45
C ALA F 1 -2.96 34.02 48.95
N TYR F 2 -3.99 33.41 48.34
CA TYR F 2 -4.04 33.08 46.91
C TYR F 2 -5.28 33.66 46.22
N THR F 3 -5.20 33.91 44.92
CA THR F 3 -6.36 33.94 44.02
C THR F 3 -6.13 32.93 42.89
N ASN F 4 -7.02 32.84 41.91
CA ASN F 4 -6.92 31.89 40.80
C ASN F 4 -6.54 32.60 39.50
N SER F 5 -5.65 32.02 38.71
CA SER F 5 -5.19 32.56 37.42
C SER F 5 -6.23 32.51 36.30
N PHE F 6 -7.29 31.72 36.40
CA PHE F 6 -8.22 31.46 35.31
C PHE F 6 -7.45 31.09 34.03
N THR F 7 -7.78 31.68 32.88
CA THR F 7 -7.09 31.51 31.61
C THR F 7 -6.05 32.61 31.31
N ARG F 8 -5.58 33.35 32.31
CA ARG F 8 -4.65 34.49 32.13
C ARG F 8 -3.19 34.09 31.90
N GLY F 9 -2.41 35.04 31.39
CA GLY F 9 -0.96 34.92 31.29
C GLY F 9 -0.44 34.22 30.04
N VAL F 10 -1.27 34.07 29.01
CA VAL F 10 -0.79 33.74 27.67
C VAL F 10 -0.07 34.94 27.08
N TYR F 11 0.84 34.72 26.14
CA TYR F 11 1.62 35.75 25.48
C TYR F 11 2.06 35.25 24.10
N TYR F 12 2.51 36.13 23.22
CA TYR F 12 2.94 35.73 21.88
C TYR F 12 4.29 35.02 21.94
N PRO F 13 4.39 33.73 21.56
CA PRO F 13 5.61 32.96 21.75
C PRO F 13 6.77 33.37 20.84
N ASP F 14 6.50 33.97 19.69
CA ASP F 14 7.48 34.31 18.66
C ASP F 14 7.03 35.56 17.88
N LYS F 15 7.97 36.22 17.19
CA LYS F 15 7.70 37.43 16.37
C LYS F 15 7.09 37.11 15.01
N VAL F 16 6.23 36.09 14.94
CA VAL F 16 5.58 35.65 13.71
C VAL F 16 4.08 35.94 13.76
N PHE F 17 3.57 36.64 12.76
CA PHE F 17 2.14 36.79 12.54
C PHE F 17 1.52 35.44 12.18
N ARG F 18 0.37 35.13 12.78
CA ARG F 18 -0.51 34.01 12.42
C ARG F 18 -1.95 34.50 12.46
N SER F 19 -2.83 34.00 11.59
CA SER F 19 -4.23 34.44 11.51
C SER F 19 -5.14 33.26 11.19
N SER F 20 -6.33 33.21 11.80
CA SER F 20 -7.33 32.15 11.61
C SER F 20 -6.74 30.72 11.64
N VAL F 21 -5.91 30.41 12.64
CA VAL F 21 -5.21 29.12 12.77
C VAL F 21 -5.14 28.71 14.23
N LEU F 22 -5.08 27.39 14.48
CA LEU F 22 -4.74 26.84 15.79
C LEU F 22 -3.29 26.34 15.78
N HIS F 23 -2.45 26.94 16.61
CA HIS F 23 -1.01 26.65 16.63
C HIS F 23 -0.60 26.01 17.95
N SER F 24 0.00 24.83 17.93
CA SER F 24 0.45 24.16 19.13
C SER F 24 1.90 24.49 19.40
N THR F 25 2.19 25.08 20.56
CA THR F 25 3.52 25.55 20.94
C THR F 25 3.87 25.13 22.36
N GLN F 26 5.13 24.75 22.58
CA GLN F 26 5.65 24.37 23.90
C GLN F 26 6.58 25.46 24.42
N ASP F 27 6.26 26.03 25.58
CA ASP F 27 7.01 27.14 26.15
C ASP F 27 6.70 27.28 27.65
N LEU F 28 7.41 28.16 28.35
CA LEU F 28 7.05 28.52 29.71
C LEU F 28 5.75 29.33 29.69
N PHE F 29 4.64 28.75 30.11
CA PHE F 29 3.35 29.43 30.25
C PHE F 29 2.81 29.28 31.67
N LEU F 30 1.97 30.21 32.10
CA LEU F 30 1.27 30.10 33.38
C LEU F 30 0.16 29.04 33.26
N PRO F 31 0.17 27.95 34.03
CA PRO F 31 -0.84 26.91 33.86
C PRO F 31 -2.25 27.40 34.20
N PHE F 32 -3.24 27.03 33.42
CA PHE F 32 -4.60 27.49 33.61
C PHE F 32 -5.16 27.03 34.95
N PHE F 33 -5.93 27.92 35.57
CA PHE F 33 -6.55 27.76 36.87
C PHE F 33 -5.58 27.42 38.01
N SER F 34 -4.28 27.64 37.84
CA SER F 34 -3.30 27.60 38.93
C SER F 34 -3.60 28.66 39.97
N ASN F 35 -3.19 28.44 41.22
CA ASN F 35 -3.15 29.51 42.21
C ASN F 35 -2.12 30.56 41.80
N VAL F 36 -2.33 31.80 42.20
CA VAL F 36 -1.33 32.86 42.19
C VAL F 36 -1.33 33.53 43.56
N THR F 37 -0.16 33.82 44.13
CA THR F 37 -0.10 34.52 45.41
C THR F 37 -0.66 35.92 45.27
N TRP F 38 -1.22 36.48 46.34
CA TRP F 38 -1.91 37.76 46.35
C TRP F 38 -1.43 38.63 47.52
N PHE F 39 -1.14 39.89 47.23
CA PHE F 39 -0.51 40.86 48.12
C PHE F 39 -1.18 42.24 48.01
N HIS F 40 -1.02 43.08 49.02
CA HIS F 40 -1.61 44.42 49.09
C HIS F 40 -0.53 45.48 49.31
N ALA F 41 -0.65 46.64 48.67
CA ALA F 41 0.28 47.77 48.80
C ALA F 41 0.08 48.60 50.09
N ILE F 42 -0.35 47.97 51.18
CA ILE F 42 -0.74 48.57 52.46
C ILE F 42 -0.38 47.64 53.63
N HIS F 43 -0.37 48.17 54.86
CA HIS F 43 0.01 47.47 56.12
C HIS F 43 1.44 46.93 56.11
N ASP F 54 2.94 46.55 51.28
CA ASP F 54 4.12 45.75 51.59
C ASP F 54 4.63 44.99 50.35
N ASN F 55 5.94 44.71 50.29
CA ASN F 55 6.63 44.13 49.13
C ASN F 55 7.72 43.11 49.55
N PRO F 56 7.38 41.89 49.97
CA PRO F 56 8.35 40.84 50.29
C PRO F 56 9.16 40.42 49.07
N VAL F 57 10.38 39.93 49.26
CA VAL F 57 11.18 39.25 48.22
C VAL F 57 10.60 37.87 47.93
N LEU F 58 10.28 37.60 46.67
CA LEU F 58 9.76 36.32 46.19
C LEU F 58 10.85 35.53 45.45
N PRO F 59 10.74 34.21 45.29
CA PRO F 59 11.50 33.46 44.30
C PRO F 59 11.10 33.86 42.86
N PHE F 60 11.99 33.72 41.88
CA PHE F 60 11.66 33.89 40.46
C PHE F 60 11.33 32.57 39.74
N ASN F 61 11.88 31.44 40.21
CA ASN F 61 11.72 30.12 39.59
C ASN F 61 12.09 30.12 38.09
N ASP F 62 11.30 29.47 37.23
CA ASP F 62 11.57 29.44 35.77
C ASP F 62 11.20 30.77 35.09
N GLY F 63 10.26 31.50 35.66
CA GLY F 63 9.75 32.77 35.16
C GLY F 63 8.50 33.17 35.92
N VAL F 64 8.02 34.38 35.71
CA VAL F 64 6.97 35.00 36.54
C VAL F 64 5.93 35.64 35.65
N TYR F 65 4.66 35.30 35.86
CA TYR F 65 3.55 36.18 35.55
C TYR F 65 3.33 37.06 36.77
N PHE F 66 3.18 38.36 36.57
CA PHE F 66 2.94 39.34 37.61
C PHE F 66 1.77 40.22 37.17
N ALA F 67 0.83 40.55 38.04
CA ALA F 67 -0.20 41.51 37.71
C ALA F 67 -0.51 42.41 38.89
N SER F 68 -0.98 43.62 38.64
CA SER F 68 -1.54 44.46 39.70
C SER F 68 -2.85 45.06 39.25
N THR F 69 -3.78 45.11 40.19
CA THR F 69 -5.09 45.75 40.04
C THR F 69 -5.00 47.04 40.83
N GLU F 70 -5.19 48.16 40.15
CA GLU F 70 -4.67 49.46 40.56
C GLU F 70 -5.67 50.59 40.33
N LYS F 71 -5.52 51.68 41.10
CA LYS F 71 -6.23 52.96 40.90
C LYS F 71 -5.33 54.15 40.58
N SER F 72 -4.07 54.14 41.03
CA SER F 72 -3.17 55.32 40.96
C SER F 72 -1.70 54.94 40.72
N ASN F 73 -1.47 53.77 40.13
CA ASN F 73 -0.15 53.19 39.86
C ASN F 73 0.78 53.22 41.07
N ILE F 74 0.41 52.57 42.18
CA ILE F 74 1.27 52.46 43.35
C ILE F 74 2.47 51.54 43.08
N ILE F 75 2.32 50.47 42.29
CA ILE F 75 3.43 49.65 41.80
C ILE F 75 4.17 50.45 40.72
N ARG F 76 5.49 50.63 40.85
CA ARG F 76 6.31 51.44 39.90
C ARG F 76 7.66 50.85 39.53
N GLY F 77 8.00 49.64 39.96
CA GLY F 77 9.20 48.96 39.46
C GLY F 77 9.42 47.58 40.03
N TRP F 78 10.60 47.02 39.76
CA TRP F 78 11.06 45.73 40.23
C TRP F 78 12.57 45.68 40.40
N ILE F 79 13.01 44.75 41.24
CA ILE F 79 14.41 44.34 41.41
C ILE F 79 14.48 42.85 41.08
N PHE F 80 15.49 42.40 40.36
CA PHE F 80 15.75 40.98 40.10
C PHE F 80 17.20 40.62 40.39
N GLY F 81 17.46 39.38 40.76
CA GLY F 81 18.82 38.90 40.90
C GLY F 81 18.91 37.57 41.63
N THR F 82 19.98 37.40 42.38
CA THR F 82 20.14 36.29 43.34
C THR F 82 20.30 36.81 44.77
N THR F 83 21.32 37.62 45.09
CA THR F 83 21.63 38.02 46.48
C THR F 83 21.12 39.42 46.86
N LEU F 84 21.00 40.34 45.90
CA LEU F 84 20.46 41.70 46.07
C LEU F 84 21.27 42.54 47.10
N ASP F 85 22.59 42.31 47.17
CA ASP F 85 23.51 42.87 48.19
C ASP F 85 24.88 43.32 47.65
N SER F 86 24.93 43.84 46.42
CA SER F 86 26.12 44.41 45.76
C SER F 86 27.24 43.43 45.39
N LYS F 87 27.21 42.16 45.83
CA LYS F 87 28.23 41.14 45.50
C LYS F 87 28.17 40.63 44.06
N THR F 88 27.13 40.99 43.32
CA THR F 88 26.86 40.62 41.93
C THR F 88 25.91 41.63 41.29
N GLN F 89 25.76 41.61 39.97
CA GLN F 89 24.80 42.45 39.25
C GLN F 89 23.36 42.09 39.63
N SER F 90 22.53 43.11 39.83
CA SER F 90 21.08 43.02 39.95
C SER F 90 20.41 43.85 38.86
N LEU F 91 19.55 43.21 38.08
CA LEU F 91 18.64 43.93 37.18
C LEU F 91 17.66 44.77 38.01
N LEU F 92 17.46 46.04 37.65
CA LEU F 92 16.44 46.91 38.21
C LEU F 92 15.66 47.57 37.07
N ILE F 93 14.34 47.64 37.23
CA ILE F 93 13.39 48.26 36.29
C ILE F 93 12.55 49.26 37.08
N VAL F 94 12.46 50.52 36.65
CA VAL F 94 11.66 51.54 37.35
C VAL F 94 11.04 52.51 36.36
N ASN F 95 9.78 52.90 36.57
CA ASN F 95 9.26 54.14 36.00
C ASN F 95 9.57 55.32 36.94
N ASN F 96 10.40 56.27 36.52
CA ASN F 96 10.76 57.45 37.33
C ASN F 96 9.54 58.37 37.54
N ALA F 97 8.84 58.63 36.44
CA ALA F 97 7.58 59.37 36.32
C ALA F 97 7.03 59.21 34.89
N THR F 98 7.88 59.53 33.91
CA THR F 98 7.67 59.24 32.46
C THR F 98 8.74 58.32 31.89
N ASN F 99 9.99 58.39 32.38
CA ASN F 99 11.10 57.52 31.96
C ASN F 99 10.92 56.08 32.49
N VAL F 100 10.78 55.11 31.59
CA VAL F 100 10.97 53.69 31.90
C VAL F 100 12.47 53.40 31.88
N VAL F 101 13.11 53.28 33.03
CA VAL F 101 14.56 53.11 33.21
C VAL F 101 14.88 51.66 33.55
N ILE F 102 15.91 51.10 32.91
CA ILE F 102 16.38 49.75 33.15
C ILE F 102 17.91 49.77 33.30
N LYS F 103 18.42 49.08 34.30
CA LYS F 103 19.85 49.02 34.65
C LYS F 103 20.21 47.64 35.19
N VAL F 104 21.49 47.25 35.14
CA VAL F 104 21.97 45.95 35.68
C VAL F 104 23.20 46.10 36.57
N CYS F 105 23.27 47.19 37.32
CA CYS F 105 24.39 47.53 38.21
C CYS F 105 24.55 46.56 39.40
N GLU F 106 25.66 46.66 40.12
CA GLU F 106 25.89 45.94 41.38
C GLU F 106 25.32 46.72 42.57
N PHE F 107 24.01 46.99 42.50
CA PHE F 107 23.26 47.78 43.47
C PHE F 107 23.39 47.25 44.91
N GLN F 108 23.26 48.17 45.87
CA GLN F 108 22.97 47.88 47.28
C GLN F 108 21.56 48.36 47.63
N PHE F 109 20.74 47.51 48.26
CA PHE F 109 19.34 47.80 48.56
C PHE F 109 19.05 47.88 50.06
N CYS F 110 18.25 48.88 50.43
CA CYS F 110 17.85 49.19 51.81
C CYS F 110 16.83 48.16 52.38
N ASN F 111 16.48 48.28 53.67
CA ASN F 111 15.66 47.31 54.40
C ASN F 111 14.28 47.04 53.74
N ASP F 112 13.62 48.09 53.25
CA ASP F 112 12.32 48.03 52.57
C ASP F 112 12.37 48.96 51.33
N PRO F 113 12.68 48.45 50.13
CA PRO F 113 12.88 49.28 48.95
C PRO F 113 11.60 49.95 48.43
N PHE F 114 11.67 51.25 48.14
CA PHE F 114 10.57 52.05 47.58
C PHE F 114 11.05 53.19 46.67
N LEU F 115 10.18 53.69 45.81
CA LEU F 115 10.40 54.88 44.98
C LEU F 115 9.88 56.12 45.72
N GLY F 116 10.77 57.04 46.05
CA GLY F 116 10.47 58.27 46.79
C GLY F 116 9.61 59.27 46.00
N VAL F 117 8.35 59.40 46.38
CA VAL F 117 7.37 60.33 45.78
C VAL F 117 7.56 61.75 46.31
N ASN F 139 29.47 51.08 37.35
CA ASN F 139 29.55 49.62 37.39
C ASN F 139 28.43 48.90 36.61
N CYS F 140 27.52 49.66 36.01
CA CYS F 140 26.37 49.15 35.26
C CYS F 140 26.80 48.57 33.91
N THR F 141 26.91 47.23 33.79
CA THR F 141 27.33 46.60 32.52
C THR F 141 26.35 46.78 31.36
N PHE F 142 25.09 47.14 31.64
CA PHE F 142 24.09 47.56 30.66
C PHE F 142 23.15 48.61 31.26
N GLU F 143 22.57 49.44 30.41
CA GLU F 143 21.51 50.40 30.72
C GLU F 143 20.61 50.58 29.50
N TYR F 144 19.32 50.82 29.72
CA TYR F 144 18.30 51.08 28.72
C TYR F 144 17.26 52.07 29.25
N VAL F 145 16.66 52.87 28.39
CA VAL F 145 15.63 53.85 28.77
C VAL F 145 14.55 53.95 27.69
N SER F 146 13.31 54.30 28.03
CA SER F 146 12.22 54.57 27.08
C SER F 146 11.20 55.59 27.60
N PHE F 160 -11.05 48.69 41.32
CA PHE F 160 -10.23 49.88 41.12
C PHE F 160 -10.45 50.48 39.71
N LYS F 161 -9.39 50.70 38.91
CA LYS F 161 -9.46 51.36 37.59
C LYS F 161 -8.74 50.57 36.48
N ASN F 162 -7.54 50.05 36.75
CA ASN F 162 -6.64 49.50 35.72
C ASN F 162 -5.97 48.18 36.17
N LEU F 163 -5.94 47.16 35.31
CA LEU F 163 -5.20 45.92 35.49
C LEU F 163 -3.96 46.00 34.63
N ARG F 164 -2.78 45.85 35.22
CA ARG F 164 -1.50 45.85 34.53
C ARG F 164 -0.85 44.50 34.71
N GLU F 165 -0.74 43.73 33.64
CA GLU F 165 -0.18 42.38 33.59
C GLU F 165 1.21 42.39 32.98
N PHE F 166 2.14 41.62 33.50
CA PHE F 166 3.48 41.44 32.99
C PHE F 166 3.85 39.96 33.01
N VAL F 167 4.63 39.50 32.03
CA VAL F 167 5.35 38.22 32.12
C VAL F 167 6.82 38.51 31.99
N PHE F 168 7.60 38.02 32.93
CA PHE F 168 9.04 38.09 32.96
C PHE F 168 9.59 36.69 32.76
N LYS F 169 10.42 36.45 31.75
CA LYS F 169 11.09 35.16 31.54
C LYS F 169 12.55 35.34 31.09
N ASN F 170 13.42 34.41 31.45
CA ASN F 170 14.86 34.61 31.45
C ASN F 170 15.59 33.50 30.66
N ILE F 171 15.31 33.41 29.36
CA ILE F 171 15.70 32.28 28.50
C ILE F 171 16.95 32.65 27.70
N ASP F 172 17.96 31.78 27.74
CA ASP F 172 19.20 31.89 26.93
C ASP F 172 19.95 33.23 27.07
N GLY F 173 19.85 33.85 28.25
CA GLY F 173 20.44 35.15 28.54
C GLY F 173 19.63 36.36 28.04
N TYR F 174 18.41 36.15 27.55
CA TYR F 174 17.47 37.23 27.24
C TYR F 174 16.43 37.36 28.35
N PHE F 175 16.31 38.55 28.92
CA PHE F 175 15.22 38.89 29.81
C PHE F 175 14.08 39.49 29.00
N LYS F 176 13.03 38.69 28.79
CA LYS F 176 11.88 39.06 27.96
C LYS F 176 10.73 39.50 28.83
N ILE F 177 10.14 40.63 28.45
CA ILE F 177 9.00 41.24 29.12
C ILE F 177 7.84 41.30 28.14
N TYR F 178 6.71 40.74 28.54
CA TYR F 178 5.42 40.87 27.86
C TYR F 178 4.47 41.59 28.77
N SER F 179 3.46 42.27 28.25
CA SER F 179 2.51 42.98 29.11
C SER F 179 1.15 43.22 28.47
N LYS F 180 0.17 43.58 29.29
CA LYS F 180 -1.12 44.16 28.91
C LYS F 180 -1.55 45.17 29.96
N HIS F 181 -2.17 46.27 29.54
CA HIS F 181 -2.83 47.25 30.41
C HIS F 181 -4.29 47.34 29.99
N THR F 182 -5.23 47.08 30.89
CA THR F 182 -6.66 46.98 30.52
C THR F 182 -7.60 47.45 31.66
N PRO F 183 -8.73 48.10 31.37
CA PRO F 183 -9.63 48.63 32.39
C PRO F 183 -10.32 47.53 33.21
N ILE F 184 -10.62 47.83 34.49
CA ILE F 184 -11.29 46.93 35.45
C ILE F 184 -12.18 47.68 36.44
N ASN F 185 -13.12 46.96 37.07
CA ASN F 185 -13.95 47.41 38.19
C ASN F 185 -13.66 46.62 39.52
N LEU F 186 -12.48 46.00 39.60
CA LEU F 186 -12.15 44.97 40.59
C LEU F 186 -11.17 45.48 41.64
N VAL F 187 -11.50 45.26 42.90
CA VAL F 187 -10.66 45.58 44.08
C VAL F 187 -9.86 44.36 44.59
N ARG F 188 -10.25 43.16 44.15
CA ARG F 188 -9.78 41.86 44.62
C ARG F 188 -9.75 40.86 43.48
N ASP F 189 -9.05 39.74 43.67
CA ASP F 189 -8.89 38.67 42.68
C ASP F 189 -8.36 39.18 41.33
N LEU F 190 -8.00 38.26 40.44
CA LEU F 190 -7.95 38.58 39.01
C LEU F 190 -9.37 38.51 38.43
N PRO F 191 -9.68 39.29 37.38
CA PRO F 191 -10.87 39.06 36.58
C PRO F 191 -10.73 37.76 35.79
N GLN F 192 -11.71 36.86 35.85
CA GLN F 192 -11.79 35.74 34.92
C GLN F 192 -11.90 36.28 33.50
N GLY F 193 -10.98 35.89 32.64
CA GLY F 193 -11.02 36.29 31.25
C GLY F 193 -9.68 36.07 30.58
N PHE F 194 -9.73 35.81 29.28
CA PHE F 194 -8.53 35.64 28.48
C PHE F 194 -7.83 36.97 28.20
N SER F 195 -6.51 36.94 28.03
CA SER F 195 -5.68 38.11 27.72
C SER F 195 -4.34 37.63 27.19
N ALA F 196 -4.00 37.95 25.94
CA ALA F 196 -2.68 37.68 25.39
C ALA F 196 -1.76 38.88 25.61
N LEU F 197 -0.76 38.72 26.46
CA LEU F 197 0.25 39.74 26.71
C LEU F 197 1.18 39.88 25.51
N GLU F 198 1.50 41.10 25.07
CA GLU F 198 2.35 41.34 23.91
C GLU F 198 3.75 41.82 24.33
N PRO F 199 4.84 41.37 23.68
CA PRO F 199 6.20 41.68 24.10
C PRO F 199 6.49 43.18 24.05
N LEU F 200 6.95 43.75 25.16
CA LEU F 200 7.41 45.13 25.26
C LEU F 200 8.91 45.27 24.97
N VAL F 201 9.70 44.39 25.56
CA VAL F 201 11.14 44.56 25.79
C VAL F 201 11.81 43.20 25.73
N ASP F 202 13.08 43.15 25.35
CA ASP F 202 13.78 41.91 25.02
C ASP F 202 15.28 42.05 25.35
N LEU F 203 15.61 42.27 26.62
CA LEU F 203 16.94 42.66 27.05
C LEU F 203 17.97 41.54 26.82
N PRO F 204 19.09 41.76 26.12
CA PRO F 204 20.12 40.76 25.83
C PRO F 204 21.12 40.53 26.98
N ILE F 205 20.75 40.81 28.22
CA ILE F 205 21.68 41.14 29.33
C ILE F 205 22.52 39.99 29.91
N GLY F 206 22.16 38.73 29.71
CA GLY F 206 22.99 37.58 30.13
C GLY F 206 23.11 37.37 31.64
N ILE F 207 22.02 37.51 32.41
CA ILE F 207 22.02 37.51 33.89
C ILE F 207 21.36 36.26 34.47
N ASN F 208 21.88 35.77 35.60
CA ASN F 208 21.34 34.66 36.39
C ASN F 208 20.35 35.23 37.44
N ILE F 209 19.05 34.94 37.33
CA ILE F 209 18.01 35.40 38.25
C ILE F 209 17.39 34.20 38.98
N THR F 210 17.24 34.30 40.31
CA THR F 210 16.50 33.32 41.15
C THR F 210 15.60 33.96 42.21
N ARG F 211 15.75 35.25 42.50
CA ARG F 211 14.89 36.05 43.39
C ARG F 211 14.44 37.34 42.72
N PHE F 212 13.30 37.90 43.11
CA PHE F 212 12.87 39.23 42.69
C PHE F 212 11.96 39.91 43.70
N GLN F 213 11.75 41.22 43.58
CA GLN F 213 10.70 41.92 44.32
C GLN F 213 10.14 43.13 43.58
N THR F 214 8.89 43.51 43.83
CA THR F 214 8.34 44.76 43.30
C THR F 214 8.77 45.98 44.12
N LEU F 215 8.62 47.17 43.54
CA LEU F 215 8.88 48.48 44.10
C LEU F 215 7.64 49.35 44.05
N LEU F 216 7.43 50.12 45.11
CA LEU F 216 6.20 50.86 45.39
C LEU F 216 6.46 52.37 45.54
N ALA F 217 5.48 53.17 45.14
CA ALA F 217 5.45 54.61 45.32
C ALA F 217 5.12 54.98 46.77
N LEU F 218 6.08 55.56 47.50
CA LEU F 218 5.93 55.99 48.90
C LEU F 218 6.61 57.34 49.17
N HIS F 219 6.08 58.13 50.10
CA HIS F 219 6.51 59.51 50.35
C HIS F 219 7.82 59.59 51.16
N ALA F 237 -4.65 48.95 44.25
CA ALA F 237 -3.60 48.90 45.27
C ALA F 237 -3.18 47.47 45.68
N ALA F 238 -3.33 46.47 44.80
CA ALA F 238 -3.02 45.07 45.11
C ALA F 238 -2.30 44.38 43.95
N TYR F 239 -1.48 43.37 44.22
CA TYR F 239 -0.70 42.67 43.19
C TYR F 239 -0.64 41.16 43.40
N TYR F 240 -0.40 40.43 42.31
CA TYR F 240 -0.58 38.99 42.18
C TYR F 240 0.63 38.39 41.47
N VAL F 241 1.07 37.20 41.85
CA VAL F 241 2.30 36.58 41.34
C VAL F 241 2.10 35.08 41.04
N GLY F 242 2.40 34.62 39.83
CA GLY F 242 2.26 33.22 39.43
C GLY F 242 3.48 32.72 38.68
N TYR F 243 4.01 31.54 38.98
CA TYR F 243 5.21 31.04 38.30
C TYR F 243 4.85 30.26 37.04
N LEU F 244 5.63 30.45 35.99
CA LEU F 244 5.49 29.73 34.73
C LEU F 244 5.93 28.27 34.85
N GLN F 245 5.50 27.42 33.93
CA GLN F 245 5.95 26.04 33.79
C GLN F 245 6.10 25.68 32.31
N PRO F 246 6.96 24.72 31.93
CA PRO F 246 6.98 24.17 30.57
C PRO F 246 5.65 23.50 30.26
N ARG F 247 4.87 24.06 29.32
CA ARG F 247 3.56 23.56 28.91
C ARG F 247 3.43 23.59 27.40
N THR F 248 2.76 22.61 26.80
CA THR F 248 2.22 22.73 25.45
C THR F 248 0.88 23.45 25.53
N PHE F 249 0.76 24.61 24.90
CA PHE F 249 -0.51 25.29 24.69
C PHE F 249 -0.87 25.24 23.21
N LEU F 250 -2.11 24.90 22.91
CA LEU F 250 -2.73 25.18 21.62
C LEU F 250 -3.28 26.61 21.63
N LEU F 251 -2.82 27.48 20.75
CA LEU F 251 -3.19 28.90 20.68
C LEU F 251 -4.14 29.15 19.51
N LYS F 252 -5.25 29.83 19.75
CA LYS F 252 -6.17 30.31 18.71
C LYS F 252 -5.81 31.72 18.32
N TYR F 253 -5.45 31.94 17.05
CA TYR F 253 -5.37 33.28 16.46
C TYR F 253 -6.64 33.58 15.67
N ASN F 254 -7.27 34.73 15.92
CA ASN F 254 -8.42 35.18 15.15
C ASN F 254 -8.02 35.75 13.78
N GLU F 255 -9.00 36.29 13.06
CA GLU F 255 -8.82 36.79 11.69
C GLU F 255 -7.86 37.98 11.62
N ASN F 256 -7.91 38.88 12.59
CA ASN F 256 -6.99 40.02 12.74
C ASN F 256 -5.69 39.64 13.48
N GLY F 257 -5.42 38.35 13.63
CA GLY F 257 -4.12 37.80 14.00
C GLY F 257 -3.70 38.01 15.45
N THR F 258 -4.61 38.43 16.32
CA THR F 258 -4.40 38.38 17.76
C THR F 258 -4.79 37.01 18.30
N ILE F 259 -4.08 36.54 19.33
CA ILE F 259 -4.55 35.39 20.11
C ILE F 259 -5.81 35.78 20.87
N THR F 260 -6.86 34.96 20.82
CA THR F 260 -8.11 35.19 21.55
C THR F 260 -8.47 34.08 22.53
N ASP F 261 -7.84 32.92 22.41
CA ASP F 261 -8.08 31.78 23.30
C ASP F 261 -6.91 30.79 23.28
N ALA F 262 -6.83 29.91 24.26
CA ALA F 262 -5.85 28.82 24.32
C ALA F 262 -6.38 27.57 25.03
N VAL F 263 -5.76 26.43 24.80
CA VAL F 263 -5.95 25.19 25.56
C VAL F 263 -4.63 24.78 26.20
N ASP F 264 -4.56 24.82 27.52
CA ASP F 264 -3.43 24.30 28.29
C ASP F 264 -3.51 22.78 28.29
N CYS F 265 -2.77 22.07 27.43
CA CYS F 265 -3.10 20.67 27.16
C CYS F 265 -3.02 19.78 28.40
N ALA F 266 -2.07 20.03 29.30
CA ALA F 266 -1.88 19.26 30.52
C ALA F 266 -2.90 19.60 31.62
N LEU F 267 -3.88 20.45 31.37
CA LEU F 267 -4.88 20.85 32.37
C LEU F 267 -5.78 19.69 32.81
N ASP F 268 -6.41 19.00 31.86
CA ASP F 268 -7.39 17.94 32.11
C ASP F 268 -7.54 17.04 30.85
N PRO F 269 -8.25 15.90 30.91
CA PRO F 269 -8.33 15.00 29.76
C PRO F 269 -9.01 15.63 28.55
N LEU F 270 -10.00 16.51 28.76
CA LEU F 270 -10.65 17.20 27.64
C LEU F 270 -9.66 18.13 26.93
N SER F 271 -8.80 18.84 27.65
CA SER F 271 -7.73 19.65 27.08
C SER F 271 -6.72 18.80 26.33
N GLU F 272 -6.29 17.65 26.85
CA GLU F 272 -5.49 16.72 26.06
C GLU F 272 -6.22 16.25 24.80
N THR F 273 -7.55 16.08 24.84
CA THR F 273 -8.34 15.68 23.67
C THR F 273 -8.38 16.77 22.62
N LYS F 274 -8.66 18.02 23.03
CA LYS F 274 -8.63 19.21 22.16
C LYS F 274 -7.27 19.37 21.48
N CYS F 275 -6.19 19.22 22.23
CA CYS F 275 -4.84 19.26 21.68
C CYS F 275 -4.50 18.07 20.77
N THR F 276 -5.01 16.88 21.06
CA THR F 276 -4.86 15.70 20.19
C THR F 276 -5.46 15.97 18.81
N LEU F 277 -6.64 16.59 18.77
CA LEU F 277 -7.40 16.86 17.56
C LEU F 277 -6.97 18.14 16.82
N LYS F 278 -6.17 19.00 17.45
CA LYS F 278 -5.92 20.39 17.02
C LYS F 278 -7.23 21.13 16.80
N SER F 279 -8.12 21.10 17.80
CA SER F 279 -9.47 21.69 17.70
C SER F 279 -9.99 22.14 19.06
N PHE F 280 -10.77 23.21 19.11
CA PHE F 280 -11.42 23.68 20.34
C PHE F 280 -12.77 22.99 20.57
N THR F 281 -13.51 22.69 19.51
CA THR F 281 -14.68 21.80 19.54
C THR F 281 -14.24 20.34 19.55
N VAL F 282 -14.92 19.47 20.30
CA VAL F 282 -14.74 18.02 20.24
C VAL F 282 -16.11 17.38 20.08
N GLU F 283 -16.26 16.42 19.18
CA GLU F 283 -17.53 15.75 18.91
C GLU F 283 -17.82 14.66 19.95
N LYS F 284 -19.03 14.08 19.96
CA LYS F 284 -19.28 12.87 20.75
C LYS F 284 -18.40 11.73 20.21
N GLY F 285 -17.63 11.09 21.08
CA GLY F 285 -16.70 10.06 20.66
C GLY F 285 -15.84 9.52 21.77
N ILE F 286 -15.06 8.49 21.43
CA ILE F 286 -13.95 8.01 22.24
C ILE F 286 -12.64 8.30 21.50
N TYR F 287 -11.77 9.09 22.12
CA TYR F 287 -10.54 9.60 21.51
C TYR F 287 -9.32 9.05 22.22
N GLN F 288 -8.46 8.32 21.50
CA GLN F 288 -7.20 7.85 22.05
C GLN F 288 -6.22 9.03 22.08
N THR F 289 -5.97 9.58 23.27
CA THR F 289 -5.22 10.83 23.45
C THR F 289 -3.75 10.64 23.80
N SER F 290 -3.40 9.54 24.48
CA SER F 290 -2.17 9.49 25.26
C SER F 290 -1.81 8.04 25.59
N ASN F 291 -0.62 7.79 26.12
CA ASN F 291 -0.23 6.51 26.69
C ASN F 291 0.09 6.65 28.18
N PHE F 292 -0.49 5.78 28.98
CA PHE F 292 -0.13 5.56 30.37
C PHE F 292 1.03 4.58 30.45
N ARG F 293 1.97 4.75 31.38
CA ARG F 293 3.01 3.76 31.67
C ARG F 293 3.58 3.93 33.06
N VAL F 294 3.61 2.88 33.87
CA VAL F 294 4.18 2.91 35.22
C VAL F 294 5.67 3.18 35.10
N GLN F 295 6.13 4.34 35.58
CA GLN F 295 7.55 4.67 35.62
C GLN F 295 8.24 3.86 36.73
N PRO F 296 9.53 3.47 36.58
CA PRO F 296 10.25 2.70 37.58
C PRO F 296 10.39 3.44 38.91
N THR F 297 10.15 2.71 40.00
CA THR F 297 10.11 3.25 41.37
C THR F 297 11.49 3.58 41.92
N GLU F 298 12.48 2.77 41.54
CA GLU F 298 13.87 2.83 41.98
C GLU F 298 14.76 2.07 40.99
N SER F 299 16.07 2.31 41.02
CA SER F 299 17.07 1.51 40.29
C SER F 299 17.66 0.39 41.14
N ILE F 300 17.92 -0.75 40.50
CA ILE F 300 18.52 -1.95 41.08
C ILE F 300 19.78 -2.28 40.32
N VAL F 301 20.93 -2.39 40.99
CA VAL F 301 22.22 -2.69 40.34
C VAL F 301 22.82 -3.96 40.91
N ARG F 302 23.11 -4.93 40.05
CA ARG F 302 23.50 -6.30 40.39
C ARG F 302 24.75 -6.64 39.60
N PHE F 303 25.90 -6.23 40.12
CA PHE F 303 27.22 -6.64 39.61
C PHE F 303 27.71 -7.88 40.39
N PRO F 304 28.75 -8.60 39.93
CA PRO F 304 29.24 -9.78 40.65
C PRO F 304 29.82 -9.41 42.02
N ASN F 305 29.76 -10.34 42.98
CA ASN F 305 30.29 -10.15 44.33
C ASN F 305 31.80 -10.45 44.39
N ILE F 306 32.59 -9.60 43.74
CA ILE F 306 34.06 -9.60 43.72
C ILE F 306 34.61 -8.15 43.81
N THR F 307 35.77 -7.95 44.45
CA THR F 307 36.27 -6.61 44.83
C THR F 307 37.77 -6.36 44.61
N ASN F 308 38.54 -7.34 44.13
CA ASN F 308 39.98 -7.19 43.90
C ASN F 308 40.23 -6.22 42.72
N LEU F 309 41.08 -5.20 42.87
CA LEU F 309 41.32 -4.22 41.81
C LEU F 309 42.11 -4.81 40.62
N CYS F 310 41.81 -4.39 39.39
CA CYS F 310 42.43 -4.94 38.19
C CYS F 310 43.92 -4.57 38.01
N PRO F 311 44.74 -5.42 37.37
CA PRO F 311 46.20 -5.28 37.23
C PRO F 311 46.69 -4.33 36.12
N PHE F 312 45.96 -3.24 35.82
CA PHE F 312 46.38 -2.28 34.79
C PHE F 312 47.77 -1.66 35.07
N GLY F 313 48.12 -1.40 36.33
CA GLY F 313 49.45 -0.88 36.70
C GLY F 313 50.61 -1.73 36.19
N GLU F 314 50.45 -3.06 36.22
CA GLU F 314 51.42 -4.02 35.70
C GLU F 314 51.51 -4.03 34.17
N VAL F 315 50.53 -3.49 33.45
CA VAL F 315 50.64 -3.20 32.01
C VAL F 315 51.35 -1.86 31.81
N PHE F 316 50.79 -0.79 32.39
CA PHE F 316 51.18 0.60 32.14
C PHE F 316 52.59 0.97 32.64
N ASN F 317 53.12 0.29 33.66
CA ASN F 317 54.46 0.52 34.21
C ASN F 317 55.46 -0.62 33.95
N ALA F 318 55.21 -1.50 32.97
CA ALA F 318 56.16 -2.56 32.62
C ALA F 318 57.54 -2.01 32.20
N THR F 319 58.61 -2.72 32.55
CA THR F 319 60.01 -2.32 32.30
C THR F 319 60.31 -2.08 30.82
N ARG F 320 59.78 -2.95 29.96
CA ARG F 320 59.83 -2.83 28.50
C ARG F 320 58.46 -3.15 27.92
N PHE F 321 57.99 -2.31 26.99
CA PHE F 321 56.84 -2.64 26.15
C PHE F 321 57.37 -3.39 24.91
N ALA F 322 56.63 -4.38 24.41
CA ALA F 322 57.14 -5.26 23.35
C ALA F 322 57.55 -4.54 22.05
N SER F 323 58.44 -5.17 21.30
CA SER F 323 58.71 -4.84 19.89
C SER F 323 57.46 -5.06 19.03
N VAL F 324 57.00 -4.04 18.29
CA VAL F 324 55.68 -4.02 17.63
C VAL F 324 55.45 -5.12 16.60
N TYR F 325 56.48 -5.67 15.96
CA TYR F 325 56.31 -6.81 15.04
C TYR F 325 55.76 -8.07 15.74
N ALA F 326 56.00 -8.18 17.04
CA ALA F 326 55.64 -9.29 17.90
C ALA F 326 55.25 -8.76 19.29
N TRP F 327 54.19 -7.96 19.32
CA TRP F 327 53.60 -7.34 20.51
C TRP F 327 53.17 -8.37 21.58
N ASN F 328 52.99 -7.92 22.82
CA ASN F 328 52.57 -8.77 23.96
C ASN F 328 51.16 -8.39 24.44
N ARG F 329 50.44 -9.34 25.05
CA ARG F 329 48.99 -9.24 25.32
C ARG F 329 48.60 -9.91 26.65
N LYS F 330 48.48 -9.12 27.72
CA LYS F 330 47.98 -9.58 29.03
C LYS F 330 46.44 -9.69 28.98
N ARG F 331 45.89 -10.67 29.69
CA ARG F 331 44.44 -10.78 29.92
C ARG F 331 44.09 -10.43 31.36
N ILE F 332 43.13 -9.53 31.49
CA ILE F 332 42.53 -9.09 32.74
C ILE F 332 41.22 -9.87 32.91
N SER F 333 41.01 -10.45 34.09
CA SER F 333 39.76 -11.14 34.46
C SER F 333 39.61 -11.25 35.99
N ASN F 334 38.40 -11.48 36.47
CA ASN F 334 38.04 -11.64 37.88
C ASN F 334 38.54 -10.49 38.79
N CYS F 335 38.23 -9.25 38.43
CA CYS F 335 38.64 -8.04 39.14
C CYS F 335 37.70 -6.85 38.86
N VAL F 336 37.81 -5.81 39.69
CA VAL F 336 37.13 -4.51 39.53
C VAL F 336 38.01 -3.49 38.82
N ALA F 337 37.51 -2.95 37.72
CA ALA F 337 38.19 -2.05 36.80
C ALA F 337 37.75 -0.60 36.97
N ASP F 338 38.50 0.21 37.72
CA ASP F 338 38.41 1.66 37.64
C ASP F 338 39.06 2.13 36.32
N TYR F 339 38.28 2.80 35.46
CA TYR F 339 38.80 3.43 34.25
C TYR F 339 39.06 4.93 34.43
N SER F 340 38.39 5.59 35.37
CA SER F 340 38.66 7.00 35.67
C SER F 340 40.10 7.21 36.16
N VAL F 341 40.69 6.28 36.93
CA VAL F 341 42.11 6.37 37.31
C VAL F 341 43.07 6.39 36.11
N LEU F 342 42.69 5.78 34.98
CA LEU F 342 43.44 5.89 33.74
C LEU F 342 43.09 7.18 32.97
N TYR F 343 41.81 7.41 32.71
CA TYR F 343 41.35 8.52 31.87
C TYR F 343 41.65 9.90 32.46
N ASN F 344 41.64 10.03 33.79
CA ASN F 344 42.03 11.25 34.51
C ASN F 344 43.55 11.51 34.54
N SER F 345 44.40 10.54 34.17
CA SER F 345 45.85 10.68 34.27
C SER F 345 46.43 11.66 33.25
N ALA F 346 47.17 12.66 33.72
CA ALA F 346 47.92 13.59 32.87
C ALA F 346 49.04 12.89 32.05
N SER F 347 49.44 11.68 32.43
CA SER F 347 50.50 10.91 31.75
C SER F 347 50.19 10.57 30.27
N PHE F 348 48.93 10.61 29.84
CA PHE F 348 48.57 10.11 28.51
C PHE F 348 48.38 11.21 27.46
N SER F 349 49.13 11.12 26.36
CA SER F 349 49.02 12.01 25.19
C SER F 349 47.72 11.82 24.41
N THR F 350 47.17 10.60 24.41
CA THR F 350 45.83 10.28 23.91
C THR F 350 45.18 9.13 24.69
N PHE F 351 43.86 9.15 24.74
CA PHE F 351 43.00 8.09 25.25
C PHE F 351 41.73 8.07 24.39
N LYS F 352 41.78 7.36 23.27
CA LYS F 352 40.73 7.35 22.23
C LYS F 352 40.05 5.99 22.21
N CYS F 353 38.73 5.96 22.23
CA CYS F 353 37.94 4.73 22.33
C CYS F 353 36.94 4.60 21.18
N TYR F 354 36.60 3.36 20.87
CA TYR F 354 35.79 2.91 19.74
C TYR F 354 34.75 1.93 20.26
N GLY F 355 33.51 2.03 19.80
CA GLY F 355 32.40 1.19 20.27
C GLY F 355 31.96 1.42 21.73
N VAL F 356 32.72 2.20 22.49
CA VAL F 356 32.46 2.65 23.87
C VAL F 356 33.07 4.04 24.06
N SER F 357 32.48 4.85 24.92
CA SER F 357 32.98 6.18 25.28
C SER F 357 33.67 6.12 26.64
N PRO F 358 34.83 6.76 26.84
CA PRO F 358 35.65 6.59 28.04
C PRO F 358 34.94 6.99 29.33
N THR F 359 34.11 8.03 29.26
CA THR F 359 33.15 8.48 30.28
C THR F 359 32.20 7.38 30.76
N LYS F 360 31.84 6.42 29.90
CA LYS F 360 30.90 5.33 30.21
C LYS F 360 31.57 4.07 30.78
N LEU F 361 32.87 3.85 30.62
CA LEU F 361 33.53 2.56 30.92
C LEU F 361 33.26 2.04 32.34
N ASN F 362 33.08 2.92 33.33
CA ASN F 362 32.75 2.53 34.71
C ASN F 362 31.32 1.96 34.89
N ASP F 363 30.42 2.09 33.92
CA ASP F 363 29.08 1.47 33.90
C ASP F 363 29.10 0.06 33.30
N LEU F 364 30.08 -0.25 32.45
CA LEU F 364 30.17 -1.53 31.74
C LEU F 364 30.69 -2.66 32.64
N CYS F 365 30.43 -3.90 32.23
CA CYS F 365 30.84 -5.09 32.96
C CYS F 365 31.14 -6.25 31.98
N PHE F 366 32.44 -6.46 31.71
CA PHE F 366 32.96 -7.30 30.62
C PHE F 366 33.32 -8.72 31.08
N THR F 367 33.43 -9.67 30.17
CA THR F 367 33.79 -11.07 30.49
C THR F 367 35.29 -11.30 30.51
N ASN F 368 36.05 -10.67 29.62
CA ASN F 368 37.52 -10.54 29.67
C ASN F 368 37.91 -9.18 29.10
N VAL F 369 39.11 -8.72 29.44
CA VAL F 369 39.72 -7.56 28.79
C VAL F 369 41.13 -7.93 28.37
N TYR F 370 41.47 -7.63 27.13
CA TYR F 370 42.77 -7.98 26.56
C TYR F 370 43.56 -6.69 26.38
N ALA F 371 44.71 -6.56 27.03
CA ALA F 371 45.56 -5.38 26.95
C ALA F 371 46.82 -5.69 26.14
N ASP F 372 46.89 -5.16 24.92
CA ASP F 372 48.11 -5.17 24.12
C ASP F 372 49.08 -4.11 24.62
N SER F 373 50.39 -4.36 24.52
CA SER F 373 51.44 -3.41 24.89
C SER F 373 52.60 -3.49 23.90
N PHE F 374 53.06 -2.36 23.36
CA PHE F 374 54.20 -2.23 22.44
C PHE F 374 54.65 -0.77 22.25
N VAL F 375 55.75 -0.53 21.52
CA VAL F 375 56.33 0.81 21.25
C VAL F 375 56.38 1.11 19.75
N ILE F 376 56.12 2.36 19.38
CA ILE F 376 56.12 2.88 18.00
C ILE F 376 56.65 4.33 17.96
N ARG F 377 56.95 4.88 16.77
CA ARG F 377 57.23 6.32 16.62
C ARG F 377 55.95 7.14 16.82
N GLY F 378 56.06 8.37 17.32
CA GLY F 378 54.91 9.25 17.58
C GLY F 378 53.98 9.56 16.40
N ASP F 379 54.48 9.55 15.15
CA ASP F 379 53.61 9.61 13.96
C ASP F 379 52.67 8.41 13.82
N GLU F 380 53.11 7.22 14.23
CA GLU F 380 52.42 5.96 13.95
C GLU F 380 51.20 5.71 14.85
N VAL F 381 51.01 6.50 15.92
CA VAL F 381 49.78 6.49 16.74
C VAL F 381 48.54 6.75 15.88
N ARG F 382 48.67 7.51 14.78
CA ARG F 382 47.62 7.72 13.78
C ARG F 382 47.12 6.42 13.14
N GLN F 383 48.02 5.45 12.93
CA GLN F 383 47.72 4.17 12.26
C GLN F 383 47.11 3.14 13.21
N ILE F 384 47.25 3.32 14.53
CA ILE F 384 46.61 2.47 15.54
C ILE F 384 45.17 2.94 15.76
N ALA F 385 44.32 2.66 14.79
CA ALA F 385 42.88 2.87 14.82
C ALA F 385 42.20 1.92 13.82
N PRO F 386 40.95 1.49 14.05
CA PRO F 386 40.25 0.60 13.12
C PRO F 386 39.99 1.28 11.75
N GLY F 387 40.29 0.57 10.67
CA GLY F 387 40.09 1.04 9.28
C GLY F 387 41.24 1.85 8.66
N GLN F 388 42.39 1.95 9.32
CA GLN F 388 43.58 2.67 8.83
C GLN F 388 44.33 1.92 7.71
N THR F 389 45.28 2.62 7.09
CA THR F 389 46.16 2.17 6.01
C THR F 389 47.59 2.67 6.23
N GLY F 390 48.60 1.92 5.75
CA GLY F 390 50.03 2.20 5.94
C GLY F 390 50.80 1.06 6.64
N LYS F 391 52.10 1.27 6.92
CA LYS F 391 52.98 0.22 7.44
C LYS F 391 52.56 -0.42 8.77
N ILE F 392 52.19 0.36 9.79
CA ILE F 392 51.72 -0.17 11.09
C ILE F 392 50.30 -0.76 10.97
N ALA F 393 49.45 -0.13 10.16
CA ALA F 393 48.06 -0.55 9.97
C ALA F 393 47.90 -1.93 9.29
N ASP F 394 48.96 -2.52 8.74
CA ASP F 394 48.91 -3.78 8.00
C ASP F 394 50.07 -4.74 8.37
N TYR F 395 51.31 -4.26 8.36
CA TYR F 395 52.50 -5.11 8.42
C TYR F 395 52.88 -5.61 9.82
N ASN F 396 52.21 -5.15 10.88
CA ASN F 396 52.50 -5.55 12.26
C ASN F 396 51.29 -5.47 13.23
N TYR F 397 50.42 -4.46 13.15
CA TYR F 397 49.26 -4.35 14.06
C TYR F 397 47.98 -3.91 13.35
N LYS F 398 47.40 -4.85 12.60
CA LYS F 398 46.06 -4.71 12.02
C LYS F 398 44.99 -4.86 13.11
N LEU F 399 44.26 -3.78 13.41
CA LEU F 399 43.05 -3.83 14.22
C LEU F 399 41.87 -4.44 13.43
N PRO F 400 40.86 -5.03 14.10
CA PRO F 400 39.59 -5.39 13.47
C PRO F 400 38.86 -4.16 12.90
N ASP F 401 38.18 -4.32 11.78
CA ASP F 401 37.37 -3.25 11.20
C ASP F 401 36.17 -2.84 12.07
N ASP F 402 35.79 -3.66 13.04
CA ASP F 402 34.67 -3.50 13.99
C ASP F 402 35.12 -3.44 15.46
N PHE F 403 36.38 -3.09 15.72
CA PHE F 403 36.98 -2.98 17.05
C PHE F 403 36.12 -2.20 18.07
N THR F 404 35.88 -2.81 19.23
CA THR F 404 35.38 -2.14 20.44
C THR F 404 36.47 -2.19 21.50
N GLY F 405 36.94 -1.03 21.92
CA GLY F 405 38.17 -0.93 22.69
C GLY F 405 38.68 0.50 22.81
N CYS F 406 39.85 0.66 23.42
CA CYS F 406 40.53 1.94 23.58
C CYS F 406 42.00 1.84 23.20
N VAL F 407 42.53 2.85 22.52
CA VAL F 407 43.95 3.04 22.23
C VAL F 407 44.45 4.18 23.12
N ILE F 408 45.41 3.87 23.98
CA ILE F 408 45.94 4.77 25.01
C ILE F 408 47.43 4.90 24.75
N ALA F 409 47.90 6.08 24.34
CA ALA F 409 49.27 6.24 23.88
C ALA F 409 49.91 7.53 24.43
N TRP F 410 51.20 7.47 24.71
CA TRP F 410 51.95 8.57 25.27
C TRP F 410 53.41 8.58 24.84
N ASN F 411 53.98 9.77 24.79
CA ASN F 411 55.40 9.96 24.53
C ASN F 411 56.23 9.32 25.65
N SER F 412 57.29 8.60 25.31
CA SER F 412 58.22 7.94 26.24
C SER F 412 59.69 8.26 25.93
N ASN F 413 59.94 9.40 25.29
CA ASN F 413 61.28 9.91 24.97
C ASN F 413 62.20 10.09 26.21
N ASN F 414 61.61 10.18 27.39
CA ASN F 414 62.31 10.22 28.67
C ASN F 414 62.99 8.89 29.06
N LEU F 415 62.46 7.74 28.60
CA LEU F 415 62.80 6.42 29.14
C LEU F 415 63.13 5.38 28.07
N ASP F 416 62.49 5.44 26.89
CA ASP F 416 62.78 4.53 25.78
C ASP F 416 63.92 5.00 24.86
N SER F 417 64.22 6.30 24.79
CA SER F 417 65.42 6.81 24.10
C SER F 417 66.68 6.62 24.95
N LYS F 418 67.86 6.54 24.33
CA LYS F 418 69.17 6.52 25.01
C LYS F 418 70.21 7.43 24.36
N GLY F 421 71.88 5.66 19.88
CA GLY F 421 70.54 5.54 20.46
C GLY F 421 70.21 4.15 21.00
N ASN F 422 68.98 3.98 21.49
CA ASN F 422 68.39 2.65 21.66
C ASN F 422 67.91 2.10 20.30
N TYR F 423 68.29 0.86 19.98
CA TYR F 423 67.93 0.15 18.74
C TYR F 423 67.19 -1.19 18.95
N ASN F 424 66.71 -1.48 20.17
CA ASN F 424 66.09 -2.76 20.50
C ASN F 424 64.69 -2.98 19.90
N TYR F 425 63.83 -1.97 19.92
CA TYR F 425 62.43 -2.15 19.53
C TYR F 425 62.29 -2.41 18.03
N LEU F 426 61.89 -3.64 17.70
CA LEU F 426 61.89 -4.21 16.36
C LEU F 426 60.50 -4.06 15.69
N TYR F 427 60.49 -3.63 14.44
CA TYR F 427 59.30 -3.35 13.63
C TYR F 427 59.40 -3.99 12.22
N ARG F 428 58.29 -4.03 11.50
CA ARG F 428 58.18 -4.68 10.17
C ARG F 428 57.37 -3.80 9.20
N LYS F 436 46.35 -9.85 8.93
CA LYS F 436 45.00 -10.11 9.45
C LYS F 436 44.78 -9.53 10.86
N PRO F 437 43.53 -9.33 11.32
CA PRO F 437 43.22 -8.75 12.62
C PRO F 437 43.84 -9.50 13.81
N PHE F 438 44.56 -8.77 14.65
CA PHE F 438 45.36 -9.31 15.76
C PHE F 438 46.34 -10.44 15.36
N GLU F 439 46.84 -10.45 14.13
CA GLU F 439 48.00 -11.25 13.74
C GLU F 439 49.31 -10.70 14.34
N ARG F 440 50.22 -11.58 14.75
CA ARG F 440 51.61 -11.25 15.10
C ARG F 440 52.51 -11.58 13.91
N ASP F 441 53.06 -10.57 13.24
CA ASP F 441 53.84 -10.76 12.01
C ASP F 441 55.32 -11.01 12.35
N ILE F 442 55.60 -12.22 12.84
CA ILE F 442 56.88 -12.68 13.39
C ILE F 442 58.02 -12.50 12.38
N TYR F 463 64.63 -14.09 1.52
CA TYR F 463 64.69 -12.78 2.17
C TYR F 463 63.35 -12.38 2.81
N PHE F 464 63.41 -11.75 3.99
CA PHE F 464 62.25 -11.32 4.79
C PHE F 464 62.47 -9.94 5.43
N PRO F 465 61.42 -9.13 5.68
CA PRO F 465 61.56 -7.80 6.27
C PRO F 465 61.78 -7.87 7.79
N LEU F 466 62.86 -7.25 8.26
CA LEU F 466 63.12 -6.96 9.67
C LEU F 466 63.79 -5.58 9.78
N GLN F 467 63.37 -4.76 10.75
CA GLN F 467 63.89 -3.42 11.00
C GLN F 467 63.80 -3.09 12.50
N SER F 468 64.53 -2.09 13.00
CA SER F 468 64.33 -1.58 14.37
C SER F 468 64.44 -0.06 14.49
N TYR F 469 63.70 0.52 15.43
CA TYR F 469 63.64 1.98 15.65
C TYR F 469 64.94 2.49 16.29
N GLY F 470 65.42 3.66 15.86
CA GLY F 470 66.55 4.36 16.47
C GLY F 470 66.09 5.51 17.35
N PHE F 471 66.08 5.34 18.68
CA PHE F 471 65.59 6.37 19.60
C PHE F 471 66.74 7.05 20.37
N GLN F 472 66.95 8.33 20.09
CA GLN F 472 67.76 9.28 20.86
C GLN F 472 66.85 10.40 21.37
N PRO F 473 67.08 10.98 22.56
CA PRO F 473 66.20 12.01 23.12
C PRO F 473 66.10 13.27 22.24
N THR F 474 67.10 13.48 21.37
CA THR F 474 67.17 14.53 20.35
C THR F 474 66.23 14.32 19.15
N ASN F 475 65.57 13.18 18.99
CA ASN F 475 64.67 12.86 17.88
C ASN F 475 63.60 13.95 17.67
N VAL F 477 59.12 15.89 16.59
CA VAL F 477 58.60 15.01 17.63
C VAL F 477 58.12 13.68 17.08
N GLY F 478 57.74 13.61 15.79
CA GLY F 478 57.17 12.41 15.17
C GLY F 478 58.06 11.16 15.24
N TYR F 479 59.39 11.34 15.26
CA TYR F 479 60.37 10.27 15.41
C TYR F 479 60.67 9.87 16.88
N GLN F 480 60.07 10.50 17.88
CA GLN F 480 60.25 10.10 19.30
C GLN F 480 59.49 8.79 19.60
N PRO F 481 59.92 7.99 20.59
CA PRO F 481 59.16 6.80 20.99
C PRO F 481 57.87 7.21 21.68
N TYR F 482 56.79 6.52 21.31
CA TYR F 482 55.53 6.49 22.04
C TYR F 482 55.26 5.07 22.52
N ARG F 483 54.93 4.94 23.81
CA ARG F 483 54.35 3.74 24.40
C ARG F 483 52.85 3.72 24.16
N VAL F 484 52.30 2.55 23.90
CA VAL F 484 50.86 2.38 23.69
C VAL F 484 50.34 1.12 24.38
N VAL F 485 49.18 1.27 24.99
CA VAL F 485 48.31 0.17 25.42
C VAL F 485 47.06 0.19 24.56
N VAL F 486 46.67 -0.96 24.05
CA VAL F 486 45.36 -1.13 23.42
C VAL F 486 44.51 -2.11 24.21
N LEU F 487 43.42 -1.63 24.79
CA LEU F 487 42.42 -2.42 25.48
C LEU F 487 41.36 -2.87 24.49
N SER F 488 41.16 -4.17 24.34
CA SER F 488 40.04 -4.75 23.58
C SER F 488 39.04 -5.35 24.54
N PHE F 489 37.75 -5.00 24.41
CA PHE F 489 36.71 -5.36 25.38
C PHE F 489 35.84 -6.52 24.92
N GLU F 490 35.68 -7.56 25.76
CA GLU F 490 34.83 -8.72 25.52
C GLU F 490 33.42 -8.51 26.09
N LEU F 491 32.47 -8.13 25.23
CA LEU F 491 31.04 -7.95 25.54
C LEU F 491 30.20 -9.23 25.32
N LEU F 492 30.76 -10.41 25.55
CA LEU F 492 30.03 -11.69 25.43
C LEU F 492 28.97 -11.87 26.55
N HIS F 493 28.06 -12.84 26.38
CA HIS F 493 26.94 -13.09 27.31
C HIS F 493 27.27 -14.03 28.48
N ALA F 494 28.50 -14.50 28.59
CA ALA F 494 29.00 -15.33 29.69
C ALA F 494 29.03 -14.57 31.03
N PRO F 495 29.28 -15.25 32.18
CA PRO F 495 29.49 -14.59 33.46
C PRO F 495 30.58 -13.52 33.40
N ALA F 496 30.24 -12.28 33.71
CA ALA F 496 31.15 -11.14 33.65
C ALA F 496 32.21 -11.20 34.75
N THR F 497 33.41 -10.68 34.48
CA THR F 497 34.57 -10.78 35.36
C THR F 497 35.45 -9.52 35.43
N VAL F 498 35.26 -8.52 34.55
CA VAL F 498 35.98 -7.25 34.56
C VAL F 498 34.98 -6.12 34.56
N CYS F 499 34.62 -5.64 35.75
CA CYS F 499 33.45 -4.77 35.92
C CYS F 499 33.79 -3.47 36.64
N GLY F 500 33.09 -2.41 36.31
CA GLY F 500 33.36 -1.09 36.85
C GLY F 500 33.21 -1.01 38.39
N PRO F 501 33.61 0.12 38.99
CA PRO F 501 33.50 0.38 40.42
C PRO F 501 32.05 0.51 40.93
N LYS F 502 31.05 0.53 40.05
CA LYS F 502 29.64 0.75 40.38
C LYS F 502 29.10 -0.35 41.31
N LYS F 503 28.87 0.00 42.57
CA LYS F 503 28.53 -0.94 43.66
C LYS F 503 27.10 -1.46 43.55
N SER F 504 26.90 -2.72 43.92
CA SER F 504 25.59 -3.38 43.87
C SER F 504 24.62 -2.89 44.96
N THR F 505 23.34 -2.81 44.62
CA THR F 505 22.24 -2.61 45.56
C THR F 505 21.68 -3.95 46.04
N ASN F 506 20.70 -3.90 46.95
CA ASN F 506 19.79 -5.02 47.19
C ASN F 506 18.99 -5.37 45.93
N LEU F 507 18.47 -6.58 45.84
CA LEU F 507 17.47 -7.01 44.86
C LEU F 507 16.06 -6.63 45.34
N VAL F 508 15.16 -6.29 44.42
CA VAL F 508 13.74 -5.97 44.69
C VAL F 508 12.86 -6.78 43.75
N LYS F 509 11.73 -7.30 44.24
CA LYS F 509 10.82 -8.20 43.51
C LYS F 509 9.36 -7.72 43.63
N ASN F 510 8.55 -8.05 42.64
CA ASN F 510 7.13 -7.71 42.49
C ASN F 510 6.84 -6.19 42.39
N LYS F 511 7.80 -5.42 41.86
CA LYS F 511 7.77 -3.95 41.79
C LYS F 511 8.42 -3.48 40.49
N CYS F 512 7.93 -2.42 39.85
CA CYS F 512 8.52 -1.90 38.61
C CYS F 512 9.81 -1.14 38.93
N VAL F 513 10.96 -1.61 38.44
CA VAL F 513 12.29 -1.13 38.78
C VAL F 513 13.18 -0.96 37.55
N ASN F 514 14.14 -0.06 37.66
CA ASN F 514 15.16 0.21 36.66
C ASN F 514 16.37 -0.69 36.94
N PHE F 515 16.27 -1.96 36.55
CA PHE F 515 17.27 -2.98 36.86
C PHE F 515 18.52 -2.90 35.97
N ASN F 516 19.63 -3.43 36.47
CA ASN F 516 20.94 -3.49 35.83
C ASN F 516 21.70 -4.72 36.31
N PHE F 517 21.70 -5.81 35.53
CA PHE F 517 22.47 -7.02 35.87
C PHE F 517 23.72 -7.09 35.00
N ASN F 518 24.92 -7.06 35.57
CA ASN F 518 26.17 -7.10 34.79
C ASN F 518 26.20 -6.06 33.62
N GLY F 519 25.66 -4.85 33.79
CA GLY F 519 25.54 -3.85 32.73
C GLY F 519 24.35 -4.02 31.77
N LEU F 520 23.62 -5.15 31.82
CA LEU F 520 22.34 -5.37 31.12
C LEU F 520 21.25 -4.54 31.81
N THR F 521 21.13 -3.27 31.41
CA THR F 521 20.10 -2.35 31.89
C THR F 521 18.75 -2.60 31.22
N GLY F 522 17.66 -2.38 31.96
CA GLY F 522 16.30 -2.47 31.45
C GLY F 522 15.31 -1.81 32.38
N THR F 523 14.03 -2.07 32.21
CA THR F 523 13.00 -1.65 33.16
C THR F 523 11.89 -2.67 33.15
N GLY F 524 11.48 -3.13 34.32
CA GLY F 524 10.44 -4.14 34.42
C GLY F 524 10.10 -4.50 35.85
N VAL F 525 9.02 -5.24 36.00
CA VAL F 525 8.66 -5.96 37.20
C VAL F 525 9.50 -7.23 37.25
N LEU F 526 10.54 -7.25 38.08
CA LEU F 526 11.24 -8.49 38.44
C LEU F 526 10.34 -9.31 39.34
N THR F 527 10.19 -10.61 39.08
CA THR F 527 9.46 -11.53 39.97
C THR F 527 10.12 -12.90 39.92
N GLU F 528 10.15 -13.67 41.01
CA GLU F 528 10.87 -14.94 41.00
C GLU F 528 10.11 -16.01 40.20
N SER F 529 10.85 -16.83 39.43
CA SER F 529 10.29 -17.66 38.37
C SER F 529 10.50 -19.15 38.61
N ASN F 530 9.58 -19.96 38.09
CA ASN F 530 9.62 -21.42 38.15
C ASN F 530 10.46 -22.08 37.03
N LYS F 531 10.99 -21.29 36.09
CA LYS F 531 11.73 -21.77 34.91
C LYS F 531 13.00 -22.52 35.29
N LYS F 532 13.33 -23.57 34.54
CA LYS F 532 14.35 -24.57 34.87
C LYS F 532 15.66 -24.28 34.15
N PHE F 533 16.29 -23.13 34.41
CA PHE F 533 17.58 -22.81 33.81
C PHE F 533 18.59 -23.94 34.04
N LEU F 534 19.26 -24.36 32.98
CA LEU F 534 20.37 -25.29 33.07
C LEU F 534 21.60 -24.57 33.69
N PRO F 535 22.49 -25.25 34.42
CA PRO F 535 23.50 -24.58 35.24
C PRO F 535 24.47 -23.62 34.54
N PHE F 536 24.66 -23.76 33.22
CA PHE F 536 25.48 -22.85 32.41
C PHE F 536 24.73 -21.61 31.87
N GLN F 537 23.39 -21.61 31.86
CA GLN F 537 22.57 -20.56 31.26
C GLN F 537 22.45 -19.33 32.16
N GLN F 538 22.60 -18.14 31.58
CA GLN F 538 22.67 -16.87 32.30
C GLN F 538 21.45 -15.97 32.08
N PHE F 539 20.82 -16.01 30.90
CA PHE F 539 19.67 -15.19 30.48
C PHE F 539 18.58 -16.03 29.86
N GLY F 540 17.33 -15.59 29.96
CA GLY F 540 16.21 -16.11 29.16
C GLY F 540 16.00 -15.23 27.94
N ARG F 541 15.29 -15.69 26.90
CA ARG F 541 15.08 -14.91 25.66
C ARG F 541 13.70 -15.01 25.04
N ASP F 542 13.22 -13.87 24.54
CA ASP F 542 12.02 -13.74 23.73
C ASP F 542 12.33 -13.49 22.25
N ILE F 543 11.27 -13.48 21.45
CA ILE F 543 11.27 -13.30 20.00
C ILE F 543 12.02 -12.04 19.55
N ALA F 544 11.93 -10.94 20.30
CA ALA F 544 12.60 -9.67 20.01
C ALA F 544 14.13 -9.65 20.27
N ASP F 545 14.73 -10.77 20.69
CA ASP F 545 16.11 -10.81 21.23
C ASP F 545 16.26 -9.92 22.48
N THR F 546 15.32 -10.04 23.43
CA THR F 546 15.36 -9.35 24.73
C THR F 546 15.07 -10.31 25.89
N THR F 547 15.46 -9.92 27.10
CA THR F 547 15.44 -10.81 28.28
C THR F 547 14.03 -11.06 28.81
N ASP F 548 13.51 -12.26 28.58
CA ASP F 548 12.27 -12.76 29.20
C ASP F 548 12.43 -13.13 30.70
N ALA F 549 13.67 -13.42 31.12
CA ALA F 549 14.09 -13.78 32.47
C ALA F 549 15.60 -13.59 32.63
N VAL F 550 16.14 -13.58 33.85
CA VAL F 550 17.58 -13.46 34.16
C VAL F 550 17.98 -14.24 35.41
N ARG F 551 19.26 -14.57 35.53
CA ARG F 551 19.84 -15.16 36.74
C ARG F 551 20.65 -14.11 37.50
N ASP F 552 20.35 -13.91 38.78
CA ASP F 552 21.00 -12.89 39.59
C ASP F 552 22.49 -13.22 39.84
N PRO F 553 23.46 -12.32 39.58
CA PRO F 553 24.89 -12.64 39.65
C PRO F 553 25.46 -12.90 41.05
N GLN F 554 24.70 -12.68 42.12
CA GLN F 554 25.10 -12.89 43.50
C GLN F 554 24.33 -14.03 44.16
N THR F 555 23.00 -14.01 44.13
CA THR F 555 22.15 -15.05 44.73
C THR F 555 21.79 -16.21 43.76
N LEU F 556 22.03 -16.05 42.45
CA LEU F 556 21.86 -17.09 41.42
C LEU F 556 20.44 -17.70 41.31
N GLU F 557 19.44 -17.02 41.85
CA GLU F 557 18.02 -17.32 41.62
C GLU F 557 17.55 -16.76 40.26
N ILE F 558 16.46 -17.31 39.74
CA ILE F 558 15.95 -16.96 38.40
C ILE F 558 14.72 -16.06 38.51
N LEU F 559 14.81 -14.89 37.89
CA LEU F 559 13.82 -13.83 37.92
C LEU F 559 13.16 -13.71 36.55
N ASP F 560 11.85 -13.79 36.47
CA ASP F 560 11.13 -13.33 35.28
C ASP F 560 11.25 -11.82 35.16
N ILE F 561 11.20 -11.32 33.93
CA ILE F 561 10.96 -9.90 33.67
C ILE F 561 9.60 -9.76 33.00
N THR F 562 8.70 -8.99 33.61
CA THR F 562 7.45 -8.53 32.99
C THR F 562 7.57 -7.03 32.76
N PRO F 563 7.24 -6.47 31.58
CA PRO F 563 7.33 -5.03 31.39
C PRO F 563 6.35 -4.31 32.32
N CYS F 564 6.74 -3.17 32.84
CA CYS F 564 5.90 -2.35 33.70
C CYS F 564 4.59 -1.99 32.98
N SER F 565 3.46 -1.98 33.69
CA SER F 565 2.15 -1.83 33.06
C SER F 565 2.03 -0.57 32.21
N PHE F 566 1.49 -0.69 31.00
CA PHE F 566 1.27 0.41 30.07
C PHE F 566 -0.01 0.17 29.26
N GLY F 567 -0.53 1.22 28.65
CA GLY F 567 -1.66 1.15 27.71
C GLY F 567 -2.05 2.52 27.17
N GLY F 568 -3.05 2.57 26.30
CA GLY F 568 -3.63 3.84 25.84
C GLY F 568 -4.44 4.56 26.92
N VAL F 569 -4.74 5.84 26.69
CA VAL F 569 -5.61 6.65 27.55
C VAL F 569 -6.62 7.30 26.63
N SER F 570 -7.71 6.59 26.42
CA SER F 570 -8.84 7.10 25.67
C SER F 570 -9.68 8.00 26.55
N VAL F 571 -10.15 9.13 26.03
CA VAL F 571 -11.09 10.03 26.70
C VAL F 571 -12.45 9.85 26.05
N ILE F 572 -13.45 9.51 26.85
CA ILE F 572 -14.83 9.32 26.44
C ILE F 572 -15.57 10.62 26.71
N THR F 573 -16.15 11.20 25.66
CA THR F 573 -16.72 12.53 25.75
C THR F 573 -18.06 12.60 25.03
N PRO F 574 -19.12 13.15 25.64
CA PRO F 574 -20.18 13.79 24.87
C PRO F 574 -19.55 15.00 24.16
N GLY F 575 -20.13 15.53 23.09
CA GLY F 575 -19.49 16.66 22.41
C GLY F 575 -19.34 17.88 23.32
N THR F 576 -18.35 18.75 23.09
CA THR F 576 -18.19 20.00 23.86
C THR F 576 -19.41 20.91 23.78
N ASN F 577 -20.17 20.84 22.68
CA ASN F 577 -21.43 21.54 22.50
C ASN F 577 -22.55 20.99 23.42
N THR F 578 -22.43 19.76 23.91
CA THR F 578 -23.33 19.11 24.89
C THR F 578 -22.83 19.27 26.32
N SER F 579 -21.57 18.95 26.63
CA SER F 579 -20.98 19.20 27.95
C SER F 579 -19.45 19.22 27.91
N ASN F 580 -18.81 19.87 28.89
CA ASN F 580 -17.36 19.84 29.12
C ASN F 580 -16.92 18.68 30.05
N GLN F 581 -17.83 17.82 30.50
CA GLN F 581 -17.52 16.65 31.32
C GLN F 581 -16.93 15.51 30.49
N VAL F 582 -15.98 14.75 31.04
CA VAL F 582 -15.35 13.60 30.36
C VAL F 582 -15.10 12.44 31.31
N ALA F 583 -15.11 11.23 30.76
CA ALA F 583 -14.61 10.02 31.41
C ALA F 583 -13.32 9.58 30.75
N VAL F 584 -12.49 8.81 31.44
CA VAL F 584 -11.19 8.38 30.94
C VAL F 584 -11.07 6.88 31.08
N LEU F 585 -10.63 6.21 30.01
CA LEU F 585 -10.35 4.79 30.00
C LEU F 585 -8.85 4.59 29.85
N TYR F 586 -8.25 4.00 30.88
CA TYR F 586 -6.87 3.53 30.86
C TYR F 586 -6.91 2.13 30.30
N GLN F 587 -6.54 1.94 29.04
CA GLN F 587 -6.77 0.69 28.32
C GLN F 587 -5.95 -0.46 28.88
N ASP F 588 -6.57 -1.63 29.02
CA ASP F 588 -5.99 -2.91 29.48
C ASP F 588 -5.38 -2.93 30.90
N VAL F 589 -5.24 -1.82 31.62
CA VAL F 589 -4.73 -1.82 33.01
C VAL F 589 -5.73 -2.38 34.02
N ASN F 590 -5.24 -2.65 35.23
CA ASN F 590 -6.03 -2.94 36.42
C ASN F 590 -6.12 -1.66 37.26
N CYS F 591 -7.29 -1.28 37.77
CA CYS F 591 -7.49 0.01 38.44
C CYS F 591 -6.61 0.27 39.67
N THR F 592 -6.02 -0.76 40.26
CA THR F 592 -5.07 -0.62 41.37
C THR F 592 -3.73 -0.01 40.91
N GLU F 593 -3.35 -0.11 39.63
CA GLU F 593 -2.11 0.44 39.07
C GLU F 593 -2.16 1.93 38.77
N VAL F 594 -3.35 2.49 38.54
CA VAL F 594 -3.58 3.88 38.07
C VAL F 594 -3.29 4.88 39.19
N ASN F 615 -15.30 6.93 42.08
CA ASN F 615 -16.10 6.73 40.86
C ASN F 615 -15.33 6.02 39.74
N VAL F 616 -14.64 4.95 40.11
CA VAL F 616 -13.74 4.11 39.30
C VAL F 616 -14.33 2.71 39.12
N PHE F 617 -14.35 2.23 37.88
CA PHE F 617 -15.00 0.99 37.49
C PHE F 617 -14.07 0.18 36.57
N GLN F 618 -13.80 -1.09 36.90
CA GLN F 618 -13.01 -1.96 36.03
C GLN F 618 -13.90 -2.61 34.97
N THR F 619 -13.45 -2.61 33.71
CA THR F 619 -14.04 -3.36 32.60
C THR F 619 -12.93 -4.15 31.90
N ARG F 620 -13.29 -5.16 31.10
CA ARG F 620 -12.33 -5.93 30.28
C ARG F 620 -11.54 -5.06 29.30
N ALA F 621 -12.09 -3.90 28.91
CA ALA F 621 -11.40 -2.91 28.08
C ALA F 621 -10.32 -2.11 28.83
N GLY F 622 -10.35 -2.05 30.16
CA GLY F 622 -9.46 -1.25 30.97
C GLY F 622 -10.13 -0.70 32.21
N CYS F 623 -9.44 0.17 32.93
CA CYS F 623 -10.03 0.88 34.05
C CYS F 623 -10.74 2.13 33.55
N LEU F 624 -12.04 2.27 33.81
CA LEU F 624 -12.86 3.38 33.37
C LEU F 624 -13.15 4.29 34.56
N ILE F 625 -12.79 5.56 34.44
CA ILE F 625 -12.76 6.54 35.52
C ILE F 625 -13.69 7.69 35.17
N GLY F 626 -14.53 8.12 36.10
CA GLY F 626 -15.45 9.25 35.89
C GLY F 626 -16.67 8.91 35.03
N ALA F 627 -17.00 7.63 34.86
CA ALA F 627 -18.27 7.18 34.29
C ALA F 627 -19.06 6.37 35.32
N GLU F 628 -20.32 6.70 35.53
CA GLU F 628 -21.24 6.07 36.46
C GLU F 628 -21.71 4.70 35.96
N HIS F 629 -21.27 3.59 36.56
CA HIS F 629 -21.76 2.27 36.17
C HIS F 629 -23.21 2.08 36.54
N VAL F 630 -24.04 1.61 35.60
CA VAL F 630 -25.47 1.36 35.79
C VAL F 630 -25.85 -0.06 35.37
N ASN F 631 -26.88 -0.62 36.00
CA ASN F 631 -27.39 -1.97 35.68
C ASN F 631 -28.49 -1.96 34.60
N ASN F 632 -28.99 -0.79 34.21
CA ASN F 632 -29.79 -0.62 33.00
C ASN F 632 -28.96 -1.00 31.75
N SER F 633 -29.62 -1.06 30.59
CA SER F 633 -28.97 -1.37 29.32
C SER F 633 -29.69 -0.67 28.17
N TYR F 634 -29.07 0.37 27.63
CA TYR F 634 -29.58 1.20 26.53
C TYR F 634 -28.99 0.74 25.19
N GLU F 635 -29.42 1.32 24.07
CA GLU F 635 -28.68 1.23 22.81
C GLU F 635 -27.23 1.71 23.00
N CYS F 636 -26.25 1.19 22.26
CA CYS F 636 -24.87 1.65 22.43
C CYS F 636 -24.71 3.09 21.91
N ASP F 637 -24.25 4.02 22.75
CA ASP F 637 -23.98 5.40 22.34
C ASP F 637 -22.50 5.59 21.95
N ILE F 638 -21.57 5.63 22.92
CA ILE F 638 -20.13 5.67 22.70
C ILE F 638 -19.56 4.28 23.05
N PRO F 639 -18.91 3.55 22.14
CA PRO F 639 -18.42 2.20 22.39
C PRO F 639 -17.15 2.19 23.20
N ILE F 640 -17.08 1.42 24.29
CA ILE F 640 -15.85 1.23 25.07
C ILE F 640 -15.18 -0.11 24.74
N GLY F 641 -15.94 -1.20 24.65
CA GLY F 641 -15.43 -2.52 24.31
C GLY F 641 -15.88 -3.60 25.26
N ALA F 642 -15.83 -4.86 24.82
CA ALA F 642 -16.24 -6.01 25.60
C ALA F 642 -17.68 -5.90 26.12
N GLY F 643 -18.57 -5.41 25.26
CA GLY F 643 -19.99 -5.20 25.53
C GLY F 643 -20.32 -3.92 26.28
N ILE F 644 -19.33 -3.19 26.80
CA ILE F 644 -19.58 -1.92 27.48
C ILE F 644 -19.69 -0.77 26.47
N CYS F 645 -20.69 0.08 26.66
CA CYS F 645 -20.83 1.38 26.03
C CYS F 645 -21.02 2.45 27.11
N ALA F 646 -20.91 3.71 26.74
CA ALA F 646 -21.08 4.87 27.61
C ALA F 646 -21.86 5.98 26.91
N SER F 647 -22.56 6.81 27.66
CA SER F 647 -23.43 7.87 27.14
C SER F 647 -23.57 8.98 28.16
N TYR F 648 -23.99 10.17 27.74
CA TYR F 648 -24.39 11.24 28.67
C TYR F 648 -25.91 11.21 28.86
N GLN F 649 -26.37 10.82 30.05
CA GLN F 649 -27.79 10.58 30.39
C GLN F 649 -28.09 10.91 31.85
N THR F 650 -29.39 11.07 32.18
CA THR F 650 -29.87 11.17 33.57
C THR F 650 -29.49 9.93 34.37
N SER F 663 -28.94 17.27 35.98
CA SER F 663 -28.44 16.09 36.69
C SER F 663 -27.76 15.05 35.78
N GLN F 664 -27.71 15.29 34.47
CA GLN F 664 -27.08 14.36 33.52
C GLN F 664 -25.58 14.15 33.80
N SER F 665 -25.14 12.90 33.73
CA SER F 665 -23.79 12.40 34.00
C SER F 665 -23.36 11.46 32.87
N ILE F 666 -22.06 11.16 32.74
CA ILE F 666 -21.64 10.08 31.85
C ILE F 666 -21.92 8.76 32.56
N ILE F 667 -22.77 7.91 31.98
CA ILE F 667 -23.00 6.55 32.45
C ILE F 667 -22.20 5.54 31.62
N ALA F 668 -21.96 4.35 32.16
CA ALA F 668 -21.37 3.22 31.45
C ALA F 668 -22.16 1.96 31.74
N TYR F 669 -22.50 1.19 30.72
CA TYR F 669 -23.49 0.13 30.78
C TYR F 669 -23.18 -0.98 29.79
N THR F 670 -23.67 -2.20 30.03
CA THR F 670 -23.61 -3.25 29.01
C THR F 670 -24.66 -2.97 27.95
N MET F 671 -24.25 -2.80 26.70
CA MET F 671 -25.16 -2.41 25.63
C MET F 671 -26.29 -3.41 25.40
N SER F 672 -27.46 -2.91 25.04
CA SER F 672 -28.63 -3.70 24.68
C SER F 672 -28.61 -3.96 23.18
N LEU F 673 -28.81 -5.22 22.80
CA LEU F 673 -28.80 -5.61 21.39
C LEU F 673 -30.12 -5.29 20.68
N GLY F 674 -31.23 -5.27 21.41
CA GLY F 674 -32.57 -4.86 20.95
C GLY F 674 -33.62 -5.29 21.96
N ALA F 675 -34.85 -4.83 21.83
CA ALA F 675 -35.93 -5.34 22.68
C ALA F 675 -36.12 -6.84 22.46
N GLU F 676 -36.38 -7.62 23.49
CA GLU F 676 -36.66 -9.04 23.34
C GLU F 676 -38.06 -9.30 22.82
N ASN F 677 -38.24 -10.37 22.04
CA ASN F 677 -39.51 -10.76 21.46
C ASN F 677 -39.66 -12.29 21.40
N SER F 678 -40.54 -12.87 22.19
CA SER F 678 -40.95 -14.26 22.00
C SER F 678 -42.05 -14.32 20.93
N VAL F 679 -41.71 -14.79 19.73
CA VAL F 679 -42.63 -14.80 18.57
C VAL F 679 -43.74 -15.82 18.83
N ALA F 680 -44.99 -15.47 18.57
CA ALA F 680 -46.17 -16.22 19.01
C ALA F 680 -46.44 -17.53 18.23
N TYR F 681 -45.39 -18.27 17.86
CA TYR F 681 -45.42 -19.46 17.03
C TYR F 681 -46.27 -20.57 17.64
N SER F 682 -47.04 -21.24 16.79
CA SER F 682 -47.60 -22.56 17.05
C SER F 682 -47.78 -23.27 15.72
N ASN F 683 -47.96 -24.59 15.72
CA ASN F 683 -48.11 -25.36 14.50
C ASN F 683 -49.32 -24.99 13.63
N ASN F 684 -50.25 -24.14 14.07
CA ASN F 684 -51.41 -23.71 13.29
C ASN F 684 -51.78 -22.23 13.43
N SER F 685 -50.88 -21.36 13.88
CA SER F 685 -51.14 -19.93 13.99
C SER F 685 -50.31 -19.16 12.97
N ILE F 686 -50.93 -18.24 12.24
CA ILE F 686 -50.28 -17.35 11.26
C ILE F 686 -50.69 -15.90 11.49
N ALA F 687 -49.78 -14.97 11.25
CA ALA F 687 -50.06 -13.54 11.31
C ALA F 687 -50.11 -12.95 9.90
N ILE F 688 -51.24 -12.43 9.46
CA ILE F 688 -51.36 -11.75 8.16
C ILE F 688 -51.54 -10.25 8.37
N PRO F 689 -50.73 -9.37 7.74
CA PRO F 689 -50.83 -7.92 7.89
C PRO F 689 -52.07 -7.36 7.22
N THR F 690 -52.91 -6.59 7.94
CA THR F 690 -54.20 -6.08 7.41
C THR F 690 -54.06 -4.66 6.86
N ASN F 691 -52.89 -4.04 6.95
CA ASN F 691 -52.63 -2.68 6.40
C ASN F 691 -51.16 -2.64 6.02
N PHE F 692 -50.56 -1.47 5.83
CA PHE F 692 -49.12 -1.34 5.52
C PHE F 692 -48.66 0.11 5.66
N THR F 693 -47.36 0.38 5.48
CA THR F 693 -46.81 1.72 5.35
C THR F 693 -45.87 1.73 4.17
N ILE F 694 -46.02 2.68 3.24
CA ILE F 694 -44.95 3.03 2.32
C ILE F 694 -43.85 3.72 3.11
N SER F 695 -42.77 3.00 3.37
CA SER F 695 -41.57 3.57 3.94
C SER F 695 -40.75 4.19 2.83
N VAL F 696 -39.98 5.24 3.12
CA VAL F 696 -38.95 5.77 2.22
C VAL F 696 -37.69 5.91 3.05
N THR F 697 -36.71 5.05 2.85
CA THR F 697 -35.42 5.16 3.54
C THR F 697 -34.51 6.10 2.76
N THR F 698 -33.25 6.24 3.13
CA THR F 698 -32.28 7.11 2.46
C THR F 698 -30.91 6.50 2.64
N GLU F 699 -30.32 5.96 1.58
CA GLU F 699 -28.99 5.37 1.62
C GLU F 699 -27.96 6.27 0.97
N ILE F 700 -26.87 6.55 1.68
CA ILE F 700 -25.86 7.52 1.31
C ILE F 700 -24.54 6.79 1.02
N LEU F 701 -23.99 6.92 -0.19
CA LEU F 701 -22.81 6.18 -0.65
C LEU F 701 -21.73 7.09 -1.21
N PRO F 702 -20.48 7.00 -0.74
CA PRO F 702 -19.34 7.60 -1.42
C PRO F 702 -19.17 7.07 -2.84
N VAL F 703 -18.89 7.94 -3.79
CA VAL F 703 -18.75 7.59 -5.21
C VAL F 703 -17.42 8.05 -5.77
N SER F 704 -16.84 9.11 -5.26
CA SER F 704 -15.59 9.64 -5.72
C SER F 704 -14.89 10.33 -4.57
N MET F 705 -13.63 10.72 -4.77
CA MET F 705 -12.90 11.52 -3.81
C MET F 705 -12.13 12.61 -4.54
N THR F 706 -11.64 13.60 -3.81
CA THR F 706 -10.98 14.76 -4.43
C THR F 706 -9.78 14.30 -5.25
N LYS F 707 -9.73 14.71 -6.52
CA LYS F 707 -8.67 14.36 -7.49
C LYS F 707 -7.42 15.16 -7.18
N THR F 708 -6.70 14.79 -6.14
CA THR F 708 -5.44 15.43 -5.75
C THR F 708 -4.35 15.09 -6.74
N SER F 709 -3.32 15.93 -6.82
CA SER F 709 -2.10 15.64 -7.55
C SER F 709 -0.97 16.45 -6.94
N VAL F 710 0.16 15.80 -6.72
CA VAL F 710 1.33 16.41 -6.10
C VAL F 710 2.46 16.37 -7.11
N ASP F 711 3.03 17.53 -7.44
CA ASP F 711 4.22 17.64 -8.25
C ASP F 711 5.43 17.23 -7.41
N CYS F 712 5.92 16.00 -7.51
CA CYS F 712 6.97 15.52 -6.61
C CYS F 712 8.16 16.48 -6.54
N THR F 713 8.72 16.95 -7.66
CA THR F 713 9.93 17.77 -7.64
C THR F 713 9.70 19.07 -6.89
N MET F 714 8.50 19.66 -6.97
CA MET F 714 8.16 20.87 -6.20
C MET F 714 7.84 20.58 -4.73
N TYR F 715 7.22 19.46 -4.40
CA TYR F 715 7.02 19.06 -3.02
C TYR F 715 8.36 18.79 -2.32
N ILE F 716 9.19 17.91 -2.87
CA ILE F 716 10.47 17.53 -2.28
C ILE F 716 11.47 18.69 -2.31
N CYS F 717 11.74 19.27 -3.47
CA CYS F 717 12.81 20.25 -3.66
C CYS F 717 12.38 21.70 -3.81
N GLY F 718 11.20 21.99 -4.36
CA GLY F 718 10.64 23.34 -4.43
C GLY F 718 11.58 24.38 -5.07
N ASP F 719 11.76 24.30 -6.38
CA ASP F 719 12.61 25.18 -7.20
C ASP F 719 14.12 25.10 -6.95
N SER F 720 14.61 24.47 -5.88
CA SER F 720 16.03 24.22 -5.72
C SER F 720 16.53 23.23 -6.77
N THR F 721 17.41 23.71 -7.65
CA THR F 721 18.12 22.88 -8.62
C THR F 721 19.13 21.96 -7.95
N GLU F 722 19.73 22.39 -6.85
CA GLU F 722 20.74 21.67 -6.08
C GLU F 722 20.13 20.40 -5.50
N CYS F 723 18.94 20.53 -4.92
CA CYS F 723 18.13 19.40 -4.50
C CYS F 723 17.63 18.59 -5.70
N SER F 724 17.15 19.23 -6.77
CA SER F 724 16.59 18.48 -7.90
C SER F 724 17.62 17.58 -8.59
N ASN F 725 18.88 18.00 -8.70
CA ASN F 725 19.99 17.16 -9.14
C ASN F 725 20.21 15.95 -8.22
N LEU F 726 20.08 16.10 -6.90
CA LEU F 726 20.15 14.97 -5.96
C LEU F 726 18.97 14.03 -6.10
N LEU F 727 17.76 14.54 -6.29
CA LEU F 727 16.56 13.71 -6.39
C LEU F 727 16.59 12.82 -7.63
N LEU F 728 17.26 13.23 -8.71
CA LEU F 728 17.46 12.38 -9.89
C LEU F 728 18.28 11.12 -9.61
N GLN F 729 19.16 11.12 -8.60
CA GLN F 729 19.93 9.93 -8.21
C GLN F 729 19.05 8.80 -7.63
N TYR F 730 17.84 9.11 -7.19
CA TYR F 730 16.84 8.15 -6.72
C TYR F 730 16.00 7.56 -7.87
N GLY F 731 16.27 7.97 -9.11
CA GLY F 731 15.62 7.41 -10.29
C GLY F 731 14.13 7.69 -10.40
N SER F 732 13.41 6.73 -10.95
CA SER F 732 12.00 6.85 -11.34
C SER F 732 11.00 6.83 -10.19
N PHE F 733 11.35 7.22 -8.96
CA PHE F 733 10.36 7.31 -7.89
C PHE F 733 9.32 8.40 -8.15
N CYS F 734 9.70 9.54 -8.68
CA CYS F 734 8.74 10.61 -8.88
C CYS F 734 7.86 10.43 -10.11
N THR F 735 8.34 9.82 -11.18
CA THR F 735 7.48 9.47 -12.31
C THR F 735 6.46 8.42 -11.90
N GLN F 736 6.81 7.43 -11.06
CA GLN F 736 5.85 6.42 -10.58
C GLN F 736 4.92 6.90 -9.45
N LEU F 737 5.29 7.89 -8.62
CA LEU F 737 4.34 8.56 -7.70
C LEU F 737 3.33 9.40 -8.48
N ASN F 738 3.77 10.18 -9.46
CA ASN F 738 2.88 10.95 -10.33
C ASN F 738 1.96 10.06 -11.18
N ARG F 739 2.46 8.93 -11.69
CA ARG F 739 1.67 7.91 -12.39
C ARG F 739 0.60 7.31 -11.49
N ALA F 740 0.94 6.97 -10.25
CA ALA F 740 0.01 6.39 -9.28
C ALA F 740 -1.09 7.38 -8.90
N LEU F 741 -0.77 8.62 -8.56
CA LEU F 741 -1.78 9.65 -8.29
C LEU F 741 -2.63 9.99 -9.51
N THR F 742 -2.07 9.98 -10.71
CA THR F 742 -2.84 10.15 -11.96
C THR F 742 -3.85 9.02 -12.17
N GLY F 743 -3.49 7.76 -11.90
CA GLY F 743 -4.42 6.64 -11.97
C GLY F 743 -5.53 6.73 -10.94
N ILE F 744 -5.24 7.13 -9.71
CA ILE F 744 -6.26 7.43 -8.69
C ILE F 744 -7.18 8.55 -9.19
N ALA F 745 -6.63 9.63 -9.74
CA ALA F 745 -7.40 10.79 -10.18
C ALA F 745 -8.35 10.47 -11.34
N VAL F 746 -7.88 9.76 -12.35
CA VAL F 746 -8.67 9.29 -13.50
C VAL F 746 -9.79 8.35 -13.06
N GLU F 747 -9.56 7.52 -12.06
CA GLU F 747 -10.56 6.60 -11.55
C GLU F 747 -11.77 7.34 -10.98
N GLN F 748 -11.62 8.53 -10.40
CA GLN F 748 -12.74 9.26 -9.82
C GLN F 748 -13.73 9.73 -10.88
N ASP F 749 -13.23 10.05 -12.08
CA ASP F 749 -14.08 10.34 -13.23
C ASP F 749 -14.77 9.06 -13.70
N LYS F 750 -14.06 7.93 -13.74
CA LYS F 750 -14.62 6.62 -14.09
C LYS F 750 -15.71 6.19 -13.12
N ASN F 751 -15.49 6.31 -11.82
CA ASN F 751 -16.46 5.99 -10.77
C ASN F 751 -17.74 6.80 -10.94
N THR F 752 -17.62 8.10 -11.14
CA THR F 752 -18.75 9.01 -11.36
C THR F 752 -19.50 8.66 -12.64
N GLN F 753 -18.80 8.41 -13.74
CA GLN F 753 -19.40 8.00 -15.01
C GLN F 753 -20.15 6.67 -14.85
N GLU F 754 -19.58 5.67 -14.20
CA GLU F 754 -20.21 4.37 -13.97
C GLU F 754 -21.44 4.42 -13.08
N VAL F 755 -21.47 5.26 -12.06
CA VAL F 755 -22.68 5.44 -11.24
C VAL F 755 -23.76 6.15 -12.02
N PHE F 756 -23.49 7.33 -12.56
CA PHE F 756 -24.54 8.23 -13.03
C PHE F 756 -24.88 8.04 -14.51
N ALA F 757 -23.92 7.84 -15.40
CA ALA F 757 -24.14 7.82 -16.83
C ALA F 757 -24.72 6.50 -17.37
N GLN F 758 -25.50 5.80 -16.56
CA GLN F 758 -26.21 4.56 -16.90
C GLN F 758 -27.39 4.75 -17.85
N VAL F 759 -27.75 5.99 -18.13
CA VAL F 759 -28.89 6.37 -18.97
C VAL F 759 -28.39 6.91 -20.31
N LYS F 760 -28.92 6.39 -21.41
CA LYS F 760 -28.42 6.73 -22.77
C LYS F 760 -28.83 8.14 -23.21
N GLN F 761 -29.97 8.61 -22.74
CA GLN F 761 -30.65 9.84 -23.18
C GLN F 761 -31.05 10.66 -21.96
N ILE F 762 -30.99 11.98 -22.07
CA ILE F 762 -31.42 12.87 -20.99
C ILE F 762 -32.94 12.97 -21.05
N TYR F 763 -33.60 12.00 -20.43
CA TYR F 763 -35.04 12.01 -20.28
C TYR F 763 -35.51 13.24 -19.50
N LYS F 764 -36.72 13.72 -19.78
CA LYS F 764 -37.35 14.80 -19.00
C LYS F 764 -38.86 14.61 -18.83
N THR F 765 -39.42 15.11 -17.74
CA THR F 765 -40.84 15.00 -17.41
C THR F 765 -41.66 15.99 -18.24
N PRO F 766 -42.90 15.63 -18.63
CA PRO F 766 -43.83 16.60 -19.20
C PRO F 766 -44.15 17.71 -18.18
N PRO F 767 -44.71 18.84 -18.64
CA PRO F 767 -44.97 19.96 -17.74
C PRO F 767 -46.08 19.64 -16.73
N ILE F 768 -47.10 18.89 -17.15
CA ILE F 768 -48.22 18.40 -16.33
C ILE F 768 -47.76 17.24 -15.42
N LYS F 769 -48.01 17.34 -14.11
CA LYS F 769 -47.60 16.34 -13.11
C LYS F 769 -48.77 15.40 -12.73
N ASP F 770 -49.40 14.79 -13.73
CA ASP F 770 -50.52 13.84 -13.54
C ASP F 770 -50.03 12.45 -13.09
N PHE F 771 -49.33 12.38 -11.97
CA PHE F 771 -48.74 11.17 -11.40
C PHE F 771 -49.63 10.45 -10.38
N GLY F 772 -50.94 10.61 -10.45
CA GLY F 772 -51.90 9.83 -9.66
C GLY F 772 -51.86 10.07 -8.15
N GLY F 773 -51.48 11.27 -7.72
CA GLY F 773 -51.43 11.71 -6.33
C GLY F 773 -50.03 11.73 -5.70
N PHE F 774 -49.10 10.99 -6.31
CA PHE F 774 -47.69 10.93 -5.84
C PHE F 774 -47.05 12.25 -6.21
N ASN F 775 -46.35 12.91 -5.28
CA ASN F 775 -45.78 14.27 -5.47
C ASN F 775 -44.25 14.17 -5.46
N PHE F 776 -43.59 14.42 -6.61
CA PHE F 776 -42.11 14.37 -6.73
C PHE F 776 -41.60 15.80 -6.85
N SER F 777 -42.29 16.78 -6.29
CA SER F 777 -41.83 18.17 -6.24
C SER F 777 -40.49 18.36 -5.52
N GLN F 778 -40.27 17.61 -4.44
CA GLN F 778 -39.06 17.73 -3.61
C GLN F 778 -37.83 17.00 -4.16
N ILE F 779 -37.99 16.12 -5.15
CA ILE F 779 -36.91 15.32 -5.75
C ILE F 779 -36.71 15.57 -7.26
N LEU F 780 -37.69 16.13 -7.96
CA LEU F 780 -37.53 16.66 -9.31
C LEU F 780 -36.69 17.94 -9.34
N PRO F 781 -36.09 18.30 -10.49
CA PRO F 781 -35.29 19.51 -10.62
C PRO F 781 -36.04 20.77 -10.22
N ASP F 782 -35.30 21.75 -9.71
CA ASP F 782 -35.81 23.09 -9.41
C ASP F 782 -35.24 24.12 -10.41
N PRO F 783 -36.07 24.68 -11.32
CA PRO F 783 -35.67 25.72 -12.27
C PRO F 783 -35.27 27.06 -11.63
N SER F 784 -35.50 27.25 -10.33
CA SER F 784 -35.19 28.48 -9.58
C SER F 784 -33.70 28.67 -9.28
N LYS F 785 -32.84 27.73 -9.70
CA LYS F 785 -31.44 27.61 -9.26
C LYS F 785 -30.46 27.69 -10.44
N PRO F 786 -29.23 28.21 -10.22
CA PRO F 786 -28.20 28.29 -11.27
C PRO F 786 -27.71 26.91 -11.75
N SER F 787 -27.58 25.94 -10.83
CA SER F 787 -27.56 24.50 -11.14
C SER F 787 -28.89 23.93 -10.71
N LYS F 788 -29.63 23.28 -11.61
CA LYS F 788 -31.03 22.88 -11.41
C LYS F 788 -31.18 21.60 -10.57
N ARG F 789 -30.48 21.52 -9.44
CA ARG F 789 -30.61 20.45 -8.45
C ARG F 789 -32.05 20.38 -7.95
N SER F 790 -32.51 19.24 -7.47
CA SER F 790 -33.80 19.15 -6.79
C SER F 790 -33.75 19.88 -5.45
N PHE F 791 -34.90 20.08 -4.81
CA PHE F 791 -34.92 20.66 -3.46
C PHE F 791 -34.15 19.79 -2.45
N ILE F 792 -34.28 18.46 -2.49
CA ILE F 792 -33.48 17.58 -1.63
C ILE F 792 -32.01 17.58 -2.03
N GLU F 793 -31.64 17.63 -3.31
CA GLU F 793 -30.23 17.73 -3.71
C GLU F 793 -29.58 19.01 -3.17
N ASP F 794 -30.29 20.14 -3.08
CA ASP F 794 -29.78 21.33 -2.41
C ASP F 794 -29.51 21.13 -0.91
N LEU F 795 -30.39 20.45 -0.17
CA LEU F 795 -30.11 20.09 1.22
C LEU F 795 -28.85 19.22 1.32
N LEU F 796 -28.72 18.19 0.49
CA LEU F 796 -27.56 17.30 0.46
C LEU F 796 -26.27 18.03 0.08
N PHE F 797 -26.35 19.10 -0.70
CA PHE F 797 -25.20 19.94 -1.02
C PHE F 797 -24.80 20.89 0.11
N ASN F 798 -25.73 21.34 0.96
CA ASN F 798 -25.41 22.20 2.10
C ASN F 798 -24.79 21.42 3.28
N LYS F 799 -25.25 20.20 3.54
CA LYS F 799 -24.86 19.40 4.71
C LYS F 799 -23.44 18.83 4.69
N VAL F 800 -22.74 18.84 3.57
CA VAL F 800 -21.34 18.39 3.44
C VAL F 800 -20.44 19.61 3.25
N THR F 801 -19.37 19.75 4.05
CA THR F 801 -18.49 20.93 4.08
C THR F 801 -17.03 20.53 4.01
N LYS F 828 -0.90 25.31 0.88
CA LYS F 828 -1.70 25.31 -0.34
C LYS F 828 -0.82 25.07 -1.57
N PHE F 829 0.21 25.90 -1.74
CA PHE F 829 1.05 25.99 -2.93
C PHE F 829 2.26 25.04 -2.96
N ASN F 830 2.46 24.19 -1.96
CA ASN F 830 3.67 23.37 -1.78
C ASN F 830 3.75 22.16 -2.72
N GLY F 831 3.52 22.34 -4.02
CA GLY F 831 3.50 21.28 -5.04
C GLY F 831 2.17 20.53 -5.16
N LEU F 832 1.30 20.62 -4.15
CA LEU F 832 -0.05 20.09 -4.17
C LEU F 832 -0.95 20.87 -5.13
N THR F 833 -1.94 20.21 -5.72
CA THR F 833 -3.01 20.78 -6.55
C THR F 833 -4.27 19.91 -6.43
N VAL F 834 -5.45 20.46 -6.70
CA VAL F 834 -6.68 19.69 -6.90
C VAL F 834 -7.12 19.89 -8.33
N LEU F 835 -7.29 18.80 -9.06
CA LEU F 835 -7.86 18.77 -10.40
C LEU F 835 -9.40 18.75 -10.28
N PRO F 836 -10.15 19.34 -11.23
CA PRO F 836 -11.60 19.30 -11.18
C PRO F 836 -12.13 17.94 -11.65
N PRO F 837 -13.32 17.50 -11.22
CA PRO F 837 -13.96 16.32 -11.78
C PRO F 837 -14.30 16.51 -13.25
N LEU F 838 -14.50 15.43 -14.01
CA LEU F 838 -14.90 15.57 -15.41
C LEU F 838 -16.31 16.16 -15.53
N LEU F 839 -17.30 15.53 -14.92
CA LEU F 839 -18.66 16.04 -14.87
C LEU F 839 -18.76 17.13 -13.81
N THR F 840 -19.29 18.30 -14.13
CA THR F 840 -19.62 19.29 -13.10
C THR F 840 -20.79 18.80 -12.26
N ASP F 841 -21.02 19.34 -11.07
CA ASP F 841 -22.21 19.00 -10.29
C ASP F 841 -23.51 19.32 -11.02
N GLU F 842 -23.48 20.26 -11.96
CA GLU F 842 -24.63 20.58 -12.82
C GLU F 842 -24.90 19.49 -13.84
N MET F 843 -23.86 18.84 -14.38
CA MET F 843 -24.00 17.66 -15.23
C MET F 843 -24.46 16.42 -14.46
N ILE F 844 -23.93 16.21 -13.27
CA ILE F 844 -24.37 15.11 -12.42
C ILE F 844 -25.85 15.28 -12.03
N ALA F 845 -26.31 16.49 -11.73
CA ALA F 845 -27.72 16.77 -11.50
C ALA F 845 -28.55 16.66 -12.78
N GLN F 846 -28.00 16.81 -13.99
CA GLN F 846 -28.69 16.46 -15.23
C GLN F 846 -28.82 14.96 -15.40
N TYR F 847 -27.87 14.15 -14.95
CA TYR F 847 -28.03 12.70 -14.90
C TYR F 847 -29.05 12.26 -13.85
N THR F 848 -28.96 12.67 -12.59
CA THR F 848 -30.01 12.31 -11.63
C THR F 848 -31.37 12.86 -12.05
N SER F 849 -31.46 14.01 -12.71
CA SER F 849 -32.67 14.44 -13.40
C SER F 849 -33.18 13.43 -14.42
N ALA F 850 -32.35 12.95 -15.34
CA ALA F 850 -32.74 11.99 -16.38
C ALA F 850 -33.12 10.62 -15.83
N LEU F 851 -32.44 10.18 -14.78
CA LEU F 851 -32.77 8.96 -14.06
C LEU F 851 -34.11 9.09 -13.34
N LEU F 852 -34.42 10.22 -12.69
CA LEU F 852 -35.75 10.49 -12.13
C LEU F 852 -36.81 10.50 -13.22
N ALA F 853 -36.60 11.27 -14.28
CA ALA F 853 -37.59 11.46 -15.32
C ALA F 853 -37.96 10.18 -16.03
N GLY F 854 -36.99 9.33 -16.38
CA GLY F 854 -37.24 8.00 -16.92
C GLY F 854 -37.92 7.09 -15.90
N THR F 855 -37.45 7.04 -14.66
CA THR F 855 -38.04 6.16 -13.62
C THR F 855 -39.50 6.45 -13.39
N ILE F 856 -39.90 7.71 -13.28
CA ILE F 856 -41.30 8.11 -13.08
C ILE F 856 -42.12 7.83 -14.33
N THR F 857 -41.71 8.31 -15.49
CA THR F 857 -42.54 8.27 -16.70
C THR F 857 -42.62 6.89 -17.36
N SER F 858 -41.66 5.99 -17.12
CA SER F 858 -41.51 4.76 -17.91
C SER F 858 -41.24 3.50 -17.12
N GLY F 859 -41.14 3.57 -15.80
CA GLY F 859 -40.84 2.40 -14.97
C GLY F 859 -39.41 1.92 -15.14
N TRP F 860 -39.20 0.61 -15.12
CA TRP F 860 -37.91 0.00 -15.39
C TRP F 860 -37.54 -0.03 -16.87
N THR F 861 -38.48 0.27 -17.76
CA THR F 861 -38.34 -0.03 -19.19
C THR F 861 -37.26 0.78 -19.87
N PHE F 862 -36.91 1.97 -19.39
CA PHE F 862 -35.78 2.74 -19.90
C PHE F 862 -34.39 2.15 -19.60
N GLY F 863 -34.32 1.13 -18.73
CA GLY F 863 -33.09 0.37 -18.49
C GLY F 863 -32.95 -0.81 -19.47
N ALA F 864 -34.07 -1.46 -19.79
CA ALA F 864 -34.14 -2.52 -20.79
C ALA F 864 -34.00 -2.05 -22.24
N GLY F 865 -34.36 -0.82 -22.58
CA GLY F 865 -34.36 -0.31 -23.94
C GLY F 865 -34.86 1.12 -24.07
N ALA F 866 -35.69 1.40 -25.08
CA ALA F 866 -36.40 2.66 -25.20
C ALA F 866 -37.41 2.83 -24.07
N ALA F 867 -37.52 4.02 -23.49
CA ALA F 867 -38.43 4.33 -22.39
C ALA F 867 -39.89 4.25 -22.84
N LEU F 868 -40.57 3.18 -22.43
CA LEU F 868 -41.97 2.91 -22.71
C LEU F 868 -42.82 3.65 -21.68
N GLN F 869 -43.56 4.71 -22.04
CA GLN F 869 -44.35 5.40 -21.01
C GLN F 869 -45.42 4.48 -20.42
N ILE F 870 -45.78 4.70 -19.15
CA ILE F 870 -46.86 4.01 -18.45
C ILE F 870 -47.41 4.97 -17.38
N PRO F 871 -48.72 5.00 -17.07
CA PRO F 871 -49.23 5.90 -16.04
C PRO F 871 -48.63 5.56 -14.67
N PHE F 872 -48.25 6.52 -13.84
CA PHE F 872 -47.51 6.18 -12.61
C PHE F 872 -48.34 5.36 -11.62
N ALA F 873 -49.64 5.61 -11.54
CA ALA F 873 -50.56 4.76 -10.80
C ALA F 873 -50.53 3.30 -11.24
N MET F 874 -50.31 3.02 -12.54
CA MET F 874 -50.17 1.67 -13.06
C MET F 874 -48.77 1.12 -12.87
N GLN F 875 -47.73 1.92 -13.04
CA GLN F 875 -46.38 1.49 -12.71
C GLN F 875 -46.30 1.07 -11.26
N MET F 876 -46.86 1.81 -10.31
CA MET F 876 -46.83 1.39 -8.92
C MET F 876 -47.65 0.12 -8.68
N ALA F 877 -48.71 -0.14 -9.43
CA ALA F 877 -49.41 -1.41 -9.37
C ALA F 877 -48.60 -2.60 -9.95
N TYR F 878 -47.75 -2.41 -10.95
CA TYR F 878 -46.75 -3.41 -11.35
C TYR F 878 -45.77 -3.67 -10.23
N ARG F 879 -45.31 -2.63 -9.53
CA ARG F 879 -44.33 -2.73 -8.46
C ARG F 879 -44.89 -3.45 -7.23
N PHE F 880 -46.18 -3.32 -6.95
CA PHE F 880 -46.90 -4.16 -6.01
C PHE F 880 -46.93 -5.61 -6.45
N ASN F 881 -47.33 -5.92 -7.68
CA ASN F 881 -47.24 -7.28 -8.19
C ASN F 881 -45.83 -7.88 -8.07
N GLY F 882 -44.77 -7.10 -8.28
CA GLY F 882 -43.39 -7.54 -8.11
C GLY F 882 -42.96 -7.87 -6.68
N ILE F 883 -43.77 -7.55 -5.67
CA ILE F 883 -43.61 -7.98 -4.27
C ILE F 883 -44.71 -8.96 -3.83
N GLY F 884 -45.47 -9.55 -4.76
CA GLY F 884 -46.48 -10.55 -4.45
C GLY F 884 -47.70 -10.01 -3.73
N VAL F 885 -47.97 -8.71 -3.86
CA VAL F 885 -49.19 -8.04 -3.39
C VAL F 885 -50.05 -7.80 -4.61
N THR F 886 -51.31 -8.21 -4.64
CA THR F 886 -52.11 -8.12 -5.88
C THR F 886 -52.41 -6.67 -6.21
N GLN F 887 -52.49 -6.31 -7.48
CA GLN F 887 -52.52 -4.90 -7.88
C GLN F 887 -53.75 -4.12 -7.47
N ASN F 888 -54.89 -4.77 -7.26
CA ASN F 888 -56.06 -4.13 -6.68
C ASN F 888 -55.80 -3.57 -5.28
N VAL F 889 -54.86 -4.13 -4.51
CA VAL F 889 -54.45 -3.55 -3.23
C VAL F 889 -53.89 -2.16 -3.42
N LEU F 890 -53.23 -1.86 -4.54
CA LEU F 890 -52.89 -0.49 -4.85
C LEU F 890 -54.09 0.31 -5.30
N TYR F 891 -54.82 -0.10 -6.33
CA TYR F 891 -55.87 0.77 -6.88
C TYR F 891 -56.97 1.11 -5.88
N GLU F 892 -57.35 0.18 -5.02
CA GLU F 892 -58.35 0.40 -3.98
C GLU F 892 -57.82 1.22 -2.79
N ASN F 893 -56.49 1.34 -2.64
CA ASN F 893 -55.84 2.15 -1.61
C ASN F 893 -54.93 3.22 -2.22
N GLN F 894 -55.19 3.69 -3.45
CA GLN F 894 -54.23 4.49 -4.20
C GLN F 894 -53.97 5.82 -3.53
N LYS F 895 -55.04 6.47 -3.06
CA LYS F 895 -54.99 7.78 -2.39
C LYS F 895 -54.24 7.72 -1.06
N LEU F 896 -54.42 6.63 -0.31
CA LEU F 896 -53.66 6.35 0.91
C LEU F 896 -52.17 6.12 0.65
N ILE F 897 -51.81 5.29 -0.32
CA ILE F 897 -50.43 5.00 -0.72
C ILE F 897 -49.71 6.27 -1.20
N ALA F 898 -50.40 7.12 -1.95
CA ALA F 898 -49.90 8.41 -2.36
C ALA F 898 -49.65 9.33 -1.16
N ASN F 899 -50.61 9.45 -0.24
CA ASN F 899 -50.42 10.24 0.98
C ASN F 899 -49.27 9.72 1.85
N GLN F 900 -49.12 8.40 2.00
CA GLN F 900 -47.99 7.81 2.72
C GLN F 900 -46.64 8.10 2.05
N PHE F 901 -46.54 8.05 0.73
CA PHE F 901 -45.31 8.42 0.03
C PHE F 901 -45.00 9.91 0.17
N ASN F 902 -45.97 10.79 -0.05
CA ASN F 902 -45.80 12.24 0.07
C ASN F 902 -45.34 12.61 1.48
N SER F 903 -45.98 12.05 2.50
CA SER F 903 -45.59 12.23 3.90
C SER F 903 -44.19 11.67 4.16
N ALA F 904 -43.83 10.51 3.65
CA ALA F 904 -42.50 9.94 3.84
C ALA F 904 -41.39 10.77 3.18
N ILE F 905 -41.58 11.33 1.98
CA ILE F 905 -40.67 12.32 1.38
C ILE F 905 -40.62 13.63 2.18
N GLY F 906 -41.75 14.08 2.74
CA GLY F 906 -41.77 15.16 3.73
C GLY F 906 -40.81 14.89 4.89
N LYS F 907 -40.91 13.71 5.51
CA LYS F 907 -39.99 13.28 6.59
C LYS F 907 -38.53 13.19 6.13
N ILE F 908 -38.23 12.87 4.87
CA ILE F 908 -36.86 12.94 4.35
C ILE F 908 -36.35 14.38 4.37
N GLN F 909 -37.07 15.33 3.82
CA GLN F 909 -36.58 16.71 3.78
C GLN F 909 -36.53 17.34 5.18
N ASP F 910 -37.45 16.99 6.09
CA ASP F 910 -37.37 17.41 7.49
C ASP F 910 -36.18 16.80 8.24
N SER F 911 -35.90 15.51 8.06
CA SER F 911 -34.69 14.88 8.60
C SER F 911 -33.42 15.54 8.07
N LEU F 912 -33.31 15.73 6.75
CA LEU F 912 -32.16 16.36 6.12
C LEU F 912 -32.02 17.84 6.48
N SER F 913 -33.10 18.57 6.75
CA SER F 913 -33.02 19.97 7.19
C SER F 913 -32.52 20.06 8.64
N SER F 914 -33.07 19.24 9.54
CA SER F 914 -32.80 19.31 10.97
C SER F 914 -31.48 18.63 11.41
N THR F 915 -31.14 17.47 10.87
CA THR F 915 -30.06 16.61 11.40
C THR F 915 -28.72 16.91 10.74
N ALA F 916 -27.76 17.46 11.47
CA ALA F 916 -26.42 17.76 10.92
C ALA F 916 -25.62 16.51 10.52
N SER F 917 -25.70 15.44 11.31
CA SER F 917 -24.92 14.21 11.14
C SER F 917 -25.40 13.27 10.00
N ALA F 918 -26.48 13.59 9.29
CA ALA F 918 -27.11 12.71 8.31
C ALA F 918 -26.16 12.25 7.18
N LEU F 919 -25.35 13.16 6.65
CA LEU F 919 -24.40 12.95 5.53
C LEU F 919 -23.06 12.33 5.97
N GLY F 920 -22.96 11.81 7.20
CA GLY F 920 -21.70 11.43 7.83
C GLY F 920 -20.80 10.53 6.99
N LYS F 921 -21.37 9.64 6.16
CA LYS F 921 -20.59 8.74 5.29
C LYS F 921 -19.84 9.45 4.18
N LEU F 922 -20.37 10.55 3.63
CA LEU F 922 -19.69 11.43 2.67
C LEU F 922 -18.72 12.37 3.38
N GLN F 923 -19.10 12.94 4.52
CA GLN F 923 -18.20 13.81 5.26
C GLN F 923 -16.97 13.05 5.78
N ASP F 924 -17.09 11.79 6.14
CA ASP F 924 -15.98 10.95 6.57
C ASP F 924 -14.90 10.84 5.49
N VAL F 925 -15.28 10.66 4.24
CA VAL F 925 -14.35 10.65 3.09
C VAL F 925 -13.67 12.00 2.93
N VAL F 926 -14.42 13.11 2.91
CA VAL F 926 -13.85 14.46 2.82
C VAL F 926 -12.87 14.70 3.97
N ASN F 927 -13.21 14.34 5.20
CA ASN F 927 -12.33 14.47 6.35
C ASN F 927 -11.06 13.63 6.18
N GLN F 928 -11.13 12.39 5.71
CA GLN F 928 -9.95 11.55 5.46
C GLN F 928 -9.03 12.11 4.38
N ASN F 929 -9.54 12.65 3.28
CA ASN F 929 -8.68 13.27 2.27
C ASN F 929 -8.01 14.53 2.82
N ALA F 930 -8.75 15.42 3.48
CA ALA F 930 -8.20 16.64 4.03
C ALA F 930 -7.15 16.35 5.10
N GLN F 931 -7.39 15.37 5.98
CA GLN F 931 -6.42 14.93 6.99
C GLN F 931 -5.15 14.32 6.35
N ALA F 932 -5.26 13.58 5.24
CA ALA F 932 -4.09 13.07 4.53
C ALA F 932 -3.26 14.20 3.91
N LEU F 933 -3.89 15.20 3.29
CA LEU F 933 -3.20 16.36 2.72
C LEU F 933 -2.59 17.26 3.79
N ASN F 934 -3.30 17.56 4.87
CA ASN F 934 -2.77 18.32 6.00
C ASN F 934 -1.54 17.64 6.60
N THR F 935 -1.55 16.31 6.72
CA THR F 935 -0.41 15.54 7.24
C THR F 935 0.77 15.60 6.27
N LEU F 936 0.53 15.46 4.97
CA LEU F 936 1.55 15.60 3.92
C LEU F 936 2.19 16.99 3.90
N VAL F 937 1.42 18.06 4.09
CA VAL F 937 1.94 19.43 4.12
C VAL F 937 2.71 19.72 5.40
N LYS F 938 2.21 19.29 6.55
CA LYS F 938 2.91 19.49 7.83
C LYS F 938 4.24 18.75 7.87
N GLN F 939 4.39 17.63 7.18
CA GLN F 939 5.68 16.96 7.01
C GLN F 939 6.74 17.78 6.28
N LEU F 940 6.42 18.82 5.52
CA LEU F 940 7.47 19.67 4.93
C LEU F 940 8.25 20.44 5.99
N SER F 941 7.63 20.70 7.14
CA SER F 941 8.23 21.44 8.26
C SER F 941 9.14 20.59 9.16
N SER F 942 9.19 19.27 8.96
CA SER F 942 10.02 18.34 9.74
C SER F 942 11.49 18.38 9.34
N ASN F 943 12.42 18.20 10.29
CA ASN F 943 13.86 18.21 10.01
C ASN F 943 14.36 16.93 9.34
N PHE F 944 13.81 15.77 9.71
CA PHE F 944 14.28 14.42 9.37
C PHE F 944 15.75 14.13 9.72
N GLY F 945 16.40 14.98 10.50
CA GLY F 945 17.82 14.91 10.85
C GLY F 945 18.70 16.00 10.22
N ALA F 946 18.17 16.81 9.30
CA ALA F 946 18.89 17.95 8.74
C ALA F 946 18.95 19.12 9.71
N ILE F 947 19.90 20.04 9.54
CA ILE F 947 20.07 21.22 10.40
C ILE F 947 18.87 22.18 10.42
N SER F 948 18.12 22.24 9.33
CA SER F 948 16.91 23.05 9.19
C SER F 948 15.95 22.35 8.25
N SER F 949 14.65 22.40 8.54
CA SER F 949 13.62 21.90 7.64
C SER F 949 13.34 22.80 6.44
N VAL F 950 14.03 23.93 6.30
CA VAL F 950 13.88 24.86 5.17
C VAL F 950 15.04 24.67 4.21
N LEU F 951 14.77 24.32 2.96
CA LEU F 951 15.77 24.01 1.94
C LEU F 951 16.66 25.24 1.67
N ASN F 952 16.07 26.43 1.65
CA ASN F 952 16.78 27.69 1.48
C ASN F 952 17.72 28.03 2.66
N ASP F 953 17.46 27.57 3.89
CA ASP F 953 18.39 27.77 5.00
C ASP F 953 19.68 27.01 4.75
N ILE F 954 19.57 25.73 4.38
CA ILE F 954 20.73 24.91 4.07
C ILE F 954 21.56 25.56 2.95
N LEU F 955 20.93 25.94 1.84
CA LEU F 955 21.66 26.52 0.71
C LEU F 955 22.18 27.95 0.94
N SER F 956 21.63 28.71 1.90
CA SER F 956 22.23 29.98 2.32
C SER F 956 23.41 29.72 3.26
N ARG F 957 23.26 28.81 4.23
CA ARG F 957 24.27 28.54 5.26
C ARG F 957 25.47 27.75 4.77
N LEU F 958 25.26 26.75 3.93
CA LEU F 958 26.25 25.74 3.57
C LEU F 958 26.63 25.77 2.08
N ASP F 959 27.90 25.49 1.80
CA ASP F 959 28.43 25.17 0.46
C ASP F 959 28.14 23.72 0.02
N PRO F 960 28.18 23.39 -1.28
CA PRO F 960 27.67 22.11 -1.79
C PRO F 960 28.19 20.81 -1.14
N PRO F 961 29.46 20.65 -0.76
CA PRO F 961 29.96 19.38 -0.25
C PRO F 961 29.26 18.92 1.02
N GLU F 962 29.11 19.82 2.01
CA GLU F 962 28.30 19.59 3.20
C GLU F 962 26.80 19.81 2.97
N ALA F 963 26.36 20.78 2.16
CA ALA F 963 24.93 20.98 1.90
C ALA F 963 24.23 19.76 1.32
N GLU F 964 24.87 19.00 0.43
CA GLU F 964 24.27 17.78 -0.16
C GLU F 964 23.95 16.71 0.88
N VAL F 965 24.68 16.68 2.01
CA VAL F 965 24.45 15.75 3.12
C VAL F 965 23.19 16.11 3.89
N GLN F 966 22.94 17.40 4.12
CA GLN F 966 21.72 17.88 4.76
C GLN F 966 20.51 17.72 3.84
N ILE F 967 20.66 17.98 2.54
CA ILE F 967 19.58 17.87 1.57
C ILE F 967 19.19 16.42 1.34
N ASP F 968 20.10 15.45 1.28
CA ASP F 968 19.72 14.03 1.14
C ASP F 968 18.83 13.55 2.29
N ARG F 969 18.99 14.07 3.51
CA ARG F 969 18.13 13.76 4.66
C ARG F 969 16.71 14.26 4.44
N LEU F 970 16.55 15.48 3.95
CA LEU F 970 15.25 16.05 3.58
C LEU F 970 14.65 15.33 2.39
N ILE F 971 15.41 15.01 1.34
CA ILE F 971 14.91 14.23 0.21
C ILE F 971 14.38 12.90 0.70
N THR F 972 15.14 12.18 1.52
CA THR F 972 14.73 10.85 1.98
C THR F 972 13.49 10.91 2.86
N GLY F 973 13.42 11.86 3.79
CA GLY F 973 12.25 12.05 4.64
C GLY F 973 11.02 12.49 3.88
N ARG F 974 11.16 13.44 2.94
CA ARG F 974 10.04 13.93 2.12
C ARG F 974 9.58 12.91 1.10
N LEU F 975 10.48 12.13 0.51
CA LEU F 975 10.17 11.01 -0.36
C LEU F 975 9.46 9.88 0.40
N GLN F 976 9.92 9.49 1.58
CA GLN F 976 9.23 8.53 2.42
C GLN F 976 7.84 9.02 2.86
N SER F 977 7.70 10.32 3.13
CA SER F 977 6.44 11.01 3.41
C SER F 977 5.48 11.01 2.23
N LEU F 978 5.94 11.30 1.01
CA LEU F 978 5.14 11.20 -0.20
C LEU F 978 4.77 9.76 -0.54
N GLN F 979 5.67 8.79 -0.41
CA GLN F 979 5.35 7.36 -0.62
C GLN F 979 4.30 6.87 0.37
N THR F 980 4.32 7.35 1.60
CA THR F 980 3.32 7.01 2.63
C THR F 980 1.96 7.55 2.25
N TYR F 981 1.90 8.79 1.77
CA TYR F 981 0.67 9.42 1.30
C TYR F 981 0.10 8.73 0.06
N VAL F 982 0.91 8.46 -0.97
CA VAL F 982 0.43 7.77 -2.17
C VAL F 982 -0.04 6.36 -1.83
N THR F 983 0.66 5.62 -0.99
CA THR F 983 0.22 4.28 -0.58
C THR F 983 -1.13 4.30 0.09
N GLN F 984 -1.37 5.21 1.03
CA GLN F 984 -2.65 5.29 1.71
C GLN F 984 -3.75 5.87 0.82
N GLN F 985 -3.44 6.76 -0.13
CA GLN F 985 -4.39 7.14 -1.17
C GLN F 985 -4.75 5.99 -2.11
N LEU F 986 -3.83 5.09 -2.46
CA LEU F 986 -4.10 3.91 -3.28
C LEU F 986 -5.02 2.92 -2.57
N ILE F 987 -4.85 2.72 -1.27
CA ILE F 987 -5.71 1.84 -0.47
C ILE F 987 -7.10 2.47 -0.25
N ARG F 988 -7.17 3.79 -0.07
CA ARG F 988 -8.43 4.55 0.06
C ARG F 988 -9.18 4.67 -1.26
N ALA F 989 -8.50 4.81 -2.38
CA ALA F 989 -9.13 4.73 -3.70
C ALA F 989 -9.78 3.36 -3.94
N ALA F 990 -9.19 2.27 -3.47
CA ALA F 990 -9.81 0.95 -3.54
C ALA F 990 -11.10 0.85 -2.70
N GLU F 991 -11.17 1.49 -1.53
CA GLU F 991 -12.39 1.57 -0.73
C GLU F 991 -13.48 2.42 -1.41
N ILE F 992 -13.12 3.58 -1.96
CA ILE F 992 -14.04 4.41 -2.74
C ILE F 992 -14.50 3.66 -3.98
N ARG F 993 -13.63 2.96 -4.72
CA ARG F 993 -14.01 2.20 -5.90
C ARG F 993 -14.93 1.04 -5.57
N ALA F 994 -14.73 0.33 -4.46
CA ALA F 994 -15.68 -0.67 -4.01
C ALA F 994 -17.06 -0.06 -3.72
N SER F 995 -17.10 1.13 -3.14
CA SER F 995 -18.33 1.89 -2.88
C SER F 995 -18.96 2.49 -4.14
N ALA F 996 -18.18 2.92 -5.12
CA ALA F 996 -18.65 3.32 -6.45
C ALA F 996 -19.22 2.16 -7.25
N ASN F 997 -18.62 0.97 -7.19
CA ASN F 997 -19.19 -0.25 -7.76
C ASN F 997 -20.51 -0.62 -7.08
N LEU F 998 -20.61 -0.52 -5.75
CA LEU F 998 -21.87 -0.74 -5.04
C LEU F 998 -22.94 0.28 -5.44
N ALA F 999 -22.63 1.57 -5.47
CA ALA F 999 -23.53 2.61 -5.93
C ALA F 999 -23.98 2.40 -7.37
N ALA F 1000 -23.07 2.06 -8.28
CA ALA F 1000 -23.40 1.75 -9.65
C ALA F 1000 -24.33 0.55 -9.76
N THR F 1001 -24.22 -0.42 -8.87
CA THR F 1001 -25.10 -1.58 -8.81
C THR F 1001 -26.46 -1.25 -8.22
N LYS F 1002 -26.55 -0.43 -7.17
CA LYS F 1002 -27.82 0.08 -6.64
C LYS F 1002 -28.55 0.93 -7.67
N MET F 1003 -27.82 1.69 -8.47
CA MET F 1003 -28.38 2.41 -9.60
C MET F 1003 -29.07 1.46 -10.56
N SER F 1004 -28.35 0.49 -11.10
CA SER F 1004 -28.92 -0.50 -12.01
C SER F 1004 -30.08 -1.27 -11.40
N GLU F 1005 -29.93 -1.85 -10.21
CA GLU F 1005 -30.90 -2.79 -9.68
C GLU F 1005 -32.05 -2.12 -8.93
N CYS F 1006 -31.80 -1.10 -8.13
CA CYS F 1006 -32.82 -0.39 -7.38
C CYS F 1006 -33.53 0.68 -8.19
N VAL F 1007 -32.82 1.45 -9.02
CA VAL F 1007 -33.42 2.59 -9.76
C VAL F 1007 -33.94 2.17 -11.12
N LEU F 1008 -33.10 1.58 -11.98
CA LEU F 1008 -33.51 1.15 -13.31
C LEU F 1008 -34.38 -0.13 -13.25
N GLY F 1009 -34.46 -0.79 -12.11
CA GLY F 1009 -35.25 -1.99 -11.88
C GLY F 1009 -36.14 -1.94 -10.66
N GLN F 1010 -36.59 -3.11 -10.23
CA GLN F 1010 -37.11 -3.37 -8.89
C GLN F 1010 -36.36 -4.57 -8.35
N SER F 1011 -35.92 -4.53 -7.11
CA SER F 1011 -35.00 -5.54 -6.58
C SER F 1011 -35.69 -6.57 -5.69
N LYS F 1012 -35.47 -7.85 -5.97
CA LYS F 1012 -35.87 -8.98 -5.12
C LYS F 1012 -34.84 -9.30 -4.03
N ARG F 1013 -33.64 -8.72 -4.11
CA ARG F 1013 -32.56 -8.95 -3.14
C ARG F 1013 -32.90 -8.29 -1.82
N VAL F 1014 -33.13 -9.09 -0.78
CA VAL F 1014 -33.54 -8.61 0.55
C VAL F 1014 -32.51 -7.66 1.12
N ASP F 1015 -33.00 -6.56 1.70
CA ASP F 1015 -32.25 -5.43 2.26
C ASP F 1015 -31.16 -4.81 1.37
N PHE F 1016 -31.13 -5.12 0.07
CA PHE F 1016 -30.23 -4.47 -0.88
C PHE F 1016 -30.70 -3.06 -1.18
N CYS F 1017 -31.97 -2.88 -1.51
CA CYS F 1017 -32.58 -1.58 -1.74
C CYS F 1017 -33.45 -1.16 -0.54
N GLY F 1018 -32.82 -1.09 0.63
CA GLY F 1018 -33.45 -0.68 1.89
C GLY F 1018 -34.35 -1.75 2.54
N LYS F 1019 -34.65 -1.56 3.82
CA LYS F 1019 -35.47 -2.46 4.65
C LYS F 1019 -36.95 -2.41 4.28
N GLY F 1020 -37.63 -3.54 4.29
CA GLY F 1020 -38.97 -3.71 3.69
C GLY F 1020 -38.91 -4.34 2.31
N TYR F 1021 -40.04 -4.67 1.69
CA TYR F 1021 -40.06 -5.13 0.30
C TYR F 1021 -39.88 -3.94 -0.65
N HIS F 1022 -38.87 -3.94 -1.49
CA HIS F 1022 -38.55 -2.83 -2.39
C HIS F 1022 -39.64 -2.57 -3.40
N LEU F 1023 -40.04 -1.30 -3.54
CA LEU F 1023 -40.88 -0.82 -4.63
C LEU F 1023 -40.03 -0.10 -5.68
N MET F 1024 -39.32 0.96 -5.34
CA MET F 1024 -38.55 1.77 -6.30
C MET F 1024 -37.53 2.64 -5.59
N SER F 1025 -36.56 3.21 -6.27
CA SER F 1025 -35.58 4.10 -5.64
C SER F 1025 -35.29 5.28 -6.52
N PHE F 1026 -35.04 6.42 -5.91
CA PHE F 1026 -34.75 7.66 -6.62
C PHE F 1026 -33.35 8.15 -6.28
N PRO F 1027 -32.43 8.33 -7.22
CA PRO F 1027 -31.11 8.85 -6.94
C PRO F 1027 -31.15 10.36 -6.81
N GLN F 1028 -30.52 10.91 -5.80
CA GLN F 1028 -30.24 12.33 -5.64
C GLN F 1028 -28.72 12.45 -5.55
N SER F 1029 -28.11 13.38 -6.25
CA SER F 1029 -26.69 13.61 -6.18
C SER F 1029 -26.30 14.32 -4.88
N ALA F 1030 -25.08 14.10 -4.41
CA ALA F 1030 -24.53 14.75 -3.22
C ALA F 1030 -23.01 14.94 -3.41
N PRO F 1031 -22.34 15.81 -2.65
CA PRO F 1031 -20.94 16.09 -2.89
C PRO F 1031 -20.07 14.84 -2.77
N HIS F 1032 -19.48 14.41 -3.88
CA HIS F 1032 -18.67 13.18 -4.00
C HIS F 1032 -19.42 11.88 -3.68
N GLY F 1033 -20.72 11.83 -3.89
CA GLY F 1033 -21.56 10.68 -3.56
C GLY F 1033 -22.89 10.67 -4.27
N VAL F 1034 -23.69 9.65 -3.98
CA VAL F 1034 -25.08 9.51 -4.42
C VAL F 1034 -25.92 9.14 -3.23
N VAL F 1035 -27.17 9.56 -3.22
CA VAL F 1035 -28.15 9.25 -2.19
C VAL F 1035 -29.34 8.57 -2.84
N PHE F 1036 -29.74 7.40 -2.36
CA PHE F 1036 -30.89 6.69 -2.89
C PHE F 1036 -32.05 6.81 -1.93
N LEU F 1037 -33.19 7.33 -2.37
CA LEU F 1037 -34.40 7.38 -1.57
C LEU F 1037 -35.17 6.09 -1.85
N HIS F 1038 -34.92 5.03 -1.09
CA HIS F 1038 -35.49 3.71 -1.36
C HIS F 1038 -36.92 3.62 -0.88
N VAL F 1039 -37.89 3.64 -1.77
CA VAL F 1039 -39.29 3.42 -1.44
C VAL F 1039 -39.54 1.93 -1.22
N THR F 1040 -40.08 1.54 -0.07
CA THR F 1040 -40.34 0.14 0.25
C THR F 1040 -41.71 -0.05 0.89
N TYR F 1041 -42.38 -1.14 0.57
CA TYR F 1041 -43.59 -1.58 1.22
C TYR F 1041 -43.21 -2.26 2.52
N VAL F 1042 -43.70 -1.76 3.64
CA VAL F 1042 -43.50 -2.38 4.94
C VAL F 1042 -44.87 -2.81 5.45
N PRO F 1043 -45.12 -4.10 5.73
CA PRO F 1043 -46.40 -4.55 6.22
C PRO F 1043 -46.66 -4.16 7.68
N ALA F 1044 -47.93 -4.05 8.06
CA ALA F 1044 -48.38 -3.58 9.37
C ALA F 1044 -49.74 -4.15 9.77
N GLN F 1045 -50.13 -3.96 11.03
CA GLN F 1045 -51.42 -4.34 11.58
C GLN F 1045 -51.77 -5.81 11.36
N GLU F 1046 -50.90 -6.70 11.81
CA GLU F 1046 -51.14 -8.14 11.85
C GLU F 1046 -52.43 -8.50 12.57
N LYS F 1047 -53.15 -9.50 12.08
CA LYS F 1047 -54.14 -10.25 12.86
C LYS F 1047 -53.62 -11.68 12.99
N ASN F 1048 -53.76 -12.30 14.15
CA ASN F 1048 -53.55 -13.74 14.30
C ASN F 1048 -54.73 -14.48 13.67
N PHE F 1049 -54.47 -15.54 12.92
CA PHE F 1049 -55.49 -16.46 12.39
C PHE F 1049 -55.08 -17.90 12.62
N THR F 1050 -56.06 -18.80 12.74
CA THR F 1050 -55.80 -20.24 12.59
C THR F 1050 -55.51 -20.52 11.12
N THR F 1051 -54.60 -21.43 10.79
CA THR F 1051 -54.17 -21.71 9.42
C THR F 1051 -54.04 -23.21 9.14
N ALA F 1052 -54.02 -23.62 7.88
CA ALA F 1052 -53.91 -25.01 7.47
C ALA F 1052 -53.03 -25.12 6.22
N PRO F 1053 -52.32 -26.24 6.02
CA PRO F 1053 -51.57 -26.48 4.81
C PRO F 1053 -52.46 -26.79 3.60
N ALA F 1054 -53.59 -27.43 3.83
CA ALA F 1054 -54.50 -27.92 2.82
C ALA F 1054 -55.91 -28.09 3.38
N ILE F 1055 -56.92 -28.18 2.52
CA ILE F 1055 -58.32 -28.36 2.89
C ILE F 1055 -58.84 -29.70 2.36
N CYS F 1056 -59.40 -30.57 3.20
CA CYS F 1056 -60.15 -31.74 2.73
C CYS F 1056 -61.49 -31.32 2.15
N HIS F 1057 -61.80 -31.76 0.94
CA HIS F 1057 -63.16 -31.73 0.39
C HIS F 1057 -63.69 -33.15 0.20
N ASP F 1058 -64.34 -33.51 -0.91
CA ASP F 1058 -64.79 -34.87 -1.21
C ASP F 1058 -63.60 -35.83 -1.45
N GLY F 1059 -62.91 -36.22 -0.38
CA GLY F 1059 -61.66 -36.97 -0.40
C GLY F 1059 -60.43 -36.17 -0.82
N LYS F 1060 -60.58 -35.20 -1.71
CA LYS F 1060 -59.52 -34.35 -2.29
C LYS F 1060 -58.80 -33.56 -1.22
N ALA F 1061 -57.49 -33.36 -1.35
CA ALA F 1061 -56.77 -32.33 -0.61
C ALA F 1061 -56.54 -31.14 -1.52
N HIS F 1062 -56.99 -29.95 -1.14
CA HIS F 1062 -56.84 -28.70 -1.89
C HIS F 1062 -55.78 -27.80 -1.28
N PHE F 1063 -54.91 -27.23 -2.09
CA PHE F 1063 -53.83 -26.31 -1.70
C PHE F 1063 -54.09 -24.95 -2.38
N PRO F 1064 -53.66 -23.81 -1.85
CA PRO F 1064 -53.95 -22.54 -2.48
C PRO F 1064 -53.08 -22.33 -3.73
N ARG F 1065 -53.62 -21.83 -4.84
CA ARG F 1065 -52.81 -21.50 -6.02
C ARG F 1065 -51.77 -20.42 -5.69
N GLU F 1066 -52.22 -19.40 -4.97
CA GLU F 1066 -51.39 -18.39 -4.31
C GLU F 1066 -52.07 -18.01 -2.99
N GLY F 1067 -51.29 -17.58 -2.00
CA GLY F 1067 -51.85 -17.27 -0.69
C GLY F 1067 -51.83 -18.44 0.28
N VAL F 1068 -52.62 -18.32 1.35
CA VAL F 1068 -52.70 -19.22 2.49
C VAL F 1068 -54.12 -19.37 2.94
N PHE F 1069 -54.47 -20.53 3.46
CA PHE F 1069 -55.71 -20.70 4.19
C PHE F 1069 -55.63 -20.06 5.57
N VAL F 1070 -56.65 -19.30 5.93
CA VAL F 1070 -56.78 -18.63 7.21
C VAL F 1070 -58.21 -18.76 7.69
N SER F 1071 -58.41 -18.69 8.99
CA SER F 1071 -59.71 -18.78 9.61
C SER F 1071 -59.88 -17.75 10.70
N ASN F 1072 -61.05 -17.12 10.72
CA ASN F 1072 -61.48 -16.15 11.72
C ASN F 1072 -62.24 -16.87 12.85
N GLY F 1073 -61.64 -17.92 13.42
CA GLY F 1073 -62.33 -18.83 14.31
C GLY F 1073 -63.27 -19.79 13.57
N THR F 1074 -64.40 -19.31 13.03
CA THR F 1074 -65.50 -20.21 12.63
C THR F 1074 -65.61 -20.49 11.13
N HIS F 1075 -65.05 -19.65 10.26
CA HIS F 1075 -65.09 -19.79 8.80
C HIS F 1075 -63.67 -19.83 8.23
N TRP F 1076 -63.51 -20.42 7.05
CA TRP F 1076 -62.24 -20.52 6.33
C TRP F 1076 -62.23 -19.70 5.04
N PHE F 1077 -61.10 -19.05 4.81
CA PHE F 1077 -60.81 -18.21 3.66
C PHE F 1077 -59.45 -18.53 3.10
N VAL F 1078 -59.19 -18.18 1.86
CA VAL F 1078 -57.82 -18.03 1.34
C VAL F 1078 -57.52 -16.56 1.19
N THR F 1079 -56.35 -16.13 1.65
CA THR F 1079 -55.86 -14.75 1.53
C THR F 1079 -54.50 -14.78 0.87
N GLN F 1080 -54.12 -13.73 0.17
CA GLN F 1080 -52.73 -13.52 -0.22
C GLN F 1080 -51.81 -13.40 1.00
N ARG F 1081 -50.51 -13.61 0.83
CA ARG F 1081 -49.57 -13.80 1.94
C ARG F 1081 -49.20 -12.49 2.64
N ASN F 1082 -49.07 -11.39 1.89
CA ASN F 1082 -48.51 -10.09 2.32
C ASN F 1082 -49.54 -8.98 2.58
N PHE F 1083 -50.83 -9.29 2.56
CA PHE F 1083 -51.92 -8.38 2.86
C PHE F 1083 -53.19 -9.19 3.13
N TYR F 1084 -54.00 -8.83 4.11
CA TYR F 1084 -55.20 -9.58 4.42
C TYR F 1084 -56.33 -9.23 3.46
N GLU F 1085 -56.62 -10.13 2.52
CA GLU F 1085 -57.72 -10.02 1.57
C GLU F 1085 -58.44 -11.37 1.49
N PRO F 1086 -59.36 -11.67 2.42
CA PRO F 1086 -59.99 -12.97 2.52
C PRO F 1086 -61.00 -13.21 1.41
N GLN F 1087 -60.78 -14.28 0.65
CA GLN F 1087 -61.67 -14.77 -0.38
C GLN F 1087 -62.30 -16.09 0.08
N ILE F 1088 -63.57 -16.32 -0.28
CA ILE F 1088 -64.21 -17.64 -0.18
C ILE F 1088 -63.34 -18.69 -0.89
N ILE F 1089 -63.15 -19.86 -0.29
CA ILE F 1089 -62.33 -20.93 -0.86
C ILE F 1089 -63.10 -21.61 -1.99
N THR F 1090 -62.48 -21.80 -3.14
CA THR F 1090 -63.10 -22.38 -4.34
C THR F 1090 -62.13 -23.21 -5.17
N THR F 1091 -62.65 -23.98 -6.11
CA THR F 1091 -61.88 -24.64 -7.18
C THR F 1091 -61.16 -23.66 -8.13
N ASP F 1092 -61.43 -22.35 -8.07
CA ASP F 1092 -60.67 -21.34 -8.85
C ASP F 1092 -59.41 -20.86 -8.13
N ASN F 1093 -59.45 -20.62 -6.81
CA ASN F 1093 -58.28 -20.15 -6.05
C ASN F 1093 -57.49 -21.28 -5.36
N THR F 1094 -57.91 -22.54 -5.49
CA THR F 1094 -57.21 -23.73 -4.97
C THR F 1094 -57.03 -24.84 -6.01
N PHE F 1095 -55.98 -25.66 -5.87
CA PHE F 1095 -55.69 -26.80 -6.74
C PHE F 1095 -55.64 -28.10 -5.94
N VAL F 1096 -56.08 -29.22 -6.52
CA VAL F 1096 -56.11 -30.53 -5.86
C VAL F 1096 -54.76 -31.24 -5.98
N SER F 1097 -54.34 -31.98 -4.96
CA SER F 1097 -53.29 -33.00 -5.15
C SER F 1097 -53.41 -34.15 -4.16
N GLY F 1098 -53.78 -35.32 -4.66
CA GLY F 1098 -53.99 -36.49 -3.83
C GLY F 1098 -55.21 -36.35 -2.95
N ASN F 1099 -55.13 -36.88 -1.74
CA ASN F 1099 -56.26 -37.07 -0.84
C ASN F 1099 -55.95 -36.77 0.62
N CYS F 1100 -56.98 -36.75 1.46
CA CYS F 1100 -56.93 -36.39 2.87
C CYS F 1100 -55.91 -37.16 3.75
N ASP F 1101 -55.50 -38.37 3.38
CA ASP F 1101 -54.66 -39.23 4.24
C ASP F 1101 -53.24 -38.71 4.46
N VAL F 1102 -52.64 -38.06 3.47
CA VAL F 1102 -51.17 -37.89 3.42
C VAL F 1102 -50.66 -36.70 4.22
N VAL F 1103 -51.36 -35.57 4.14
CA VAL F 1103 -50.90 -34.26 4.61
C VAL F 1103 -50.97 -34.14 6.13
N ILE F 1104 -49.87 -33.70 6.75
CA ILE F 1104 -49.83 -33.50 8.20
C ILE F 1104 -50.57 -32.22 8.56
N GLY F 1105 -51.78 -32.35 9.12
CA GLY F 1105 -52.57 -31.23 9.61
C GLY F 1105 -53.57 -30.61 8.64
N ILE F 1106 -53.95 -31.30 7.58
CA ILE F 1106 -55.10 -30.93 6.74
C ILE F 1106 -56.38 -30.75 7.57
N VAL F 1107 -57.25 -29.76 7.22
CA VAL F 1107 -58.47 -29.37 8.00
C VAL F 1107 -59.71 -29.44 7.07
N ASN F 1108 -60.72 -30.16 7.46
CA ASN F 1108 -61.94 -30.32 6.67
C ASN F 1108 -62.69 -29.00 6.56
N ASN F 1109 -63.16 -28.63 5.38
CA ASN F 1109 -64.02 -27.44 5.08
C ASN F 1109 -64.53 -27.59 3.64
N THR F 1110 -65.75 -27.09 3.32
CA THR F 1110 -66.21 -27.17 1.93
C THR F 1110 -65.36 -26.29 1.00
N VAL F 1111 -65.20 -26.71 -0.25
CA VAL F 1111 -64.60 -25.91 -1.32
C VAL F 1111 -65.66 -25.65 -2.38
N TYR F 1112 -66.05 -24.39 -2.56
CA TYR F 1112 -67.15 -24.00 -3.42
C TYR F 1112 -66.74 -24.13 -4.90
N ASP F 1113 -67.52 -24.83 -5.72
CA ASP F 1113 -67.24 -24.96 -7.15
C ASP F 1113 -68.11 -23.98 -7.92
N PRO F 1114 -67.55 -22.91 -8.53
CA PRO F 1114 -68.35 -21.80 -9.03
C PRO F 1114 -69.31 -22.17 -10.17
N LEU F 1115 -69.02 -23.24 -10.90
CA LEU F 1115 -69.88 -23.77 -11.97
C LEU F 1115 -71.21 -24.34 -11.45
N GLN F 1116 -71.23 -24.90 -10.25
CA GLN F 1116 -72.36 -25.67 -9.75
C GLN F 1116 -73.69 -24.90 -9.73
N PRO F 1117 -73.78 -23.68 -9.17
CA PRO F 1117 -75.00 -22.90 -9.25
C PRO F 1117 -75.40 -22.53 -10.70
N GLU F 1118 -74.44 -22.37 -11.62
CA GLU F 1118 -74.74 -22.02 -13.01
C GLU F 1118 -75.46 -23.14 -13.76
N LEU F 1119 -75.24 -24.40 -13.38
CA LEU F 1119 -76.02 -25.54 -13.85
C LEU F 1119 -77.33 -25.72 -13.05
N ASP F 1120 -77.30 -25.53 -11.73
CA ASP F 1120 -78.44 -25.76 -10.84
C ASP F 1120 -79.56 -24.72 -10.99
N SER F 1121 -79.21 -23.45 -11.23
CA SER F 1121 -80.14 -22.34 -11.47
C SER F 1121 -80.81 -22.44 -12.86
N ALA G 1 39.13 -46.93 8.28
CA ALA G 1 38.01 -47.16 9.21
C ALA G 1 37.12 -45.92 9.27
N TYR G 2 35.80 -46.06 9.24
CA TYR G 2 34.85 -44.93 9.33
C TYR G 2 33.55 -45.38 9.98
N THR G 3 32.80 -44.48 10.59
CA THR G 3 31.40 -44.73 10.97
C THR G 3 30.59 -43.47 10.74
N ASN G 4 29.27 -43.55 10.79
CA ASN G 4 28.40 -42.42 10.55
C ASN G 4 28.17 -41.62 11.83
N SER G 5 28.19 -40.29 11.73
CA SER G 5 27.82 -39.36 12.80
C SER G 5 26.36 -39.49 13.23
N PHE G 6 25.46 -39.97 12.37
CA PHE G 6 24.02 -39.86 12.56
C PHE G 6 23.65 -38.40 12.86
N THR G 7 22.86 -38.17 13.90
CA THR G 7 22.52 -36.84 14.42
C THR G 7 23.31 -36.47 15.68
N ARG G 8 24.37 -37.18 16.05
CA ARG G 8 25.24 -36.85 17.20
C ARG G 8 25.88 -35.48 17.06
N GLY G 9 26.28 -34.87 18.18
CA GLY G 9 27.23 -33.75 18.18
C GLY G 9 26.64 -32.36 17.95
N VAL G 10 25.34 -32.16 18.18
CA VAL G 10 24.77 -30.82 18.40
C VAL G 10 25.05 -30.36 19.84
N TYR G 11 25.16 -29.07 20.05
CA TYR G 11 25.53 -28.49 21.33
C TYR G 11 24.79 -27.17 21.54
N TYR G 12 24.63 -26.71 22.77
CA TYR G 12 23.93 -25.45 23.03
C TYR G 12 24.77 -24.28 22.48
N PRO G 13 24.32 -23.54 21.45
CA PRO G 13 25.15 -22.56 20.75
C PRO G 13 25.54 -21.34 21.58
N ASP G 14 24.75 -20.98 22.59
CA ASP G 14 24.91 -19.80 23.45
C ASP G 14 24.40 -20.03 24.88
N LYS G 15 24.80 -19.15 25.82
CA LYS G 15 24.54 -19.23 27.27
C LYS G 15 23.09 -18.85 27.68
N VAL G 16 22.11 -19.09 26.82
CA VAL G 16 20.74 -18.59 26.93
C VAL G 16 19.74 -19.74 27.14
N PHE G 17 18.82 -19.59 28.09
CA PHE G 17 17.61 -20.42 28.18
C PHE G 17 16.62 -19.99 27.09
N ARG G 18 16.01 -20.95 26.40
CA ARG G 18 14.84 -20.82 25.53
C ARG G 18 13.96 -22.03 25.78
N SER G 19 12.65 -21.94 25.61
CA SER G 19 11.79 -23.10 25.85
C SER G 19 10.56 -23.14 24.95
N SER G 20 10.08 -24.35 24.68
CA SER G 20 8.93 -24.62 23.82
C SER G 20 8.99 -23.87 22.47
N VAL G 21 10.17 -23.78 21.86
CA VAL G 21 10.44 -22.92 20.69
C VAL G 21 11.44 -23.57 19.73
N LEU G 22 11.42 -23.16 18.45
CA LEU G 22 12.40 -23.57 17.45
C LEU G 22 13.29 -22.40 17.06
N HIS G 23 14.60 -22.52 17.27
CA HIS G 23 15.56 -21.43 17.04
C HIS G 23 16.55 -21.84 15.96
N SER G 24 16.63 -21.09 14.86
CA SER G 24 17.54 -21.37 13.76
C SER G 24 18.85 -20.61 13.94
N THR G 25 19.85 -21.27 14.48
CA THR G 25 21.21 -20.75 14.61
C THR G 25 22.07 -21.12 13.41
N GLN G 26 23.10 -20.36 13.07
CA GLN G 26 24.19 -20.85 12.22
C GLN G 26 25.53 -20.79 12.95
N ASP G 27 26.23 -21.91 13.03
CA ASP G 27 27.46 -22.09 13.80
C ASP G 27 28.27 -23.28 13.28
N LEU G 28 29.52 -23.44 13.73
CA LEU G 28 30.34 -24.60 13.42
C LEU G 28 29.76 -25.86 14.08
N PHE G 29 29.04 -26.70 13.37
CA PHE G 29 28.47 -27.96 13.86
C PHE G 29 29.02 -29.17 13.09
N LEU G 30 28.94 -30.36 13.68
CA LEU G 30 29.19 -31.60 12.96
C LEU G 30 28.01 -31.85 12.00
N PRO G 31 28.22 -31.90 10.67
CA PRO G 31 27.11 -32.08 9.74
C PRO G 31 26.38 -33.40 9.97
N PHE G 32 25.06 -33.42 9.82
CA PHE G 32 24.30 -34.64 10.01
C PHE G 32 24.63 -35.70 8.96
N PHE G 33 24.63 -36.94 9.39
CA PHE G 33 24.93 -38.13 8.59
C PHE G 33 26.28 -38.08 7.84
N SER G 34 27.20 -37.20 8.24
CA SER G 34 28.58 -37.19 7.76
C SER G 34 29.35 -38.41 8.27
N ASN G 35 30.49 -38.75 7.66
CA ASN G 35 31.39 -39.76 8.23
C ASN G 35 32.19 -39.16 9.39
N VAL G 36 32.54 -40.00 10.37
CA VAL G 36 33.56 -39.73 11.39
C VAL G 36 34.62 -40.82 11.32
N THR G 37 35.89 -40.43 11.33
CA THR G 37 37.02 -41.37 11.35
C THR G 37 36.99 -42.14 12.65
N TRP G 38 37.35 -43.41 12.64
CA TRP G 38 37.27 -44.27 13.81
C TRP G 38 38.64 -44.89 14.09
N PHE G 39 39.11 -44.81 15.33
CA PHE G 39 40.41 -45.29 15.78
C PHE G 39 40.28 -46.16 17.03
N HIS G 40 41.35 -46.84 17.43
CA HIS G 40 41.43 -47.65 18.64
C HIS G 40 42.49 -47.18 19.62
N ALA G 41 42.24 -47.36 20.92
CA ALA G 41 43.28 -47.24 21.93
C ALA G 41 44.35 -48.33 21.74
N ILE G 42 43.94 -49.60 21.60
CA ILE G 42 44.80 -50.78 21.39
C ILE G 42 44.09 -51.83 20.52
N HIS G 43 44.85 -52.77 19.93
CA HIS G 43 44.36 -53.84 19.06
C HIS G 43 43.50 -53.34 17.88
N ASP G 54 47.73 -46.53 17.26
CA ASP G 54 46.65 -45.93 16.57
C ASP G 54 46.21 -44.62 17.27
N ASN G 55 47.15 -43.89 17.85
CA ASN G 55 46.99 -42.50 18.30
C ASN G 55 47.83 -41.47 17.51
N PRO G 56 47.82 -41.47 16.15
CA PRO G 56 48.56 -40.50 15.35
C PRO G 56 48.03 -39.08 15.55
N VAL G 57 48.82 -38.06 15.19
CA VAL G 57 48.29 -36.70 15.10
C VAL G 57 47.27 -36.57 13.98
N LEU G 58 46.16 -35.88 14.24
CA LEU G 58 45.06 -35.60 13.31
C LEU G 58 45.00 -34.09 13.02
N PRO G 59 44.55 -33.65 11.85
CA PRO G 59 44.15 -32.25 11.65
C PRO G 59 43.06 -31.82 12.61
N PHE G 60 42.97 -30.52 12.91
CA PHE G 60 41.90 -29.93 13.71
C PHE G 60 40.89 -29.16 12.85
N ASN G 61 41.31 -28.64 11.69
CA ASN G 61 40.48 -27.85 10.78
C ASN G 61 39.77 -26.71 11.53
N ASP G 62 38.51 -26.40 11.22
CA ASP G 62 37.73 -25.36 11.93
C ASP G 62 37.36 -25.77 13.37
N GLY G 63 37.43 -27.05 13.70
CA GLY G 63 37.12 -27.60 15.01
C GLY G 63 36.68 -29.07 14.93
N VAL G 64 36.60 -29.70 16.09
CA VAL G 64 36.51 -31.15 16.23
C VAL G 64 35.30 -31.53 17.06
N TYR G 65 34.62 -32.60 16.67
CA TYR G 65 33.82 -33.42 17.56
C TYR G 65 34.66 -34.66 17.88
N PHE G 66 34.80 -35.00 19.15
CA PHE G 66 35.50 -36.20 19.59
C PHE G 66 34.62 -36.99 20.53
N ALA G 67 34.54 -38.29 20.34
CA ALA G 67 33.73 -39.16 21.16
C ALA G 67 34.48 -40.44 21.48
N SER G 68 34.06 -41.18 22.51
CA SER G 68 34.66 -42.46 22.85
C SER G 68 33.66 -43.37 23.49
N THR G 69 33.57 -44.60 23.01
CA THR G 69 32.83 -45.67 23.65
C THR G 69 33.84 -46.63 24.25
N GLU G 70 33.83 -46.77 25.57
CA GLU G 70 34.98 -47.32 26.28
C GLU G 70 34.59 -48.04 27.58
N LYS G 71 35.54 -48.83 28.11
CA LYS G 71 35.39 -49.65 29.32
C LYS G 71 35.15 -48.75 30.54
N SER G 72 36.20 -48.09 31.01
CA SER G 72 36.20 -46.96 31.95
C SER G 72 37.57 -46.27 31.99
N ASN G 73 37.66 -45.02 31.55
CA ASN G 73 38.82 -44.14 31.68
C ASN G 73 40.11 -44.73 31.07
N ILE G 74 39.98 -45.37 29.91
CA ILE G 74 41.11 -45.76 29.06
C ILE G 74 41.55 -44.55 28.24
N ILE G 75 40.60 -43.85 27.61
CA ILE G 75 40.82 -42.54 27.00
C ILE G 75 40.87 -41.50 28.12
N ARG G 76 41.92 -40.67 28.16
CA ARG G 76 42.21 -39.81 29.32
C ARG G 76 42.55 -38.36 28.99
N GLY G 77 42.73 -37.98 27.74
CA GLY G 77 43.16 -36.61 27.45
C GLY G 77 43.50 -36.34 25.99
N TRP G 78 43.97 -35.13 25.73
CA TRP G 78 44.26 -34.63 24.39
C TRP G 78 45.40 -33.61 24.41
N ILE G 79 46.08 -33.47 23.28
CA ILE G 79 47.12 -32.47 23.02
C ILE G 79 46.71 -31.72 21.76
N PHE G 80 46.86 -30.40 21.71
CA PHE G 80 46.53 -29.58 20.55
C PHE G 80 47.63 -28.53 20.29
N GLY G 81 47.98 -28.33 19.03
CA GLY G 81 49.02 -27.37 18.64
C GLY G 81 49.24 -27.33 17.14
N THR G 82 50.47 -27.09 16.70
CA THR G 82 50.86 -27.17 15.28
C THR G 82 51.65 -28.43 14.95
N THR G 83 52.85 -28.58 15.53
CA THR G 83 53.79 -29.70 15.27
C THR G 83 54.30 -30.39 16.54
N LEU G 84 53.78 -30.01 17.71
CA LEU G 84 53.93 -30.69 19.01
C LEU G 84 55.39 -30.79 19.50
N ASP G 85 56.23 -29.84 19.09
CA ASP G 85 57.69 -29.91 19.14
C ASP G 85 58.35 -28.61 19.67
N SER G 86 57.73 -27.98 20.68
CA SER G 86 58.28 -26.87 21.48
C SER G 86 58.51 -25.52 20.76
N LYS G 87 58.26 -25.41 19.46
CA LYS G 87 58.41 -24.16 18.68
C LYS G 87 57.37 -23.07 19.01
N THR G 88 56.27 -23.44 19.67
CA THR G 88 55.18 -22.56 20.12
C THR G 88 54.39 -23.22 21.26
N GLN G 89 53.52 -22.48 21.96
CA GLN G 89 52.63 -23.04 22.98
C GLN G 89 51.74 -24.16 22.42
N SER G 90 51.36 -25.11 23.27
CA SER G 90 50.55 -26.28 22.90
C SER G 90 49.69 -26.75 24.07
N LEU G 91 48.38 -26.73 23.86
CA LEU G 91 47.37 -27.15 24.82
C LEU G 91 47.49 -28.65 25.15
N LEU G 92 47.34 -28.99 26.41
CA LEU G 92 47.26 -30.33 26.96
C LEU G 92 46.06 -30.37 27.91
N ILE G 93 45.19 -31.36 27.76
CA ILE G 93 44.02 -31.59 28.60
C ILE G 93 44.09 -33.03 29.09
N VAL G 94 43.93 -33.25 30.39
CA VAL G 94 44.12 -34.54 31.05
C VAL G 94 43.03 -34.76 32.08
N ASN G 95 42.54 -35.98 32.23
CA ASN G 95 41.81 -36.42 33.40
C ASN G 95 42.63 -37.48 34.15
N ASN G 96 42.88 -37.32 35.45
CA ASN G 96 43.45 -38.35 36.32
C ASN G 96 42.56 -38.65 37.55
N ALA G 97 42.12 -39.90 37.69
CA ALA G 97 41.02 -40.30 38.57
C ALA G 97 39.76 -39.41 38.39
N THR G 98 39.35 -38.66 39.41
CA THR G 98 38.23 -37.70 39.35
C THR G 98 38.56 -36.37 38.66
N ASN G 99 39.85 -36.05 38.48
CA ASN G 99 40.31 -34.66 38.33
C ASN G 99 40.70 -34.29 36.90
N VAL G 100 40.13 -33.20 36.39
CA VAL G 100 40.54 -32.53 35.16
C VAL G 100 41.76 -31.65 35.43
N VAL G 101 42.73 -31.64 34.53
CA VAL G 101 43.98 -30.88 34.58
C VAL G 101 44.26 -30.34 33.17
N ILE G 102 44.72 -29.10 33.05
CA ILE G 102 44.95 -28.42 31.78
C ILE G 102 46.24 -27.61 31.86
N LYS G 103 47.03 -27.59 30.79
CA LYS G 103 48.26 -26.81 30.62
C LYS G 103 48.40 -26.35 29.16
N VAL G 104 49.20 -25.33 28.84
CA VAL G 104 49.43 -24.88 27.43
C VAL G 104 50.89 -24.70 27.03
N CYS G 105 51.83 -25.21 27.83
CA CYS G 105 53.26 -24.96 27.73
C CYS G 105 53.84 -25.29 26.35
N GLU G 106 55.04 -24.75 26.04
CA GLU G 106 55.79 -25.06 24.81
C GLU G 106 56.48 -26.44 24.89
N PHE G 107 55.69 -27.48 25.13
CA PHE G 107 56.16 -28.84 25.32
C PHE G 107 56.91 -29.40 24.09
N GLN G 108 57.95 -30.18 24.35
CA GLN G 108 58.44 -31.20 23.41
C GLN G 108 57.81 -32.54 23.82
N PHE G 109 56.80 -33.01 23.10
CA PHE G 109 56.13 -34.28 23.41
C PHE G 109 56.97 -35.49 22.98
N CYS G 110 56.73 -36.63 23.63
CA CYS G 110 57.40 -37.90 23.35
C CYS G 110 57.16 -38.40 21.90
N ASN G 111 57.93 -39.41 21.48
CA ASN G 111 57.69 -40.10 20.20
C ASN G 111 56.27 -40.72 20.13
N ASP G 112 55.78 -41.22 21.26
CA ASP G 112 54.41 -41.75 21.41
C ASP G 112 53.89 -41.36 22.81
N PRO G 113 53.23 -40.20 22.98
CA PRO G 113 52.77 -39.71 24.27
C PRO G 113 51.69 -40.58 24.92
N PHE G 114 51.82 -40.85 26.22
CA PHE G 114 50.80 -41.53 27.03
C PHE G 114 50.92 -41.18 28.53
N LEU G 115 49.83 -41.38 29.26
CA LEU G 115 49.76 -41.28 30.72
C LEU G 115 49.98 -42.66 31.34
N GLY G 116 51.23 -42.96 31.71
CA GLY G 116 51.68 -44.30 32.09
C GLY G 116 51.11 -44.83 33.41
N VAL G 117 50.47 -45.99 33.34
CA VAL G 117 49.95 -46.75 34.50
C VAL G 117 51.01 -47.70 35.06
N ASN G 139 56.88 -23.10 28.13
CA ASN G 139 56.56 -21.80 28.72
C ASN G 139 55.05 -21.69 28.98
N CYS G 140 54.64 -22.09 30.18
CA CYS G 140 53.25 -22.32 30.58
C CYS G 140 52.46 -21.02 30.84
N THR G 141 51.92 -20.40 29.79
CA THR G 141 51.15 -19.14 29.86
C THR G 141 49.74 -19.30 30.45
N PHE G 142 49.19 -20.53 30.47
CA PHE G 142 47.93 -20.90 31.11
C PHE G 142 48.01 -22.32 31.68
N GLU G 143 47.48 -22.52 32.88
CA GLU G 143 47.31 -23.83 33.53
C GLU G 143 46.06 -23.80 34.42
N TYR G 144 45.39 -24.92 34.60
CA TYR G 144 44.08 -25.03 35.28
C TYR G 144 43.80 -26.45 35.80
N VAL G 145 42.91 -26.60 36.79
CA VAL G 145 42.49 -27.89 37.41
C VAL G 145 40.98 -27.86 37.74
N SER G 146 40.31 -29.02 37.85
CA SER G 146 38.95 -29.16 38.39
C SER G 146 38.68 -30.56 38.96
N PHE G 160 32.10 -50.83 30.48
CA PHE G 160 31.48 -51.30 29.23
C PHE G 160 30.13 -50.63 28.95
N LYS G 161 29.92 -49.45 29.53
CA LYS G 161 28.67 -48.69 29.48
C LYS G 161 28.85 -47.20 29.16
N ASN G 162 30.06 -46.73 28.90
CA ASN G 162 30.38 -45.30 28.83
C ASN G 162 30.53 -44.78 27.40
N LEU G 163 29.74 -43.79 27.00
CA LEU G 163 29.98 -42.92 25.84
C LEU G 163 30.37 -41.52 26.32
N ARG G 164 31.63 -41.13 26.09
CA ARG G 164 32.11 -39.74 26.22
C ARG G 164 31.82 -39.00 24.92
N GLU G 165 31.39 -37.75 24.98
CA GLU G 165 31.28 -36.88 23.80
C GLU G 165 31.80 -35.50 24.13
N PHE G 166 32.44 -34.86 23.15
CA PHE G 166 33.07 -33.57 23.29
C PHE G 166 33.01 -32.81 21.98
N VAL G 167 33.02 -31.50 22.06
CA VAL G 167 33.24 -30.62 20.92
C VAL G 167 34.28 -29.61 21.31
N PHE G 168 35.25 -29.38 20.43
CA PHE G 168 36.34 -28.44 20.63
C PHE G 168 36.28 -27.39 19.52
N LYS G 169 36.12 -26.11 19.88
CA LYS G 169 36.17 -24.98 18.93
C LYS G 169 37.31 -24.06 19.32
N ASN G 170 37.96 -23.43 18.36
CA ASN G 170 39.10 -22.54 18.59
C ASN G 170 38.98 -21.27 17.74
N ILE G 171 37.80 -20.67 17.72
CA ILE G 171 37.52 -19.42 17.00
C ILE G 171 38.27 -18.29 17.71
N ASP G 172 39.03 -17.51 16.93
CA ASP G 172 39.89 -16.44 17.44
C ASP G 172 40.88 -16.92 18.53
N GLY G 173 41.21 -18.21 18.54
CA GLY G 173 42.05 -18.85 19.55
C GLY G 173 41.38 -19.10 20.91
N TYR G 174 40.08 -18.84 21.07
CA TYR G 174 39.35 -19.10 22.32
C TYR G 174 38.87 -20.56 22.33
N PHE G 175 39.52 -21.40 23.15
CA PHE G 175 39.30 -22.84 23.12
C PHE G 175 38.06 -23.22 23.94
N LYS G 176 36.91 -23.34 23.26
CA LYS G 176 35.62 -23.67 23.86
C LYS G 176 35.40 -25.17 23.83
N ILE G 177 35.11 -25.74 24.99
CA ILE G 177 34.89 -27.18 25.18
C ILE G 177 33.45 -27.40 25.61
N TYR G 178 32.72 -28.17 24.82
CA TYR G 178 31.40 -28.68 25.16
C TYR G 178 31.50 -30.18 25.42
N SER G 179 30.56 -30.77 26.13
CA SER G 179 30.60 -32.20 26.42
C SER G 179 29.24 -32.81 26.71
N LYS G 180 29.17 -34.14 26.63
CA LYS G 180 28.11 -34.95 27.19
C LYS G 180 28.69 -36.31 27.57
N HIS G 181 28.08 -36.98 28.53
CA HIS G 181 28.35 -38.38 28.87
C HIS G 181 27.01 -39.10 29.01
N THR G 182 26.92 -40.33 28.53
CA THR G 182 25.68 -41.12 28.58
C THR G 182 25.94 -42.60 28.74
N PRO G 183 25.05 -43.35 29.41
CA PRO G 183 25.05 -44.80 29.38
C PRO G 183 24.74 -45.31 27.96
N ILE G 184 25.38 -46.41 27.58
CA ILE G 184 25.24 -47.14 26.30
C ILE G 184 25.34 -48.64 26.54
N ASN G 185 24.76 -49.44 25.65
CA ASN G 185 24.70 -50.90 25.81
C ASN G 185 25.89 -51.67 25.21
N LEU G 186 26.54 -51.15 24.17
CA LEU G 186 27.67 -51.79 23.46
C LEU G 186 28.73 -50.75 23.07
N VAL G 187 30.02 -51.08 23.20
CA VAL G 187 31.12 -50.10 23.15
C VAL G 187 31.90 -50.03 21.83
N ARG G 188 31.39 -50.54 20.71
CA ARG G 188 32.12 -50.64 19.44
C ARG G 188 31.49 -49.91 18.25
N ASP G 189 30.63 -48.92 18.47
CA ASP G 189 30.22 -47.96 17.42
C ASP G 189 29.60 -46.72 18.06
N LEU G 190 29.43 -45.62 17.32
CA LEU G 190 28.48 -44.60 17.74
C LEU G 190 27.04 -45.14 17.72
N PRO G 191 26.22 -44.89 18.75
CA PRO G 191 24.79 -45.17 18.72
C PRO G 191 24.02 -44.18 17.84
N GLN G 192 23.08 -44.63 17.01
CA GLN G 192 22.09 -43.75 16.38
C GLN G 192 21.21 -43.10 17.47
N GLY G 193 21.26 -41.78 17.59
CA GLY G 193 20.42 -41.04 18.52
C GLY G 193 20.79 -39.57 18.62
N PHE G 194 20.23 -38.90 19.61
CA PHE G 194 20.44 -37.49 19.86
C PHE G 194 20.53 -37.18 21.36
N SER G 195 21.48 -36.31 21.71
CA SER G 195 21.58 -35.65 23.01
C SER G 195 22.51 -34.44 22.82
N ALA G 196 22.09 -33.26 23.25
CA ALA G 196 22.86 -32.04 23.06
C ALA G 196 24.01 -31.92 24.06
N LEU G 197 25.18 -31.52 23.60
CA LEU G 197 26.37 -31.28 24.40
C LEU G 197 26.33 -29.90 25.05
N GLU G 198 26.58 -29.82 26.35
CA GLU G 198 26.57 -28.61 27.15
C GLU G 198 27.98 -28.03 27.35
N PRO G 199 28.15 -26.70 27.52
CA PRO G 199 29.47 -26.11 27.75
C PRO G 199 30.14 -26.58 29.05
N LEU G 200 31.44 -26.85 29.01
CA LEU G 200 32.28 -27.08 30.19
C LEU G 200 33.26 -25.92 30.44
N VAL G 201 33.96 -25.43 29.42
CA VAL G 201 35.02 -24.43 29.58
C VAL G 201 35.17 -23.55 28.34
N ASP G 202 35.71 -22.35 28.56
CA ASP G 202 36.19 -21.40 27.57
C ASP G 202 37.59 -20.99 27.99
N LEU G 203 38.63 -21.46 27.29
CA LEU G 203 40.01 -21.07 27.56
C LEU G 203 40.41 -19.90 26.63
N PRO G 204 40.64 -18.68 27.13
CA PRO G 204 40.95 -17.51 26.30
C PRO G 204 42.42 -17.43 25.84
N ILE G 205 42.98 -18.56 25.40
CA ILE G 205 44.42 -18.81 25.26
C ILE G 205 45.06 -18.31 23.95
N GLY G 206 44.29 -18.03 22.91
CA GLY G 206 44.75 -17.34 21.69
C GLY G 206 45.61 -18.19 20.73
N ILE G 207 45.78 -19.49 21.00
CA ILE G 207 46.69 -20.36 20.25
C ILE G 207 46.15 -20.63 18.84
N ASN G 208 47.08 -20.67 17.87
CA ASN G 208 46.77 -21.02 16.45
C ASN G 208 46.96 -22.55 16.29
N ILE G 209 45.96 -23.35 16.67
CA ILE G 209 45.97 -24.81 16.53
C ILE G 209 45.76 -25.20 15.06
N THR G 210 46.45 -26.26 14.62
CA THR G 210 46.18 -26.96 13.35
C THR G 210 46.10 -28.49 13.47
N ARG G 211 46.66 -29.09 14.52
CA ARG G 211 46.66 -30.54 14.78
C ARG G 211 46.36 -30.89 16.23
N PHE G 212 45.93 -32.13 16.46
CA PHE G 212 45.65 -32.69 17.78
C PHE G 212 45.97 -34.19 17.90
N GLN G 213 46.02 -34.70 19.11
CA GLN G 213 46.25 -36.12 19.44
C GLN G 213 45.57 -36.50 20.76
N THR G 214 45.11 -37.73 20.96
CA THR G 214 44.59 -38.21 22.26
C THR G 214 45.67 -38.88 23.13
N LEU G 215 45.43 -38.95 24.44
CA LEU G 215 46.24 -39.56 25.48
C LEU G 215 45.44 -40.64 26.20
N LEU G 216 46.08 -41.77 26.51
CA LEU G 216 45.39 -42.96 27.01
C LEU G 216 46.26 -43.90 27.89
N ALA G 217 45.60 -44.72 28.68
CA ALA G 217 46.13 -45.45 29.85
C ALA G 217 47.04 -46.66 29.55
N LEU G 218 48.12 -46.51 28.79
CA LEU G 218 49.08 -47.60 28.57
C LEU G 218 49.83 -48.02 29.86
N HIS G 219 50.13 -49.31 30.04
CA HIS G 219 50.89 -49.82 31.19
C HIS G 219 52.39 -49.53 31.06
N ALA G 237 37.36 -49.31 24.38
CA ALA G 237 38.64 -48.97 23.77
C ALA G 237 38.53 -48.21 22.43
N ALA G 238 37.34 -47.75 22.04
CA ALA G 238 37.06 -47.14 20.73
C ALA G 238 36.87 -45.62 20.80
N TYR G 239 37.49 -44.87 19.90
CA TYR G 239 37.31 -43.42 19.80
C TYR G 239 37.16 -42.89 18.37
N TYR G 240 36.44 -41.79 18.23
CA TYR G 240 35.87 -41.31 16.97
C TYR G 240 36.10 -39.84 16.78
N VAL G 241 36.34 -39.38 15.57
CA VAL G 241 36.64 -37.98 15.26
C VAL G 241 35.83 -37.47 14.08
N GLY G 242 35.15 -36.34 14.24
CA GLY G 242 34.41 -35.67 13.18
C GLY G 242 34.80 -34.21 13.09
N TYR G 243 34.63 -33.60 11.94
CA TYR G 243 34.99 -32.20 11.70
C TYR G 243 33.78 -31.29 11.58
N LEU G 244 33.86 -30.13 12.20
CA LEU G 244 32.80 -29.13 12.14
C LEU G 244 32.83 -28.38 10.80
N GLN G 245 31.68 -27.86 10.39
CA GLN G 245 31.52 -26.97 9.25
C GLN G 245 30.52 -25.87 9.64
N PRO G 246 30.61 -24.65 9.08
CA PRO G 246 29.63 -23.59 9.35
C PRO G 246 28.28 -23.93 8.73
N ARG G 247 27.27 -24.23 9.55
CA ARG G 247 25.94 -24.66 9.09
C ARG G 247 24.79 -24.04 9.84
N THR G 248 23.69 -23.74 9.15
CA THR G 248 22.41 -23.42 9.79
C THR G 248 21.76 -24.68 10.33
N PHE G 249 21.43 -24.70 11.61
CA PHE G 249 20.70 -25.77 12.27
C PHE G 249 19.45 -25.17 12.90
N LEU G 250 18.31 -25.85 12.82
CA LEU G 250 17.08 -25.47 13.50
C LEU G 250 16.94 -26.33 14.75
N LEU G 251 16.95 -25.72 15.94
CA LEU G 251 17.08 -26.41 17.22
C LEU G 251 15.76 -26.41 17.99
N LYS G 252 15.28 -27.59 18.38
CA LYS G 252 14.06 -27.77 19.15
C LYS G 252 14.37 -27.74 20.64
N TYR G 253 14.12 -26.61 21.30
CA TYR G 253 14.17 -26.49 22.75
C TYR G 253 12.84 -26.91 23.36
N ASN G 254 12.80 -27.94 24.20
CA ASN G 254 11.55 -28.37 24.84
C ASN G 254 11.10 -27.43 25.97
N GLU G 255 10.02 -27.81 26.66
CA GLU G 255 9.41 -27.10 27.80
C GLU G 255 10.40 -26.75 28.90
N ASN G 256 11.36 -27.63 29.17
CA ASN G 256 12.40 -27.48 30.19
C ASN G 256 13.66 -26.79 29.66
N GLY G 257 13.67 -26.32 28.41
CA GLY G 257 14.78 -25.60 27.81
C GLY G 257 16.04 -26.41 27.51
N THR G 258 15.92 -27.73 27.41
CA THR G 258 16.94 -28.61 26.82
C THR G 258 16.69 -28.77 25.32
N ILE G 259 17.74 -28.77 24.50
CA ILE G 259 17.60 -29.08 23.07
C ILE G 259 17.32 -30.58 22.95
N THR G 260 16.17 -30.98 22.39
CA THR G 260 15.77 -32.39 22.26
C THR G 260 15.84 -32.92 20.84
N ASP G 261 15.90 -32.06 19.82
CA ASP G 261 16.04 -32.45 18.43
C ASP G 261 16.61 -31.30 17.59
N ALA G 262 17.12 -31.56 16.40
CA ALA G 262 17.60 -30.54 15.48
C ALA G 262 17.39 -30.94 14.02
N VAL G 263 17.32 -29.97 13.12
CA VAL G 263 17.35 -30.17 11.65
C VAL G 263 18.59 -29.51 11.08
N ASP G 264 19.45 -30.26 10.41
CA ASP G 264 20.55 -29.71 9.61
C ASP G 264 19.98 -29.16 8.31
N CYS G 265 19.87 -27.84 8.18
CA CYS G 265 19.11 -27.22 7.10
C CYS G 265 19.74 -27.38 5.71
N ALA G 266 20.94 -27.95 5.61
CA ALA G 266 21.64 -28.19 4.36
C ALA G 266 21.81 -29.69 4.03
N LEU G 267 21.21 -30.58 4.81
CA LEU G 267 21.32 -32.03 4.64
C LEU G 267 20.61 -32.55 3.38
N ASP G 268 19.33 -32.25 3.22
CA ASP G 268 18.48 -32.72 2.11
C ASP G 268 17.32 -31.73 1.89
N PRO G 269 16.48 -31.86 0.85
CA PRO G 269 15.49 -30.85 0.56
C PRO G 269 14.36 -30.79 1.59
N LEU G 270 14.00 -31.92 2.20
CA LEU G 270 13.03 -31.93 3.28
C LEU G 270 13.56 -31.13 4.47
N SER G 271 14.84 -31.24 4.79
CA SER G 271 15.45 -30.44 5.84
C SER G 271 15.50 -28.95 5.49
N GLU G 272 15.76 -28.55 4.24
CA GLU G 272 15.55 -27.16 3.83
C GLU G 272 14.10 -26.71 4.02
N THR G 273 13.15 -27.60 3.76
CA THR G 273 11.73 -27.28 3.88
C THR G 273 11.36 -27.04 5.33
N LYS G 274 11.75 -27.95 6.24
CA LYS G 274 11.59 -27.78 7.68
C LYS G 274 12.17 -26.45 8.15
N CYS G 275 13.37 -26.10 7.70
CA CYS G 275 13.98 -24.82 8.09
C CYS G 275 13.37 -23.58 7.43
N THR G 276 12.85 -23.68 6.21
CA THR G 276 12.10 -22.60 5.54
C THR G 276 10.85 -22.23 6.32
N LEU G 277 10.15 -23.24 6.83
CA LEU G 277 8.93 -23.12 7.63
C LEU G 277 9.18 -22.91 9.14
N LYS G 278 10.43 -22.94 9.61
CA LYS G 278 10.79 -23.04 11.04
C LYS G 278 9.94 -24.09 11.77
N SER G 279 9.79 -25.30 11.20
CA SER G 279 8.88 -26.33 11.69
C SER G 279 9.39 -27.74 11.42
N PHE G 280 9.26 -28.66 12.38
CA PHE G 280 9.69 -30.05 12.24
C PHE G 280 8.63 -30.91 11.53
N THR G 281 7.36 -30.60 11.72
CA THR G 281 6.29 -31.15 10.90
C THR G 281 6.12 -30.28 9.66
N VAL G 282 5.92 -30.90 8.50
CA VAL G 282 5.60 -30.21 7.26
C VAL G 282 4.29 -30.74 6.74
N GLU G 283 3.30 -29.88 6.50
CA GLU G 283 2.05 -30.27 5.85
C GLU G 283 2.25 -30.51 4.35
N LYS G 284 1.36 -31.26 3.71
CA LYS G 284 1.40 -31.50 2.27
C LYS G 284 1.41 -30.19 1.48
N GLY G 285 2.26 -30.08 0.47
CA GLY G 285 2.33 -28.89 -0.37
C GLY G 285 3.58 -28.81 -1.23
N ILE G 286 3.73 -27.67 -1.89
CA ILE G 286 4.94 -27.27 -2.62
C ILE G 286 5.52 -26.01 -1.98
N TYR G 287 6.79 -26.09 -1.56
CA TYR G 287 7.45 -25.05 -0.78
C TYR G 287 8.67 -24.50 -1.51
N GLN G 288 8.75 -23.20 -1.77
CA GLN G 288 9.90 -22.59 -2.41
C GLN G 288 11.04 -22.39 -1.40
N THR G 289 11.83 -23.42 -1.15
CA THR G 289 12.82 -23.44 -0.06
C THR G 289 14.06 -22.62 -0.32
N SER G 290 14.43 -22.43 -1.59
CA SER G 290 15.74 -21.88 -1.95
C SER G 290 15.70 -21.29 -3.36
N ASN G 291 16.75 -20.59 -3.78
CA ASN G 291 17.05 -20.30 -5.17
C ASN G 291 18.42 -20.89 -5.50
N PHE G 292 18.53 -21.73 -6.53
CA PHE G 292 19.82 -22.28 -6.99
C PHE G 292 20.44 -21.41 -8.08
N ARG G 293 21.76 -21.50 -8.29
CA ARG G 293 22.45 -20.81 -9.38
C ARG G 293 23.70 -21.58 -9.79
N VAL G 294 23.88 -21.82 -11.08
CA VAL G 294 25.05 -22.51 -11.63
C VAL G 294 26.30 -21.70 -11.30
N GLN G 295 27.29 -22.32 -10.66
CA GLN G 295 28.48 -21.61 -10.17
C GLN G 295 29.52 -21.34 -11.29
N PRO G 296 30.31 -20.26 -11.22
CA PRO G 296 31.42 -20.04 -12.12
C PRO G 296 32.43 -21.19 -12.03
N THR G 297 32.91 -21.67 -13.16
CA THR G 297 33.89 -22.77 -13.19
C THR G 297 35.33 -22.30 -12.89
N GLU G 298 35.70 -21.11 -13.39
CA GLU G 298 37.05 -20.57 -13.36
C GLU G 298 37.02 -19.05 -13.63
N SER G 299 38.14 -18.36 -13.38
CA SER G 299 38.25 -16.91 -13.55
C SER G 299 39.03 -16.51 -14.80
N ILE G 300 38.46 -15.61 -15.60
CA ILE G 300 39.03 -15.14 -16.87
C ILE G 300 39.46 -13.69 -16.73
N VAL G 301 40.74 -13.38 -16.96
CA VAL G 301 41.25 -12.00 -16.94
C VAL G 301 41.61 -11.60 -18.35
N ARG G 302 41.04 -10.52 -18.85
CA ARG G 302 41.25 -10.00 -20.21
C ARG G 302 41.65 -8.53 -20.11
N PHE G 303 42.91 -8.26 -20.38
CA PHE G 303 43.57 -6.97 -20.25
C PHE G 303 44.32 -6.69 -21.57
N PRO G 304 44.61 -5.43 -21.95
CA PRO G 304 45.29 -5.11 -23.20
C PRO G 304 46.69 -5.73 -23.26
N ASN G 305 47.11 -6.16 -24.46
CA ASN G 305 48.46 -6.67 -24.71
C ASN G 305 49.42 -5.51 -25.02
N ILE G 306 49.68 -4.67 -24.02
CA ILE G 306 50.64 -3.57 -24.06
C ILE G 306 51.65 -3.70 -22.90
N THR G 307 52.91 -3.35 -23.13
CA THR G 307 54.05 -3.81 -22.30
C THR G 307 54.85 -2.68 -21.62
N ASN G 308 54.73 -1.44 -22.09
CA ASN G 308 55.48 -0.29 -21.57
C ASN G 308 55.16 -0.06 -20.08
N LEU G 309 56.16 0.03 -19.20
CA LEU G 309 55.92 0.46 -17.80
C LEU G 309 55.65 1.97 -17.76
N CYS G 310 54.63 2.42 -17.03
CA CYS G 310 54.27 3.84 -17.00
C CYS G 310 55.39 4.74 -16.45
N PRO G 311 55.52 6.00 -16.92
CA PRO G 311 56.68 6.86 -16.68
C PRO G 311 56.69 7.52 -15.30
N PHE G 312 56.26 6.84 -14.22
CA PHE G 312 56.22 7.41 -12.87
C PHE G 312 57.58 7.87 -12.34
N GLY G 313 58.71 7.40 -12.89
CA GLY G 313 60.03 7.96 -12.56
C GLY G 313 60.20 9.41 -13.01
N GLU G 314 59.57 9.79 -14.11
CA GLU G 314 59.49 11.18 -14.59
C GLU G 314 58.57 12.06 -13.71
N VAL G 315 57.81 11.44 -12.79
CA VAL G 315 56.85 12.11 -11.89
C VAL G 315 57.37 12.23 -10.46
N PHE G 316 57.65 11.13 -9.76
CA PHE G 316 58.03 11.19 -8.34
C PHE G 316 59.52 11.45 -8.10
N ASN G 317 60.39 11.17 -9.07
CA ASN G 317 61.85 11.36 -8.96
C ASN G 317 62.37 12.50 -9.85
N ALA G 318 61.50 13.43 -10.25
CA ALA G 318 61.87 14.62 -11.02
C ALA G 318 62.79 15.56 -10.22
N THR G 319 63.66 16.31 -10.90
CA THR G 319 64.65 17.18 -10.24
C THR G 319 63.99 18.39 -9.57
N ARG G 320 63.07 19.05 -10.27
CA ARG G 320 62.28 20.17 -9.76
C ARG G 320 60.80 20.02 -10.08
N PHE G 321 59.98 20.21 -9.06
CA PHE G 321 58.54 20.39 -9.18
C PHE G 321 58.21 21.87 -9.42
N ALA G 322 57.03 22.14 -9.97
CA ALA G 322 56.54 23.49 -10.20
C ALA G 322 55.95 24.17 -8.95
N SER G 323 55.77 25.50 -9.03
CA SER G 323 54.99 26.29 -8.09
C SER G 323 53.51 25.92 -8.14
N VAL G 324 52.81 25.93 -7.01
CA VAL G 324 51.39 25.48 -6.98
C VAL G 324 50.45 26.33 -7.83
N TYR G 325 50.71 27.64 -8.00
CA TYR G 325 49.92 28.44 -8.96
C TYR G 325 50.08 27.99 -10.42
N ALA G 326 51.21 27.40 -10.78
CA ALA G 326 51.57 26.94 -12.12
C ALA G 326 51.77 25.40 -12.17
N TRP G 327 50.94 24.69 -11.41
CA TRP G 327 51.02 23.24 -11.19
C TRP G 327 51.13 22.46 -12.50
N ASN G 328 52.04 21.47 -12.55
CA ASN G 328 52.45 20.83 -13.79
C ASN G 328 51.77 19.48 -13.97
N ARG G 329 51.06 19.29 -15.08
CA ARG G 329 50.25 18.12 -15.38
C ARG G 329 50.98 17.21 -16.37
N LYS G 330 51.32 16.01 -15.93
CA LYS G 330 51.91 14.94 -16.76
C LYS G 330 50.81 13.95 -17.09
N ARG G 331 50.61 13.60 -18.36
CA ARG G 331 49.56 12.65 -18.79
C ARG G 331 50.19 11.29 -19.03
N ILE G 332 49.62 10.27 -18.41
CA ILE G 332 50.05 8.89 -18.46
C ILE G 332 49.00 8.10 -19.26
N SER G 333 49.46 7.36 -20.27
CA SER G 333 48.61 6.59 -21.19
C SER G 333 49.37 5.44 -21.84
N ASN G 334 48.65 4.44 -22.34
CA ASN G 334 49.17 3.28 -23.09
C ASN G 334 50.33 2.56 -22.39
N CYS G 335 50.14 2.16 -21.13
CA CYS G 335 51.20 1.59 -20.29
C CYS G 335 50.65 0.76 -19.12
N VAL G 336 51.51 -0.05 -18.49
CA VAL G 336 51.20 -0.83 -17.28
C VAL G 336 51.69 -0.10 -16.05
N ALA G 337 50.84 0.06 -15.05
CA ALA G 337 51.07 0.82 -13.84
C ALA G 337 51.09 -0.09 -12.61
N ASP G 338 52.26 -0.53 -12.15
CA ASP G 338 52.36 -1.21 -10.85
C ASP G 338 52.34 -0.18 -9.71
N TYR G 339 51.14 0.18 -9.28
CA TYR G 339 50.94 1.11 -8.18
C TYR G 339 51.49 0.59 -6.85
N SER G 340 51.75 -0.71 -6.71
CA SER G 340 52.40 -1.27 -5.52
C SER G 340 53.82 -0.74 -5.34
N VAL G 341 54.51 -0.38 -6.44
CA VAL G 341 55.82 0.29 -6.37
C VAL G 341 55.69 1.61 -5.59
N LEU G 342 54.65 2.39 -5.90
CA LEU G 342 54.40 3.66 -5.24
C LEU G 342 53.89 3.42 -3.82
N TYR G 343 52.84 2.64 -3.63
CA TYR G 343 52.20 2.48 -2.33
C TYR G 343 53.09 1.82 -1.27
N ASN G 344 53.93 0.85 -1.65
CA ASN G 344 54.86 0.22 -0.71
C ASN G 344 56.15 1.03 -0.47
N SER G 345 56.34 2.17 -1.13
CA SER G 345 57.51 3.05 -0.92
C SER G 345 57.46 3.77 0.43
N ALA G 346 58.54 3.68 1.20
CA ALA G 346 58.70 4.39 2.47
C ALA G 346 58.82 5.92 2.33
N SER G 347 59.14 6.43 1.14
CA SER G 347 59.30 7.86 0.88
C SER G 347 58.06 8.70 1.22
N PHE G 348 56.86 8.17 0.97
CA PHE G 348 55.63 8.96 0.98
C PHE G 348 55.07 9.18 2.39
N SER G 349 55.06 10.44 2.83
CA SER G 349 54.50 10.87 4.11
C SER G 349 52.97 10.73 4.16
N THR G 350 52.29 10.85 3.01
CA THR G 350 50.89 10.45 2.86
C THR G 350 50.62 9.91 1.47
N PHE G 351 49.65 9.01 1.35
CA PHE G 351 49.18 8.37 0.13
C PHE G 351 47.68 8.12 0.30
N LYS G 352 46.87 9.13 0.03
CA LYS G 352 45.45 9.16 0.39
C LYS G 352 44.60 9.07 -0.86
N CYS G 353 43.74 8.07 -0.97
CA CYS G 353 42.95 7.79 -2.18
C CYS G 353 41.44 7.93 -1.96
N TYR G 354 40.75 8.38 -3.00
CA TYR G 354 39.33 8.76 -3.01
C TYR G 354 38.66 8.08 -4.21
N GLY G 355 37.50 7.47 -4.04
CA GLY G 355 36.80 6.68 -5.08
C GLY G 355 37.44 5.34 -5.43
N VAL G 356 38.64 5.06 -4.93
CA VAL G 356 39.42 3.82 -5.08
C VAL G 356 40.28 3.63 -3.84
N SER G 357 40.61 2.39 -3.48
CA SER G 357 41.57 2.08 -2.41
C SER G 357 42.93 1.73 -3.01
N PRO G 358 44.08 2.18 -2.45
CA PRO G 358 45.39 2.04 -3.08
C PRO G 358 45.79 0.58 -3.36
N THR G 359 45.38 -0.33 -2.49
CA THR G 359 45.44 -1.78 -2.66
C THR G 359 44.80 -2.29 -3.96
N LYS G 360 43.67 -1.72 -4.36
CA LYS G 360 42.91 -2.16 -5.54
C LYS G 360 43.49 -1.70 -6.86
N LEU G 361 44.38 -0.70 -6.90
CA LEU G 361 44.76 -0.05 -8.16
C LEU G 361 45.40 -1.00 -9.18
N ASN G 362 46.13 -2.02 -8.73
CA ASN G 362 46.69 -3.04 -9.60
C ASN G 362 45.63 -3.94 -10.26
N ASP G 363 44.39 -3.96 -9.78
CA ASP G 363 43.28 -4.76 -10.33
C ASP G 363 42.43 -3.99 -11.36
N LEU G 364 42.75 -2.72 -11.62
CA LEU G 364 41.94 -1.75 -12.36
C LEU G 364 42.60 -1.36 -13.70
N CYS G 365 41.79 -0.82 -14.60
CA CYS G 365 42.25 -0.10 -15.79
C CYS G 365 41.49 1.23 -15.96
N PHE G 366 42.13 2.17 -16.64
CA PHE G 366 41.74 3.57 -16.74
C PHE G 366 41.95 4.08 -18.16
N THR G 367 41.14 5.02 -18.65
CA THR G 367 41.34 5.56 -20.00
C THR G 367 42.66 6.31 -20.07
N ASN G 368 42.84 7.38 -19.30
CA ASN G 368 44.13 8.03 -19.05
C ASN G 368 44.29 8.29 -17.54
N VAL G 369 45.51 8.58 -17.12
CA VAL G 369 45.82 9.01 -15.76
C VAL G 369 46.57 10.33 -15.85
N TYR G 370 46.27 11.28 -14.98
CA TYR G 370 47.00 12.54 -14.91
C TYR G 370 47.72 12.66 -13.60
N ALA G 371 49.02 12.93 -13.64
CA ALA G 371 49.82 13.26 -12.49
C ALA G 371 50.01 14.78 -12.43
N ASP G 372 49.25 15.44 -11.58
CA ASP G 372 49.44 16.86 -11.29
C ASP G 372 50.53 16.98 -10.23
N SER G 373 51.56 17.79 -10.46
CA SER G 373 52.76 17.88 -9.60
C SER G 373 53.12 19.32 -9.24
N PHE G 374 53.35 19.59 -7.94
CA PHE G 374 53.63 20.92 -7.41
C PHE G 374 54.18 20.88 -5.95
N VAL G 375 54.69 22.02 -5.46
CA VAL G 375 55.21 22.18 -4.09
C VAL G 375 54.37 23.14 -3.25
N ILE G 376 54.18 22.79 -1.98
CA ILE G 376 53.38 23.47 -0.94
C ILE G 376 54.13 23.45 0.39
N ARG G 377 53.66 24.13 1.44
CA ARG G 377 54.03 23.72 2.81
C ARG G 377 53.39 22.38 3.17
N GLY G 378 53.98 21.63 4.08
CA GLY G 378 53.31 20.47 4.71
C GLY G 378 51.98 20.85 5.36
N ASP G 379 51.87 22.08 5.86
CA ASP G 379 50.65 22.70 6.37
C ASP G 379 49.49 22.75 5.35
N GLU G 380 49.77 22.86 4.05
CA GLU G 380 48.70 22.97 3.06
C GLU G 380 48.06 21.62 2.69
N VAL G 381 48.65 20.48 3.09
CA VAL G 381 48.28 19.14 2.57
C VAL G 381 46.78 18.83 2.74
N ARG G 382 46.15 19.22 3.85
CA ARG G 382 44.69 19.10 4.10
C ARG G 382 43.85 19.67 2.94
N GLN G 383 44.32 20.73 2.31
CA GLN G 383 43.58 21.48 1.31
C GLN G 383 43.49 20.72 -0.03
N ILE G 384 44.47 19.86 -0.32
CA ILE G 384 44.49 19.01 -1.51
C ILE G 384 43.65 17.76 -1.20
N ALA G 385 42.34 17.94 -1.18
CA ALA G 385 41.32 16.92 -0.98
C ALA G 385 39.99 17.42 -1.57
N PRO G 386 39.04 16.54 -1.94
CA PRO G 386 37.74 16.97 -2.42
C PRO G 386 36.99 17.81 -1.36
N GLY G 387 36.39 18.93 -1.77
CA GLY G 387 35.52 19.78 -0.93
C GLY G 387 36.20 20.64 0.15
N GLN G 388 37.48 20.43 0.45
CA GLN G 388 38.25 21.20 1.43
C GLN G 388 38.52 22.65 0.98
N THR G 389 38.83 23.54 1.94
CA THR G 389 39.01 24.98 1.70
C THR G 389 40.22 25.56 2.44
N GLY G 390 40.75 26.66 1.91
CA GLY G 390 41.98 27.33 2.33
C GLY G 390 42.75 27.97 1.16
N LYS G 391 43.83 28.71 1.40
CA LYS G 391 44.50 29.54 0.37
C LYS G 391 44.98 28.79 -0.88
N ILE G 392 45.30 27.50 -0.79
CA ILE G 392 45.67 26.67 -1.94
C ILE G 392 44.40 26.25 -2.67
N ALA G 393 43.48 25.59 -1.97
CA ALA G 393 42.22 25.08 -2.51
C ALA G 393 41.34 26.17 -3.15
N ASP G 394 41.27 27.35 -2.54
CA ASP G 394 40.31 28.40 -2.90
C ASP G 394 40.73 29.24 -4.13
N TYR G 395 41.94 29.04 -4.67
CA TYR G 395 42.50 29.90 -5.73
C TYR G 395 43.36 29.17 -6.77
N ASN G 396 44.31 28.32 -6.35
CA ASN G 396 45.41 27.88 -7.23
C ASN G 396 45.39 26.40 -7.60
N TYR G 397 44.87 25.52 -6.73
CA TYR G 397 44.65 24.12 -7.10
C TYR G 397 43.42 23.52 -6.42
N LYS G 398 42.34 23.34 -7.19
CA LYS G 398 41.05 22.81 -6.71
C LYS G 398 40.82 21.41 -7.26
N LEU G 399 40.57 20.44 -6.38
CA LEU G 399 40.06 19.11 -6.76
C LEU G 399 38.53 19.14 -6.87
N PRO G 400 37.93 18.38 -7.80
CA PRO G 400 36.50 18.20 -7.86
C PRO G 400 35.92 17.65 -6.56
N ASP G 401 34.66 17.95 -6.25
CA ASP G 401 34.00 17.39 -5.08
C ASP G 401 33.77 15.86 -5.21
N ASP G 402 33.68 15.36 -6.44
CA ASP G 402 33.58 13.93 -6.80
C ASP G 402 34.92 13.35 -7.30
N PHE G 403 36.05 13.85 -6.81
CA PHE G 403 37.38 13.40 -7.22
C PHE G 403 37.59 11.89 -7.06
N THR G 404 38.11 11.22 -8.09
CA THR G 404 38.58 9.82 -8.04
C THR G 404 40.06 9.76 -8.36
N GLY G 405 40.87 9.29 -7.42
CA GLY G 405 42.33 9.42 -7.52
C GLY G 405 43.06 9.23 -6.21
N CYS G 406 44.37 9.45 -6.22
CA CYS G 406 45.20 9.44 -5.03
C CYS G 406 46.06 10.70 -4.93
N VAL G 407 46.13 11.29 -3.73
CA VAL G 407 47.01 12.41 -3.40
C VAL G 407 48.18 11.84 -2.60
N ILE G 408 49.39 12.00 -3.13
CA ILE G 408 50.61 11.38 -2.63
C ILE G 408 51.61 12.50 -2.36
N ALA G 409 52.09 12.66 -1.13
CA ALA G 409 52.94 13.78 -0.74
C ALA G 409 54.04 13.38 0.24
N TRP G 410 55.13 14.14 0.24
CA TRP G 410 56.27 13.95 1.14
C TRP G 410 57.03 15.27 1.35
N ASN G 411 57.77 15.38 2.46
CA ASN G 411 58.63 16.54 2.65
C ASN G 411 59.71 16.57 1.56
N SER G 412 60.12 17.77 1.15
CA SER G 412 61.27 17.98 0.27
C SER G 412 62.25 19.00 0.84
N ASN G 413 62.36 19.06 2.18
CA ASN G 413 63.28 19.96 2.89
C ASN G 413 64.77 19.64 2.62
N ASN G 414 65.05 18.42 2.17
CA ASN G 414 66.33 17.96 1.63
C ASN G 414 66.65 18.50 0.21
N LEU G 415 65.67 19.03 -0.54
CA LEU G 415 65.79 19.37 -1.96
C LEU G 415 65.41 20.82 -2.27
N ASP G 416 64.23 21.24 -1.82
CA ASP G 416 63.59 22.51 -2.22
C ASP G 416 63.81 23.65 -1.20
N SER G 417 64.23 23.38 0.03
CA SER G 417 64.68 24.41 0.99
C SER G 417 66.09 24.90 0.68
N LYS G 418 66.35 26.21 0.81
CA LYS G 418 67.68 26.84 0.62
C LYS G 418 68.15 27.69 1.81
N GLY G 421 65.45 32.13 2.00
CA GLY G 421 64.82 30.90 1.55
C GLY G 421 64.64 30.79 0.03
N ASN G 422 64.05 29.71 -0.44
CA ASN G 422 63.84 29.46 -1.87
C ASN G 422 62.58 30.14 -2.42
N TYR G 423 62.65 31.45 -2.63
CA TYR G 423 61.54 32.28 -3.13
C TYR G 423 61.09 31.97 -4.57
N ASN G 424 61.72 31.02 -5.27
CA ASN G 424 61.27 30.50 -6.56
C ASN G 424 59.98 29.64 -6.47
N TYR G 425 59.50 29.33 -5.26
CA TYR G 425 58.22 28.67 -5.04
C TYR G 425 57.17 29.66 -4.57
N LEU G 426 56.06 29.73 -5.32
CA LEU G 426 55.03 30.75 -5.15
C LEU G 426 53.62 30.15 -5.17
N TYR G 427 52.65 30.91 -4.68
CA TYR G 427 51.22 30.65 -4.72
C TYR G 427 50.46 31.96 -4.97
N ARG G 428 49.16 31.93 -5.24
CA ARG G 428 48.32 33.14 -5.34
C ARG G 428 46.98 32.98 -4.63
N LYS G 436 37.40 26.79 -9.13
CA LYS G 436 36.82 25.87 -10.11
C LYS G 436 37.75 24.67 -10.33
N PRO G 437 37.25 23.42 -10.29
CA PRO G 437 38.11 22.25 -10.31
C PRO G 437 39.05 22.16 -11.52
N PHE G 438 40.32 21.86 -11.26
CA PHE G 438 41.43 21.86 -12.23
C PHE G 438 41.58 23.13 -13.07
N GLU G 439 41.19 24.30 -12.57
CA GLU G 439 41.65 25.58 -13.11
C GLU G 439 43.17 25.77 -12.87
N ARG G 440 43.77 26.67 -13.65
CA ARG G 440 45.11 27.22 -13.42
C ARG G 440 45.14 28.68 -13.89
N ASP G 441 45.97 29.52 -13.27
CA ASP G 441 45.95 30.98 -13.50
C ASP G 441 47.38 31.54 -13.56
N ILE G 442 47.72 32.28 -14.61
CA ILE G 442 49.08 32.76 -14.88
C ILE G 442 49.09 34.27 -15.14
N TYR G 463 50.40 46.21 -7.36
CA TYR G 463 49.64 45.03 -6.95
C TYR G 463 49.94 43.80 -7.82
N PHE G 464 50.01 42.63 -7.18
CA PHE G 464 50.13 41.31 -7.84
C PHE G 464 49.35 40.22 -7.09
N PRO G 465 48.90 39.16 -7.78
CA PRO G 465 48.28 38.00 -7.14
C PRO G 465 49.19 37.18 -6.21
N LEU G 466 50.49 37.10 -6.55
CA LEU G 466 51.41 36.10 -5.99
C LEU G 466 51.82 36.39 -4.55
N GLN G 467 52.09 35.32 -3.81
CA GLN G 467 52.85 35.23 -2.55
C GLN G 467 54.00 34.24 -2.78
N SER G 468 55.15 34.40 -2.13
CA SER G 468 56.28 33.47 -2.24
C SER G 468 56.54 32.73 -0.92
N TYR G 469 57.10 31.53 -0.99
CA TYR G 469 57.41 30.70 0.18
C TYR G 469 58.85 30.89 0.65
N GLY G 470 59.03 31.16 1.94
CA GLY G 470 60.31 31.24 2.62
C GLY G 470 60.83 29.86 3.02
N PHE G 471 61.10 28.99 2.04
CA PHE G 471 61.57 27.63 2.28
C PHE G 471 63.06 27.59 2.67
N GLN G 472 63.33 27.30 3.95
CA GLN G 472 64.68 27.18 4.54
C GLN G 472 64.79 25.85 5.30
N PRO G 473 65.99 25.22 5.38
CA PRO G 473 66.12 23.90 6.00
C PRO G 473 65.82 23.91 7.50
N THR G 474 65.84 25.09 8.12
CA THR G 474 65.46 25.38 9.51
C THR G 474 63.95 25.45 9.76
N ASN G 475 63.09 25.46 8.72
CA ASN G 475 61.63 25.57 8.88
C ASN G 475 61.07 24.47 9.80
N VAL G 477 57.76 21.06 11.75
CA VAL G 477 58.12 20.37 10.50
C VAL G 477 57.20 20.78 9.35
N GLY G 478 55.91 20.98 9.62
CA GLY G 478 54.88 21.28 8.62
C GLY G 478 55.05 22.58 7.83
N TYR G 479 55.84 23.52 8.32
CA TYR G 479 56.20 24.75 7.58
C TYR G 479 57.31 24.50 6.51
N GLN G 480 57.83 23.28 6.38
CA GLN G 480 58.79 22.89 5.33
C GLN G 480 58.11 22.71 3.96
N PRO G 481 58.84 22.79 2.84
CA PRO G 481 58.31 22.40 1.54
C PRO G 481 57.94 20.92 1.51
N TYR G 482 56.78 20.61 0.96
CA TYR G 482 56.30 19.28 0.64
C TYR G 482 56.02 19.19 -0.86
N ARG G 483 56.59 18.18 -1.51
CA ARG G 483 56.21 17.79 -2.86
C ARG G 483 54.93 16.97 -2.79
N VAL G 484 54.00 17.24 -3.70
CA VAL G 484 52.75 16.50 -3.82
C VAL G 484 52.49 16.19 -5.29
N VAL G 485 52.09 14.95 -5.53
CA VAL G 485 51.55 14.43 -6.79
C VAL G 485 50.12 14.04 -6.54
N VAL G 486 49.22 14.50 -7.39
CA VAL G 486 47.85 14.00 -7.41
C VAL G 486 47.68 13.17 -8.65
N LEU G 487 47.46 11.87 -8.47
CA LEU G 487 47.06 10.97 -9.55
C LEU G 487 45.55 11.02 -9.68
N SER G 488 45.06 11.55 -10.78
CA SER G 488 43.65 11.55 -11.14
C SER G 488 43.41 10.44 -12.14
N PHE G 489 42.52 9.51 -11.84
CA PHE G 489 42.28 8.34 -12.68
C PHE G 489 40.99 8.51 -13.46
N GLU G 490 41.02 8.43 -14.78
CA GLU G 490 39.80 8.45 -15.58
C GLU G 490 39.11 7.08 -15.56
N LEU G 491 37.86 7.03 -15.10
CA LEU G 491 37.02 5.83 -15.19
C LEU G 491 35.85 6.09 -16.15
N LEU G 492 35.82 5.33 -17.25
CA LEU G 492 34.87 5.43 -18.36
C LEU G 492 34.66 4.05 -19.00
N HIS G 493 33.57 3.89 -19.75
CA HIS G 493 33.32 2.74 -20.63
C HIS G 493 34.11 2.79 -21.97
N ALA G 494 34.87 3.85 -22.22
CA ALA G 494 35.76 3.96 -23.38
C ALA G 494 37.02 3.07 -23.24
N PRO G 495 37.75 2.76 -24.35
CA PRO G 495 38.94 1.90 -24.31
C PRO G 495 39.99 2.35 -23.30
N ALA G 496 40.37 1.47 -22.38
CA ALA G 496 41.41 1.73 -21.40
C ALA G 496 42.81 1.78 -22.03
N THR G 497 43.71 2.58 -21.45
CA THR G 497 45.11 2.65 -21.89
C THR G 497 46.13 2.51 -20.75
N VAL G 498 45.74 2.80 -19.51
CA VAL G 498 46.56 2.51 -18.33
C VAL G 498 45.93 1.32 -17.61
N CYS G 499 46.69 0.29 -17.29
CA CYS G 499 46.19 -0.86 -16.53
C CYS G 499 47.18 -1.32 -15.46
N GLY G 500 46.68 -1.91 -14.39
CA GLY G 500 47.53 -2.64 -13.45
C GLY G 500 48.11 -3.91 -14.06
N PRO G 501 49.13 -4.53 -13.44
CA PRO G 501 49.94 -5.60 -14.03
C PRO G 501 49.30 -7.00 -13.99
N LYS G 502 47.96 -7.10 -13.90
CA LYS G 502 47.22 -8.38 -13.93
C LYS G 502 47.53 -9.15 -15.21
N LYS G 503 47.97 -10.40 -15.08
CA LYS G 503 48.25 -11.28 -16.23
C LYS G 503 46.96 -11.71 -16.92
N SER G 504 46.86 -11.54 -18.24
CA SER G 504 45.71 -12.01 -19.01
C SER G 504 45.67 -13.53 -19.15
N THR G 505 44.53 -14.16 -18.84
CA THR G 505 44.29 -15.58 -19.17
C THR G 505 43.92 -15.73 -20.64
N ASN G 506 43.76 -16.97 -21.11
CA ASN G 506 43.00 -17.24 -22.33
C ASN G 506 41.51 -16.89 -22.15
N LEU G 507 40.75 -16.82 -23.24
CA LEU G 507 39.29 -16.63 -23.25
C LEU G 507 38.59 -17.99 -23.35
N VAL G 508 37.62 -18.23 -22.47
CA VAL G 508 36.78 -19.43 -22.42
C VAL G 508 35.33 -19.06 -22.71
N LYS G 509 34.65 -19.83 -23.56
CA LYS G 509 33.34 -19.51 -24.15
C LYS G 509 32.33 -20.65 -24.02
N ASN G 510 31.04 -20.29 -24.08
CA ASN G 510 29.87 -21.17 -23.91
C ASN G 510 29.79 -21.89 -22.54
N LYS G 511 30.47 -21.34 -21.54
CA LYS G 511 30.71 -21.93 -20.21
C LYS G 511 30.59 -20.82 -19.15
N CYS G 512 30.01 -21.10 -17.99
CA CYS G 512 29.87 -20.10 -16.93
C CYS G 512 31.23 -19.80 -16.28
N VAL G 513 31.66 -18.54 -16.29
CA VAL G 513 32.97 -18.09 -15.82
C VAL G 513 32.90 -16.77 -15.05
N ASN G 514 33.89 -16.52 -14.20
CA ASN G 514 34.05 -15.31 -13.41
C ASN G 514 35.02 -14.37 -14.14
N PHE G 515 34.52 -13.54 -15.05
CA PHE G 515 35.35 -12.71 -15.93
C PHE G 515 35.77 -11.37 -15.33
N ASN G 516 36.76 -10.74 -15.95
CA ASN G 516 37.29 -9.42 -15.68
C ASN G 516 37.84 -8.84 -16.99
N PHE G 517 37.16 -7.89 -17.63
CA PHE G 517 37.66 -7.21 -18.84
C PHE G 517 38.10 -5.79 -18.48
N ASN G 518 39.39 -5.45 -18.57
CA ASN G 518 39.89 -4.13 -18.18
C ASN G 518 39.38 -3.63 -16.82
N GLY G 519 39.29 -4.48 -15.79
CA GLY G 519 38.73 -4.14 -14.48
C GLY G 519 37.20 -4.34 -14.37
N LEU G 520 36.50 -4.65 -15.45
CA LEU G 520 35.08 -5.01 -15.48
C LEU G 520 34.83 -6.43 -14.92
N THR G 521 34.86 -6.57 -13.61
CA THR G 521 34.61 -7.85 -12.91
C THR G 521 33.14 -8.24 -13.01
N GLY G 522 32.85 -9.51 -13.29
CA GLY G 522 31.49 -10.03 -13.35
C GLY G 522 31.44 -11.55 -13.32
N THR G 523 30.32 -12.13 -13.73
CA THR G 523 30.12 -13.58 -13.86
C THR G 523 29.04 -13.89 -14.88
N GLY G 524 29.31 -14.81 -15.80
CA GLY G 524 28.37 -15.16 -16.86
C GLY G 524 28.97 -16.10 -17.90
N VAL G 525 28.14 -16.50 -18.84
CA VAL G 525 28.51 -17.26 -20.04
C VAL G 525 28.92 -16.28 -21.13
N LEU G 526 30.21 -16.25 -21.47
CA LEU G 526 30.73 -15.48 -22.59
C LEU G 526 30.48 -16.24 -23.88
N THR G 527 29.93 -15.58 -24.90
CA THR G 527 29.64 -16.25 -26.18
C THR G 527 29.73 -15.29 -27.36
N GLU G 528 30.13 -15.77 -28.54
CA GLU G 528 30.29 -14.92 -29.72
C GLU G 528 28.95 -14.36 -30.20
N SER G 529 28.89 -13.07 -30.48
CA SER G 529 27.63 -12.35 -30.69
C SER G 529 27.59 -11.58 -32.00
N ASN G 530 26.41 -11.49 -32.61
CA ASN G 530 26.17 -10.75 -33.86
C ASN G 530 25.89 -9.25 -33.66
N LYS G 531 26.07 -8.72 -32.45
CA LYS G 531 26.02 -7.29 -32.11
C LYS G 531 27.22 -6.57 -32.73
N LYS G 532 27.04 -5.92 -33.87
CA LYS G 532 28.09 -5.16 -34.57
C LYS G 532 28.38 -3.83 -33.86
N PHE G 533 29.24 -3.86 -32.83
CA PHE G 533 29.69 -2.64 -32.16
C PHE G 533 30.36 -1.69 -33.16
N LEU G 534 30.06 -0.40 -33.06
CA LEU G 534 30.76 0.62 -33.83
C LEU G 534 32.22 0.69 -33.35
N PRO G 535 33.21 0.98 -34.22
CA PRO G 535 34.63 0.87 -33.90
C PRO G 535 35.15 1.64 -32.67
N PHE G 536 34.40 2.62 -32.18
CA PHE G 536 34.76 3.41 -30.99
C PHE G 536 34.24 2.81 -29.68
N GLN G 537 33.28 1.88 -29.73
CA GLN G 537 32.63 1.29 -28.54
C GLN G 537 33.46 0.15 -27.93
N GLN G 538 33.50 0.05 -26.60
CA GLN G 538 34.20 -1.00 -25.85
C GLN G 538 33.24 -1.91 -25.05
N PHE G 539 32.17 -1.40 -24.49
CA PHE G 539 31.20 -2.16 -23.67
C PHE G 539 29.78 -1.84 -24.10
N GLY G 540 28.91 -2.84 -24.17
CA GLY G 540 27.48 -2.69 -24.47
C GLY G 540 26.64 -2.89 -23.22
N ARG G 541 25.50 -2.24 -23.08
CA ARG G 541 24.81 -2.15 -21.79
C ARG G 541 23.29 -2.35 -21.91
N ASP G 542 22.65 -2.90 -20.88
CA ASP G 542 21.21 -3.23 -20.88
C ASP G 542 20.35 -2.24 -20.07
N ILE G 543 19.03 -2.45 -20.08
CA ILE G 543 18.03 -1.62 -19.37
C ILE G 543 18.30 -1.55 -17.86
N ALA G 544 18.83 -2.62 -17.27
CA ALA G 544 19.26 -2.67 -15.88
C ALA G 544 20.59 -1.92 -15.59
N ASP G 545 21.19 -1.22 -16.56
CA ASP G 545 22.50 -0.55 -16.48
C ASP G 545 23.69 -1.48 -16.22
N THR G 546 23.56 -2.77 -16.59
CA THR G 546 24.60 -3.80 -16.45
C THR G 546 25.23 -4.10 -17.81
N THR G 547 26.53 -4.41 -17.83
CA THR G 547 27.22 -4.70 -19.08
C THR G 547 26.70 -5.99 -19.69
N ASP G 548 26.26 -5.90 -20.93
CA ASP G 548 25.48 -6.89 -21.67
C ASP G 548 26.29 -7.52 -22.80
N ALA G 549 27.33 -6.85 -23.27
CA ALA G 549 28.26 -7.35 -24.28
C ALA G 549 29.60 -6.62 -24.13
N VAL G 550 30.70 -7.19 -24.61
CA VAL G 550 32.05 -6.62 -24.46
C VAL G 550 32.90 -6.81 -25.69
N ARG G 551 33.82 -5.88 -25.93
CA ARG G 551 34.98 -6.03 -26.81
C ARG G 551 36.10 -6.70 -26.02
N ASP G 552 36.54 -7.88 -26.45
CA ASP G 552 37.75 -8.51 -25.91
C ASP G 552 38.96 -7.59 -26.21
N PRO G 553 39.72 -7.10 -25.21
CA PRO G 553 40.79 -6.12 -25.41
C PRO G 553 42.00 -6.62 -26.20
N GLN G 554 42.07 -7.92 -26.52
CA GLN G 554 43.16 -8.51 -27.30
C GLN G 554 42.70 -9.00 -28.68
N THR G 555 41.60 -9.73 -28.79
CA THR G 555 41.11 -10.27 -30.07
C THR G 555 40.15 -9.34 -30.80
N LEU G 556 39.66 -8.29 -30.12
CA LEU G 556 38.65 -7.35 -30.60
C LEU G 556 37.33 -7.99 -31.04
N GLU G 557 37.05 -9.24 -30.63
CA GLU G 557 35.74 -9.85 -30.90
C GLU G 557 34.68 -9.33 -29.92
N ILE G 558 33.42 -9.35 -30.34
CA ILE G 558 32.30 -8.92 -29.53
C ILE G 558 31.60 -10.13 -28.91
N LEU G 559 31.59 -10.17 -27.60
CA LEU G 559 31.03 -11.24 -26.79
C LEU G 559 29.72 -10.76 -26.16
N ASP G 560 28.66 -11.55 -26.25
CA ASP G 560 27.54 -11.44 -25.32
C ASP G 560 27.96 -11.88 -23.93
N ILE G 561 27.33 -11.33 -22.91
CA ILE G 561 27.30 -11.88 -21.56
C ILE G 561 25.86 -12.32 -21.26
N THR G 562 25.66 -13.59 -20.91
CA THR G 562 24.40 -14.11 -20.35
C THR G 562 24.65 -14.55 -18.90
N PRO G 563 23.86 -14.12 -17.91
CA PRO G 563 24.07 -14.52 -16.52
C PRO G 563 23.94 -16.04 -16.34
N CYS G 564 24.78 -16.66 -15.51
CA CYS G 564 24.76 -18.09 -15.30
C CYS G 564 23.40 -18.54 -14.76
N SER G 565 22.89 -19.66 -15.27
CA SER G 565 21.49 -20.05 -15.07
C SER G 565 21.11 -20.22 -13.60
N PHE G 566 19.90 -19.81 -13.24
CA PHE G 566 19.39 -19.79 -11.88
C PHE G 566 17.87 -19.93 -11.85
N GLY G 567 17.32 -20.28 -10.71
CA GLY G 567 15.88 -20.26 -10.48
C GLY G 567 15.49 -20.61 -9.06
N GLY G 568 14.23 -20.43 -8.72
CA GLY G 568 13.68 -20.96 -7.49
C GLY G 568 13.74 -22.50 -7.45
N VAL G 569 14.00 -23.04 -6.28
CA VAL G 569 13.90 -24.47 -5.97
C VAL G 569 12.67 -24.66 -5.12
N SER G 570 11.74 -25.48 -5.57
CA SER G 570 10.55 -25.85 -4.82
C SER G 570 10.65 -27.30 -4.39
N VAL G 571 10.27 -27.62 -3.17
CA VAL G 571 10.19 -28.99 -2.67
C VAL G 571 8.72 -29.40 -2.63
N ILE G 572 8.32 -30.36 -3.46
CA ILE G 572 7.02 -31.03 -3.43
C ILE G 572 7.09 -32.11 -2.37
N THR G 573 6.19 -32.09 -1.40
CA THR G 573 6.18 -33.08 -0.33
C THR G 573 4.76 -33.51 0.02
N PRO G 574 4.45 -34.80 0.19
CA PRO G 574 3.36 -35.19 1.06
C PRO G 574 3.71 -34.76 2.50
N GLY G 575 2.79 -34.81 3.44
CA GLY G 575 3.14 -34.38 4.81
C GLY G 575 4.19 -35.28 5.44
N THR G 576 4.96 -34.80 6.42
CA THR G 576 5.86 -35.66 7.24
C THR G 576 5.08 -36.65 8.10
N ASN G 577 3.79 -36.39 8.33
CA ASN G 577 2.81 -37.32 8.88
C ASN G 577 2.50 -38.50 7.94
N THR G 578 2.85 -38.39 6.65
CA THR G 578 2.65 -39.41 5.61
C THR G 578 3.96 -40.03 5.15
N SER G 579 4.95 -39.25 4.70
CA SER G 579 6.27 -39.77 4.32
C SER G 579 7.35 -38.71 4.36
N ASN G 580 8.53 -39.05 4.89
CA ASN G 580 9.72 -38.21 4.88
C ASN G 580 10.44 -38.28 3.50
N GLN G 581 9.70 -38.07 2.42
CA GLN G 581 10.14 -38.27 1.04
C GLN G 581 9.71 -37.10 0.18
N VAL G 582 10.53 -36.69 -0.78
CA VAL G 582 10.38 -35.42 -1.50
C VAL G 582 10.72 -35.53 -2.98
N ALA G 583 10.17 -34.61 -3.76
CA ALA G 583 10.60 -34.29 -5.11
C ALA G 583 10.93 -32.80 -5.19
N VAL G 584 11.83 -32.42 -6.08
CA VAL G 584 12.40 -31.07 -6.16
C VAL G 584 12.19 -30.51 -7.55
N LEU G 585 11.56 -29.35 -7.66
CA LEU G 585 11.33 -28.65 -8.90
C LEU G 585 12.34 -27.50 -9.00
N TYR G 586 13.22 -27.55 -9.98
CA TYR G 586 14.10 -26.47 -10.35
C TYR G 586 13.35 -25.62 -11.36
N GLN G 587 12.86 -24.46 -10.96
CA GLN G 587 11.89 -23.70 -11.75
C GLN G 587 12.51 -23.13 -13.03
N ASP G 588 11.75 -23.17 -14.13
CA ASP G 588 12.07 -22.75 -15.51
C ASP G 588 13.20 -23.48 -16.24
N VAL G 589 14.19 -24.06 -15.55
CA VAL G 589 15.40 -24.63 -16.17
C VAL G 589 15.19 -25.94 -16.93
N ASN G 590 16.21 -26.32 -17.68
CA ASN G 590 16.31 -27.54 -18.47
C ASN G 590 17.03 -28.61 -17.64
N CYS G 591 16.51 -29.83 -17.57
CA CYS G 591 17.08 -30.90 -16.73
C CYS G 591 18.54 -31.24 -17.03
N THR G 592 19.02 -30.96 -18.25
CA THR G 592 20.42 -31.16 -18.62
C THR G 592 21.36 -30.17 -17.91
N GLU G 593 20.86 -29.06 -17.38
CA GLU G 593 21.63 -28.02 -16.70
C GLU G 593 21.83 -28.25 -15.19
N VAL G 594 20.97 -29.05 -14.57
CA VAL G 594 20.96 -29.34 -13.11
C VAL G 594 21.75 -30.60 -12.80
N ASN G 615 12.81 -40.64 -13.19
CA ASN G 615 12.58 -39.72 -12.07
C ASN G 615 13.35 -38.40 -12.20
N VAL G 616 13.69 -38.02 -13.43
CA VAL G 616 14.10 -36.66 -13.80
C VAL G 616 13.26 -36.27 -15.02
N PHE G 617 12.26 -35.42 -14.82
CA PHE G 617 11.19 -35.13 -15.78
C PHE G 617 11.17 -33.64 -16.12
N GLN G 618 11.20 -33.29 -17.40
CA GLN G 618 11.06 -31.90 -17.84
C GLN G 618 9.59 -31.47 -17.83
N THR G 619 9.29 -30.31 -17.24
CA THR G 619 7.96 -29.69 -17.22
C THR G 619 8.08 -28.25 -17.71
N ARG G 620 7.00 -27.64 -18.21
CA ARG G 620 7.00 -26.20 -18.54
C ARG G 620 7.22 -25.32 -17.30
N ALA G 621 6.97 -25.83 -16.10
CA ALA G 621 7.30 -25.14 -14.84
C ALA G 621 8.79 -25.23 -14.47
N GLY G 622 9.56 -26.15 -15.03
CA GLY G 622 10.93 -26.43 -14.60
C GLY G 622 11.32 -27.90 -14.68
N CYS G 623 12.55 -28.24 -14.34
CA CYS G 623 12.97 -29.63 -14.21
C CYS G 623 12.46 -30.21 -12.89
N LEU G 624 11.81 -31.37 -12.89
CA LEU G 624 11.26 -32.00 -11.70
C LEU G 624 11.96 -33.33 -11.39
N ILE G 625 12.66 -33.41 -10.25
CA ILE G 625 13.52 -34.52 -9.87
C ILE G 625 12.91 -35.25 -8.68
N GLY G 626 12.80 -36.58 -8.75
CA GLY G 626 12.27 -37.45 -7.69
C GLY G 626 10.78 -37.76 -7.79
N ALA G 627 10.07 -37.14 -8.73
CA ALA G 627 8.68 -37.46 -9.06
C ALA G 627 8.60 -38.32 -10.31
N GLU G 628 7.87 -39.42 -10.22
CA GLU G 628 7.64 -40.37 -11.29
C GLU G 628 6.56 -39.87 -12.26
N HIS G 629 6.90 -39.58 -13.52
CA HIS G 629 5.88 -39.15 -14.49
C HIS G 629 4.90 -40.28 -14.78
N VAL G 630 3.62 -39.94 -14.86
CA VAL G 630 2.52 -40.88 -15.07
C VAL G 630 1.60 -40.39 -16.20
N ASN G 631 1.18 -41.29 -17.08
CA ASN G 631 0.31 -41.00 -18.22
C ASN G 631 -1.19 -41.00 -17.86
N ASN G 632 -1.59 -41.68 -16.79
CA ASN G 632 -2.89 -41.48 -16.16
C ASN G 632 -3.05 -40.05 -15.63
N SER G 633 -4.26 -39.64 -15.29
CA SER G 633 -4.58 -38.32 -14.73
C SER G 633 -5.58 -38.43 -13.59
N TYR G 634 -5.51 -37.51 -12.63
CA TYR G 634 -6.28 -37.51 -11.40
C TYR G 634 -6.66 -36.07 -11.04
N GLU G 635 -7.49 -35.87 -10.02
CA GLU G 635 -7.65 -34.56 -9.40
C GLU G 635 -6.28 -33.95 -9.02
N CYS G 636 -6.16 -32.63 -9.04
CA CYS G 636 -4.92 -31.98 -8.68
C CYS G 636 -4.70 -31.98 -7.16
N ASP G 637 -3.69 -32.72 -6.72
CA ASP G 637 -3.37 -32.88 -5.30
C ASP G 637 -2.41 -31.77 -4.82
N ILE G 638 -1.16 -31.76 -5.27
CA ILE G 638 -0.19 -30.66 -5.09
C ILE G 638 0.02 -29.99 -6.46
N PRO G 639 -0.23 -28.69 -6.66
CA PRO G 639 -0.03 -28.03 -7.94
C PRO G 639 1.46 -27.84 -8.24
N ILE G 640 1.90 -28.12 -9.48
CA ILE G 640 3.26 -27.80 -9.94
C ILE G 640 3.24 -26.65 -10.94
N GLY G 641 2.29 -26.64 -11.86
CA GLY G 641 2.11 -25.56 -12.83
C GLY G 641 2.09 -26.07 -14.26
N ALA G 642 1.55 -25.26 -15.19
CA ALA G 642 1.37 -25.60 -16.59
C ALA G 642 0.67 -26.95 -16.80
N GLY G 643 -0.40 -27.19 -16.05
CA GLY G 643 -1.23 -28.39 -16.07
C GLY G 643 -0.69 -29.56 -15.26
N ILE G 644 0.57 -29.53 -14.83
CA ILE G 644 1.15 -30.60 -14.02
C ILE G 644 0.72 -30.46 -12.55
N CYS G 645 0.34 -31.57 -11.93
CA CYS G 645 0.21 -31.72 -10.49
C CYS G 645 1.01 -32.93 -10.02
N ALA G 646 1.30 -33.02 -8.73
CA ALA G 646 1.94 -34.16 -8.11
C ALA G 646 1.12 -34.70 -6.94
N SER G 647 1.29 -35.97 -6.63
CA SER G 647 0.59 -36.67 -5.55
C SER G 647 1.46 -37.80 -5.03
N TYR G 648 1.23 -38.28 -3.82
CA TYR G 648 1.89 -39.46 -3.25
C TYR G 648 0.97 -40.67 -3.30
N GLN G 649 1.30 -41.67 -4.12
CA GLN G 649 0.43 -42.79 -4.48
C GLN G 649 1.24 -44.06 -4.77
N THR G 650 0.61 -45.23 -4.76
CA THR G 650 1.25 -46.52 -5.08
C THR G 650 1.80 -46.58 -6.51
N SER G 663 5.00 -49.45 -1.45
CA SER G 663 4.91 -49.27 -2.90
C SER G 663 4.80 -47.80 -3.32
N GLN G 664 4.62 -46.89 -2.37
CA GLN G 664 4.27 -45.50 -2.62
C GLN G 664 5.47 -44.67 -3.08
N SER G 665 5.21 -43.77 -4.02
CA SER G 665 6.16 -42.83 -4.61
C SER G 665 5.44 -41.51 -4.88
N ILE G 666 6.18 -40.41 -5.03
CA ILE G 666 5.60 -39.18 -5.56
C ILE G 666 5.47 -39.37 -7.07
N ILE G 667 4.28 -39.13 -7.61
CA ILE G 667 3.99 -39.14 -9.04
C ILE G 667 3.71 -37.73 -9.53
N ALA G 668 4.02 -37.42 -10.77
CA ALA G 668 3.63 -36.19 -11.43
C ALA G 668 2.83 -36.48 -12.70
N TYR G 669 1.74 -35.76 -12.92
CA TYR G 669 0.76 -36.06 -13.97
C TYR G 669 0.08 -34.78 -14.46
N THR G 670 -0.45 -34.78 -15.68
CA THR G 670 -1.37 -33.73 -16.14
C THR G 670 -2.67 -33.88 -15.38
N MET G 671 -3.15 -32.83 -14.70
CA MET G 671 -4.39 -32.90 -13.92
C MET G 671 -5.61 -33.17 -14.79
N SER G 672 -6.53 -33.97 -14.27
CA SER G 672 -7.86 -34.17 -14.83
C SER G 672 -8.78 -33.06 -14.33
N LEU G 673 -9.58 -32.47 -15.21
CA LEU G 673 -10.49 -31.37 -14.84
C LEU G 673 -11.83 -31.85 -14.29
N GLY G 674 -12.17 -33.12 -14.51
CA GLY G 674 -13.43 -33.74 -14.16
C GLY G 674 -13.73 -34.88 -15.11
N ALA G 675 -14.73 -35.69 -14.79
CA ALA G 675 -15.19 -36.75 -15.67
C ALA G 675 -15.80 -36.16 -16.93
N GLU G 676 -15.47 -36.66 -18.12
CA GLU G 676 -16.19 -36.26 -19.32
C GLU G 676 -17.60 -36.85 -19.33
N ASN G 677 -18.57 -36.08 -19.84
CA ASN G 677 -19.98 -36.44 -19.83
C ASN G 677 -20.66 -35.88 -21.08
N SER G 678 -20.92 -36.70 -22.08
CA SER G 678 -21.81 -36.31 -23.17
C SER G 678 -23.24 -36.28 -22.63
N VAL G 679 -23.82 -35.09 -22.50
CA VAL G 679 -25.23 -34.92 -22.12
C VAL G 679 -26.09 -35.52 -23.23
N ALA G 680 -27.11 -36.29 -22.88
CA ALA G 680 -27.93 -37.09 -23.79
C ALA G 680 -28.91 -36.27 -24.65
N TYR G 681 -28.48 -35.12 -25.16
CA TYR G 681 -29.29 -34.17 -25.90
C TYR G 681 -29.89 -34.80 -27.16
N SER G 682 -31.16 -34.52 -27.39
CA SER G 682 -31.79 -34.54 -28.71
C SER G 682 -32.92 -33.51 -28.71
N ASN G 683 -33.31 -33.04 -29.89
CA ASN G 683 -34.41 -32.09 -30.07
C ASN G 683 -35.77 -32.47 -29.44
N ASN G 684 -35.99 -33.69 -28.96
CA ASN G 684 -37.24 -34.13 -28.37
C ASN G 684 -37.09 -34.89 -27.07
N SER G 685 -35.92 -34.89 -26.42
CA SER G 685 -35.71 -35.57 -25.14
C SER G 685 -35.57 -34.57 -24.01
N ILE G 686 -36.26 -34.79 -22.90
CA ILE G 686 -36.09 -34.03 -21.64
C ILE G 686 -35.89 -35.00 -20.49
N ALA G 687 -35.03 -34.68 -19.54
CA ALA G 687 -34.94 -35.42 -18.28
C ALA G 687 -35.61 -34.64 -17.15
N ILE G 688 -36.55 -35.24 -16.44
CA ILE G 688 -37.21 -34.61 -15.29
C ILE G 688 -36.89 -35.40 -14.03
N PRO G 689 -36.44 -34.76 -12.94
CA PRO G 689 -36.12 -35.45 -11.72
C PRO G 689 -37.40 -36.01 -11.08
N THR G 690 -37.40 -37.28 -10.67
CA THR G 690 -38.58 -37.97 -10.10
C THR G 690 -38.51 -37.94 -8.57
N ASN G 691 -37.40 -37.51 -7.97
CA ASN G 691 -37.24 -37.41 -6.50
C ASN G 691 -36.34 -36.20 -6.24
N PHE G 692 -35.79 -36.05 -5.02
CA PHE G 692 -34.90 -34.91 -4.66
C PHE G 692 -34.04 -35.23 -3.45
N THR G 693 -33.05 -34.40 -3.14
CA THR G 693 -32.33 -34.45 -1.88
C THR G 693 -32.23 -33.05 -1.30
N ILE G 694 -32.60 -32.86 -0.04
CA ILE G 694 -32.30 -31.64 0.71
C ILE G 694 -30.85 -31.74 1.18
N SER G 695 -29.98 -30.88 0.71
CA SER G 695 -28.59 -30.80 1.15
C SER G 695 -28.39 -29.56 1.99
N VAL G 696 -27.73 -29.68 3.14
CA VAL G 696 -27.24 -28.53 3.89
C VAL G 696 -25.75 -28.42 3.61
N THR G 697 -25.29 -27.34 3.00
CA THR G 697 -23.88 -27.13 2.70
C THR G 697 -23.34 -26.01 3.56
N THR G 698 -22.28 -26.22 4.33
CA THR G 698 -21.62 -25.20 5.13
C THR G 698 -20.87 -24.20 4.26
N GLU G 699 -20.97 -22.91 4.55
CA GLU G 699 -20.05 -21.89 4.03
C GLU G 699 -19.48 -21.05 5.15
N ILE G 700 -18.17 -20.85 5.17
CA ILE G 700 -17.41 -20.14 6.20
C ILE G 700 -16.81 -18.88 5.60
N LEU G 701 -17.01 -17.71 6.24
CA LEU G 701 -16.53 -16.41 5.78
C LEU G 701 -15.81 -15.66 6.91
N PRO G 702 -14.59 -15.14 6.72
CA PRO G 702 -14.02 -14.16 7.64
C PRO G 702 -14.88 -12.92 7.72
N VAL G 703 -15.03 -12.34 8.91
CA VAL G 703 -15.85 -11.13 9.17
C VAL G 703 -15.03 -10.05 9.84
N SER G 704 -14.14 -10.39 10.75
CA SER G 704 -13.29 -9.42 11.44
C SER G 704 -11.91 -10.01 11.63
N MET G 705 -10.99 -9.24 12.20
CA MET G 705 -9.67 -9.72 12.53
C MET G 705 -9.20 -9.06 13.82
N THR G 706 -8.18 -9.59 14.48
CA THR G 706 -7.77 -9.09 15.79
C THR G 706 -7.41 -7.60 15.72
N LYS G 707 -8.05 -6.79 16.56
CA LYS G 707 -7.85 -5.34 16.69
C LYS G 707 -6.50 -5.07 17.38
N THR G 708 -5.38 -5.30 16.73
CA THR G 708 -4.08 -4.87 17.27
C THR G 708 -4.00 -3.35 17.28
N SER G 709 -3.22 -2.80 18.20
CA SER G 709 -2.63 -1.49 18.05
C SER G 709 -1.19 -1.54 18.54
N VAL G 710 -0.28 -0.96 17.78
CA VAL G 710 1.14 -0.90 18.13
C VAL G 710 1.46 0.57 18.29
N ASP G 711 1.79 0.99 19.52
CA ASP G 711 2.18 2.37 19.76
C ASP G 711 3.56 2.63 19.18
N CYS G 712 3.67 3.54 18.20
CA CYS G 712 4.94 3.82 17.55
C CYS G 712 6.08 4.09 18.54
N THR G 713 5.96 5.03 19.48
CA THR G 713 7.10 5.43 20.30
C THR G 713 7.58 4.30 21.19
N MET G 714 6.66 3.53 21.79
CA MET G 714 7.00 2.37 22.60
C MET G 714 7.60 1.25 21.76
N TYR G 715 7.16 1.03 20.53
CA TYR G 715 7.79 0.07 19.62
C TYR G 715 9.20 0.51 19.20
N ILE G 716 9.33 1.70 18.65
CA ILE G 716 10.58 2.19 18.07
C ILE G 716 11.63 2.44 19.14
N CYS G 717 11.29 3.13 20.22
CA CYS G 717 12.25 3.57 21.24
C CYS G 717 12.16 2.80 22.55
N GLY G 718 10.99 2.75 23.18
CA GLY G 718 10.75 2.10 24.47
C GLY G 718 11.60 2.65 25.62
N ASP G 719 11.03 3.55 26.43
CA ASP G 719 11.67 4.20 27.61
C ASP G 719 12.86 5.14 27.37
N SER G 720 13.59 5.02 26.27
CA SER G 720 14.68 5.96 25.95
C SER G 720 14.13 7.34 25.59
N THR G 721 14.53 8.36 26.37
CA THR G 721 14.29 9.78 26.02
C THR G 721 15.16 10.24 24.86
N GLU G 722 16.36 9.69 24.70
CA GLU G 722 17.31 10.03 23.65
C GLU G 722 16.74 9.66 22.27
N CYS G 723 16.27 8.43 22.15
CA CYS G 723 15.58 7.95 20.98
C CYS G 723 14.26 8.69 20.76
N SER G 724 13.47 8.91 21.82
CA SER G 724 12.18 9.58 21.69
C SER G 724 12.35 11.00 21.12
N ASN G 725 13.39 11.72 21.52
CA ASN G 725 13.71 13.03 20.93
C ASN G 725 14.16 12.96 19.47
N LEU G 726 14.98 11.98 19.07
CA LEU G 726 15.36 11.79 17.67
C LEU G 726 14.16 11.46 16.78
N LEU G 727 13.22 10.68 17.29
CA LEU G 727 12.02 10.29 16.57
C LEU G 727 11.08 11.46 16.27
N LEU G 728 11.09 12.52 17.09
CA LEU G 728 10.29 13.73 16.83
C LEU G 728 10.73 14.50 15.58
N GLN G 729 11.98 14.35 15.15
CA GLN G 729 12.50 14.98 13.93
C GLN G 729 11.88 14.40 12.66
N TYR G 730 11.40 13.16 12.71
CA TYR G 730 10.66 12.48 11.65
C TYR G 730 9.19 12.93 11.57
N GLY G 731 8.76 13.87 12.40
CA GLY G 731 7.44 14.48 12.37
C GLY G 731 6.29 13.54 12.71
N SER G 732 5.19 13.67 11.97
CA SER G 732 3.91 12.99 12.17
C SER G 732 3.83 11.62 11.53
N PHE G 733 4.93 10.89 11.30
CA PHE G 733 4.83 9.48 10.91
C PHE G 733 4.11 8.65 11.96
N CYS G 734 4.30 8.94 13.24
CA CYS G 734 3.78 8.09 14.30
C CYS G 734 2.35 8.38 14.70
N THR G 735 1.87 9.60 14.60
CA THR G 735 0.44 9.85 14.70
C THR G 735 -0.28 9.20 13.52
N GLN G 736 0.22 9.24 12.29
CA GLN G 736 -0.47 8.60 11.16
C GLN G 736 -0.38 7.06 11.15
N LEU G 737 0.63 6.44 11.78
CA LEU G 737 0.67 4.98 12.00
C LEU G 737 -0.32 4.53 13.10
N ASN G 738 -0.31 5.18 14.27
CA ASN G 738 -1.31 4.97 15.32
C ASN G 738 -2.74 5.22 14.80
N ARG G 739 -2.94 6.22 13.93
CA ARG G 739 -4.22 6.54 13.29
C ARG G 739 -4.67 5.47 12.31
N ALA G 740 -3.80 4.96 11.45
CA ALA G 740 -4.13 3.89 10.51
C ALA G 740 -4.53 2.60 11.23
N LEU G 741 -3.76 2.15 12.23
CA LEU G 741 -4.16 0.99 13.04
C LEU G 741 -5.46 1.25 13.82
N THR G 742 -5.71 2.44 14.35
CA THR G 742 -7.02 2.78 14.94
C THR G 742 -8.15 2.74 13.91
N GLY G 743 -7.93 3.18 12.67
CA GLY G 743 -8.91 3.09 11.59
C GLY G 743 -9.26 1.65 11.24
N ILE G 744 -8.26 0.77 11.12
CA ILE G 744 -8.46 -0.67 10.95
C ILE G 744 -9.26 -1.21 12.13
N ALA G 745 -8.88 -0.88 13.36
CA ALA G 745 -9.49 -1.46 14.55
C ALA G 745 -10.97 -1.08 14.69
N VAL G 746 -11.35 0.17 14.46
CA VAL G 746 -12.76 0.59 14.47
C VAL G 746 -13.56 -0.05 13.34
N GLU G 747 -12.98 -0.21 12.16
CA GLU G 747 -13.61 -0.91 11.05
C GLU G 747 -13.94 -2.36 11.42
N GLN G 748 -13.18 -3.05 12.26
CA GLN G 748 -13.49 -4.44 12.63
C GLN G 748 -14.78 -4.58 13.43
N ASP G 749 -15.10 -3.58 14.26
CA ASP G 749 -16.39 -3.49 14.94
C ASP G 749 -17.53 -3.19 13.96
N LYS G 750 -17.32 -2.28 13.00
CA LYS G 750 -18.27 -2.05 11.92
C LYS G 750 -18.52 -3.32 11.11
N ASN G 751 -17.47 -4.02 10.64
CA ASN G 751 -17.58 -5.28 9.91
C ASN G 751 -18.41 -6.31 10.66
N THR G 752 -18.20 -6.43 11.97
CA THR G 752 -18.94 -7.39 12.80
C THR G 752 -20.39 -6.97 13.00
N GLN G 753 -20.62 -5.69 13.29
CA GLN G 753 -21.94 -5.10 13.46
C GLN G 753 -22.80 -5.21 12.21
N GLU G 754 -22.24 -4.99 11.02
CA GLU G 754 -22.98 -5.10 9.76
C GLU G 754 -23.44 -6.52 9.47
N VAL G 755 -22.64 -7.53 9.81
CA VAL G 755 -23.02 -8.93 9.57
C VAL G 755 -24.13 -9.34 10.52
N PHE G 756 -23.96 -9.18 11.84
CA PHE G 756 -24.85 -9.82 12.80
C PHE G 756 -26.02 -8.95 13.25
N ALA G 757 -25.84 -7.64 13.40
CA ALA G 757 -26.88 -6.75 13.91
C ALA G 757 -27.94 -6.36 12.87
N GLN G 758 -28.28 -7.25 11.95
CA GLN G 758 -29.34 -7.08 10.95
C GLN G 758 -30.75 -7.33 11.50
N VAL G 759 -30.86 -7.66 12.79
CA VAL G 759 -32.13 -8.06 13.41
C VAL G 759 -32.57 -6.98 14.39
N LYS G 760 -33.76 -6.41 14.17
CA LYS G 760 -34.24 -5.24 14.92
C LYS G 760 -34.54 -5.51 16.39
N GLN G 761 -34.97 -6.72 16.70
CA GLN G 761 -35.37 -7.23 18.02
C GLN G 761 -34.74 -8.59 18.24
N ILE G 762 -34.42 -8.94 19.49
CA ILE G 762 -33.84 -10.24 19.80
C ILE G 762 -34.98 -11.26 19.90
N TYR G 763 -35.33 -11.86 18.75
CA TYR G 763 -36.34 -12.92 18.73
C TYR G 763 -35.89 -14.14 19.53
N LYS G 764 -36.83 -14.87 20.14
CA LYS G 764 -36.59 -16.17 20.76
C LYS G 764 -37.67 -17.18 20.40
N THR G 765 -37.30 -18.46 20.36
CA THR G 765 -38.20 -19.57 20.00
C THR G 765 -39.20 -19.87 21.12
N PRO G 766 -40.37 -20.46 20.77
CA PRO G 766 -41.28 -21.05 21.75
C PRO G 766 -40.60 -22.12 22.61
N PRO G 767 -41.17 -22.47 23.77
CA PRO G 767 -40.64 -23.52 24.63
C PRO G 767 -40.79 -24.91 24.01
N ILE G 768 -41.82 -25.12 23.18
CA ILE G 768 -42.12 -26.36 22.45
C ILE G 768 -41.68 -26.22 20.99
N LYS G 769 -40.93 -27.21 20.51
CA LYS G 769 -40.31 -27.20 19.17
C LYS G 769 -41.17 -27.94 18.13
N ASP G 770 -42.43 -27.54 17.96
CA ASP G 770 -43.41 -28.12 17.01
C ASP G 770 -43.22 -27.63 15.56
N PHE G 771 -41.29 -28.14 14.87
CA PHE G 771 -41.13 -27.37 13.61
C PHE G 771 -41.44 -28.30 12.43
N GLY G 772 -42.55 -29.03 12.48
CA GLY G 772 -42.94 -29.97 11.41
C GLY G 772 -41.94 -31.10 11.24
N GLY G 773 -41.31 -31.55 12.33
CA GLY G 773 -40.34 -32.67 12.30
C GLY G 773 -38.93 -32.24 11.94
N PHE G 774 -38.65 -30.94 11.86
CA PHE G 774 -37.30 -30.39 11.51
C PHE G 774 -36.52 -30.14 12.81
N ASN G 775 -35.58 -30.64 13.21
CA ASN G 775 -34.89 -30.65 14.52
C ASN G 775 -33.74 -29.67 14.40
N PHE G 776 -33.88 -28.86 14.67
CA PHE G 776 -33.04 -27.63 14.73
C PHE G 776 -32.32 -27.55 16.08
N SER G 777 -32.29 -28.63 16.87
CA SER G 777 -31.68 -28.62 18.22
C SER G 777 -30.19 -28.28 18.13
N GLN G 778 -29.47 -28.83 17.17
CA GLN G 778 -28.01 -28.61 17.02
C GLN G 778 -27.73 -27.15 16.66
N ILE G 779 -28.49 -26.57 15.72
CA ILE G 779 -28.28 -25.15 15.26
C ILE G 779 -28.67 -24.19 16.38
N LEU G 780 -29.75 -24.46 17.13
CA LEU G 780 -30.26 -23.56 18.20
C LEU G 780 -29.40 -23.70 19.45
N PRO G 781 -29.59 -22.25 20.35
CA PRO G 781 -28.82 -22.05 21.57
C PRO G 781 -28.89 -23.22 22.55
N ASP G 782 -27.93 -23.29 23.46
CA ASP G 782 -27.79 -24.38 24.43
C ASP G 782 -27.62 -23.83 25.86
N PRO G 783 -28.69 -23.81 26.68
CA PRO G 783 -28.64 -23.31 28.06
C PRO G 783 -27.72 -24.10 28.99
N SER G 784 -27.26 -25.28 28.58
CA SER G 784 -26.31 -26.13 29.30
C SER G 784 -24.90 -25.55 29.39
N LYS G 785 -24.66 -24.39 28.74
CA LYS G 785 -23.35 -23.76 28.51
C LYS G 785 -23.28 -22.35 29.12
N PRO G 786 -22.10 -21.91 29.61
CA PRO G 786 -21.92 -20.60 30.23
C PRO G 786 -22.02 -19.44 29.22
N SER G 787 -21.57 -19.65 27.97
CA SER G 787 -21.99 -18.86 26.81
C SER G 787 -22.94 -19.73 25.99
N LYS G 788 -24.18 -19.27 25.75
CA LYS G 788 -25.30 -20.11 25.26
C LYS G 788 -25.25 -20.52 23.78
N ARG G 789 -24.07 -20.57 23.18
CA ARG G 789 -23.83 -21.00 21.79
C ARG G 789 -24.50 -22.33 21.48
N SER G 790 -24.90 -22.56 20.23
CA SER G 790 -25.47 -23.84 19.81
C SER G 790 -24.45 -24.99 19.87
N PHE G 791 -24.89 -26.23 19.68
CA PHE G 791 -23.96 -27.35 19.56
C PHE G 791 -22.95 -27.11 18.43
N ILE G 792 -23.43 -26.76 17.24
CA ILE G 792 -22.58 -26.51 16.09
C ILE G 792 -21.70 -25.27 16.30
N GLU G 793 -22.18 -24.19 16.95
CA GLU G 793 -21.31 -23.06 17.29
C GLU G 793 -20.21 -23.45 18.27
N ASP G 794 -20.40 -24.39 19.19
CA ASP G 794 -19.30 -24.87 20.04
C ASP G 794 -18.25 -25.67 19.28
N LEU G 795 -18.62 -26.53 18.32
CA LEU G 795 -17.63 -27.14 17.44
C LEU G 795 -16.79 -26.08 16.71
N LEU G 796 -17.46 -25.10 16.10
CA LEU G 796 -16.81 -24.01 15.34
C LEU G 796 -15.89 -23.15 16.22
N PHE G 797 -16.16 -23.03 17.52
CA PHE G 797 -15.30 -22.32 18.46
C PHE G 797 -14.13 -23.17 18.98
N ASN G 798 -14.26 -24.50 19.03
CA ASN G 798 -13.16 -25.38 19.43
C ASN G 798 -12.15 -25.62 18.30
N LYS G 799 -12.60 -25.65 17.04
CA LYS G 799 -11.76 -25.95 15.85
C LYS G 799 -10.93 -24.78 15.31
N VAL G 800 -10.94 -23.62 15.96
CA VAL G 800 -10.06 -22.48 15.63
C VAL G 800 -9.23 -22.11 16.87
N THR G 801 -7.95 -21.80 16.72
CA THR G 801 -7.05 -21.53 17.86
C THR G 801 -7.38 -20.22 18.60
N LYS G 828 7.57 -9.86 23.70
CA LYS G 828 6.56 -9.60 22.67
C LYS G 828 5.86 -8.24 22.85
N PHE G 829 5.70 -7.79 24.09
CA PHE G 829 4.90 -6.63 24.48
C PHE G 829 5.61 -5.29 24.26
N ASN G 830 6.37 -5.17 23.17
CA ASN G 830 7.11 -3.97 22.77
C ASN G 830 6.14 -2.93 22.17
N GLY G 831 5.22 -2.40 22.97
CA GLY G 831 4.19 -1.46 22.51
C GLY G 831 3.02 -2.10 21.78
N LEU G 832 3.08 -3.40 21.46
CA LEU G 832 1.95 -4.20 21.00
C LEU G 832 0.85 -4.22 22.06
N THR G 833 -0.40 -4.03 21.64
CA THR G 833 -1.62 -4.19 22.45
C THR G 833 -2.71 -4.82 21.58
N VAL G 834 -3.63 -5.55 22.19
CA VAL G 834 -4.80 -6.10 21.52
C VAL G 834 -6.04 -5.54 22.20
N LEU G 835 -6.86 -4.82 21.45
CA LEU G 835 -8.09 -4.22 21.93
C LEU G 835 -9.21 -5.27 21.86
N PRO G 836 -10.18 -5.32 22.79
CA PRO G 836 -11.29 -6.24 22.69
C PRO G 836 -12.28 -5.82 21.59
N PRO G 837 -13.05 -6.73 21.00
CA PRO G 837 -14.16 -6.39 20.13
C PRO G 837 -15.29 -5.69 20.90
N LEU G 838 -16.12 -4.91 20.21
CA LEU G 838 -17.26 -4.24 20.84
C LEU G 838 -18.30 -5.26 21.31
N LEU G 839 -18.78 -6.12 20.42
CA LEU G 839 -19.66 -7.21 20.79
C LEU G 839 -18.84 -8.36 21.38
N THR G 840 -19.20 -8.86 22.55
CA THR G 840 -18.60 -10.09 23.09
C THR G 840 -19.07 -11.30 22.28
N ASP G 841 -18.35 -12.42 22.32
CA ASP G 841 -18.79 -13.65 21.63
C ASP G 841 -20.15 -14.15 22.12
N GLU G 842 -20.54 -13.85 23.37
CA GLU G 842 -21.89 -14.09 23.89
C GLU G 842 -22.93 -13.17 23.24
N MET G 843 -22.60 -11.91 22.98
CA MET G 843 -23.48 -11.00 22.23
C MET G 843 -23.62 -11.41 20.77
N ILE G 844 -22.54 -11.80 20.10
CA ILE G 844 -22.59 -12.39 18.76
C ILE G 844 -23.49 -13.62 18.73
N ALA G 845 -23.36 -14.55 19.68
CA ALA G 845 -24.21 -15.73 19.77
C ALA G 845 -25.68 -15.40 20.08
N GLN G 846 -25.97 -14.27 20.71
CA GLN G 846 -27.32 -13.80 20.95
C GLN G 846 -27.94 -13.17 19.70
N TYR G 847 -27.16 -12.51 18.85
CA TYR G 847 -27.60 -12.15 17.51
C TYR G 847 -27.86 -13.36 16.63
N THR G 848 -26.96 -14.36 16.53
CA THR G 848 -27.25 -15.56 15.74
C THR G 848 -28.44 -16.34 16.28
N SER G 849 -28.67 -16.37 17.58
CA SER G 849 -29.90 -16.89 18.19
C SER G 849 -31.15 -16.18 17.67
N ALA G 850 -31.14 -14.86 17.62
CA ALA G 850 -32.25 -14.06 17.15
C ALA G 850 -32.52 -14.24 15.66
N LEU G 851 -31.47 -14.37 14.85
CA LEU G 851 -31.60 -14.64 13.41
C LEU G 851 -32.16 -16.04 13.16
N LEU G 852 -31.73 -17.05 13.91
CA LEU G 852 -32.31 -18.40 13.90
C LEU G 852 -33.78 -18.35 14.28
N ALA G 853 -34.09 -17.82 15.45
CA ALA G 853 -35.42 -17.81 16.00
C ALA G 853 -36.41 -16.98 15.19
N GLY G 854 -35.95 -15.91 14.55
CA GLY G 854 -36.71 -15.19 13.53
C GLY G 854 -36.98 -16.09 12.33
N THR G 855 -35.94 -16.62 11.71
CA THR G 855 -36.03 -17.44 10.49
C THR G 855 -36.94 -18.63 10.68
N ILE G 856 -36.82 -19.36 11.79
CA ILE G 856 -37.64 -20.53 12.08
C ILE G 856 -39.08 -20.15 12.36
N THR G 857 -39.35 -19.17 13.21
CA THR G 857 -40.73 -18.89 13.63
C THR G 857 -41.51 -18.03 12.63
N SER G 858 -40.86 -17.32 11.70
CA SER G 858 -41.50 -16.28 10.90
C SER G 858 -41.08 -16.20 9.44
N GLY G 859 -40.14 -17.03 8.98
CA GLY G 859 -39.66 -16.98 7.61
C GLY G 859 -38.84 -15.73 7.32
N TRP G 860 -38.94 -15.19 6.12
CA TRP G 860 -38.27 -13.93 5.74
C TRP G 860 -38.93 -12.68 6.33
N THR G 861 -40.11 -12.81 6.92
CA THR G 861 -40.93 -11.65 7.27
C THR G 861 -40.31 -10.75 8.32
N PHE G 862 -39.44 -11.25 9.22
CA PHE G 862 -38.71 -10.40 10.17
C PHE G 862 -37.64 -9.51 9.51
N GLY G 863 -37.26 -9.75 8.25
CA GLY G 863 -36.45 -8.84 7.46
C GLY G 863 -37.30 -7.71 6.86
N ALA G 864 -38.48 -8.05 6.36
CA ALA G 864 -39.42 -7.11 5.77
C ALA G 864 -40.15 -6.21 6.78
N GLY G 865 -40.35 -6.61 8.03
CA GLY G 865 -41.02 -5.79 9.03
C GLY G 865 -41.04 -6.49 10.39
N ALA G 866 -42.20 -6.55 11.03
CA ALA G 866 -42.39 -7.39 12.21
C ALA G 866 -42.32 -8.88 11.86
N ALA G 867 -41.88 -9.73 12.77
CA ALA G 867 -41.85 -11.17 12.55
C ALA G 867 -43.27 -11.73 12.54
N LEU G 868 -43.81 -12.01 11.37
CA LEU G 868 -45.12 -12.62 11.22
C LEU G 868 -44.98 -14.12 11.50
N GLN G 869 -45.54 -14.67 12.57
CA GLN G 869 -45.38 -16.11 12.77
C GLN G 869 -46.05 -16.90 11.64
N ILE G 870 -45.48 -18.06 11.31
CA ILE G 870 -46.01 -19.00 10.33
C ILE G 870 -45.53 -20.41 10.72
N PRO G 871 -46.34 -21.47 10.58
CA PRO G 871 -45.90 -22.81 10.94
C PRO G 871 -44.72 -23.25 10.07
N PHE G 872 -43.71 -23.92 10.60
CA PHE G 872 -42.49 -24.12 9.82
C PHE G 872 -42.72 -24.94 8.55
N ALA G 873 -43.58 -25.95 8.57
CA ALA G 873 -43.96 -26.68 7.36
C ALA G 873 -44.64 -25.79 6.31
N MET G 874 -45.43 -24.79 6.69
CA MET G 874 -45.99 -23.84 5.73
C MET G 874 -44.94 -22.84 5.21
N GLN G 875 -44.03 -22.37 6.05
CA GLN G 875 -42.88 -21.60 5.58
C GLN G 875 -42.07 -22.41 4.60
N MET G 876 -41.80 -23.69 4.87
CA MET G 876 -41.08 -24.55 3.96
C MET G 876 -41.85 -24.74 2.64
N ALA G 877 -43.17 -24.82 2.67
CA ALA G 877 -44.00 -24.85 1.47
C ALA G 877 -43.97 -23.55 0.67
N TYR G 878 -43.85 -22.37 1.29
CA TYR G 878 -43.53 -21.14 0.55
C TYR G 878 -42.17 -21.24 -0.11
N ARG G 879 -41.16 -21.72 0.61
CA ARG G 879 -39.78 -21.82 0.12
C ARG G 879 -39.65 -22.80 -1.05
N PHE G 880 -40.44 -23.87 -1.07
CA PHE G 880 -40.65 -24.74 -2.23
C PHE G 880 -41.28 -24.00 -3.41
N ASN G 881 -42.38 -23.28 -3.21
CA ASN G 881 -42.96 -22.44 -4.25
C ASN G 881 -41.97 -21.38 -4.79
N GLY G 882 -40.97 -20.96 -4.02
CA GLY G 882 -39.94 -20.01 -4.45
C GLY G 882 -38.83 -20.59 -5.31
N ILE G 883 -38.69 -21.92 -5.37
CA ILE G 883 -37.80 -22.65 -6.30
C ILE G 883 -38.58 -23.25 -7.48
N GLY G 884 -39.86 -22.93 -7.61
CA GLY G 884 -40.72 -23.43 -8.68
C GLY G 884 -41.22 -24.85 -8.50
N VAL G 885 -41.17 -25.42 -7.30
CA VAL G 885 -41.72 -26.76 -6.97
C VAL G 885 -43.03 -26.57 -6.23
N THR G 886 -44.14 -27.09 -6.74
CA THR G 886 -45.48 -26.78 -6.23
C THR G 886 -45.62 -27.25 -4.79
N GLN G 887 -46.20 -26.44 -3.92
CA GLN G 887 -46.14 -26.65 -2.47
C GLN G 887 -46.67 -27.99 -1.97
N ASN G 888 -47.62 -28.60 -2.66
CA ASN G 888 -48.09 -29.94 -2.33
C ASN G 888 -46.97 -30.99 -2.35
N VAL G 889 -45.93 -30.81 -3.17
CA VAL G 889 -44.75 -31.68 -3.19
C VAL G 889 -44.05 -31.68 -1.84
N LEU G 890 -44.12 -30.60 -1.06
CA LEU G 890 -43.60 -30.62 0.30
C LEU G 890 -44.57 -31.30 1.26
N TYR G 891 -45.83 -30.90 1.30
CA TYR G 891 -46.79 -31.47 2.24
C TYR G 891 -46.98 -32.98 2.08
N GLU G 892 -46.96 -33.48 0.85
CA GLU G 892 -47.06 -34.90 0.53
C GLU G 892 -45.78 -35.69 0.78
N ASN G 893 -44.65 -35.02 1.02
CA ASN G 893 -43.35 -35.62 1.30
C ASN G 893 -42.73 -35.07 2.59
N GLN G 894 -43.52 -34.56 3.52
CA GLN G 894 -43.02 -33.78 4.66
C GLN G 894 -42.10 -34.59 5.58
N LYS G 895 -42.45 -35.85 5.85
CA LYS G 895 -41.62 -36.75 6.67
C LYS G 895 -40.26 -37.02 6.05
N LEU G 896 -40.22 -37.28 4.74
CA LEU G 896 -38.99 -37.46 3.98
C LEU G 896 -38.14 -36.19 3.95
N ILE G 897 -38.72 -35.03 3.68
CA ILE G 897 -37.98 -33.75 3.60
C ILE G 897 -37.43 -33.38 4.98
N ALA G 898 -38.20 -33.60 6.04
CA ALA G 898 -37.76 -33.42 7.42
C ALA G 898 -36.63 -34.37 7.80
N ASN G 899 -36.69 -35.66 7.43
CA ASN G 899 -35.59 -36.59 7.67
C ASN G 899 -34.35 -36.22 6.90
N GLN G 900 -34.45 -35.84 5.62
CA GLN G 900 -33.31 -35.35 4.84
C GLN G 900 -32.68 -34.11 5.47
N PHE G 901 -33.46 -33.17 6.02
CA PHE G 901 -32.90 -32.03 6.73
C PHE G 901 -32.19 -32.43 8.02
N ASN G 902 -32.85 -33.19 8.89
CA ASN G 902 -32.29 -33.61 10.18
C ASN G 902 -30.98 -34.38 9.99
N SER G 903 -30.99 -35.32 9.04
CA SER G 903 -29.84 -36.14 8.69
C SER G 903 -28.69 -35.36 8.08
N ALA G 904 -28.97 -34.34 7.28
CA ALA G 904 -27.95 -33.45 6.75
C ALA G 904 -27.32 -32.57 7.84
N ILE G 905 -28.10 -32.06 8.81
CA ILE G 905 -27.55 -31.38 10.00
C ILE G 905 -26.69 -32.32 10.85
N GLY G 906 -27.05 -33.58 11.00
CA GLY G 906 -26.20 -34.61 11.59
C GLY G 906 -24.83 -34.69 10.93
N LYS G 907 -24.78 -34.83 9.60
CA LYS G 907 -23.51 -34.89 8.85
C LYS G 907 -22.69 -33.59 8.88
N ILE G 908 -23.28 -32.42 9.15
CA ILE G 908 -22.51 -31.20 9.41
C ILE G 908 -21.67 -31.34 10.68
N GLN G 909 -22.27 -31.84 11.77
CA GLN G 909 -21.54 -32.09 13.02
C GLN G 909 -20.39 -33.06 12.81
N ASP G 910 -20.62 -34.18 12.12
CA ASP G 910 -19.60 -35.20 11.86
C ASP G 910 -18.43 -34.64 11.04
N SER G 911 -18.72 -33.84 10.02
CA SER G 911 -17.72 -33.09 9.27
C SER G 911 -16.88 -32.20 10.20
N LEU G 912 -17.50 -31.28 10.94
CA LEU G 912 -16.79 -30.32 11.79
C LEU G 912 -16.03 -30.99 12.96
N SER G 913 -16.61 -32.01 13.57
CA SER G 913 -15.98 -32.76 14.68
C SER G 913 -14.72 -33.52 14.23
N SER G 914 -14.75 -34.13 13.04
CA SER G 914 -13.62 -34.86 12.45
C SER G 914 -12.59 -33.98 11.74
N THR G 915 -12.99 -32.83 11.19
CA THR G 915 -12.22 -32.10 10.17
C THR G 915 -11.98 -30.64 10.57
N ALA G 916 -10.92 -30.38 11.34
CA ALA G 916 -10.55 -29.02 11.75
C ALA G 916 -10.21 -28.09 10.57
N SER G 917 -9.64 -28.65 9.49
CA SER G 917 -9.34 -27.93 8.24
C SER G 917 -10.58 -27.51 7.43
N ALA G 918 -11.79 -27.80 7.93
CA ALA G 918 -13.01 -27.16 7.44
C ALA G 918 -13.01 -25.64 7.73
N LEU G 919 -12.52 -25.22 8.90
CA LEU G 919 -12.40 -23.82 9.34
C LEU G 919 -11.22 -23.09 8.68
N GLY G 920 -10.69 -23.60 7.58
CA GLY G 920 -9.42 -23.18 7.00
C GLY G 920 -9.34 -21.69 6.64
N LYS G 921 -10.44 -21.04 6.26
CA LYS G 921 -10.48 -19.58 6.02
C LYS G 921 -10.26 -18.74 7.28
N LEU G 922 -10.90 -19.09 8.40
CA LEU G 922 -10.79 -18.35 9.67
C LEU G 922 -9.43 -18.61 10.31
N GLN G 923 -8.99 -19.86 10.33
CA GLN G 923 -7.67 -20.21 10.85
C GLN G 923 -6.56 -19.57 10.03
N ASP G 924 -6.69 -19.46 8.70
CA ASP G 924 -5.72 -18.76 7.85
C ASP G 924 -5.63 -17.26 8.18
N VAL G 925 -6.76 -16.59 8.43
CA VAL G 925 -6.74 -15.19 8.90
C VAL G 925 -6.04 -15.04 10.26
N VAL G 926 -6.33 -15.91 11.23
CA VAL G 926 -5.63 -15.91 12.52
C VAL G 926 -4.13 -16.12 12.34
N ASN G 927 -3.72 -17.04 11.47
CA ASN G 927 -2.32 -17.30 11.18
C ASN G 927 -1.65 -16.09 10.51
N GLN G 928 -2.28 -15.42 9.54
CA GLN G 928 -1.72 -14.23 8.88
C GLN G 928 -1.50 -13.07 9.86
N ASN G 929 -2.44 -12.80 10.76
CA ASN G 929 -2.28 -11.79 11.81
C ASN G 929 -1.12 -12.15 12.75
N ALA G 930 -1.10 -13.39 13.27
CA ALA G 930 -0.05 -13.86 14.17
C ALA G 930 1.34 -13.82 13.52
N GLN G 931 1.46 -14.23 12.26
CA GLN G 931 2.70 -14.16 11.48
C GLN G 931 3.18 -12.71 11.31
N ALA G 932 2.28 -11.76 11.04
CA ALA G 932 2.63 -10.36 10.89
C ALA G 932 3.08 -9.73 12.20
N LEU G 933 2.42 -10.02 13.33
CA LEU G 933 2.90 -9.60 14.65
C LEU G 933 4.24 -10.23 14.99
N ASN G 934 4.40 -11.55 14.86
CA ASN G 934 5.67 -12.22 15.14
C ASN G 934 6.80 -11.63 14.29
N THR G 935 6.54 -11.33 13.03
CA THR G 935 7.51 -10.68 12.14
C THR G 935 7.86 -9.27 12.62
N LEU G 936 6.88 -8.45 13.01
CA LEU G 936 7.09 -7.10 13.54
C LEU G 936 7.90 -7.10 14.84
N VAL G 937 7.62 -8.04 15.74
CA VAL G 937 8.35 -8.19 17.01
C VAL G 937 9.77 -8.67 16.74
N LYS G 938 9.96 -9.67 15.88
CA LYS G 938 11.26 -10.24 15.55
C LYS G 938 12.18 -9.21 14.89
N GLN G 939 11.64 -8.26 14.12
CA GLN G 939 12.40 -7.15 13.55
C GLN G 939 13.03 -6.20 14.58
N LEU G 940 12.71 -6.28 15.86
CA LEU G 940 13.42 -5.52 16.90
C LEU G 940 14.83 -6.08 17.15
N SER G 941 15.06 -7.36 16.87
CA SER G 941 16.36 -8.00 17.02
C SER G 941 17.38 -7.59 15.95
N SER G 942 16.96 -7.02 14.83
CA SER G 942 17.80 -6.64 13.70
C SER G 942 18.64 -5.41 13.99
N ASN G 943 19.86 -5.35 13.47
CA ASN G 943 20.75 -4.20 13.66
C ASN G 943 20.38 -2.99 12.80
N PHE G 944 19.87 -3.19 11.60
CA PHE G 944 19.74 -2.15 10.55
C PHE G 944 21.03 -1.36 10.29
N GLY G 945 22.19 -1.91 10.65
CA GLY G 945 23.51 -1.27 10.56
C GLY G 945 24.00 -0.57 11.83
N ALA G 946 23.26 -0.56 12.93
CA ALA G 946 23.77 -0.10 14.22
C ALA G 946 24.73 -1.11 14.86
N ILE G 947 25.65 -0.67 15.72
CA ILE G 947 26.61 -1.55 16.40
C ILE G 947 25.98 -2.59 17.32
N SER G 948 24.75 -2.37 17.78
CA SER G 948 23.89 -3.33 18.46
C SER G 948 22.44 -3.02 18.12
N SER G 949 21.58 -4.02 18.08
CA SER G 949 20.13 -3.87 17.94
C SER G 949 19.41 -3.56 19.25
N VAL G 950 20.13 -3.45 20.39
CA VAL G 950 19.52 -3.19 21.69
C VAL G 950 19.74 -1.72 22.00
N LEU G 951 18.67 -0.96 22.22
CA LEU G 951 18.79 0.48 22.45
C LEU G 951 19.59 0.77 23.73
N ASN G 952 19.35 0.00 24.78
CA ASN G 952 20.03 0.12 26.07
C ASN G 952 21.54 -0.21 25.99
N ASP G 953 22.00 -1.04 25.05
CA ASP G 953 23.44 -1.20 24.81
C ASP G 953 24.04 0.13 24.38
N ILE G 954 23.48 0.77 23.35
CA ILE G 954 24.04 2.00 22.79
C ILE G 954 24.07 3.09 23.85
N LEU G 955 23.04 3.21 24.68
CA LEU G 955 22.99 4.20 25.75
C LEU G 955 23.87 3.89 26.96
N SER G 956 24.22 2.63 27.20
CA SER G 956 25.23 2.28 28.21
C SER G 956 26.63 2.48 27.65
N ARG G 957 26.91 2.08 26.41
CA ARG G 957 28.24 2.12 25.78
C ARG G 957 28.69 3.51 25.33
N LEU G 958 27.81 4.28 24.68
CA LEU G 958 28.18 5.46 23.90
C LEU G 958 27.56 6.76 24.44
N ASP G 959 28.36 7.82 24.44
CA ASP G 959 27.94 9.20 24.73
C ASP G 959 27.19 9.81 23.55
N PRO G 960 26.35 10.84 23.78
CA PRO G 960 25.31 11.22 22.83
C PRO G 960 25.77 11.57 21.41
N PRO G 961 26.87 12.30 21.16
CA PRO G 961 27.25 12.68 19.81
C PRO G 961 27.52 11.49 18.88
N GLU G 962 28.06 10.40 19.39
CA GLU G 962 28.26 9.14 18.67
C GLU G 962 27.07 8.16 18.80
N ALA G 963 26.31 8.19 19.89
CA ALA G 963 25.14 7.34 20.07
C ALA G 963 24.02 7.64 19.07
N GLU G 964 23.76 8.91 18.77
CA GLU G 964 22.71 9.34 17.85
C GLU G 964 22.87 8.77 16.43
N VAL G 965 24.11 8.56 15.97
CA VAL G 965 24.40 7.98 14.66
C VAL G 965 23.94 6.53 14.58
N GLN G 966 24.02 5.79 15.68
CA GLN G 966 23.55 4.41 15.79
C GLN G 966 22.04 4.36 15.97
N ILE G 967 21.48 5.23 16.81
CA ILE G 967 20.04 5.24 17.07
C ILE G 967 19.26 5.70 15.84
N ASP G 968 19.79 6.60 15.02
CA ASP G 968 19.14 6.99 13.76
C ASP G 968 18.97 5.81 12.80
N ARG G 969 19.92 4.85 12.78
CA ARG G 969 19.80 3.63 11.97
C ARG G 969 18.71 2.70 12.51
N LEU G 970 18.63 2.55 13.83
CA LEU G 970 17.57 1.78 14.46
C LEU G 970 16.20 2.41 14.26
N ILE G 971 16.04 3.72 14.45
CA ILE G 971 14.78 4.41 14.17
C ILE G 971 14.39 4.22 12.71
N THR G 972 15.31 4.34 11.76
CA THR G 972 15.00 4.21 10.35
C THR G 972 14.52 2.81 10.00
N GLY G 973 15.15 1.77 10.54
CA GLY G 973 14.70 0.39 10.33
C GLY G 973 13.42 0.05 11.05
N ARG G 974 13.28 0.43 12.32
CA ARG G 974 12.07 0.17 13.11
C ARG G 974 10.86 0.96 12.61
N LEU G 975 11.05 2.18 12.13
CA LEU G 975 10.00 2.94 11.46
C LEU G 975 9.62 2.32 10.14
N GLN G 976 10.57 1.80 9.35
CA GLN G 976 10.28 1.12 8.09
C GLN G 976 9.63 -0.26 8.29
N SER G 977 9.87 -0.95 9.41
CA SER G 977 9.20 -2.20 9.75
C SER G 977 7.80 -2.00 10.33
N LEU G 978 7.52 -0.90 11.03
CA LEU G 978 6.16 -0.45 11.28
C LEU G 978 5.44 -0.05 10.00
N GLN G 979 6.00 0.80 9.14
CA GLN G 979 5.33 1.16 7.88
C GLN G 979 5.02 -0.06 7.03
N THR G 980 5.90 -1.05 6.99
CA THR G 980 5.65 -2.33 6.30
C THR G 980 4.51 -3.12 6.94
N TYR G 981 4.50 -3.26 8.27
CA TYR G 981 3.40 -3.91 8.99
C TYR G 981 2.07 -3.23 8.77
N VAL G 982 1.98 -1.92 8.98
CA VAL G 982 0.73 -1.17 8.89
C VAL G 982 0.19 -1.15 7.48
N THR G 983 1.06 -1.02 6.47
CA THR G 983 0.66 -1.11 5.06
C THR G 983 0.05 -2.47 4.76
N GLN G 984 0.64 -3.56 5.23
CA GLN G 984 0.08 -4.89 4.97
C GLN G 984 -1.15 -5.19 5.83
N GLN G 985 -1.29 -4.63 7.03
CA GLN G 985 -2.55 -4.67 7.78
C GLN G 985 -3.65 -3.86 7.11
N LEU G 986 -3.36 -2.75 6.42
CA LEU G 986 -4.36 -1.97 5.69
C LEU G 986 -4.88 -2.72 4.46
N ILE G 987 -3.98 -3.40 3.73
CA ILE G 987 -4.35 -4.23 2.59
C ILE G 987 -5.12 -5.48 3.04
N ARG G 988 -4.74 -6.11 4.15
CA ARG G 988 -5.45 -7.25 4.75
C ARG G 988 -6.80 -6.87 5.35
N ALA G 989 -6.90 -5.73 6.01
CA ALA G 989 -8.17 -5.20 6.50
C ALA G 989 -9.17 -4.99 5.38
N ALA G 990 -8.74 -4.48 4.22
CA ALA G 990 -9.60 -4.33 3.05
C ALA G 990 -10.09 -5.67 2.49
N GLU G 991 -9.26 -6.72 2.51
CA GLU G 991 -9.64 -8.09 2.15
C GLU G 991 -10.67 -8.68 3.13
N ILE G 992 -10.50 -8.45 4.44
CA ILE G 992 -11.51 -8.81 5.46
C ILE G 992 -12.79 -8.00 5.31
N ARG G 993 -12.71 -6.70 5.03
CA ARG G 993 -13.87 -5.84 4.79
C ARG G 993 -14.68 -6.30 3.60
N ALA G 994 -14.05 -6.68 2.49
CA ALA G 994 -14.76 -7.27 1.36
C ALA G 994 -15.46 -8.57 1.71
N SER G 995 -14.84 -9.41 2.55
CA SER G 995 -15.48 -10.61 3.09
C SER G 995 -16.59 -10.32 4.09
N ALA G 996 -16.51 -9.29 4.91
CA ALA G 996 -17.59 -8.86 5.79
C ALA G 996 -18.75 -8.21 5.01
N ASN G 997 -18.49 -7.46 3.94
CA ASN G 997 -19.52 -6.97 3.03
C ASN G 997 -20.22 -8.11 2.33
N LEU G 998 -19.51 -9.17 1.95
CA LEU G 998 -20.11 -10.37 1.38
C LEU G 998 -20.95 -11.11 2.42
N ALA G 999 -20.40 -11.32 3.62
CA ALA G 999 -21.10 -11.96 4.71
C ALA G 999 -22.35 -11.21 5.17
N ALA G 1000 -22.33 -9.89 5.20
CA ALA G 1000 -23.51 -9.09 5.49
C ALA G 1000 -24.55 -9.19 4.38
N THR G 1001 -24.13 -9.33 3.13
CA THR G 1001 -25.01 -9.56 1.98
C THR G 1001 -25.66 -10.93 2.03
N LYS G 1002 -24.94 -11.99 2.44
CA LYS G 1002 -25.51 -13.33 2.61
C LYS G 1002 -26.42 -13.45 3.81
N MET G 1003 -26.18 -12.71 4.89
CA MET G 1003 -27.15 -12.58 5.95
C MET G 1003 -28.46 -11.99 5.42
N SER G 1004 -28.43 -10.89 4.69
CA SER G 1004 -29.64 -10.31 4.14
C SER G 1004 -30.33 -11.22 3.14
N GLU G 1005 -29.60 -11.76 2.18
CA GLU G 1005 -30.22 -12.44 1.04
C GLU G 1005 -30.46 -13.92 1.28
N CYS G 1006 -29.55 -14.64 1.93
CA CYS G 1006 -29.74 -16.06 2.23
C CYS G 1006 -30.49 -16.30 3.55
N VAL G 1007 -30.22 -15.54 4.62
CA VAL G 1007 -30.84 -15.78 5.93
C VAL G 1007 -32.16 -15.04 6.08
N LEU G 1008 -32.17 -13.72 5.94
CA LEU G 1008 -33.38 -12.90 6.05
C LEU G 1008 -34.31 -13.05 4.83
N GLY G 1009 -33.87 -13.64 3.73
CA GLY G 1009 -34.65 -13.85 2.52
C GLY G 1009 -34.58 -15.28 1.99
N GLN G 1010 -34.99 -15.49 0.75
CA GLN G 1010 -34.66 -16.67 -0.04
C GLN G 1010 -34.08 -16.20 -1.37
N SER G 1011 -32.94 -16.73 -1.77
CA SER G 1011 -32.19 -16.13 -2.86
C SER G 1011 -32.44 -16.84 -4.17
N LYS G 1012 -32.90 -16.10 -5.18
CA LYS G 1012 -32.96 -16.57 -6.58
C LYS G 1012 -31.57 -16.64 -7.23
N ARG G 1013 -30.55 -15.98 -6.67
CA ARG G 1013 -29.20 -15.88 -7.23
C ARG G 1013 -28.49 -17.22 -7.20
N VAL G 1014 -28.21 -17.78 -8.37
CA VAL G 1014 -27.59 -19.11 -8.53
C VAL G 1014 -26.24 -19.20 -7.84
N ASP G 1015 -26.02 -20.28 -7.09
CA ASP G 1015 -24.81 -20.58 -6.31
C ASP G 1015 -24.34 -19.48 -5.33
N PHE G 1016 -25.21 -18.52 -5.00
CA PHE G 1016 -24.91 -17.53 -3.96
C PHE G 1016 -25.06 -18.12 -2.57
N CYS G 1017 -26.14 -18.87 -2.36
CA CYS G 1017 -26.48 -19.53 -1.11
C CYS G 1017 -26.35 -21.05 -1.26
N GLY G 1018 -25.14 -21.52 -1.53
CA GLY G 1018 -24.83 -22.94 -1.74
C GLY G 1018 -25.29 -23.48 -3.09
N LYS G 1019 -24.77 -24.66 -3.46
CA LYS G 1019 -25.13 -25.39 -4.69
C LYS G 1019 -26.52 -26.02 -4.60
N GLY G 1020 -27.32 -25.95 -5.65
CA GLY G 1020 -28.72 -26.37 -5.66
C GLY G 1020 -29.66 -25.18 -5.53
N TYR G 1021 -30.96 -25.41 -5.63
CA TYR G 1021 -31.92 -24.32 -5.48
C TYR G 1021 -32.05 -23.92 -4.02
N HIS G 1022 -31.77 -22.68 -3.66
CA HIS G 1022 -31.78 -22.23 -2.27
C HIS G 1022 -33.16 -22.34 -1.64
N LEU G 1023 -33.23 -22.95 -0.46
CA LEU G 1023 -34.41 -22.90 0.41
C LEU G 1023 -34.21 -21.86 1.51
N MET G 1024 -33.25 -22.05 2.39
CA MET G 1024 -33.00 -21.17 3.53
C MET G 1024 -31.61 -21.35 4.09
N SER G 1025 -31.12 -20.42 4.89
CA SER G 1025 -29.81 -20.53 5.52
C SER G 1025 -29.91 -20.20 6.98
N PHE G 1026 -29.05 -20.80 7.80
CA PHE G 1026 -28.97 -20.50 9.22
C PHE G 1026 -27.57 -19.99 9.57
N PRO G 1027 -27.42 -18.80 10.15
CA PRO G 1027 -26.13 -18.31 10.57
C PRO G 1027 -25.72 -19.00 11.87
N GLN G 1028 -24.45 -19.28 11.99
CA GLN G 1028 -23.78 -19.72 13.20
C GLN G 1028 -22.53 -18.84 13.33
N SER G 1029 -22.14 -18.46 14.53
CA SER G 1029 -20.94 -17.67 14.76
C SER G 1029 -19.71 -18.56 14.79
N ALA G 1030 -18.55 -18.00 14.47
CA ALA G 1030 -17.27 -18.67 14.65
C ALA G 1030 -16.20 -17.62 14.99
N PRO G 1031 -15.05 -17.97 15.56
CA PRO G 1031 -14.03 -16.99 15.92
C PRO G 1031 -13.63 -16.14 14.72
N HIS G 1032 -13.88 -14.83 14.79
CA HIS G 1032 -13.64 -13.85 13.72
C HIS G 1032 -14.37 -14.11 12.40
N GLY G 1033 -15.51 -14.79 12.43
CA GLY G 1033 -16.24 -15.16 11.23
C GLY G 1033 -17.71 -15.43 11.45
N VAL G 1034 -18.37 -15.80 10.37
CA VAL G 1034 -19.74 -16.31 10.35
C VAL G 1034 -19.75 -17.57 9.52
N VAL G 1035 -20.67 -18.47 9.83
CA VAL G 1035 -20.85 -19.72 9.11
C VAL G 1035 -22.29 -19.83 8.71
N PHE G 1036 -22.57 -20.11 7.46
CA PHE G 1036 -23.93 -20.28 6.95
C PHE G 1036 -24.19 -21.73 6.63
N LEU G 1037 -25.26 -22.28 7.16
CA LEU G 1037 -25.70 -23.63 6.83
C LEU G 1037 -26.74 -23.53 5.74
N HIS G 1038 -26.33 -23.46 4.48
CA HIS G 1038 -27.24 -23.26 3.36
C HIS G 1038 -28.03 -24.51 3.06
N VAL G 1039 -29.31 -24.52 3.35
CA VAL G 1039 -30.27 -25.57 3.00
C VAL G 1039 -30.69 -25.35 1.55
N THR G 1040 -30.44 -26.32 0.69
CA THR G 1040 -30.78 -26.26 -0.72
C THR G 1040 -31.50 -27.52 -1.17
N TYR G 1041 -32.36 -27.39 -2.16
CA TYR G 1041 -32.99 -28.50 -2.87
C TYR G 1041 -32.11 -28.86 -4.06
N VAL G 1042 -31.57 -30.06 -4.11
CA VAL G 1042 -30.86 -30.61 -5.28
C VAL G 1042 -31.73 -31.70 -5.88
N PRO G 1043 -32.12 -31.65 -7.15
CA PRO G 1043 -32.91 -32.73 -7.72
C PRO G 1043 -32.10 -34.04 -7.85
N ALA G 1044 -32.71 -35.17 -7.53
CA ALA G 1044 -32.02 -36.45 -7.38
C ALA G 1044 -32.32 -37.39 -8.55
N GLN G 1045 -32.99 -38.52 -8.33
CA GLN G 1045 -33.29 -39.52 -9.38
C GLN G 1045 -34.03 -38.88 -10.57
N GLU G 1046 -33.89 -39.42 -11.77
CA GLU G 1046 -34.43 -38.88 -13.02
C GLU G 1046 -35.01 -39.95 -13.93
N LYS G 1047 -35.85 -39.53 -14.87
CA LYS G 1047 -36.22 -40.33 -16.04
C LYS G 1047 -36.10 -39.49 -17.30
N ASN G 1048 -35.82 -40.11 -18.44
CA ASN G 1048 -35.91 -39.48 -19.74
C ASN G 1048 -37.35 -39.58 -20.23
N PHE G 1049 -37.81 -38.54 -20.90
CA PHE G 1049 -39.12 -38.45 -21.51
C PHE G 1049 -39.00 -37.88 -22.92
N THR G 1050 -39.86 -38.32 -23.82
CA THR G 1050 -40.12 -37.58 -25.07
C THR G 1050 -40.85 -36.28 -24.73
N THR G 1051 -40.59 -35.16 -25.40
CA THR G 1051 -41.16 -33.84 -25.07
C THR G 1051 -41.56 -33.04 -26.32
N ALA G 1052 -42.49 -32.10 -26.17
CA ALA G 1052 -42.98 -31.23 -27.22
C ALA G 1052 -43.09 -29.78 -26.73
N PRO G 1053 -42.92 -28.76 -27.57
CA PRO G 1053 -43.16 -27.37 -27.21
C PRO G 1053 -44.64 -27.05 -27.01
N ALA G 1054 -45.54 -27.73 -27.69
CA ALA G 1054 -46.95 -27.45 -27.78
C ALA G 1054 -47.74 -28.70 -28.15
N ILE G 1055 -49.05 -28.71 -27.99
CA ILE G 1055 -49.95 -29.81 -28.37
C ILE G 1055 -50.97 -29.27 -29.36
N CYS G 1056 -51.09 -29.85 -30.55
CA CYS G 1056 -52.23 -29.58 -31.42
C CYS G 1056 -53.45 -30.31 -30.92
N HIS G 1057 -54.52 -29.56 -30.67
CA HIS G 1057 -55.86 -30.11 -30.48
C HIS G 1057 -56.84 -29.28 -31.29
N ASP G 1058 -57.76 -29.90 -32.04
CA ASP G 1058 -58.71 -29.20 -32.92
C ASP G 1058 -58.09 -28.10 -33.80
N GLY G 1059 -56.82 -28.25 -34.18
CA GLY G 1059 -56.07 -27.28 -34.99
C GLY G 1059 -55.46 -26.11 -34.23
N LYS G 1060 -55.64 -26.02 -32.91
CA LYS G 1060 -55.10 -24.97 -32.01
C LYS G 1060 -53.82 -25.45 -31.33
N ALA G 1061 -52.79 -24.61 -31.24
CA ALA G 1061 -51.61 -24.93 -30.46
C ALA G 1061 -51.86 -24.62 -28.99
N HIS G 1062 -51.91 -25.63 -28.13
CA HIS G 1062 -51.93 -25.49 -26.68
C HIS G 1062 -50.52 -25.56 -26.11
N PHE G 1063 -50.14 -24.64 -25.23
CA PHE G 1063 -48.86 -24.56 -24.53
C PHE G 1063 -49.08 -24.76 -23.04
N PRO G 1064 -48.13 -25.26 -22.24
CA PRO G 1064 -48.36 -25.45 -20.81
C PRO G 1064 -48.37 -24.11 -20.07
N ARG G 1065 -49.34 -23.84 -19.18
CA ARG G 1065 -49.36 -22.60 -18.38
C ARG G 1065 -48.14 -22.53 -17.49
N GLU G 1066 -47.90 -23.58 -16.75
CA GLU G 1066 -46.68 -23.85 -15.99
C GLU G 1066 -46.31 -25.32 -16.21
N GLY G 1067 -45.02 -25.62 -16.29
CA GLY G 1067 -44.55 -26.97 -16.60
C GLY G 1067 -44.16 -27.19 -18.05
N VAL G 1068 -44.10 -28.46 -18.44
CA VAL G 1068 -43.64 -28.96 -19.75
C VAL G 1068 -44.51 -30.11 -20.18
N PHE G 1069 -44.71 -30.29 -21.49
CA PHE G 1069 -45.33 -31.51 -21.99
C PHE G 1069 -44.31 -32.63 -22.05
N VAL G 1070 -44.65 -33.79 -21.54
CA VAL G 1070 -43.81 -34.99 -21.49
C VAL G 1070 -44.60 -36.21 -21.87
N SER G 1071 -43.93 -37.23 -22.40
CA SER G 1071 -44.52 -38.53 -22.67
C SER G 1071 -43.70 -39.65 -22.07
N ASN G 1072 -44.35 -40.70 -21.52
CA ASN G 1072 -43.63 -41.90 -21.00
C ASN G 1072 -43.54 -42.94 -22.13
N GLY G 1073 -43.77 -42.53 -23.39
CA GLY G 1073 -43.69 -43.38 -24.57
C GLY G 1073 -45.01 -43.48 -25.30
N THR G 1074 -46.14 -43.55 -24.59
CA THR G 1074 -47.46 -43.78 -25.20
C THR G 1074 -48.53 -42.75 -24.85
N HIS G 1075 -48.38 -42.03 -23.74
CA HIS G 1075 -49.33 -41.02 -23.26
C HIS G 1075 -48.66 -39.66 -23.08
N TRP G 1076 -49.41 -38.58 -23.19
CA TRP G 1076 -48.92 -37.22 -22.97
C TRP G 1076 -49.45 -36.60 -21.67
N PHE G 1077 -48.58 -35.93 -20.94
CA PHE G 1077 -48.82 -35.31 -19.65
C PHE G 1077 -48.20 -33.92 -19.59
N VAL G 1078 -48.63 -33.11 -18.66
CA VAL G 1078 -47.94 -31.88 -18.27
C VAL G 1078 -47.42 -32.04 -16.87
N THR G 1079 -46.14 -31.82 -16.64
CA THR G 1079 -45.52 -31.86 -15.31
C THR G 1079 -44.93 -30.51 -15.00
N GLN G 1080 -44.89 -30.10 -13.73
CA GLN G 1080 -43.96 -29.04 -13.31
C GLN G 1080 -42.52 -29.38 -13.71
N ARG G 1081 -41.65 -28.39 -13.85
CA ARG G 1081 -40.31 -28.55 -14.42
C ARG G 1081 -39.33 -29.29 -13.52
N ASN G 1082 -39.33 -29.00 -12.22
CA ASN G 1082 -38.29 -29.45 -11.27
C ASN G 1082 -38.65 -30.70 -10.45
N PHE G 1083 -39.75 -31.39 -10.76
CA PHE G 1083 -40.20 -32.59 -10.07
C PHE G 1083 -41.26 -33.32 -10.89
N TYR G 1084 -41.12 -34.62 -11.17
CA TYR G 1084 -42.07 -35.35 -11.99
C TYR G 1084 -43.40 -35.64 -11.27
N GLU G 1085 -44.38 -34.75 -11.49
CA GLU G 1085 -45.75 -34.90 -11.05
C GLU G 1085 -46.69 -34.78 -12.26
N PRO G 1086 -46.93 -35.86 -13.01
CA PRO G 1086 -47.63 -35.82 -14.28
C PRO G 1086 -49.13 -35.69 -14.12
N GLN G 1087 -49.68 -34.56 -14.58
CA GLN G 1087 -51.12 -34.34 -14.66
C GLN G 1087 -51.59 -34.58 -16.09
N ILE G 1088 -52.82 -35.05 -16.27
CA ILE G 1088 -53.46 -35.10 -17.58
C ILE G 1088 -53.56 -33.68 -18.15
N ILE G 1089 -53.39 -33.56 -19.47
CA ILE G 1089 -53.39 -32.28 -20.17
C ILE G 1089 -54.83 -31.82 -20.36
N THR G 1090 -55.14 -30.60 -19.96
CA THR G 1090 -56.48 -30.02 -19.98
C THR G 1090 -56.49 -28.55 -20.40
N THR G 1091 -57.66 -28.02 -20.70
CA THR G 1091 -57.88 -26.58 -20.92
C THR G 1091 -57.58 -25.71 -19.68
N ASP G 1092 -57.33 -26.27 -18.51
CA ASP G 1092 -56.99 -25.52 -17.30
C ASP G 1092 -55.47 -25.40 -17.07
N ASN G 1093 -54.67 -26.42 -17.36
CA ASN G 1093 -53.20 -26.38 -17.23
C ASN G 1093 -52.48 -25.99 -18.53
N THR G 1094 -53.21 -25.64 -19.60
CA THR G 1094 -52.68 -25.17 -20.90
C THR G 1094 -53.33 -23.87 -21.39
N PHE G 1095 -52.63 -23.09 -22.20
CA PHE G 1095 -53.20 -21.93 -22.88
C PHE G 1095 -53.02 -22.05 -24.40
N VAL G 1096 -53.97 -21.56 -25.20
CA VAL G 1096 -53.90 -21.58 -26.66
C VAL G 1096 -53.13 -20.39 -27.22
N SER G 1097 -52.41 -20.55 -28.33
CA SER G 1097 -52.07 -19.42 -29.20
C SER G 1097 -52.01 -19.81 -30.67
N GLY G 1098 -53.08 -19.57 -31.40
CA GLY G 1098 -53.13 -19.66 -32.85
C GLY G 1098 -53.11 -21.09 -33.39
N ASN G 1099 -53.07 -21.22 -34.71
CA ASN G 1099 -53.06 -22.51 -35.38
C ASN G 1099 -51.74 -23.26 -35.24
N CYS G 1100 -51.79 -24.57 -35.45
CA CYS G 1100 -50.67 -25.50 -35.32
C CYS G 1100 -49.41 -25.15 -36.13
N ASP G 1101 -49.58 -24.74 -37.38
CA ASP G 1101 -48.54 -24.74 -38.42
C ASP G 1101 -47.27 -23.95 -38.09
N VAL G 1102 -47.39 -22.88 -37.29
CA VAL G 1102 -46.28 -21.98 -36.96
C VAL G 1102 -45.23 -22.63 -36.06
N VAL G 1103 -45.60 -23.59 -35.21
CA VAL G 1103 -44.71 -24.13 -34.16
C VAL G 1103 -43.92 -25.32 -34.69
N ILE G 1104 -42.96 -25.48 -34.62
CA ILE G 1104 -41.91 -26.52 -34.89
C ILE G 1104 -41.85 -27.45 -33.67
N GLY G 1105 -41.97 -28.77 -33.88
CA GLY G 1105 -41.94 -29.76 -32.79
C GLY G 1105 -43.29 -29.96 -32.12
N ILE G 1106 -44.35 -29.37 -32.66
CA ILE G 1106 -45.74 -29.51 -32.12
C ILE G 1106 -46.15 -30.98 -32.27
N VAL G 1107 -46.88 -31.55 -31.29
CA VAL G 1107 -47.32 -32.97 -31.30
C VAL G 1107 -48.85 -33.00 -31.24
N ASN G 1108 -49.51 -33.80 -32.08
CA ASN G 1108 -50.98 -33.95 -32.06
C ASN G 1108 -51.38 -34.70 -30.78
N ASN G 1109 -52.46 -34.30 -30.11
CA ASN G 1109 -52.93 -34.95 -28.85
C ASN G 1109 -54.42 -34.64 -28.67
N THR G 1110 -55.03 -35.30 -27.79
CA THR G 1110 -56.26 -34.74 -27.23
C THR G 1110 -55.93 -33.84 -26.03
N VAL G 1111 -56.78 -32.86 -25.76
CA VAL G 1111 -56.70 -31.98 -24.59
C VAL G 1111 -58.07 -31.91 -23.93
N TYR G 1112 -58.20 -32.47 -22.73
CA TYR G 1112 -59.47 -32.63 -22.03
C TYR G 1112 -60.02 -31.29 -21.53
N ASP G 1113 -61.31 -31.04 -21.69
CA ASP G 1113 -61.95 -29.83 -21.18
C ASP G 1113 -62.82 -30.17 -19.96
N PRO G 1114 -62.49 -29.73 -18.73
CA PRO G 1114 -63.15 -30.24 -17.54
C PRO G 1114 -64.63 -29.87 -17.43
N LEU G 1115 -65.09 -28.87 -18.19
CA LEU G 1115 -66.50 -28.52 -18.34
C LEU G 1115 -67.32 -29.58 -19.10
N GLN G 1116 -66.73 -30.21 -20.11
CA GLN G 1116 -67.46 -31.00 -21.08
C GLN G 1116 -68.24 -32.19 -20.49
N PRO G 1117 -67.68 -33.02 -19.58
CA PRO G 1117 -68.45 -34.08 -18.94
C PRO G 1117 -69.54 -33.56 -17.99
N GLU G 1118 -69.42 -32.36 -17.43
CA GLU G 1118 -70.52 -31.74 -16.67
C GLU G 1118 -71.68 -31.43 -17.61
N LEU G 1119 -71.38 -30.94 -18.80
CA LEU G 1119 -72.32 -30.72 -19.91
C LEU G 1119 -72.72 -32.00 -20.67
N ASP G 1120 -72.33 -33.19 -20.18
CA ASP G 1120 -73.00 -34.45 -20.55
C ASP G 1120 -74.35 -34.59 -19.83
N SER G 1121 -74.60 -33.83 -18.76
CA SER G 1121 -75.89 -33.79 -18.07
C SER G 1121 -77.02 -33.22 -18.95
N GLU H 1 39.09 -63.67 1.94
CA GLU H 1 39.72 -62.81 2.96
C GLU H 1 39.39 -63.27 4.38
N VAL H 2 38.26 -62.85 4.96
CA VAL H 2 37.80 -63.29 6.29
C VAL H 2 37.17 -64.70 6.22
N GLN H 3 37.41 -65.51 7.24
CA GLN H 3 36.88 -66.87 7.36
C GLN H 3 36.41 -67.14 8.78
N LEU H 4 35.23 -67.72 8.91
CA LEU H 4 34.71 -68.29 10.16
C LEU H 4 34.48 -69.78 9.90
N VAL H 5 35.15 -70.65 10.66
CA VAL H 5 35.22 -72.09 10.40
C VAL H 5 34.71 -72.84 11.61
N GLU H 6 33.50 -73.37 11.50
CA GLU H 6 32.80 -74.02 12.60
C GLU H 6 33.15 -75.50 12.81
N SER H 7 32.74 -76.02 13.96
CA SER H 7 32.68 -77.44 14.30
C SER H 7 31.91 -78.30 13.29
N GLY H 8 32.06 -79.62 13.39
CA GLY H 8 31.18 -80.58 12.71
C GLY H 8 29.77 -80.65 13.29
N ALA H 9 28.86 -81.29 12.56
CA ALA H 9 27.48 -81.54 12.98
C ALA H 9 27.38 -82.48 14.21
N GLU H 10 26.35 -82.30 15.04
CA GLU H 10 26.21 -82.98 16.34
C GLU H 10 24.80 -83.53 16.62
N VAL H 11 24.73 -84.52 17.51
CA VAL H 11 23.50 -85.30 17.78
C VAL H 11 23.33 -85.59 19.28
N LYS H 12 22.15 -85.30 19.84
CA LYS H 12 21.82 -85.49 21.28
C LYS H 12 20.36 -85.91 21.53
N LYS H 13 20.08 -86.46 22.71
CA LYS H 13 18.72 -86.70 23.24
C LYS H 13 18.07 -85.41 23.76
N PRO H 14 16.73 -85.32 23.85
CA PRO H 14 16.06 -84.36 24.70
C PRO H 14 16.57 -84.44 26.16
N GLY H 15 16.69 -83.30 26.83
CA GLY H 15 17.23 -83.18 28.20
C GLY H 15 18.76 -83.24 28.33
N ALA H 16 19.48 -83.58 27.26
CA ALA H 16 20.93 -83.49 27.20
C ALA H 16 21.40 -82.06 26.84
N THR H 17 22.69 -81.88 26.59
CA THR H 17 23.36 -80.60 26.26
C THR H 17 24.35 -80.77 25.11
N VAL H 18 24.48 -79.78 24.23
CA VAL H 18 25.37 -79.80 23.05
C VAL H 18 26.33 -78.60 23.08
N LYS H 19 27.54 -78.75 22.53
CA LYS H 19 28.54 -77.68 22.39
C LYS H 19 28.98 -77.50 20.93
N ILE H 20 29.06 -76.25 20.52
CA ILE H 20 29.30 -75.74 19.18
C ILE H 20 30.56 -74.84 19.21
N SER H 21 31.39 -74.78 18.17
CA SER H 21 32.55 -73.89 18.16
C SER H 21 32.86 -73.33 16.78
N CYS H 22 33.66 -72.27 16.74
CA CYS H 22 33.94 -71.45 15.56
C CYS H 22 35.32 -70.80 15.64
N LYS H 23 36.28 -71.29 14.85
CA LYS H 23 37.63 -70.72 14.73
C LYS H 23 37.63 -69.64 13.66
N VAL H 24 38.33 -68.53 13.90
CA VAL H 24 38.16 -67.29 13.11
C VAL H 24 39.49 -66.81 12.54
N SER H 25 39.48 -66.33 11.30
CA SER H 25 40.68 -65.91 10.58
C SER H 25 40.45 -64.72 9.63
N GLY H 26 41.53 -64.00 9.30
CA GLY H 26 41.54 -62.93 8.31
C GLY H 26 41.31 -61.51 8.85
N TYR H 27 40.93 -61.34 10.11
CA TYR H 27 40.87 -60.06 10.80
C TYR H 27 41.36 -60.21 12.25
N THR H 28 41.80 -59.11 12.87
CA THR H 28 42.26 -59.08 14.27
C THR H 28 41.14 -59.49 15.22
N PHE H 29 41.15 -60.74 15.71
CA PHE H 29 39.96 -61.41 16.28
C PHE H 29 39.20 -60.62 17.35
N THR H 30 39.91 -59.91 18.21
CA THR H 30 39.35 -59.07 19.29
C THR H 30 38.40 -57.96 18.81
N ASP H 31 38.57 -57.45 17.60
CA ASP H 31 38.08 -56.11 17.27
C ASP H 31 36.63 -56.07 16.77
N TYR H 32 36.04 -57.22 16.45
CA TYR H 32 34.66 -57.35 15.97
C TYR H 32 33.87 -58.16 17.01
N TYR H 33 32.71 -57.70 17.48
CA TYR H 33 31.89 -58.52 18.39
C TYR H 33 31.55 -59.86 17.74
N MET H 34 31.58 -60.96 18.52
CA MET H 34 31.18 -62.32 18.14
C MET H 34 29.73 -62.57 18.52
N HIS H 35 28.97 -63.22 17.64
CA HIS H 35 27.54 -63.48 17.76
C HIS H 35 27.22 -64.94 17.45
N TRP H 36 26.20 -65.49 18.13
CA TRP H 36 25.61 -66.79 17.78
C TRP H 36 24.15 -66.64 17.33
N VAL H 37 23.78 -67.33 16.25
CA VAL H 37 22.48 -67.23 15.57
C VAL H 37 21.99 -68.64 15.19
N GLN H 38 20.69 -68.88 15.30
CA GLN H 38 20.03 -70.17 15.11
C GLN H 38 19.03 -70.10 13.95
N GLN H 39 18.76 -71.24 13.31
CA GLN H 39 17.79 -71.37 12.22
C GLN H 39 17.16 -72.76 12.17
N ALA H 40 15.88 -72.87 12.52
CA ALA H 40 15.12 -74.11 12.35
C ALA H 40 14.95 -74.50 10.86
N PRO H 41 14.67 -75.78 10.53
CA PRO H 41 14.78 -76.28 9.16
C PRO H 41 13.90 -75.55 8.13
N GLY H 42 14.53 -74.79 7.23
CA GLY H 42 13.89 -73.97 6.22
C GLY H 42 13.18 -72.71 6.74
N LYS H 43 13.36 -72.34 8.02
CA LYS H 43 12.67 -71.23 8.70
C LYS H 43 13.48 -69.93 8.71
N GLY H 44 12.86 -68.84 9.15
CA GLY H 44 13.54 -67.60 9.53
C GLY H 44 14.55 -67.77 10.67
N LEU H 45 15.62 -66.99 10.65
CA LEU H 45 16.67 -67.03 11.67
C LEU H 45 16.23 -66.35 12.98
N GLU H 46 16.91 -66.67 14.07
CA GLU H 46 16.79 -65.98 15.35
C GLU H 46 18.15 -65.86 16.04
N TRP H 47 18.40 -64.72 16.67
CA TRP H 47 19.64 -64.45 17.41
C TRP H 47 19.64 -65.14 18.78
N MET H 48 20.78 -65.70 19.19
CA MET H 48 20.96 -66.38 20.48
C MET H 48 21.71 -65.54 21.52
N GLY H 49 22.71 -64.75 21.10
CA GLY H 49 23.57 -64.02 22.02
C GLY H 49 24.85 -63.46 21.40
N LEU H 50 25.63 -62.71 22.17
CA LEU H 50 26.91 -62.17 21.75
C LEU H 50 27.94 -62.22 22.87
N VAL H 51 29.21 -62.11 22.49
CA VAL H 51 30.34 -61.94 23.39
C VAL H 51 31.38 -61.02 22.76
N ASP H 52 32.06 -60.20 23.56
CA ASP H 52 33.23 -59.46 23.09
C ASP H 52 34.48 -60.37 23.06
N PRO H 53 35.07 -60.68 21.90
CA PRO H 53 36.27 -61.53 21.85
C PRO H 53 37.51 -60.87 22.46
N GLU H 54 37.51 -59.57 22.76
CA GLU H 54 38.60 -58.93 23.51
C GLU H 54 38.50 -59.14 25.03
N ASP H 55 37.27 -59.24 25.58
CA ASP H 55 37.04 -59.04 27.02
C ASP H 55 36.13 -60.08 27.68
N GLY H 56 35.44 -60.92 26.92
CA GLY H 56 34.59 -61.99 27.44
C GLY H 56 33.23 -61.52 28.00
N GLU H 57 32.93 -60.22 27.93
CA GLU H 57 31.61 -59.67 28.23
C GLU H 57 30.56 -60.27 27.28
N THR H 58 29.56 -60.98 27.80
CA THR H 58 28.56 -61.70 27.02
C THR H 58 27.14 -61.42 27.49
N ILE H 59 26.20 -61.33 26.55
CA ILE H 59 24.78 -61.13 26.79
C ILE H 59 23.95 -62.01 25.83
N TYR H 60 22.73 -62.32 26.23
CA TYR H 60 21.94 -63.46 25.74
C TYR H 60 20.52 -63.06 25.31
N ALA H 61 19.99 -63.73 24.29
CA ALA H 61 18.63 -63.54 23.80
C ALA H 61 17.59 -64.19 24.74
N GLU H 62 16.42 -63.57 24.86
CA GLU H 62 15.37 -64.00 25.80
C GLU H 62 14.88 -65.44 25.54
N LYS H 63 14.66 -65.80 24.27
CA LYS H 63 14.16 -67.12 23.85
C LYS H 63 15.10 -68.29 24.22
N PHE H 64 16.38 -68.02 24.46
CA PHE H 64 17.38 -69.05 24.80
C PHE H 64 18.07 -68.80 26.15
N GLN H 65 17.57 -67.85 26.93
CA GLN H 65 18.14 -67.47 28.23
C GLN H 65 18.23 -68.68 29.18
N GLY H 66 19.34 -68.80 29.91
CA GLY H 66 19.64 -69.94 30.79
C GLY H 66 20.03 -71.22 30.05
N ARG H 67 19.36 -71.55 28.95
CA ARG H 67 19.71 -72.72 28.12
C ARG H 67 21.02 -72.52 27.37
N VAL H 68 21.25 -71.31 26.84
CA VAL H 68 22.47 -70.94 26.14
C VAL H 68 23.61 -70.57 27.09
N THR H 69 24.85 -70.71 26.63
CA THR H 69 26.05 -70.05 27.20
C THR H 69 27.06 -69.81 26.08
N ILE H 70 27.81 -68.71 26.12
CA ILE H 70 28.80 -68.31 25.10
C ILE H 70 30.13 -67.92 25.78
N THR H 71 31.25 -68.22 25.13
CA THR H 71 32.59 -67.73 25.47
C THR H 71 33.49 -67.59 24.22
N ALA H 72 34.61 -66.89 24.35
CA ALA H 72 35.64 -66.75 23.30
C ALA H 72 37.07 -66.66 23.88
N ASP H 73 38.07 -67.07 23.10
CA ASP H 73 39.50 -67.02 23.46
C ASP H 73 40.37 -66.39 22.35
N THR H 74 41.23 -65.46 22.76
CA THR H 74 42.19 -64.72 21.93
C THR H 74 43.48 -65.46 21.61
N SER H 75 43.82 -66.55 22.31
CA SER H 75 45.05 -67.29 22.02
C SER H 75 44.84 -68.26 20.83
N THR H 76 43.67 -68.89 20.80
CA THR H 76 43.20 -69.77 19.73
C THR H 76 42.33 -69.07 18.67
N ASP H 77 42.07 -67.77 18.78
CA ASP H 77 41.20 -67.01 17.86
C ASP H 77 39.81 -67.68 17.65
N THR H 78 39.19 -68.15 18.71
CA THR H 78 38.05 -69.08 18.63
C THR H 78 36.92 -68.70 19.58
N ALA H 79 35.68 -68.93 19.13
CA ALA H 79 34.45 -68.78 19.89
C ALA H 79 33.78 -70.13 20.14
N TYR H 80 33.03 -70.24 21.23
CA TYR H 80 32.39 -71.47 21.66
C TYR H 80 30.99 -71.19 22.24
N MET H 81 30.01 -72.03 21.96
CA MET H 81 28.66 -71.89 22.49
C MET H 81 28.08 -73.23 22.94
N GLU H 82 27.33 -73.21 24.04
CA GLU H 82 26.60 -74.33 24.62
C GLU H 82 25.10 -74.09 24.53
N LEU H 83 24.32 -75.10 24.13
CA LEU H 83 22.86 -75.12 24.33
C LEU H 83 22.45 -76.34 25.16
N SER H 84 21.73 -76.10 26.24
CA SER H 84 21.52 -77.07 27.33
C SER H 84 20.05 -77.31 27.67
N SER H 85 19.78 -78.53 28.18
CA SER H 85 18.44 -79.11 28.37
C SER H 85 17.62 -79.01 27.09
N LEU H 86 18.03 -79.79 26.09
CA LEU H 86 17.56 -79.71 24.71
C LEU H 86 16.12 -80.26 24.53
N ARG H 87 15.49 -79.84 23.42
CA ARG H 87 14.21 -80.35 22.88
C ARG H 87 14.34 -80.59 21.38
N SER H 88 13.43 -81.36 20.78
CA SER H 88 13.43 -81.66 19.34
C SER H 88 13.48 -80.41 18.45
N GLU H 89 12.82 -79.32 18.87
CA GLU H 89 12.83 -78.01 18.19
C GLU H 89 14.22 -77.34 18.13
N ASP H 90 15.19 -77.79 18.93
CA ASP H 90 16.60 -77.38 18.86
C ASP H 90 17.36 -78.06 17.72
N THR H 91 16.74 -79.01 17.02
CA THR H 91 17.19 -79.48 15.70
C THR H 91 17.19 -78.31 14.73
N ALA H 92 18.36 -77.82 14.34
CA ALA H 92 18.52 -76.55 13.62
C ALA H 92 19.92 -76.42 13.02
N VAL H 93 20.08 -75.45 12.11
CA VAL H 93 21.39 -74.87 11.80
C VAL H 93 21.73 -73.83 12.86
N TYR H 94 23.00 -73.77 13.25
CA TYR H 94 23.56 -72.79 14.17
C TYR H 94 24.75 -72.12 13.49
N TYR H 95 24.93 -70.82 13.69
CA TYR H 95 25.97 -70.02 13.05
C TYR H 95 26.70 -69.16 14.06
N CYS H 96 28.03 -69.12 13.98
CA CYS H 96 28.78 -67.97 14.46
C CYS H 96 28.73 -66.84 13.42
N ALA H 97 28.80 -65.60 13.88
CA ALA H 97 28.87 -64.41 13.06
C ALA H 97 29.62 -63.29 13.80
N THR H 98 29.95 -62.19 13.11
CA THR H 98 30.45 -60.96 13.74
C THR H 98 29.63 -59.76 13.29
N SER H 99 29.68 -58.63 14.00
CA SER H 99 28.83 -57.48 13.67
C SER H 99 29.50 -56.12 13.44
N SER H 100 30.68 -55.87 14.00
CA SER H 100 31.14 -54.50 14.27
C SER H 100 32.49 -54.16 13.66
N GLY H 101 32.73 -54.50 12.39
CA GLY H 101 34.04 -54.22 11.79
C GLY H 101 34.42 -52.73 11.76
N PRO H 102 35.56 -52.28 12.32
CA PRO H 102 35.97 -50.88 12.32
C PRO H 102 36.29 -50.37 10.91
N SER H 103 36.96 -51.21 10.13
CA SER H 103 36.82 -51.27 8.68
C SER H 103 36.07 -52.58 8.47
N ARG H 104 34.94 -52.59 7.75
CA ARG H 104 34.28 -53.86 7.42
C ARG H 104 35.05 -54.51 6.28
N LEU H 105 36.09 -55.24 6.64
CA LEU H 105 37.15 -55.73 5.75
C LEU H 105 36.55 -56.49 4.56
N CYS H 106 36.75 -55.95 3.36
CA CYS H 106 36.24 -56.50 2.11
C CYS H 106 34.69 -56.60 2.07
N GLY H 107 33.99 -55.70 2.77
CA GLY H 107 32.53 -55.67 2.89
C GLY H 107 31.89 -54.27 2.94
N GLY H 108 32.60 -53.24 3.39
CA GLY H 108 32.13 -51.84 3.40
C GLY H 108 33.16 -50.85 3.96
N GLY H 109 33.13 -49.60 3.51
CA GLY H 109 34.11 -48.57 3.91
C GLY H 109 33.77 -47.81 5.20
N SER H 110 32.48 -47.47 5.38
CA SER H 110 31.90 -46.80 6.55
C SER H 110 30.74 -47.63 7.13
N CYS H 111 30.81 -47.93 8.41
CA CYS H 111 30.09 -49.06 9.01
C CYS H 111 28.85 -48.65 9.84
N TYR H 112 27.91 -49.59 10.03
CA TYR H 112 26.61 -49.38 10.71
C TYR H 112 26.05 -50.67 11.34
N HIS H 113 26.74 -51.31 12.30
CA HIS H 113 26.32 -52.61 12.87
C HIS H 113 26.05 -53.66 11.77
N SER H 114 24.87 -54.31 11.72
CA SER H 114 24.54 -55.49 10.89
C SER H 114 25.49 -56.68 11.18
N PHE H 115 25.62 -57.67 10.30
CA PHE H 115 26.62 -58.74 10.42
C PHE H 115 27.68 -58.67 9.34
N ASP H 116 28.95 -58.78 9.70
CA ASP H 116 30.07 -58.68 8.75
C ASP H 116 30.24 -59.97 7.95
N TYR H 117 30.30 -61.10 8.65
CA TYR H 117 30.61 -62.43 8.13
C TYR H 117 29.97 -63.51 9.00
N TRP H 118 29.82 -64.71 8.44
CA TRP H 118 29.15 -65.87 9.02
C TRP H 118 30.02 -67.12 8.88
N GLY H 119 29.92 -68.05 9.82
CA GLY H 119 30.47 -69.40 9.64
C GLY H 119 29.63 -70.26 8.68
N GLN H 120 30.08 -71.46 8.33
CA GLN H 120 29.41 -72.29 7.32
C GLN H 120 28.05 -72.90 7.78
N GLY H 121 27.70 -72.79 9.05
CA GLY H 121 26.50 -73.35 9.66
C GLY H 121 26.71 -74.77 10.18
N THR H 122 26.88 -74.93 11.48
CA THR H 122 26.84 -76.21 12.18
C THR H 122 25.41 -76.77 12.20
N LEU H 123 25.20 -77.98 11.72
CA LEU H 123 23.93 -78.71 11.88
C LEU H 123 23.86 -79.41 13.25
N VAL H 124 22.68 -79.43 13.87
CA VAL H 124 22.39 -80.23 15.07
C VAL H 124 21.10 -81.02 14.88
N THR H 125 21.09 -82.27 15.31
CA THR H 125 19.89 -83.12 15.45
C THR H 125 19.58 -83.44 16.92
N VAL H 126 18.34 -83.22 17.36
CA VAL H 126 17.85 -83.66 18.68
C VAL H 126 16.63 -84.57 18.51
N SER H 127 16.70 -85.81 19.01
CA SER H 127 15.65 -86.82 18.83
C SER H 127 15.64 -87.88 19.94
N SER H 128 14.54 -88.60 20.14
CA SER H 128 14.45 -89.79 21.00
C SER H 128 15.22 -91.00 20.45
N ALA H 129 15.56 -91.01 19.17
CA ALA H 129 16.24 -92.11 18.49
C ALA H 129 17.70 -92.31 18.93
N SER H 130 18.21 -93.50 18.59
CA SER H 130 19.62 -93.90 18.69
C SER H 130 20.11 -94.47 17.36
N THR H 131 21.42 -94.37 17.11
CA THR H 131 22.04 -94.66 15.81
C THR H 131 21.69 -96.06 15.28
N LYS H 132 21.16 -96.10 14.07
CA LYS H 132 20.60 -97.29 13.39
C LYS H 132 20.78 -97.18 11.88
N GLY H 133 21.14 -98.28 11.23
CA GLY H 133 21.28 -98.38 9.78
C GLY H 133 19.94 -98.49 9.02
N PRO H 134 19.89 -98.04 7.76
CA PRO H 134 18.69 -98.09 6.92
C PRO H 134 18.19 -99.51 6.62
N SER H 135 16.87 -99.63 6.42
CA SER H 135 16.24 -100.76 5.73
C SER H 135 15.84 -100.31 4.32
N VAL H 136 16.24 -101.06 3.28
CA VAL H 136 16.07 -100.61 1.88
C VAL H 136 15.14 -101.56 1.16
N PHE H 137 14.01 -101.04 0.67
CA PHE H 137 13.01 -101.80 -0.07
C PHE H 137 12.98 -101.34 -1.54
N PRO H 138 13.13 -102.24 -2.51
CA PRO H 138 13.03 -101.90 -3.93
C PRO H 138 11.56 -101.72 -4.31
N LEU H 139 11.23 -100.75 -5.16
CA LEU H 139 9.85 -100.36 -5.48
C LEU H 139 9.66 -100.03 -6.96
N ALA H 140 8.53 -100.44 -7.52
CA ALA H 140 8.21 -100.29 -8.94
C ALA H 140 6.69 -100.01 -9.15
N PRO H 141 6.29 -99.44 -10.30
CA PRO H 141 4.97 -98.86 -10.48
C PRO H 141 3.85 -99.85 -10.77
N SER H 142 2.62 -99.48 -10.37
CA SER H 142 1.37 -100.22 -10.59
C SER H 142 1.39 -101.64 -9.97
N SER H 143 0.35 -102.44 -10.25
CA SER H 143 0.25 -103.84 -9.82
C SER H 143 1.27 -104.71 -10.57
N LYS H 144 2.43 -104.91 -9.93
CA LYS H 144 3.70 -105.43 -10.48
C LYS H 144 4.31 -104.56 -11.59
N SER H 145 5.64 -104.55 -11.63
CA SER H 145 6.43 -103.81 -12.62
C SER H 145 6.13 -104.24 -14.08
N THR H 146 6.24 -103.31 -15.02
CA THR H 146 6.14 -103.52 -16.48
C THR H 146 7.19 -102.69 -17.21
N SER H 147 7.71 -103.17 -18.34
CA SER H 147 8.92 -102.62 -18.98
C SER H 147 8.81 -101.16 -19.43
N GLY H 148 7.64 -100.71 -19.90
CA GLY H 148 7.36 -99.30 -20.22
C GLY H 148 6.83 -98.48 -19.03
N GLY H 149 6.18 -99.13 -18.06
CA GLY H 149 5.61 -98.46 -16.87
C GLY H 149 6.67 -97.87 -15.95
N THR H 150 7.88 -98.43 -15.94
CA THR H 150 9.04 -97.98 -15.12
C THR H 150 9.62 -96.62 -15.51
N ALA H 151 8.88 -95.76 -16.20
CA ALA H 151 9.21 -94.34 -16.36
C ALA H 151 9.39 -93.61 -15.00
N ALA H 152 8.87 -94.19 -13.93
CA ALA H 152 9.39 -94.02 -12.58
C ALA H 152 9.60 -95.40 -11.94
N LEU H 153 10.69 -95.59 -11.23
CA LEU H 153 11.04 -96.80 -10.47
C LEU H 153 12.06 -96.40 -9.39
N GLY H 154 12.15 -97.09 -8.25
CA GLY H 154 12.98 -96.58 -7.14
C GLY H 154 13.28 -97.53 -5.99
N CYS H 155 13.73 -96.93 -4.90
CA CYS H 155 13.79 -97.53 -3.57
C CYS H 155 13.19 -96.57 -2.53
N LEU H 156 12.75 -97.15 -1.41
CA LEU H 156 12.53 -96.45 -0.15
C LEU H 156 13.61 -96.88 0.84
N VAL H 157 14.23 -95.91 1.48
CA VAL H 157 15.29 -96.07 2.50
C VAL H 157 14.70 -95.65 3.84
N LYS H 158 14.37 -96.62 4.70
CA LYS H 158 13.48 -96.46 5.86
C LYS H 158 14.23 -96.55 7.20
N ASP H 159 13.79 -95.75 8.18
CA ASP H 159 14.16 -95.78 9.61
C ASP H 159 15.66 -95.90 9.89
N TYR H 160 16.43 -94.94 9.38
CA TYR H 160 17.84 -94.79 9.71
C TYR H 160 18.03 -93.56 10.59
N PHE H 161 19.05 -93.56 11.43
CA PHE H 161 19.39 -92.40 12.24
C PHE H 161 20.87 -92.43 12.61
N PRO H 162 21.53 -91.27 12.79
CA PRO H 162 21.15 -89.95 12.28
C PRO H 162 21.35 -89.87 10.75
N GLU H 163 21.16 -88.71 10.14
CA GLU H 163 21.72 -88.39 8.82
C GLU H 163 23.27 -88.43 8.84
N PRO H 164 23.95 -88.55 7.69
CA PRO H 164 23.41 -88.59 6.33
C PRO H 164 23.08 -89.99 5.77
N VAL H 165 22.20 -90.02 4.77
CA VAL H 165 22.18 -91.05 3.73
C VAL H 165 22.49 -90.41 2.37
N THR H 166 23.28 -91.12 1.58
CA THR H 166 23.63 -90.76 0.19
C THR H 166 23.40 -91.95 -0.74
N VAL H 167 22.92 -91.70 -1.96
CA VAL H 167 22.48 -92.73 -2.91
C VAL H 167 23.12 -92.50 -4.28
N SER H 168 23.39 -93.59 -4.99
CA SER H 168 23.80 -93.65 -6.40
C SER H 168 23.11 -94.85 -7.06
N TRP H 169 23.14 -94.94 -8.39
CA TRP H 169 22.50 -96.04 -9.12
C TRP H 169 23.49 -96.82 -9.98
N ASN H 170 23.26 -98.12 -10.08
CA ASN H 170 24.08 -99.08 -10.84
C ASN H 170 25.58 -99.01 -10.45
N SER H 171 25.84 -99.01 -9.15
CA SER H 171 27.15 -98.85 -8.47
C SER H 171 27.90 -97.55 -8.82
N GLY H 172 27.15 -96.50 -9.18
CA GLY H 172 27.67 -95.20 -9.60
C GLY H 172 27.81 -95.02 -11.11
N ALA H 173 27.46 -96.04 -11.91
CA ALA H 173 27.46 -95.95 -13.37
C ALA H 173 26.28 -95.14 -13.92
N LEU H 174 25.15 -95.09 -13.19
CA LEU H 174 23.94 -94.36 -13.58
C LEU H 174 23.74 -93.13 -12.69
N THR H 175 23.79 -91.95 -13.31
CA THR H 175 23.45 -90.63 -12.73
C THR H 175 22.39 -89.88 -13.56
N SER H 176 22.32 -90.16 -14.86
CA SER H 176 21.34 -89.57 -15.79
C SER H 176 19.90 -89.94 -15.41
N GLY H 177 19.02 -88.94 -15.34
CA GLY H 177 17.61 -89.10 -14.96
C GLY H 177 17.36 -89.49 -13.49
N VAL H 178 18.40 -89.63 -12.65
CA VAL H 178 18.22 -89.95 -11.23
C VAL H 178 17.69 -88.74 -10.48
N HIS H 179 16.79 -89.00 -9.54
CA HIS H 179 16.24 -88.01 -8.62
C HIS H 179 16.13 -88.60 -7.20
N THR H 180 16.48 -87.83 -6.17
CA THR H 180 16.39 -88.28 -4.77
C THR H 180 15.74 -87.21 -3.90
N PHE H 181 14.75 -87.60 -3.11
CA PHE H 181 13.92 -86.68 -2.33
C PHE H 181 14.59 -86.25 -1.01
N PRO H 182 14.13 -85.13 -0.40
CA PRO H 182 14.62 -84.67 0.90
C PRO H 182 14.55 -85.74 2.00
N ALA H 183 15.57 -85.82 2.87
CA ALA H 183 15.52 -86.65 4.06
C ALA H 183 14.47 -86.11 5.07
N VAL H 184 13.48 -86.92 5.40
CA VAL H 184 12.39 -86.58 6.33
C VAL H 184 12.50 -87.43 7.60
N LEU H 185 12.42 -86.82 8.77
CA LEU H 185 12.25 -87.55 10.02
C LEU H 185 10.80 -88.05 10.12
N GLN H 186 10.61 -89.37 10.11
CA GLN H 186 9.30 -90.01 10.20
C GLN H 186 8.78 -90.01 11.66
N SER H 187 7.54 -90.51 11.85
CA SER H 187 6.88 -90.65 13.16
C SER H 187 7.57 -91.61 14.12
N SER H 188 8.52 -92.43 13.65
CA SER H 188 9.44 -93.21 14.48
C SER H 188 10.43 -92.33 15.27
N GLY H 189 10.69 -91.11 14.82
CA GLY H 189 11.80 -90.26 15.26
C GLY H 189 13.12 -90.55 14.54
N LEU H 190 13.09 -91.33 13.44
CA LEU H 190 14.23 -91.68 12.58
C LEU H 190 14.03 -91.12 11.17
N TYR H 191 15.13 -90.85 10.46
CA TYR H 191 15.13 -90.33 9.10
C TYR H 191 14.76 -91.42 8.08
N SER H 192 14.24 -90.99 6.93
CA SER H 192 13.95 -91.82 5.76
C SER H 192 14.01 -90.97 4.49
N LEU H 193 14.24 -91.59 3.33
CA LEU H 193 14.19 -90.92 2.02
C LEU H 193 13.84 -91.92 0.91
N SER H 194 13.45 -91.42 -0.27
CA SER H 194 13.31 -92.25 -1.48
C SER H 194 14.18 -91.74 -2.63
N SER H 195 14.75 -92.66 -3.41
CA SER H 195 15.50 -92.37 -4.62
C SER H 195 14.90 -93.12 -5.81
N VAL H 196 14.91 -92.49 -6.98
CA VAL H 196 14.19 -92.97 -8.17
C VAL H 196 14.98 -92.74 -9.46
N VAL H 197 14.75 -93.60 -10.44
CA VAL H 197 15.21 -93.47 -11.83
C VAL H 197 14.02 -93.08 -12.71
N THR H 198 14.17 -92.03 -13.52
CA THR H 198 13.04 -91.43 -14.28
C THR H 198 13.03 -91.88 -15.76
N VAL H 199 13.47 -93.12 -16.03
CA VAL H 199 13.58 -93.69 -17.39
C VAL H 199 13.20 -95.19 -17.37
N PRO H 200 12.34 -95.65 -18.31
CA PRO H 200 11.84 -97.02 -18.31
C PRO H 200 12.91 -98.08 -18.63
N SER H 201 12.53 -99.34 -18.52
CA SER H 201 13.42 -100.51 -18.61
C SER H 201 13.93 -100.85 -20.01
N SER H 202 13.97 -99.87 -20.92
CA SER H 202 14.31 -99.99 -22.34
C SER H 202 15.82 -99.86 -22.67
N SER H 203 16.71 -99.93 -21.67
CA SER H 203 18.16 -99.76 -21.83
C SER H 203 18.96 -100.83 -21.08
N LEU H 204 20.22 -101.06 -21.45
CA LEU H 204 21.15 -101.96 -20.75
C LEU H 204 21.36 -101.59 -19.26
N GLY H 205 21.27 -100.30 -18.93
CA GLY H 205 21.28 -99.81 -17.54
C GLY H 205 19.91 -99.79 -16.84
N THR H 206 18.83 -100.27 -17.47
CA THR H 206 17.46 -100.16 -16.93
C THR H 206 16.59 -101.40 -17.11
N GLN H 207 16.97 -102.35 -17.97
CA GLN H 207 16.38 -103.71 -18.00
C GLN H 207 16.57 -104.44 -16.65
N THR H 208 17.57 -104.02 -15.88
CA THR H 208 17.69 -104.17 -14.41
C THR H 208 18.28 -102.86 -13.85
N TYR H 209 18.08 -102.57 -12.57
CA TYR H 209 18.59 -101.38 -11.88
C TYR H 209 19.13 -101.74 -10.49
N ILE H 210 19.98 -100.92 -9.87
CA ILE H 210 20.41 -101.10 -8.46
C ILE H 210 20.40 -99.76 -7.71
N CYS H 211 19.74 -99.70 -6.56
CA CYS H 211 19.90 -98.63 -5.56
C CYS H 211 21.18 -98.88 -4.75
N ASN H 212 22.24 -98.11 -4.94
CA ASN H 212 23.43 -98.19 -4.12
C ASN H 212 23.36 -97.11 -3.04
N VAL H 213 22.91 -97.53 -1.85
CA VAL H 213 22.54 -96.70 -0.71
C VAL H 213 23.62 -96.82 0.38
N ASN H 214 24.03 -95.70 0.97
CA ASN H 214 25.10 -95.63 1.96
C ASN H 214 24.73 -94.72 3.14
N HIS H 215 25.09 -95.12 4.37
CA HIS H 215 24.84 -94.42 5.65
C HIS H 215 26.15 -94.30 6.45
N LYS H 216 26.86 -93.17 6.33
CA LYS H 216 28.17 -92.91 6.96
C LYS H 216 28.24 -93.17 8.48
N PRO H 217 27.22 -92.85 9.31
CA PRO H 217 27.31 -92.99 10.77
C PRO H 217 27.42 -94.44 11.28
N SER H 218 27.15 -95.44 10.43
CA SER H 218 27.37 -96.86 10.70
C SER H 218 28.23 -97.57 9.62
N ASN H 219 28.82 -96.82 8.67
CA ASN H 219 29.59 -97.33 7.53
C ASN H 219 28.83 -98.37 6.68
N THR H 220 27.49 -98.33 6.69
CA THR H 220 26.62 -99.30 6.00
C THR H 220 26.59 -99.01 4.50
N LYS H 221 26.72 -100.05 3.69
CA LYS H 221 26.46 -100.05 2.24
C LYS H 221 25.38 -101.10 1.89
N VAL H 222 24.44 -100.72 1.03
CA VAL H 222 23.39 -101.62 0.52
C VAL H 222 23.32 -101.48 -1.01
N ASP H 223 23.23 -102.58 -1.73
CA ASP H 223 23.21 -102.62 -3.20
C ASP H 223 21.90 -103.29 -3.67
N LYS H 224 20.76 -102.64 -3.41
CA LYS H 224 19.43 -103.24 -3.59
C LYS H 224 18.98 -103.21 -5.06
N LYS H 225 18.92 -104.39 -5.69
CA LYS H 225 18.45 -104.60 -7.07
C LYS H 225 16.96 -104.26 -7.23
N VAL H 226 16.59 -103.70 -8.38
CA VAL H 226 15.21 -103.37 -8.77
C VAL H 226 14.89 -103.84 -10.19
N GLU H 227 13.67 -104.32 -10.41
CA GLU H 227 13.08 -104.74 -11.69
C GLU H 227 11.59 -104.36 -11.77
N LEU I 1 9.36 -59.18 14.06
CA LEU I 1 9.14 -58.12 13.03
C LEU I 1 8.16 -58.63 11.97
N THR I 2 7.29 -57.77 11.46
CA THR I 2 6.44 -58.09 10.29
C THR I 2 7.30 -58.07 9.02
N GLN I 3 7.18 -59.08 8.16
CA GLN I 3 7.73 -59.04 6.81
C GLN I 3 6.74 -59.65 5.81
N SER I 4 6.63 -59.06 4.62
CA SER I 4 5.79 -59.55 3.52
C SER I 4 6.45 -59.33 2.15
N PRO I 5 6.06 -60.07 1.09
CA PRO I 5 5.20 -61.27 1.12
C PRO I 5 5.84 -62.49 1.81
N GLY I 6 5.10 -63.58 1.97
CA GLY I 6 5.66 -64.87 2.40
C GLY I 6 6.53 -65.52 1.31
N THR I 7 6.09 -65.45 0.05
CA THR I 7 6.88 -65.79 -1.15
C THR I 7 6.46 -64.92 -2.34
N LEU I 8 7.41 -64.62 -3.23
CA LEU I 8 7.21 -63.70 -4.36
C LEU I 8 7.99 -64.17 -5.60
N SER I 9 7.38 -64.11 -6.79
CA SER I 9 8.03 -64.33 -8.08
C SER I 9 7.39 -63.59 -9.25
N LEU I 10 8.21 -63.27 -10.26
CA LEU I 10 7.88 -62.61 -11.53
C LEU I 10 8.98 -62.93 -12.57
N SER I 11 8.79 -62.61 -13.85
CA SER I 11 9.74 -62.89 -14.94
C SER I 11 11.13 -62.30 -14.67
N PRO I 12 12.21 -62.94 -15.17
CA PRO I 12 13.53 -62.34 -15.21
C PRO I 12 13.54 -60.96 -15.88
N GLY I 13 14.44 -60.08 -15.46
CA GLY I 13 14.50 -58.69 -15.93
C GLY I 13 13.48 -57.72 -15.32
N GLU I 14 12.50 -58.23 -14.56
CA GLU I 14 11.50 -57.41 -13.84
C GLU I 14 11.88 -57.14 -12.37
N ARG I 15 10.93 -56.72 -11.54
CA ARG I 15 11.10 -56.30 -10.13
C ARG I 15 10.34 -57.15 -9.12
N ALA I 16 10.88 -57.21 -7.90
CA ALA I 16 10.25 -57.77 -6.72
C ALA I 16 10.47 -56.84 -5.52
N THR I 17 9.40 -56.49 -4.81
CA THR I 17 9.41 -55.55 -3.69
C THR I 17 8.97 -56.24 -2.40
N LEU I 18 9.80 -56.15 -1.37
CA LEU I 18 9.62 -56.76 -0.06
C LEU I 18 9.49 -55.64 0.99
N SER I 19 8.68 -55.83 2.02
CA SER I 19 8.49 -54.88 3.12
C SER I 19 8.82 -55.51 4.48
N CYS I 20 9.36 -54.71 5.40
CA CYS I 20 9.66 -55.06 6.78
C CYS I 20 9.15 -53.93 7.70
N ARG I 21 8.47 -54.28 8.80
CA ARG I 21 7.67 -53.35 9.61
C ARG I 21 7.67 -53.74 11.09
N ALA I 22 7.53 -52.76 11.97
CA ALA I 22 7.46 -52.90 13.43
C ALA I 22 6.91 -51.63 14.10
N SER I 23 6.58 -51.71 15.39
CA SER I 23 6.62 -50.54 16.29
C SER I 23 8.04 -49.95 16.36
N GLN I 24 8.16 -48.68 16.74
CA GLN I 24 9.46 -47.98 16.91
C GLN I 24 10.26 -48.43 18.16
N SER I 25 10.04 -49.66 18.63
CA SER I 25 10.85 -50.34 19.67
C SER I 25 12.29 -50.70 19.20
N VAL I 26 12.55 -50.62 17.90
CA VAL I 26 13.85 -50.81 17.21
C VAL I 26 14.07 -49.71 16.16
N SER I 27 15.32 -49.39 15.83
CA SER I 27 15.69 -48.10 15.21
C SER I 27 15.75 -48.10 13.67
N SER I 28 15.52 -46.95 13.04
CA SER I 28 15.31 -46.79 11.60
C SER I 28 16.51 -47.14 10.71
N SER I 29 17.67 -46.52 10.90
CA SER I 29 18.85 -46.77 10.06
C SER I 29 19.59 -48.07 10.41
N TYR I 30 19.40 -48.58 11.62
CA TYR I 30 19.86 -49.90 12.06
C TYR I 30 18.98 -51.02 11.50
N LEU I 31 18.91 -51.09 10.17
CA LEU I 31 18.10 -52.00 9.39
C LEU I 31 18.92 -52.50 8.20
N ALA I 32 18.83 -53.79 7.93
CA ALA I 32 19.68 -54.49 6.97
C ALA I 32 18.95 -55.68 6.36
N TRP I 33 19.35 -56.14 5.18
CA TRP I 33 18.73 -57.27 4.48
C TRP I 33 19.76 -58.33 4.08
N TYR I 34 19.38 -59.60 4.26
CA TYR I 34 20.23 -60.77 4.08
C TYR I 34 19.61 -61.75 3.10
N GLN I 35 20.39 -62.19 2.13
CA GLN I 35 20.03 -63.23 1.15
C GLN I 35 20.49 -64.60 1.66
N GLN I 36 19.70 -65.65 1.44
CA GLN I 36 20.10 -67.02 1.70
C GLN I 36 19.61 -67.97 0.62
N LYS I 37 20.53 -68.44 -0.23
CA LYS I 37 20.33 -69.66 -1.00
C LYS I 37 20.15 -70.83 -0.02
N PRO I 38 19.11 -71.66 -0.10
CA PRO I 38 18.88 -72.71 0.88
C PRO I 38 20.08 -73.65 1.04
N GLY I 39 20.54 -73.88 2.27
CA GLY I 39 21.72 -74.68 2.59
C GLY I 39 23.02 -73.92 2.81
N GLN I 40 23.17 -72.72 2.25
CA GLN I 40 24.27 -71.82 2.57
C GLN I 40 23.97 -71.02 3.84
N ALA I 41 24.99 -70.51 4.51
CA ALA I 41 24.81 -69.45 5.51
C ALA I 41 24.31 -68.16 4.82
N PRO I 42 23.53 -67.30 5.51
CA PRO I 42 23.07 -66.03 4.93
C PRO I 42 24.21 -65.08 4.57
N ARG I 43 23.94 -64.07 3.73
CA ARG I 43 24.89 -63.01 3.36
C ARG I 43 24.23 -61.64 3.40
N LEU I 44 24.90 -60.66 3.99
CA LEU I 44 24.46 -59.26 4.00
C LEU I 44 24.46 -58.70 2.58
N LEU I 45 23.33 -58.15 2.14
CA LEU I 45 23.24 -57.40 0.88
C LEU I 45 23.10 -55.89 1.11
N ILE I 46 22.17 -55.46 1.94
CA ILE I 46 21.87 -54.04 2.20
C ILE I 46 22.11 -53.72 3.67
N TYR I 47 22.65 -52.53 3.97
CA TYR I 47 22.82 -51.97 5.31
C TYR I 47 22.49 -50.47 5.33
N GLY I 48 22.34 -49.84 6.50
CA GLY I 48 21.94 -48.43 6.58
C GLY I 48 20.55 -48.18 5.98
N ALA I 49 19.72 -49.22 5.94
CA ALA I 49 18.47 -49.29 5.18
C ALA I 49 18.57 -49.04 3.65
N SER I 50 19.75 -48.85 3.07
CA SER I 50 19.91 -48.26 1.73
C SER I 50 21.28 -48.44 1.04
N SER I 51 22.38 -48.65 1.75
CA SER I 51 23.70 -48.92 1.17
C SER I 51 23.84 -50.37 0.69
N ARG I 52 24.71 -50.68 -0.26
CA ARG I 52 25.08 -52.06 -0.64
C ARG I 52 26.38 -52.51 0.00
N ALA I 53 26.44 -53.77 0.41
CA ALA I 53 27.68 -54.46 0.71
C ALA I 53 28.59 -54.49 -0.54
N THR I 54 29.90 -54.34 -0.36
CA THR I 54 30.85 -54.29 -1.48
C THR I 54 30.76 -55.54 -2.38
N GLY I 55 30.64 -55.33 -3.68
CA GLY I 55 30.58 -56.37 -4.71
C GLY I 55 29.20 -56.98 -4.95
N ILE I 56 28.18 -56.66 -4.14
CA ILE I 56 26.79 -57.06 -4.40
C ILE I 56 26.18 -56.21 -5.54
N PRO I 57 25.45 -56.80 -6.50
CA PRO I 57 25.00 -56.09 -7.71
C PRO I 57 24.17 -54.82 -7.47
N ASP I 58 24.34 -53.83 -8.34
CA ASP I 58 23.66 -52.52 -8.30
C ASP I 58 22.15 -52.56 -8.57
N ARG I 59 21.60 -53.73 -8.92
CA ARG I 59 20.16 -53.97 -9.07
C ARG I 59 19.43 -54.29 -7.75
N PHE I 60 20.15 -54.62 -6.68
CA PHE I 60 19.61 -54.70 -5.32
C PHE I 60 19.56 -53.31 -4.70
N SER I 61 18.45 -52.92 -4.09
CA SER I 61 18.29 -51.58 -3.50
C SER I 61 17.33 -51.57 -2.31
N GLY I 62 17.71 -50.94 -1.21
CA GLY I 62 16.85 -50.68 -0.08
C GLY I 62 16.36 -49.23 0.01
N SER I 63 15.22 -49.01 0.65
CA SER I 63 14.72 -47.69 1.06
C SER I 63 13.67 -47.82 2.16
N GLY I 64 13.44 -46.77 2.94
CA GLY I 64 12.37 -46.73 3.93
C GLY I 64 11.99 -45.34 4.41
N SER I 65 10.87 -45.26 5.10
CA SER I 65 10.26 -44.02 5.56
C SER I 65 9.34 -44.28 6.76
N GLY I 66 9.57 -43.60 7.88
CA GLY I 66 8.76 -43.69 9.08
C GLY I 66 8.78 -45.10 9.70
N THR I 67 7.71 -45.87 9.46
CA THR I 67 7.53 -47.24 9.95
C THR I 67 7.76 -48.33 8.91
N ASP I 68 7.79 -48.00 7.61
CA ASP I 68 7.84 -48.97 6.51
C ASP I 68 9.21 -48.97 5.82
N PHE I 69 9.85 -50.14 5.74
CA PHE I 69 11.20 -50.31 5.21
C PHE I 69 11.23 -51.44 4.19
N THR I 70 12.01 -51.31 3.11
CA THR I 70 11.84 -52.16 1.92
C THR I 70 13.15 -52.57 1.29
N LEU I 71 13.17 -53.77 0.72
CA LEU I 71 14.11 -54.20 -0.30
C LEU I 71 13.34 -54.22 -1.61
N THR I 72 13.85 -53.60 -2.65
CA THR I 72 13.48 -53.92 -4.02
C THR I 72 14.64 -54.60 -4.71
N ILE I 73 14.38 -55.79 -5.21
CA ILE I 73 15.22 -56.53 -6.14
C ILE I 73 14.73 -56.17 -7.53
N SER I 74 15.62 -55.84 -8.44
CA SER I 74 15.30 -55.47 -9.82
C SER I 74 16.18 -56.22 -10.81
N ARG I 75 15.80 -56.21 -12.10
CA ARG I 75 16.40 -57.05 -13.16
C ARG I 75 16.56 -58.51 -12.70
N LEU I 76 15.46 -59.13 -12.26
CA LEU I 76 15.44 -60.45 -11.61
C LEU I 76 16.25 -61.52 -12.36
N GLU I 77 16.92 -62.40 -11.61
CA GLU I 77 17.84 -63.42 -12.13
C GLU I 77 17.62 -64.79 -11.48
N PRO I 78 18.11 -65.88 -12.09
CA PRO I 78 18.12 -67.21 -11.46
C PRO I 78 18.82 -67.27 -10.09
N GLU I 79 19.78 -66.38 -9.84
CA GLU I 79 20.44 -66.23 -8.54
C GLU I 79 19.45 -65.88 -7.42
N ASP I 80 18.32 -65.26 -7.74
CA ASP I 80 17.38 -64.71 -6.77
C ASP I 80 16.47 -65.80 -6.15
N PHE I 81 16.62 -67.08 -6.53
CA PHE I 81 15.97 -68.19 -5.84
C PHE I 81 16.60 -68.44 -4.46
N ALA I 82 16.19 -67.61 -3.50
CA ALA I 82 16.76 -67.50 -2.17
C ALA I 82 15.71 -66.91 -1.22
N VAL I 83 15.89 -67.16 0.09
CA VAL I 83 15.08 -66.51 1.11
C VAL I 83 15.77 -65.23 1.53
N TYR I 84 15.03 -64.12 1.53
CA TYR I 84 15.52 -62.82 1.93
C TYR I 84 14.91 -62.43 3.28
N TYR I 85 15.73 -61.99 4.21
CA TYR I 85 15.33 -61.58 5.56
C TYR I 85 15.71 -60.13 5.77
N CYS I 86 14.81 -59.27 6.26
CA CYS I 86 15.27 -58.08 6.95
C CYS I 86 15.80 -58.46 8.34
N GLN I 87 16.58 -57.58 8.95
CA GLN I 87 16.74 -57.50 10.40
C GLN I 87 16.76 -56.04 10.84
N GLN I 88 16.38 -55.79 12.09
CA GLN I 88 16.39 -54.48 12.70
C GLN I 88 16.90 -54.55 14.14
N TYR I 89 17.59 -53.49 14.57
CA TYR I 89 18.31 -53.41 15.85
C TYR I 89 18.02 -52.08 16.55
N GLY I 90 18.22 -52.00 17.87
CA GLY I 90 18.02 -50.80 18.68
C GLY I 90 19.02 -50.67 19.81
N SER I 91 19.01 -49.50 20.47
CA SER I 91 19.92 -49.18 21.58
C SER I 91 19.89 -50.26 22.68
N SER I 92 18.71 -50.66 23.15
CA SER I 92 18.52 -51.91 23.89
C SER I 92 18.80 -53.13 22.98
N PRO I 93 19.81 -53.96 23.27
CA PRO I 93 20.37 -54.90 22.29
C PRO I 93 19.36 -55.98 21.90
N THR I 94 18.87 -55.94 20.66
CA THR I 94 18.00 -56.97 20.10
C THR I 94 18.22 -57.07 18.60
N TRP I 95 19.13 -57.95 18.18
CA TRP I 95 19.43 -58.25 16.78
C TRP I 95 18.28 -59.07 16.18
N THR I 96 17.29 -58.41 15.57
CA THR I 96 15.96 -59.02 15.40
C THR I 96 15.66 -59.27 13.93
N PHE I 97 15.50 -60.53 13.53
CA PHE I 97 15.17 -60.91 12.15
C PHE I 97 13.67 -60.81 11.81
N GLY I 98 13.36 -60.57 10.54
CA GLY I 98 12.02 -60.70 9.97
C GLY I 98 11.60 -62.13 9.65
N GLN I 99 10.33 -62.31 9.32
CA GLN I 99 9.71 -63.61 8.99
C GLN I 99 10.30 -64.31 7.77
N GLY I 100 10.99 -63.58 6.87
CA GLY I 100 11.62 -64.11 5.67
C GLY I 100 10.68 -64.23 4.47
N THR I 101 11.14 -63.83 3.29
CA THR I 101 10.40 -63.95 2.02
C THR I 101 11.16 -64.86 1.07
N LYS I 102 10.56 -65.96 0.61
CA LYS I 102 11.17 -66.82 -0.41
C LYS I 102 10.97 -66.24 -1.81
N VAL I 103 12.02 -65.73 -2.42
CA VAL I 103 12.01 -65.17 -3.78
C VAL I 103 12.31 -66.24 -4.82
N GLU I 104 11.78 -66.06 -6.02
CA GLU I 104 11.81 -66.97 -7.18
C GLU I 104 11.65 -66.17 -8.48
N ILE I 105 12.10 -66.71 -9.61
CA ILE I 105 11.74 -66.24 -10.96
C ILE I 105 10.57 -67.06 -11.51
N LYS I 106 9.60 -66.39 -12.17
CA LYS I 106 8.41 -67.04 -12.75
C LYS I 106 8.78 -67.97 -13.91
N ARG I 107 8.07 -69.10 -14.04
CA ARG I 107 8.48 -70.24 -14.89
C ARG I 107 7.34 -70.74 -15.79
N THR I 108 7.64 -71.61 -16.74
CA THR I 108 6.63 -72.28 -17.59
C THR I 108 5.68 -73.13 -16.73
N VAL I 109 4.36 -72.95 -16.87
CA VAL I 109 3.35 -73.74 -16.13
C VAL I 109 3.39 -75.21 -16.57
N ALA I 110 3.29 -76.13 -15.63
CA ALA I 110 3.43 -77.56 -15.87
C ALA I 110 2.60 -78.37 -14.86
N ALA I 111 1.63 -79.13 -15.34
CA ALA I 111 0.90 -80.09 -14.52
C ALA I 111 1.80 -81.30 -14.13
N PRO I 112 1.64 -81.90 -12.94
CA PRO I 112 2.44 -83.03 -12.50
C PRO I 112 2.23 -84.27 -13.36
N SER I 113 3.32 -84.93 -13.72
CA SER I 113 3.30 -86.36 -14.03
C SER I 113 3.35 -87.14 -12.70
N VAL I 114 2.62 -88.26 -12.64
CA VAL I 114 2.32 -88.97 -11.38
C VAL I 114 2.57 -90.47 -11.52
N PHE I 115 3.16 -91.10 -10.49
CA PHE I 115 3.31 -92.55 -10.39
C PHE I 115 3.02 -93.04 -8.96
N ILE I 116 2.65 -94.31 -8.83
CA ILE I 116 2.38 -95.00 -7.56
C ILE I 116 3.14 -96.33 -7.52
N PHE I 117 3.86 -96.60 -6.44
CA PHE I 117 4.47 -97.90 -6.17
C PHE I 117 3.74 -98.59 -5.00
N PRO I 118 3.01 -99.70 -5.22
CA PRO I 118 2.66 -100.61 -4.12
C PRO I 118 3.92 -101.31 -3.58
N PRO I 119 3.87 -101.86 -2.35
CA PRO I 119 4.92 -102.69 -1.78
C PRO I 119 5.44 -103.78 -2.73
N SER I 120 6.76 -103.98 -2.74
CA SER I 120 7.37 -105.21 -3.22
C SER I 120 7.18 -106.33 -2.18
N ASP I 121 7.18 -107.59 -2.63
CA ASP I 121 6.92 -108.73 -1.74
C ASP I 121 7.91 -108.81 -0.57
N GLU I 122 9.19 -108.49 -0.80
CA GLU I 122 10.21 -108.49 0.26
C GLU I 122 9.91 -107.51 1.40
N GLN I 123 9.21 -106.41 1.09
CA GLN I 123 8.70 -105.49 2.11
C GLN I 123 7.58 -106.15 2.93
N LEU I 124 6.57 -106.72 2.27
CA LEU I 124 5.46 -107.43 2.95
C LEU I 124 5.92 -108.65 3.76
N LYS I 125 6.94 -109.38 3.29
CA LYS I 125 7.62 -110.45 4.03
C LYS I 125 8.49 -109.94 5.18
N SER I 126 8.79 -108.64 5.24
CA SER I 126 9.39 -107.96 6.39
C SER I 126 8.34 -107.40 7.38
N GLY I 127 7.15 -108.03 7.46
CA GLY I 127 6.08 -107.71 8.43
C GLY I 127 5.44 -106.31 8.29
N THR I 128 5.75 -105.57 7.23
CA THR I 128 5.55 -104.12 7.11
C THR I 128 5.27 -103.70 5.66
N ALA I 129 4.78 -102.48 5.46
CA ALA I 129 4.46 -101.96 4.14
C ALA I 129 4.64 -100.44 4.06
N SER I 130 4.94 -99.94 2.86
CA SER I 130 4.89 -98.50 2.56
C SER I 130 4.57 -98.28 1.09
N VAL I 131 3.41 -97.69 0.85
CA VAL I 131 2.92 -97.34 -0.48
C VAL I 131 3.50 -95.96 -0.82
N VAL I 132 4.14 -95.82 -1.97
CA VAL I 132 4.83 -94.56 -2.34
C VAL I 132 4.11 -93.90 -3.52
N CYS I 133 3.83 -92.60 -3.43
CA CYS I 133 3.28 -91.80 -4.52
C CYS I 133 4.27 -90.71 -4.91
N LEU I 134 4.54 -90.58 -6.21
CA LEU I 134 5.50 -89.64 -6.80
C LEU I 134 4.76 -88.63 -7.68
N LEU I 135 4.95 -87.34 -7.41
CA LEU I 135 4.48 -86.23 -8.22
C LEU I 135 5.71 -85.50 -8.74
N ASN I 136 5.85 -85.30 -10.05
CA ASN I 136 7.07 -84.71 -10.60
C ASN I 136 6.84 -83.83 -11.84
N ASN I 137 7.82 -82.97 -12.11
CA ASN I 137 7.85 -82.00 -13.20
C ASN I 137 6.69 -80.98 -13.17
N PHE I 138 6.38 -80.39 -12.01
CA PHE I 138 5.26 -79.45 -11.84
C PHE I 138 5.68 -78.01 -11.55
N TYR I 139 4.88 -77.04 -12.01
CA TYR I 139 4.96 -75.62 -11.67
C TYR I 139 3.60 -74.93 -11.88
N PRO I 140 3.12 -74.02 -11.00
CA PRO I 140 3.69 -73.60 -9.73
C PRO I 140 3.99 -74.73 -8.75
N ARG I 141 4.88 -74.45 -7.81
CA ARG I 141 5.42 -75.38 -6.79
C ARG I 141 4.39 -75.74 -5.70
N GLU I 142 3.30 -76.40 -6.10
CA GLU I 142 2.02 -76.40 -5.38
C GLU I 142 1.20 -77.71 -5.43
N ALA I 143 1.72 -78.81 -6.00
CA ALA I 143 0.94 -80.04 -6.19
C ALA I 143 0.74 -80.83 -4.88
N LYS I 144 -0.39 -81.54 -4.73
CA LYS I 144 -0.83 -82.14 -3.45
C LYS I 144 -1.42 -83.55 -3.62
N VAL I 145 -1.31 -84.36 -2.57
CA VAL I 145 -1.57 -85.81 -2.55
C VAL I 145 -2.86 -86.16 -1.82
N GLN I 146 -3.59 -87.16 -2.32
CA GLN I 146 -4.74 -87.78 -1.67
C GLN I 146 -4.77 -89.30 -1.89
N TRP I 147 -4.43 -90.08 -0.86
CA TRP I 147 -4.43 -91.55 -0.90
C TRP I 147 -5.84 -92.15 -0.96
N LYS I 148 -6.02 -93.22 -1.76
CA LYS I 148 -7.30 -93.90 -2.04
C LYS I 148 -7.10 -95.41 -2.26
N VAL I 149 -8.13 -96.23 -2.04
CA VAL I 149 -8.03 -97.71 -2.09
C VAL I 149 -9.20 -98.48 -2.76
N ASP I 150 -9.80 -98.04 -3.88
CA ASP I 150 -9.56 -96.82 -4.67
C ASP I 150 -10.55 -95.70 -4.31
N ASN I 151 -11.28 -95.81 -3.19
CA ASN I 151 -12.25 -94.82 -2.68
C ASN I 151 -11.59 -93.69 -1.84
N ALA I 152 -10.99 -93.99 -0.69
CA ALA I 152 -10.43 -93.01 0.25
C ALA I 152 -9.53 -93.67 1.33
N LEU I 153 -8.32 -93.15 1.55
CA LEU I 153 -7.44 -93.52 2.69
C LEU I 153 -6.58 -92.36 3.25
N GLN I 154 -6.67 -91.14 2.70
CA GLN I 154 -5.84 -89.99 3.10
C GLN I 154 -5.90 -89.64 4.60
N SER I 155 -7.02 -89.93 5.26
CA SER I 155 -7.21 -89.68 6.70
C SER I 155 -6.34 -90.56 7.61
N GLY I 156 -5.66 -91.59 7.10
CA GLY I 156 -4.74 -92.42 7.90
C GLY I 156 -3.53 -91.62 8.40
N ASN I 157 -3.39 -91.51 9.73
CA ASN I 157 -2.41 -90.64 10.39
C ASN I 157 -0.94 -91.07 10.15
N SER I 158 -0.69 -92.27 9.63
CA SER I 158 0.64 -92.79 9.29
C SER I 158 1.18 -92.29 7.93
N GLN I 159 0.37 -91.59 7.13
CA GLN I 159 0.82 -90.91 5.91
C GLN I 159 1.87 -89.83 6.20
N GLU I 160 2.82 -89.64 5.29
CA GLU I 160 3.81 -88.55 5.32
C GLU I 160 4.12 -88.07 3.88
N SER I 161 4.64 -86.85 3.69
CA SER I 161 5.13 -86.38 2.39
C SER I 161 6.25 -85.33 2.54
N VAL I 162 7.22 -85.33 1.62
CA VAL I 162 8.17 -84.21 1.48
C VAL I 162 7.49 -82.98 0.86
N THR I 163 8.07 -81.81 1.09
CA THR I 163 7.76 -80.57 0.36
C THR I 163 8.22 -80.65 -1.09
N GLU I 164 7.78 -79.67 -1.87
CA GLU I 164 7.97 -79.42 -3.28
C GLU I 164 9.45 -79.11 -3.59
N GLN I 165 10.23 -80.14 -3.87
CA GLN I 165 11.66 -80.10 -4.16
C GLN I 165 11.95 -79.72 -5.62
N ASP I 166 12.87 -78.80 -5.82
CA ASP I 166 13.33 -78.26 -7.12
C ASP I 166 14.05 -79.31 -8.00
N SER I 167 14.14 -79.06 -9.31
CA SER I 167 14.88 -79.90 -10.26
C SER I 167 15.44 -79.12 -11.46
N LYS I 168 16.45 -79.68 -12.12
CA LYS I 168 17.13 -79.09 -13.30
C LYS I 168 16.21 -78.84 -14.50
N ASP I 169 15.04 -79.45 -14.55
CA ASP I 169 13.96 -79.15 -15.51
C ASP I 169 13.34 -77.75 -15.34
N SER I 170 13.74 -76.97 -14.32
CA SER I 170 13.08 -75.73 -13.86
C SER I 170 11.64 -75.97 -13.37
N THR I 171 11.41 -77.14 -12.79
CA THR I 171 10.12 -77.58 -12.24
C THR I 171 10.33 -78.37 -10.96
N TYR I 172 9.28 -78.54 -10.18
CA TYR I 172 9.29 -79.09 -8.83
C TYR I 172 8.68 -80.51 -8.75
N SER I 173 8.91 -81.18 -7.63
CA SER I 173 8.63 -82.60 -7.41
C SER I 173 8.33 -82.89 -5.94
N LEU I 174 7.64 -83.97 -5.62
CA LEU I 174 7.52 -84.49 -4.25
C LEU I 174 7.27 -85.99 -4.25
N SER I 175 7.39 -86.61 -3.07
CA SER I 175 6.94 -87.98 -2.83
C SER I 175 6.24 -88.11 -1.48
N SER I 176 5.22 -88.98 -1.41
CA SER I 176 4.49 -89.32 -0.20
C SER I 176 4.65 -90.81 0.13
N THR I 177 4.80 -91.12 1.42
CA THR I 177 4.81 -92.49 1.98
C THR I 177 3.56 -92.72 2.81
N LEU I 178 2.71 -93.66 2.39
CA LEU I 178 1.64 -94.23 3.20
C LEU I 178 2.17 -95.52 3.84
N THR I 179 2.66 -95.44 5.08
CA THR I 179 3.27 -96.58 5.78
C THR I 179 2.22 -97.32 6.62
N LEU I 180 2.23 -98.65 6.58
CA LEU I 180 1.20 -99.53 7.14
C LEU I 180 1.85 -100.83 7.71
N SER I 181 1.19 -101.55 8.62
CA SER I 181 1.58 -102.93 8.93
C SER I 181 1.24 -103.89 7.78
N LYS I 182 1.78 -105.13 7.79
CA LYS I 182 1.39 -106.16 6.81
C LYS I 182 -0.14 -106.34 6.78
N ALA I 183 -0.75 -106.50 7.95
CA ALA I 183 -2.22 -106.60 8.09
C ALA I 183 -2.96 -105.38 7.55
N ASP I 184 -2.51 -104.16 7.86
CA ASP I 184 -3.14 -102.93 7.39
C ASP I 184 -3.03 -102.70 5.87
N TYR I 185 -1.92 -103.11 5.25
CA TYR I 185 -1.81 -103.06 3.79
C TYR I 185 -2.72 -104.11 3.13
N GLU I 186 -2.61 -105.37 3.56
CA GLU I 186 -3.40 -106.48 3.01
C GLU I 186 -4.92 -106.36 3.25
N LYS I 187 -5.37 -105.43 4.12
CA LYS I 187 -6.76 -105.06 4.33
C LYS I 187 -7.49 -104.51 3.08
N HIS I 188 -6.77 -103.97 2.09
CA HIS I 188 -7.37 -103.41 0.87
C HIS I 188 -6.78 -104.00 -0.42
N LYS I 189 -7.61 -104.09 -1.47
CA LYS I 189 -7.35 -104.90 -2.68
C LYS I 189 -6.57 -104.15 -3.78
N VAL I 190 -6.60 -102.81 -3.78
CA VAL I 190 -5.76 -101.93 -4.62
C VAL I 190 -5.41 -100.66 -3.85
N TYR I 191 -4.27 -100.05 -4.19
CA TYR I 191 -3.87 -98.74 -3.67
C TYR I 191 -3.64 -97.76 -4.82
N ALA I 192 -4.08 -96.52 -4.60
CA ALA I 192 -4.05 -95.43 -5.55
C ALA I 192 -3.74 -94.11 -4.84
N CYS I 193 -3.20 -93.16 -5.59
CA CYS I 193 -2.96 -91.79 -5.14
C CYS I 193 -3.49 -90.85 -6.20
N GLU I 194 -4.23 -89.83 -5.79
CA GLU I 194 -4.82 -88.82 -6.67
C GLU I 194 -4.40 -87.41 -6.25
N VAL I 195 -4.40 -86.50 -7.21
CA VAL I 195 -3.56 -85.30 -7.17
C VAL I 195 -4.34 -84.03 -7.47
N THR I 196 -4.08 -82.97 -6.70
CA THR I 196 -4.55 -81.59 -6.94
C THR I 196 -3.39 -80.72 -7.42
N HIS I 197 -3.58 -79.93 -8.48
CA HIS I 197 -2.65 -78.89 -8.99
C HIS I 197 -3.36 -77.92 -9.97
N GLN I 198 -3.39 -76.62 -9.66
CA GLN I 198 -4.07 -75.57 -10.46
C GLN I 198 -5.52 -75.92 -10.86
N GLY I 199 -6.32 -76.43 -9.92
CA GLY I 199 -7.69 -76.90 -10.17
C GLY I 199 -8.42 -77.35 -8.93
C1 NAG J . -70.07 3.68 -16.41
C2 NAG J . -70.03 5.22 -16.42
C3 NAG J . -70.87 5.74 -15.23
C4 NAG J . -72.29 5.15 -15.18
C5 NAG J . -72.26 3.61 -15.30
C6 NAG J . -73.64 2.97 -15.47
C7 NAG J . -67.99 6.35 -17.23
C8 NAG J . -66.49 6.54 -17.02
N2 NAG J . -68.65 5.69 -16.28
O3 NAG J . -70.92 7.18 -15.32
O4 NAG J . -72.90 5.47 -13.86
O5 NAG J . -71.44 3.22 -16.46
O6 NAG J . -73.48 1.59 -15.85
O7 NAG J . -68.56 6.78 -18.22
H1 NAG J . -69.59 3.29 -15.51
H2 NAG J . -70.47 5.57 -17.35
H3 NAG J . -70.36 5.47 -14.31
H4 NAG J . -72.90 5.56 -15.98
H5 NAG J . -71.79 3.20 -14.40
H61 NAG J . -74.19 3.48 -16.24
H62 NAG J . -74.20 3.02 -14.54
H81 NAG J . -65.95 5.88 -17.68
H82 NAG J . -66.20 7.55 -17.24
H83 NAG J . -66.21 6.32 -16.00
HN2 NAG J . -68.13 5.36 -15.49
HO3 NAG J . -70.03 7.52 -15.35
HO6 NAG J . -72.83 1.55 -16.52
C1 NAG J . -74.18 6.19 -13.79
C2 NAG J . -74.07 7.65 -14.30
C3 NAG J . -75.47 8.32 -14.34
C4 NAG J . -76.51 7.45 -15.05
C5 NAG J . -76.57 6.05 -14.43
C6 NAG J . -77.54 5.10 -15.13
C7 NAG J . -72.51 9.50 -13.82
C8 NAG J . -71.50 10.07 -12.83
N2 NAG J . -73.18 8.42 -13.42
O3 NAG J . -75.41 9.58 -15.04
O4 NAG J . -77.78 8.11 -14.90
O5 NAG J . -75.21 5.45 -14.50
O6 NAG J . -77.37 3.80 -14.55
O7 NAG J . -72.73 10.02 -14.90
H1 NAG J . -74.46 6.22 -12.73
H2 NAG J . -73.67 7.65 -15.31
H3 NAG J . -75.79 8.50 -13.32
H4 NAG J . -76.26 7.36 -16.11
H5 NAG J . -76.85 6.13 -13.38
H61 NAG J . -78.56 5.43 -15.01
H62 NAG J . -77.30 5.05 -16.19
H81 NAG J . -71.55 11.14 -12.82
H82 NAG J . -70.51 9.78 -13.12
H83 NAG J . -71.68 9.72 -11.83
HN2 NAG J . -72.99 8.04 -12.51
HO3 NAG J . -74.53 9.94 -14.99
HO4 NAG J . -77.63 9.03 -15.09
HO6 NAG J . -76.45 3.66 -14.44
C1 NAG K . -66.02 -15.04 10.23
C2 NAG K . -66.97 -14.43 11.28
C3 NAG K . -68.44 -14.63 10.88
C4 NAG K . -68.69 -14.13 9.46
C5 NAG K . -67.72 -14.73 8.44
C6 NAG K . -67.89 -14.10 7.05
C7 NAG K . -65.91 -14.44 13.49
C8 NAG K . -65.81 -15.15 14.85
N2 NAG K . -66.72 -15.01 12.60
O3 NAG K . -69.33 -13.93 11.79
O4 NAG K . -70.05 -14.54 9.12
O5 NAG K . -66.33 -14.51 8.90
O6 NAG K . -67.37 -12.76 7.05
O7 NAG K . -65.28 -13.42 13.24
H1 NAG K . -66.13 -16.12 10.21
H2 NAG K . -66.78 -13.35 11.31
H3 NAG K . -68.66 -15.69 10.93
H4 NAG K . -68.59 -13.04 9.45
H5 NAG K . -67.90 -15.79 8.37
H61 NAG K . -67.37 -14.69 6.30
H62 NAG K . -68.94 -14.08 6.77
H81 NAG K . -65.53 -16.18 14.71
H82 NAG K . -66.77 -15.13 15.33
H83 NAG K . -65.09 -14.66 15.47
HN2 NAG K . -67.16 -15.88 12.83
HO3 NAG K . -70.10 -13.66 11.31
HO6 NAG K . -66.45 -12.80 7.29
C1 NAG K . -70.97 -13.43 8.87
C2 NAG K . -72.31 -14.01 8.38
C3 NAG K . -73.31 -12.86 8.17
C4 NAG K . -73.51 -12.08 9.47
C5 NAG K . -72.18 -11.56 10.05
C6 NAG K . -72.34 -10.98 11.46
C7 NAG K . -72.22 -16.10 7.06
C8 NAG K . -71.90 -16.70 5.68
N2 NAG K . -72.13 -14.77 7.15
O3 NAG K . -74.59 -13.36 7.72
O4 NAG K . -74.37 -10.96 9.15
O5 NAG K . -71.19 -12.67 10.10
O6 NAG K . -72.68 -12.02 12.39
O7 NAG K . -72.56 -16.79 8.01
H1 NAG K . -70.55 -12.78 8.11
H2 NAG K . -72.70 -14.67 9.16
H3 NAG K . -72.91 -12.20 7.40
H4 NAG K . -74.01 -12.71 10.19
H5 NAG K . -71.80 -10.79 9.39
H61 NAG K . -71.42 -10.52 11.78
H62 NAG K . -73.12 -10.22 11.47
H81 NAG K . -71.45 -17.63 5.79
H82 NAG K . -72.78 -16.81 5.13
H83 NAG K . -71.25 -16.08 5.14
HN2 NAG K . -71.82 -14.26 6.33
HO3 NAG K . -74.48 -13.93 6.98
HO4 NAG K . -75.11 -11.31 8.68
HO6 NAG K . -72.85 -11.63 13.24
C1 NAG L . 22.54 31.09 39.65
C2 NAG L . 23.53 29.92 39.61
C3 NAG L . 23.04 28.82 40.56
C4 NAG L . 22.85 29.34 41.99
C5 NAG L . 22.05 30.66 42.01
C6 NAG L . 22.06 31.38 43.36
C7 NAG L . 24.90 29.14 37.73
C8 NAG L . 24.94 28.77 36.24
N2 NAG L . 23.70 29.39 38.25
O3 NAG L . 23.98 27.70 40.56
O4 NAG L . 22.02 28.36 42.74
O5 NAG L . 22.55 31.63 40.99
O6 NAG L . 23.32 32.02 43.54
O7 NAG L . 25.91 29.19 38.41
H1 NAG L . 21.54 30.74 39.41
H2 NAG L . 24.50 30.29 39.97
H3 NAG L . 22.09 28.44 40.19
H4 NAG L . 23.82 29.48 42.48
H5 NAG L . 21.02 30.43 41.76
H61 NAG L . 21.27 32.13 43.38
H62 NAG L . 21.87 30.69 44.18
H81 NAG L . 24.56 29.58 35.65
H82 NAG L . 24.36 27.90 36.06
H83 NAG L . 25.96 28.58 35.96
HN2 NAG L . 22.88 29.31 37.67
HO3 NAG L . 24.19 27.46 39.66
HO6 NAG L . 23.54 32.45 42.71
C1 NAG L . 22.57 27.66 43.92
C2 NAG L . 23.60 26.56 43.57
C3 NAG L . 24.10 25.87 44.86
C4 NAG L . 24.54 26.91 45.93
C5 NAG L . 23.51 28.02 46.16
C6 NAG L . 24.03 29.15 47.05
C7 NAG L . 23.68 24.80 41.85
C8 NAG L . 22.86 23.96 40.86
N2 NAG L . 22.99 25.58 42.66
O3 NAG L . 25.23 25.01 44.57
O4 NAG L . 24.73 26.20 47.18
O5 NAG L . 23.13 28.62 44.87
O6 NAG L . 24.36 28.67 48.35
O7 NAG L . 24.90 24.74 41.90
H1 NAG L . 21.72 27.18 44.41
H2 NAG L . 24.44 27.03 43.07
H3 NAG L . 23.29 25.28 45.26
H4 NAG L . 25.49 27.35 45.63
H5 NAG L . 22.62 27.59 46.61
H61 NAG L . 23.28 29.92 47.15
H62 NAG L . 24.90 29.60 46.62
H81 NAG L . 21.93 23.87 41.09
H82 NAG L . 22.89 24.32 39.97
H83 NAG L . 23.19 23.06 40.80
HN2 NAG L . 21.99 25.56 42.63
HO3 NAG L . 25.21 24.75 43.65
HO4 NAG L . 24.76 26.85 47.86
HO6 NAG L . 24.52 29.40 48.89
C1 NAG M . -62.73 -34.98 8.01
C2 NAG M . -62.66 -35.30 9.48
C3 NAG M . -62.18 -36.71 9.66
C4 NAG M . -63.09 -37.69 8.95
C5 NAG M . -63.16 -37.26 7.49
C6 NAG M . -64.14 -38.03 6.64
C7 NAG M . -61.04 -34.43 11.14
C8 NAG M . -61.75 -34.12 12.42
N2 NAG M . -61.77 -34.30 10.05
O3 NAG M . -62.20 -37.08 11.04
O4 NAG M . -62.36 -38.91 9.10
O5 NAG M . -63.58 -35.93 7.38
O6 NAG M . -65.43 -37.46 6.86
O7 NAG M . -59.88 -34.77 11.09
C1 NAG M . -63.11 -40.14 9.14
C2 NAG M . -64.24 -40.09 10.15
C3 NAG M . -65.06 -41.37 10.10
C4 NAG M . -65.47 -41.72 8.69
C5 NAG M . -64.29 -41.72 7.74
C6 NAG M . -64.74 -41.81 6.30
C7 NAG M . -64.22 -38.98 12.29
C8 NAG M . -63.60 -38.90 13.65
N2 NAG M . -63.73 -39.92 11.48
O3 NAG M . -66.25 -41.18 10.88
O4 NAG M . -66.07 -43.02 8.69
O5 NAG M . -63.56 -40.51 7.84
O6 NAG M . -63.58 -41.66 5.48
O7 NAG M . -65.10 -38.22 11.93
C1 NAG N . -53.77 2.09 7.04
C2 NAG N . -55.23 2.46 7.29
C3 NAG N . -55.51 3.89 6.86
C4 NAG N . -54.56 4.84 7.57
C5 NAG N . -53.12 4.41 7.31
C6 NAG N . -52.16 5.23 8.17
C7 NAG N . -56.57 0.44 7.15
C8 NAG N . -56.96 -0.66 6.21
N2 NAG N . -56.13 1.56 6.59
O3 NAG N . -56.85 4.23 7.23
O4 NAG N . -54.74 6.14 7.02
O5 NAG N . -52.94 3.05 7.69
O6 NAG N . -50.91 4.56 8.26
O7 NAG N . -56.66 0.31 8.36
C1 NAG N . -54.83 7.10 8.10
C2 NAG N . -54.41 8.48 7.63
C3 NAG N . -54.41 9.41 8.83
C4 NAG N . -55.79 9.39 9.47
C5 NAG N . -56.15 7.97 9.86
C6 NAG N . -57.54 7.90 10.47
C7 NAG N . -52.93 8.54 5.70
C8 NAG N . -51.51 8.49 5.22
N2 NAG N . -53.09 8.46 7.02
O3 NAG N . -54.09 10.74 8.41
O4 NAG N . -55.79 10.22 10.63
O5 NAG N . -56.11 7.12 8.71
O6 NAG N . -57.79 6.56 10.92
O7 NAG N . -53.86 8.65 4.93
C1 NAG O . -46.27 18.91 -4.01
C2 NAG O . -47.57 19.71 -4.03
C3 NAG O . -47.32 21.20 -4.18
C4 NAG O . -46.35 21.69 -3.12
C5 NAG O . -45.08 20.84 -3.13
C6 NAG O . -44.21 21.19 -1.93
C7 NAG O . -48.10 19.04 -6.34
C8 NAG O . -48.70 17.82 -6.98
N2 NAG O . -48.47 19.25 -5.08
O3 NAG O . -48.57 21.89 -4.05
O4 NAG O . -46.00 23.04 -3.42
O5 NAG O . -45.40 19.46 -3.02
O6 NAG O . -44.81 20.64 -0.76
O7 NAG O . -47.33 19.77 -6.94
C1 NAG O . -46.15 23.83 -2.22
C2 NAG O . -45.69 25.26 -2.50
C3 NAG O . -45.84 26.11 -1.25
C4 NAG O . -47.27 26.02 -0.76
C5 NAG O . -47.67 24.56 -0.54
C6 NAG O . -49.14 24.48 -0.14
C7 NAG O . -43.35 24.53 -2.48
C8 NAG O . -42.57 23.76 -3.51
N2 NAG O . -44.32 25.30 -2.97
O3 NAG O . -45.52 27.47 -1.55
O4 NAG O . -47.40 26.74 0.48
O5 NAG O . -47.48 23.81 -1.74
O6 NAG O . -49.95 24.90 -1.24
O7 NAG O . -43.11 24.45 -1.29
C1 NAG P . -37.05 -40.43 -2.60
C2 NAG P . -37.94 -41.66 -2.50
C3 NAG P . -38.17 -42.04 -1.05
C4 NAG P . -36.83 -42.23 -0.36
C5 NAG P . -35.97 -41.00 -0.52
C6 NAG P . -34.56 -41.24 0.00
C7 NAG P . -39.37 -41.67 -4.45
C8 NAG P . -40.19 -40.67 -5.22
N2 NAG P . -39.21 -41.41 -3.16
O3 NAG P . -38.91 -43.25 -0.99
O4 NAG P . -37.07 -42.46 1.03
O5 NAG P . -35.84 -40.67 -1.90
O6 NAG P . -33.69 -40.26 -0.56
O7 NAG P . -38.87 -42.64 -4.98
C1 NAG P . -36.21 -43.52 1.47
C2 NAG P . -36.41 -43.76 2.96
C3 NAG P . -35.47 -44.85 3.45
C4 NAG P . -35.70 -46.11 2.61
C5 NAG P . -35.51 -45.78 1.12
C6 NAG P . -35.81 -47.00 0.27
C7 NAG P . -35.18 -41.75 3.72
C8 NAG P . -35.32 -40.48 4.50
N2 NAG P . -36.25 -42.55 3.75
O3 NAG P . -35.73 -45.15 4.82
O4 NAG P . -34.76 -47.11 2.98
O5 NAG P . -36.40 -44.73 0.74
O6 NAG P . -37.21 -47.32 0.37
O7 NAG P . -34.15 -42.02 3.13
C1 NAG Q . -32.94 -33.67 17.85
C2 NAG Q . -33.83 -34.56 18.68
C3 NAG Q . -33.22 -34.67 20.05
C4 NAG Q . -31.80 -35.19 19.99
C5 NAG Q . -31.00 -34.27 19.09
C6 NAG Q . -29.60 -34.76 18.79
C7 NAG Q . -36.25 -34.53 18.71
C8 NAG Q . -37.45 -33.73 19.11
N2 NAG Q . -35.10 -33.90 18.85
O3 NAG Q . -34.01 -35.56 20.82
O4 NAG Q . -31.36 -35.07 21.34
O5 NAG Q . -31.62 -34.17 17.82
O6 NAG Q . -29.69 -35.72 17.74
O7 NAG Q . -36.32 -35.66 18.32
C1 NAG Q . -30.52 -36.16 21.79
C2 NAG Q . -30.92 -37.45 21.09
C3 NAG Q . -29.98 -38.58 21.46
C4 NAG Q . -28.53 -38.15 21.32
C5 NAG Q . -28.22 -36.84 22.02
C6 NAG Q . -26.83 -36.36 21.66
C7 NAG Q . -32.76 -38.94 21.82
C8 NAG Q . -32.69 -39.31 23.27
N2 NAG Q . -32.27 -37.74 21.52
O3 NAG Q . -30.17 -39.66 20.53
O4 NAG Q . -27.70 -39.16 21.91
O5 NAG Q . -29.15 -35.82 21.66
O6 NAG Q . -26.83 -35.95 20.29
O7 NAG Q . -33.24 -39.68 20.98
C1 NAG R . -51.29 -34.07 -36.35
C2 NAG R . -50.69 -34.85 -37.52
C3 NAG R . -50.90 -34.09 -38.83
C4 NAG R . -52.39 -33.83 -39.02
C5 NAG R . -52.93 -33.09 -37.81
C6 NAG R . -54.44 -32.89 -37.92
C7 NAG R . -48.41 -34.26 -36.76
C8 NAG R . -48.12 -33.01 -37.52
N2 NAG R . -49.27 -35.11 -37.34
O3 NAG R . -50.39 -34.87 -39.91
O4 NAG R . -52.60 -33.04 -40.19
O5 NAG R . -52.66 -33.83 -36.62
O6 NAG R . -55.08 -34.17 -37.90
O7 NAG R . -47.88 -34.52 -35.70
C1 NAG R . -53.31 -33.82 -41.17
C2 NAG R . -54.25 -32.93 -41.98
C3 NAG R . -55.01 -33.78 -42.98
C4 NAG R . -54.00 -34.51 -43.86
C5 NAG R . -53.07 -35.34 -42.99
C6 NAG R . -52.01 -36.02 -43.85
C7 NAG R . -55.05 -31.00 -40.75
C8 NAG R . -56.16 -30.42 -39.92
N2 NAG R . -55.21 -32.26 -41.11
O3 NAG R . -55.84 -32.95 -43.79
O4 NAG R . -54.70 -35.36 -44.77
O5 NAG R . -52.42 -34.49 -42.04
O6 NAG R . -51.18 -35.03 -44.44
O7 NAG R . -54.09 -30.34 -41.08
C1 NAG S . 38.95 31.50 -19.95
C2 NAG S . 38.90 32.00 -18.47
C3 NAG S . 38.21 33.38 -18.41
C4 NAG S . 38.85 34.39 -19.38
C5 NAG S . 38.93 33.85 -20.82
C6 NAG S . 39.74 34.75 -21.74
C7 NAG S . 38.39 30.93 -16.31
C8 NAG S . 37.58 29.83 -15.59
N2 NAG S . 38.20 31.04 -17.63
O3 NAG S . 38.31 33.92 -17.06
O4 NAG S . 38.17 35.72 -19.38
O5 NAG S . 39.58 32.51 -20.80
O6 NAG S . 39.85 34.10 -23.02
O7 NAG S . 39.13 31.69 -15.71
H1 NAG S . 37.94 31.30 -20.31
H2 NAG S . 39.92 32.11 -18.11
H3 NAG S . 37.16 33.24 -18.65
H4 NAG S . 39.88 34.55 -19.05
H5 NAG S . 37.92 33.73 -21.21
H61 NAG S . 40.74 34.91 -21.34
H62 NAG S . 39.27 35.72 -21.86
H81 NAG S . 36.74 30.22 -15.18
H82 NAG S . 38.13 29.40 -14.85
H83 NAG S . 37.30 29.10 -16.23
HN2 NAG S . 37.59 30.39 -18.08
HO3 NAG S . 38.51 33.23 -16.45
HO6 NAG S . 40.02 33.19 -22.86
C1 NAG S . 36.72 35.84 -19.63
C2 NAG S . 36.34 37.29 -20.03
C3 NAG S . 36.57 38.25 -18.85
C4 NAG S . 35.86 37.77 -17.57
C5 NAG S . 36.20 36.31 -17.23
C6 NAG S . 35.37 35.72 -16.08
C7 NAG S . 36.72 37.50 -22.46
C8 NAG S . 37.56 38.14 -23.57
N2 NAG S . 37.12 37.72 -21.21
O3 NAG S . 36.10 39.58 -19.17
O4 NAG S . 36.32 38.60 -16.48
O5 NAG S . 35.97 35.47 -18.43
O6 NAG S . 35.68 36.45 -14.86
O7 NAG S . 35.72 36.83 -22.71
H1 NAG S . 36.44 35.18 -20.44
H2 NAG S . 35.29 37.30 -20.29
H3 NAG S . 37.64 38.31 -18.65
H4 NAG S . 34.79 37.88 -17.67
H5 NAG S . 37.25 36.26 -16.97
H61 NAG S . 35.63 34.68 -15.94
H62 NAG S . 34.32 35.79 -16.28
H81 NAG S . 38.37 37.47 -23.85
H82 NAG S . 37.99 39.08 -23.23
H83 NAG S . 36.96 38.33 -24.44
HN2 NAG S . 37.97 38.21 -21.04
HO3 NAG S . 36.20 40.12 -18.38
HO4 NAG S . 36.13 38.13 -15.68
HO6 NAG S . 35.32 35.98 -14.13
C1 NAG T . -39.55 -7.86 -36.19
C2 NAG T . -40.38 -7.70 -37.49
C3 NAG T . -39.67 -8.40 -38.65
C4 NAG T . -38.28 -7.78 -38.82
C5 NAG T . -37.44 -7.99 -37.58
C6 NAG T . -36.09 -7.28 -37.64
C7 NAG T . -42.76 -7.41 -36.99
C8 NAG T . -44.11 -8.07 -36.76
N2 NAG T . -41.74 -8.21 -37.30
O3 NAG T . -40.44 -8.19 -39.87
O4 NAG T . -37.51 -8.27 -39.99
O5 NAG T . -38.17 -7.44 -36.42
O6 NAG T . -35.42 -7.47 -36.38
O7 NAG T . -42.60 -6.20 -36.89
H1 NAG T . -39.57 -8.89 -35.85
H2 NAG T . -40.42 -6.64 -37.73
H3 NAG T . -39.60 -9.46 -38.46
H4 NAG T . -38.41 -6.71 -38.96
H5 NAG T . -37.29 -9.06 -37.42
H61 NAG T . -36.20 -6.23 -37.83
H62 NAG T . -35.48 -7.71 -38.43
H81 NAG T . -44.55 -8.27 -37.54
H82 NAG T . -44.72 -7.55 -36.29
H83 NAG T . -44.08 -8.86 -36.29
HN2 NAG T . -41.91 -9.19 -37.41
HO3 NAG T . -40.00 -8.64 -40.59
HO6 NAG T . -35.92 -7.01 -35.74
C1 NAG T . -37.71 -9.58 -40.63
C2 NAG T . -36.40 -10.01 -41.33
C3 NAG T . -36.03 -8.96 -42.38
C4 NAG T . -37.16 -8.86 -43.42
C5 NAG T . -38.53 -8.56 -42.77
C6 NAG T . -39.73 -8.70 -43.72
C7 NAG T . -35.18 -11.28 -39.63
C8 NAG T . -34.04 -11.28 -38.60
N2 NAG T . -35.34 -10.15 -40.33
O3 NAG T . -34.79 -9.31 -43.04
O4 NAG T . -36.83 -7.79 -44.33
O5 NAG T . -38.79 -9.47 -41.63
O6 NAG T . -39.71 -7.65 -44.69
O7 NAG T . -35.92 -12.23 -39.78
H1 NAG T . -37.99 -10.31 -39.88
H2 NAG T . -36.56 -10.97 -41.81
H3 NAG T . -35.90 -7.99 -41.90
H4 NAG T . -37.23 -9.79 -43.98
H5 NAG T . -38.52 -7.54 -42.39
H61 NAG T . -40.66 -8.63 -43.15
H62 NAG T . -39.71 -9.66 -44.22
H81 NAG T . -33.12 -10.99 -39.08
H82 NAG T . -33.91 -12.27 -38.18
H83 NAG T . -34.26 -10.59 -37.82
HN2 NAG T . -34.66 -9.43 -40.26
HO3 NAG T . -34.67 -8.70 -43.75
HO4 NAG T . -37.61 -7.57 -44.83
HO6 NAG T . -40.52 -7.65 -45.16
C1 NAG U . -23.30 -22.02 -38.65
C2 NAG U . -23.78 -22.66 -39.97
C3 NAG U . -22.62 -22.81 -40.95
C4 NAG U . -21.92 -21.46 -41.18
C5 NAG U . -21.42 -20.86 -39.86
C6 NAG U . -20.84 -19.45 -40.09
C7 NAG U . -25.60 -24.31 -40.05
C8 NAG U . -26.02 -25.74 -39.74
N2 NAG U . -24.36 -23.97 -39.72
O3 NAG U . -23.13 -23.31 -42.21
O4 NAG U . -20.82 -21.56 -42.16
O5 NAG U . -22.55 -20.78 -38.91
O6 NAG U . -20.59 -18.81 -38.84
O7 NAG U . -26.35 -23.53 -40.62
H1 NAG U . -22.66 -22.71 -38.12
H2 NAG U . -24.52 -22.00 -40.42
H3 NAG U . -21.91 -23.53 -40.54
H4 NAG U . -22.65 -20.77 -41.59
H5 NAG U . -20.65 -21.50 -39.42
H61 NAG U . -21.55 -18.85 -40.65
H62 NAG U . -19.91 -19.52 -40.64
H81 NAG U . -27.03 -25.91 -40.04
H82 NAG U . -25.94 -25.91 -38.68
H83 NAG U . -25.37 -26.43 -40.25
HN2 NAG U . -23.80 -24.65 -39.23
HO3 NAG U . -23.61 -24.11 -42.06
HO6 NAG U . -20.03 -19.37 -38.31
C1 NAG U . -19.67 -22.45 -41.95
C2 NAG U . -18.49 -22.01 -42.81
C3 NAG U . -18.87 -22.11 -44.28
C4 NAG U . -19.16 -23.57 -44.62
C5 NAG U . -20.24 -24.19 -43.70
C6 NAG U . -20.29 -25.72 -43.79
C7 NAG U . -17.16 -20.43 -41.50
C8 NAG U . -16.76 -18.98 -41.26
N2 NAG U . -18.07 -20.66 -42.46
O3 NAG U . -17.78 -21.65 -45.13
O4 NAG U . -19.64 -23.59 -45.98
O5 NAG U . -19.99 -23.85 -42.28
O6 NAG U . -20.58 -26.11 -45.14
O7 NAG U . -16.68 -21.36 -40.85
H1 NAG U . -19.37 -22.41 -40.89
H2 NAG U . -17.66 -22.69 -42.62
H3 NAG U . -19.74 -21.50 -44.49
H4 NAG U . -18.25 -24.16 -44.55
H5 NAG U . -21.21 -23.79 -43.99
H61 NAG U . -21.06 -26.11 -43.12
H62 NAG U . -19.33 -26.15 -43.50
H81 NAG U . -15.77 -18.82 -41.57
H82 NAG U . -16.83 -18.75 -40.24
H83 NAG U . -17.38 -18.31 -41.80
HN2 NAG U . -18.44 -19.89 -42.99
HO3 NAG U . -17.99 -21.88 -46.02
HO4 NAG U . -20.00 -24.47 -46.13
HO6 NAG U . -20.73 -27.05 -45.16
C1 NAG V . -61.07 -1.92 -33.51
C2 NAG V . -60.74 -1.52 -34.92
C3 NAG V . -61.52 -2.43 -35.85
C4 NAG V . -61.28 -3.88 -35.51
C5 NAG V . -61.57 -4.16 -34.03
C6 NAG V . -61.14 -5.53 -33.53
C7 NAG V . -60.26 0.88 -34.73
C8 NAG V . -60.70 2.26 -35.11
N2 NAG V . -61.02 -0.12 -35.17
O3 NAG V . -61.15 -2.17 -37.20
O4 NAG V . -62.23 -4.54 -36.33
O5 NAG V . -60.83 -3.28 -33.21
O6 NAG V . -59.72 -5.62 -33.55
O7 NAG V . -59.24 0.74 -34.07
H1 NAG V . -60.69 -1.24 -32.76
H2 NAG V . -59.66 -1.72 -35.10
H3 NAG V . -62.59 -2.23 -35.70
H4 NAG V . -60.24 -4.15 -35.75
H5 NAG V . -62.65 -4.03 -33.86
H61 NAG V . -61.57 -6.33 -34.15
H62 NAG V . -61.50 -5.66 -32.51
H81 NAG V . -61.75 2.35 -34.95
H82 NAG V . -60.49 2.43 -36.13
H83 NAG V . -60.20 2.97 -34.52
HN2 NAG V . -61.85 0.10 -35.71
HO3 NAG V . -61.52 -2.86 -37.77
HO6 NAG V . -59.33 -4.78 -33.27
C1 NAG V . -61.76 -5.75 -36.95
C2 NAG V . -62.95 -6.39 -37.66
C3 NAG V . -62.52 -7.68 -38.33
C4 NAG V . -61.40 -7.35 -39.30
C5 NAG V . -60.26 -6.68 -38.55
C6 NAG V . -59.13 -6.30 -39.48
C7 NAG V . -64.05 -6.97 -35.51
C8 NAG V . -63.59 -8.37 -35.21
N2 NAG V . -64.10 -6.61 -36.79
O3 NAG V . -63.62 -8.27 -39.03
O4 NAG V . -60.92 -8.55 -39.92
O5 NAG V . -60.74 -5.50 -37.91
O6 NAG V . -58.07 -5.70 -38.71
O7 NAG V . -64.39 -6.20 -34.62
C1 NAG W . -48.13 -44.49 -19.72
C2 NAG W . -48.10 -46.00 -19.64
C3 NAG W . -49.50 -46.57 -19.78
C4 NAG W . -50.41 -45.94 -18.75
C5 NAG W . -50.37 -44.42 -18.88
C6 NAG W . -51.23 -43.70 -17.83
C7 NAG W . -45.91 -46.58 -20.57
C8 NAG W . -45.19 -47.17 -21.74
N2 NAG W . -47.24 -46.54 -20.68
O3 NAG W . -49.46 -47.98 -19.61
O4 NAG W . -51.75 -46.42 -18.98
O5 NAG W . -49.02 -43.96 -18.72
O6 NAG W . -50.71 -43.94 -16.53
O7 NAG W . -45.31 -46.15 -19.60
H1 NAG W . -48.46 -44.19 -20.72
H2 NAG W . -47.72 -46.30 -18.66
H3 NAG W . -49.90 -46.33 -20.78
H4 NAG W . -50.05 -46.23 -17.76
H5 NAG W . -50.75 -44.14 -19.87
H61 NAG W . -52.26 -44.04 -17.89
H62 NAG W . -51.21 -42.64 -18.04
H81 NAG W . -45.65 -48.08 -22.04
H82 NAG W . -44.18 -47.37 -21.47
H83 NAG W . -45.21 -46.49 -22.56
HN2 NAG W . -47.67 -46.91 -21.51
HO3 NAG W . -50.36 -48.34 -19.61
HO6 NAG W . -51.45 -44.02 -15.90
C1 NAG W . -52.30 -47.05 -17.82
C2 NAG W . -53.81 -47.18 -18.02
C3 NAG W . -54.43 -47.88 -16.81
C4 NAG W . -53.74 -49.20 -16.56
C5 NAG W . -52.23 -49.00 -16.44
C6 NAG W . -51.46 -50.32 -16.30
C7 NAG W . -54.61 -45.31 -19.39
C8 NAG W . -55.20 -43.93 -19.35
N2 NAG W . -54.41 -45.88 -18.20
O3 NAG W . -55.82 -48.09 -17.05
O4 NAG W . -54.28 -49.77 -15.36
O5 NAG W . -51.74 -48.34 -17.60
O6 NAG W . -51.52 -51.04 -17.53
O7 NAG W . -54.33 -45.84 -20.46
H1 NAG W . -52.16 -46.41 -16.93
H2 NAG W . -53.98 -47.82 -18.90
H3 NAG W . -54.30 -47.24 -15.93
H4 NAG W . -53.94 -49.87 -17.41
H5 NAG W . -52.03 -48.40 -15.54
H61 NAG W . -51.87 -50.92 -15.49
H62 NAG W . -50.42 -50.09 -16.06
H81 NAG W . -55.18 -43.52 -20.33
H82 NAG W . -54.62 -43.32 -18.70
H83 NAG W . -56.20 -43.98 -19.01
HN2 NAG W . -54.68 -45.37 -17.38
HO3 NAG W . -56.17 -48.68 -16.38
HO4 NAG W . -54.40 -50.73 -15.48
HO6 NAG W . -51.08 -51.90 -17.41
C1 NAG X . 16.97 32.74 -37.10
C2 NAG X . 16.44 33.52 -35.87
C3 NAG X . 15.44 34.59 -36.33
C4 NAG X . 16.05 35.50 -37.39
C5 NAG X . 16.61 34.71 -38.58
C6 NAG X . 17.42 35.57 -39.56
C7 NAG X . 16.37 32.30 -33.74
C8 NAG X . 15.54 31.38 -32.82
N2 NAG X . 15.81 32.64 -34.90
O3 NAG X . 15.02 35.42 -35.21
O4 NAG X . 15.00 36.38 -37.86
O5 NAG X . 17.51 33.64 -38.11
O6 NAG X . 18.71 35.83 -39.00
O7 NAG X . 17.47 32.72 -33.41
H1 NAG X . 16.18 32.14 -37.53
H2 NAG X . 17.28 34.04 -35.40
H3 NAG X . 14.56 34.10 -36.74
H4 NAG X . 16.85 36.10 -36.96
H5 NAG X . 15.78 34.25 -39.13
H61 NAG X . 16.91 36.49 -39.78
H62 NAG X . 17.56 35.02 -40.49
H81 NAG X . 15.63 31.63 -31.87
H82 NAG X . 15.83 30.45 -32.90
H83 NAG X . 14.58 31.41 -33.02
HN2 NAG X . 14.93 32.23 -35.13
HO3 NAG X . 14.61 34.88 -34.54
HO4 NAG X . 14.60 36.74 -37.09
HO6 NAG X . 19.10 34.99 -38.75
C1 NAG Y . 50.03 18.13 -44.82
C2 NAG Y . 51.40 17.88 -45.51
C3 NAG Y . 52.56 17.95 -44.48
C4 NAG Y . 52.53 19.31 -43.77
C5 NAG Y . 51.18 19.52 -43.07
C6 NAG Y . 51.02 20.89 -42.42
C7 NAG Y . 51.14 15.44 -45.80
C8 NAG Y . 51.03 14.30 -46.82
N2 NAG Y . 51.42 16.64 -46.29
O3 NAG Y . 53.85 17.80 -45.14
O4 NAG Y . 53.58 19.34 -42.79
O5 NAG Y . 50.08 19.38 -44.06
O6 NAG Y . 49.69 20.96 -41.89
O7 NAG Y . 51.01 15.25 -44.59
H1 NAG Y . 49.77 17.31 -44.15
H2 NAG Y . 51.56 18.69 -46.23
H3 NAG Y . 52.44 17.16 -43.75
H4 NAG Y . 52.69 20.11 -44.50
H5 NAG Y . 51.06 18.76 -42.31
H61 NAG Y . 51.15 21.67 -43.17
H62 NAG Y . 51.74 21.04 -41.63
H81 NAG Y . 50.02 14.29 -47.21
H82 NAG Y . 51.25 13.36 -46.35
H83 NAG Y . 51.71 14.46 -47.64
HN2 NAG Y . 51.57 16.73 -47.27
HO3 NAG Y . 53.86 17.00 -45.65
HO4 NAG Y . 54.36 18.98 -43.21
HO6 NAG Y . 49.12 20.57 -42.55
C1 NAG Z . 21.66 -3.71 -40.15
C2 NAG Z . 21.34 -2.94 -41.45
C3 NAG Z . 21.23 -3.91 -42.64
C4 NAG Z . 22.50 -4.77 -42.76
C5 NAG Z . 22.82 -5.52 -41.47
C6 NAG Z . 24.16 -6.26 -41.50
C7 NAG Z . 20.07 -0.90 -40.86
C8 NAG Z . 18.70 -0.21 -40.86
N2 NAG Z . 20.10 -2.16 -41.32
O3 NAG Z . 21.07 -3.19 -43.89
O4 NAG Z . 22.24 -5.72 -43.82
O5 NAG Z . 22.84 -4.55 -40.34
O6 NAG Z . 25.24 -5.37 -41.15
O7 NAG Z . 21.08 -0.36 -40.46
H1 NAG Z . 20.83 -4.34 -39.84
H2 NAG Z . 22.16 -2.26 -41.65
H3 NAG Z . 20.37 -4.55 -42.48
H4 NAG Z . 23.34 -4.14 -43.04
H5 NAG Z . 22.03 -6.25 -41.28
H61 NAG Z . 24.35 -6.71 -42.48
H62 NAG Z . 24.15 -7.06 -40.77
H81 NAG Z . 18.68 0.56 -40.19
H82 NAG Z . 17.96 -0.84 -40.62
H83 NAG Z . 18.49 0.19 -41.77
HN2 NAG Z . 19.24 -2.62 -41.52
HO3 NAG Z . 20.38 -2.57 -43.80
HO4 NAG Z . 21.86 -5.23 -44.55
HO6 NAG Z . 24.94 -4.88 -40.40
C1 NAG AA . 16.66 53.91 6.83
C2 NAG AA . 16.12 53.74 8.28
C3 NAG AA . 15.00 54.78 8.50
C4 NAG AA . 15.58 56.20 8.28
C5 NAG AA . 16.27 56.35 6.92
C6 NAG AA . 17.04 57.68 6.80
C7 NAG AA . 15.65 51.84 9.73
C8 NAG AA . 15.23 50.37 9.84
N2 NAG AA . 15.59 52.40 8.53
O3 NAG AA . 14.43 54.70 9.83
O4 NAG AA . 14.47 57.11 8.35
O5 NAG AA . 17.23 55.24 6.70
O6 NAG AA . 17.74 57.70 5.54
O7 NAG AA . 16.02 52.48 10.72
H1 NAG AA . 15.83 53.80 6.14
H2 NAG AA . 16.93 53.95 8.97
H3 NAG AA . 14.21 54.61 7.77
H4 NAG AA . 16.27 56.42 9.07
H5 NAG AA . 15.52 56.32 6.13
H61 NAG AA . 17.76 57.76 7.61
H62 NAG AA . 16.37 58.52 6.85
H81 NAG AA . 14.34 50.19 9.24
H82 NAG AA . 15.02 50.12 10.88
H83 NAG AA . 16.04 49.73 9.49
HN2 NAG AA . 15.17 51.90 7.78
HO3 NAG AA . 14.83 53.99 10.30
HO4 NAG AA . 13.96 56.87 9.12
HO6 NAG AA . 18.18 56.86 5.45
C1 NAG BA . 43.98 43.85 14.19
C2 NAG BA . 43.15 43.48 12.93
C3 NAG BA . 43.98 43.89 11.69
C4 NAG BA . 44.38 45.38 11.74
C5 NAG BA . 45.10 45.75 13.05
C6 NAG BA . 45.34 47.26 13.24
C7 NAG BA . 41.68 41.52 12.72
C8 NAG BA . 41.60 40.00 12.48
N2 NAG BA . 42.89 42.02 12.91
O3 NAG BA . 43.26 43.65 10.46
O4 NAG BA . 45.27 45.64 10.63
O5 NAG BA . 44.27 45.29 14.18
O6 NAG BA . 46.19 47.76 12.19
O7 NAG BA . 40.67 42.22 12.73
H1 NAG BA . 44.91 43.31 14.20
H2 NAG BA . 42.23 44.03 12.95
H3 NAG BA . 44.89 43.29 11.68
H4 NAG BA . 43.49 46.00 11.63
H5 NAG BA . 46.06 45.24 13.10
H61 NAG BA . 45.82 47.43 14.19
H62 NAG BA . 44.39 47.79 13.23
H81 NAG BA . 41.47 39.80 11.47
H82 NAG BA . 40.79 39.60 12.98
H83 NAG BA . 42.45 39.52 12.80
HN2 NAG BA . 43.67 41.41 12.97
HO3 NAG BA . 43.76 44.04 9.76
HO4 NAG BA . 45.71 46.47 10.80
HO6 NAG BA . 46.42 48.66 12.40
C1 NAG CA . -3.05 5.23 -38.37
C2 NAG CA . -4.59 5.21 -38.55
C3 NAG CA . -5.01 4.09 -39.54
C4 NAG CA . -4.24 4.22 -40.87
C5 NAG CA . -2.71 4.31 -40.64
C6 NAG CA . -1.92 4.61 -41.92
C7 NAG CA . -5.62 6.02 -36.49
C8 NAG CA . -6.38 5.64 -35.21
N2 NAG CA . -5.27 5.00 -37.26
O3 NAG CA . -6.43 4.15 -39.83
O4 NAG CA . -4.52 3.04 -41.65
O5 NAG CA . -2.44 5.41 -39.68
O6 NAG CA . -2.12 3.55 -42.87
O7 NAG CA . -5.33 7.18 -36.75
H1 NAG CA . -2.70 4.30 -37.93
H2 NAG CA . -4.90 6.16 -38.97
H3 NAG CA . -4.78 3.13 -39.10
H4 NAG CA . -4.57 5.10 -41.42
H5 NAG CA . -2.36 3.39 -40.21
H61 NAG CA . -0.86 4.69 -41.69
H62 NAG CA . -2.24 5.54 -42.36
H81 NAG CA . -6.32 4.70 -34.97
H82 NAG CA . -7.31 5.81 -35.29
H83 NAG CA . -6.08 6.11 -34.44
HN2 NAG CA . -5.50 4.07 -36.99
HO3 NAG CA . -6.63 3.49 -40.45
HO4 NAG CA . -3.85 2.97 -42.31
HO6 NAG CA . -1.55 3.71 -43.60
C1 NAG DA . -8.75 36.07 -15.15
C2 NAG DA . -10.08 35.83 -14.38
C3 NAG DA . -11.10 36.85 -14.88
C4 NAG DA . -10.58 38.29 -14.73
C5 NAG DA . -9.19 38.49 -15.35
C6 NAG DA . -8.56 39.85 -15.02
C7 NAG DA . -10.56 33.53 -13.65
C8 NAG DA . -11.15 32.16 -14.06
N2 NAG DA . -10.59 34.46 -14.59
O3 NAG DA . -12.34 36.73 -14.15
O4 NAG DA . -11.52 39.15 -15.40
O5 NAG DA . -8.27 37.42 -14.89
O6 NAG DA . -8.25 39.88 -13.62
O7 NAG DA . -10.10 33.74 -12.54
H1 NAG DA . -8.93 35.96 -16.22
H2 NAG DA . -9.89 35.99 -13.31
H3 NAG DA . -11.29 36.65 -15.93
H4 NAG DA . -10.55 38.55 -13.67
H5 NAG DA . -9.27 38.41 -16.44
H61 NAG DA . -9.24 40.65 -15.26
H62 NAG DA . -7.65 39.98 -15.59
H81 NAG DA . -12.06 32.31 -14.62
H82 NAG DA . -11.38 31.59 -13.17
H83 NAG DA . -10.44 31.62 -14.66
HN2 NAG DA . -10.94 34.23 -15.50
HO3 NAG DA . -12.68 35.83 -14.25
HO4 NAG DA . -12.38 38.96 -15.04
HO6 NAG DA . -7.71 39.12 -13.44
C1 NAG EA . -21.29 31.26 -29.76
C2 NAG EA . -21.66 32.19 -30.94
C3 NAG EA . -21.25 33.62 -30.58
C4 NAG EA . -22.07 34.06 -29.37
C5 NAG EA . -21.91 33.09 -28.17
C6 NAG EA . -22.93 33.38 -27.08
C7 NAG EA . -21.68 30.96 -33.06
C8 NAG EA . -20.91 30.54 -34.30
N2 NAG EA . -21.03 31.74 -32.20
O3 NAG EA . -21.50 34.55 -31.67
O4 NAG EA . -21.62 35.37 -28.98
O5 NAG EA . -22.11 31.68 -28.61
O6 NAG EA . -22.88 32.34 -26.08
O7 NAG EA . -22.84 30.59 -32.88
H1 NAG EA . -20.23 31.36 -29.50
H2 NAG EA . -22.74 32.16 -31.07
H3 NAG EA . -20.19 33.65 -30.34
H4 NAG EA . -23.12 34.11 -29.64
H5 NAG EA . -20.91 33.18 -27.76
H61 NAG EA . -23.94 33.41 -27.50
H62 NAG EA . -22.74 34.34 -26.60
H81 NAG EA . -21.14 31.16 -35.07
H82 NAG EA . -21.18 29.61 -34.57
H83 NAG EA . -19.90 30.56 -34.18
HN2 NAG EA . -20.06 31.92 -32.34
HO3 NAG EA . -21.11 34.20 -32.48
HO4 NAG EA . -21.60 35.90 -29.78
HO6 NAG EA . -22.86 31.52 -26.54
C1 NAG FA . -56.35 12.28 -16.58
C2 NAG FA . -57.63 11.91 -15.78
C3 NAG FA . -58.83 12.70 -16.32
C4 NAG FA . -58.52 14.20 -16.44
C5 NAG FA . -57.23 14.44 -17.25
C6 NAG FA . -56.83 15.91 -17.39
C7 NAG FA . -57.43 9.58 -15.02
C8 NAG FA . -57.33 8.13 -15.50
N2 NAG FA . -57.86 10.46 -15.91
O3 NAG FA . -59.97 12.52 -15.44
O4 NAG FA . -59.61 14.85 -17.13
O5 NAG FA . -56.15 13.72 -16.56
O6 NAG FA . -55.55 15.96 -18.05
O7 NAG FA . -57.08 9.92 -13.90
H1 NAG FA . -56.48 11.95 -17.61
H2 NAG FA . -57.47 12.17 -14.74
H3 NAG FA . -59.09 12.32 -17.30
H4 NAG FA . -58.41 14.64 -15.45
H5 NAG FA . -57.35 14.03 -18.25
H61 NAG FA . -56.74 16.37 -16.41
H62 NAG FA . -57.55 16.47 -17.97
H81 NAG FA . -56.95 7.50 -14.70
H82 NAG FA . -56.65 8.07 -16.33
H83 NAG FA . -58.30 7.77 -15.82
HN2 NAG FA . -58.18 10.13 -16.80
HO3 NAG FA . -60.13 11.60 -15.32
HO4 NAG FA . -60.42 14.58 -16.69
HO6 NAG FA . -55.00 15.31 -17.64
C1 NAG GA . -46.83 8.24 -28.84
C2 NAG GA . -45.66 8.37 -29.85
C3 NAG GA . -44.94 9.69 -29.59
C4 NAG GA . -45.92 10.87 -29.64
C5 NAG GA . -47.09 10.69 -28.68
C6 NAG GA . -48.19 11.74 -28.85
C7 NAG GA . -44.87 6.12 -30.40
C8 NAG GA . -43.84 5.03 -30.08
N2 NAG GA . -44.73 7.25 -29.71
O3 NAG GA . -43.91 9.91 -30.59
O4 NAG GA . -45.19 12.06 -29.27
O5 NAG GA . -47.72 9.39 -28.91
O6 NAG GA . -47.68 13.04 -28.50
O7 NAG GA . -45.76 5.95 -31.22
H1 NAG GA . -46.44 8.15 -27.82
H2 NAG GA . -46.07 8.38 -30.86
H3 NAG GA . -44.47 9.66 -28.61
H4 NAG GA . -46.29 10.99 -30.65
H5 NAG GA . -46.73 10.72 -27.65
H61 NAG GA . -49.03 11.51 -28.21
H62 NAG GA . -48.55 11.76 -29.89
H81 NAG GA . -44.27 4.33 -29.43
H82 NAG GA . -42.98 5.42 -29.62
H83 NAG GA . -43.54 4.53 -30.96
HN2 NAG GA . -44.00 7.33 -29.03
HO3 NAG GA . -43.58 10.80 -30.48
HO4 NAG GA . -45.84 12.72 -29.00
HO6 NAG GA . -48.39 13.67 -28.52
C1 NAG HA . 55.94 28.93 -24.28
C2 NAG HA . 55.90 30.16 -25.22
C3 NAG HA . 57.00 31.15 -24.81
C4 NAG HA . 56.88 31.54 -23.33
C5 NAG HA . 56.85 30.31 -22.40
C6 NAG HA . 56.54 30.68 -20.95
C7 NAG HA . 55.59 30.40 -27.65
C8 NAG HA . 55.76 29.75 -29.03
N2 NAG HA . 56.08 29.75 -26.61
O3 NAG HA . 56.93 32.37 -25.60
O4 NAG HA . 58.05 32.33 -23.02
O5 NAG HA . 55.80 29.36 -22.88
O6 NAG HA . 56.33 29.47 -20.21
O7 NAG HA . 55.06 31.50 -27.50
H1 NAG HA . 56.89 28.40 -24.39
H2 NAG HA . 54.94 30.65 -25.12
H3 NAG HA . 57.97 30.68 -24.98
H4 NAG HA . 55.99 32.14 -23.17
H5 NAG HA . 57.81 29.80 -22.44
H61 NAG HA . 55.63 31.28 -20.92
H62 NAG HA . 57.35 31.24 -20.51
H81 NAG HA . 56.53 29.08 -29.05
H82 NAG HA . 55.94 30.42 -29.73
H83 NAG HA . 54.94 29.24 -29.28
HN2 NAG HA . 56.56 28.88 -26.77
HO3 NAG HA . 56.34 32.24 -26.33
HO4 NAG HA . 58.15 32.97 -23.73
HO6 NAG HA . 55.78 28.91 -20.74
C1 NAG IA . -10.39 43.14 13.75
C2 NAG IA . -10.96 42.02 14.65
C3 NAG IA . -11.70 42.68 15.81
C4 NAG IA . -10.75 43.59 16.59
C5 NAG IA . -10.05 44.63 15.69
C6 NAG IA . -8.95 45.44 16.38
C7 NAG IA . -11.60 39.87 13.67
C8 NAG IA . -12.76 39.03 13.17
N2 NAG IA . -11.88 41.14 13.92
O3 NAG IA . -12.27 41.70 16.70
O4 NAG IA . -11.54 44.27 17.57
O5 NAG IA . -9.44 43.93 14.53
O6 NAG IA . -9.47 46.10 17.54
O7 NAG IA . -10.48 39.40 13.84
H1 NAG IA . -11.20 43.78 13.44
H2 NAG IA . -10.14 41.42 15.07
H3 NAG IA . -12.50 43.28 15.40
H4 NAG IA . -10.00 42.99 17.09
H5 NAG IA . -10.80 45.32 15.31
H61 NAG IA . -8.55 46.17 15.69
H62 NAG IA . -8.14 44.77 16.68
H81 NAG IA . -12.94 39.23 12.13
H82 NAG IA . -13.65 39.26 13.74
H83 NAG IA . -12.53 37.98 13.29
HN2 NAG IA . -12.80 41.48 13.74
HO3 NAG IA . -12.62 42.16 17.45
HO4 NAG IA . -11.01 44.99 17.91
HO6 NAG IA . -8.82 46.67 17.89
C1 NAG JA . 28.03 -13.87 46.63
C2 NAG JA . 28.07 -15.40 46.38
C3 NAG JA . 26.95 -16.10 47.18
C4 NAG JA . 27.03 -15.76 48.68
C5 NAG JA . 26.96 -14.24 48.90
C6 NAG JA . 27.16 -13.82 50.37
C7 NAG JA . 28.87 -15.91 44.10
C8 NAG JA . 28.48 -16.09 42.62
N2 NAG JA . 27.88 -15.69 44.96
O3 NAG JA . 27.04 -17.54 47.03
O4 NAG JA . 25.89 -16.38 49.30
O5 NAG JA . 28.00 -13.57 48.07
O6 NAG JA . 28.53 -13.94 50.75
O7 NAG JA . 30.04 -15.97 44.46
H1 NAG JA . 27.15 -13.44 46.16
H2 NAG JA . 29.03 -15.79 46.72
H3 NAG JA . 25.99 -15.77 46.80
H4 NAG JA . 27.94 -16.15 49.11
H5 NAG JA . 25.99 -13.88 48.56
H61 NAG JA . 26.54 -14.42 51.02
H62 NAG JA . 26.86 -12.79 50.48
H81 NAG JA . 29.00 -15.37 42.02
H82 NAG JA . 27.42 -15.97 42.49
H83 NAG JA . 28.76 -17.08 42.29
HN2 NAG JA . 26.94 -15.58 44.60
HO3 NAG JA . 27.05 -17.75 46.10
HO4 NAG JA . 25.88 -17.29 49.04
HO6 NAG JA . 29.04 -13.45 50.11
C1 NAG KA . 52.51 3.41 37.79
C2 NAG KA . 51.07 3.22 38.34
C3 NAG KA . 50.66 4.40 39.26
C4 NAG KA . 51.75 4.75 40.28
C5 NAG KA . 53.10 5.00 39.58
C6 NAG KA . 54.24 5.36 40.53
C7 NAG KA . 48.90 2.67 37.27
C8 NAG KA . 48.06 2.73 35.99
N2 NAG KA . 50.13 3.15 37.21
O3 NAG KA . 49.46 4.10 40.00
O4 NAG KA . 51.31 5.95 40.95
O5 NAG KA . 53.45 3.76 38.84
O6 NAG KA . 54.67 4.20 41.26
O7 NAG KA . 48.44 2.22 38.32
H1 NAG KA . 52.51 4.21 37.04
H2 NAG KA . 51.01 2.29 38.90
H3 NAG KA . 50.49 5.27 38.62
H4 NAG KA . 51.85 3.95 41.00
H5 NAG KA . 52.98 5.81 38.86
H61 NAG KA . 53.94 6.15 41.21
H62 NAG KA . 55.09 5.74 39.95
H81 NAG KA . 47.51 3.63 35.97
H82 NAG KA . 47.40 1.92 35.94
H83 NAG KA . 48.69 2.71 35.13
HN2 NAG KA . 50.45 3.53 36.33
HO3 NAG KA . 48.91 3.52 39.48
HO4 NAG KA . 50.40 5.79 41.20
HO6 NAG KA . 54.83 3.52 40.61
C1 NAG LA . -25.44 21.97 20.31
C2 NAG LA . -26.44 21.17 19.45
C3 NAG LA . -27.85 21.73 19.69
C4 NAG LA . -28.21 21.73 21.20
C5 NAG LA . -27.13 22.44 22.05
C6 NAG LA . -27.35 22.25 23.55
C7 NAG LA . -25.33 20.33 17.43
C8 NAG LA . -25.22 20.45 15.90
N2 NAG LA . -26.11 21.22 18.02
O3 NAG LA . -28.86 20.95 18.98
O4 NAG LA . -29.45 22.45 21.35
O5 NAG LA . -25.82 21.85 21.71
O6 NAG LA . -26.15 22.64 24.25
O7 NAG LA . -24.75 19.45 18.05
H1 NAG LA . -25.44 23.03 20.03
H2 NAG LA . -26.42 20.14 19.79
H3 NAG LA . -27.88 22.76 19.32
H4 NAG LA . -28.34 20.72 21.54
H5 NAG LA . -27.10 23.50 21.82
H61 NAG LA . -27.55 21.21 23.77
H62 NAG LA . -28.18 22.85 23.90
H81 NAG LA . -24.96 21.44 15.62
H82 NAG LA . -26.15 20.19 15.45
H83 NAG LA . -24.47 19.79 15.52
HN2 NAG LA . -26.43 22.00 17.48
HO3 NAG LA . -28.62 20.89 18.07
HO4 NAG LA . -30.04 22.10 20.69
HO6 NAG LA . -25.40 22.27 23.80
C1 NAG MA . -6.85 -6.44 39.76
C2 NAG MA . -7.31 -7.89 39.43
C3 NAG MA . -7.92 -8.51 40.70
C4 NAG MA . -6.89 -8.51 41.83
C5 NAG MA . -6.33 -7.11 42.12
C6 NAG MA . -5.15 -7.14 43.10
C7 NAG MA . -7.98 -7.89 37.05
C8 NAG MA . -9.13 -8.00 36.06
N2 NAG MA . -8.30 -7.92 38.34
O3 NAG MA . -8.34 -9.88 40.48
O4 NAG MA . -7.55 -9.03 43.00
O5 NAG MA . -5.86 -6.49 40.85
O6 NAG MA . -4.01 -7.70 42.43
O7 NAG MA . -6.80 -7.75 36.70
H1 NAG MA . -7.67 -5.80 40.05
H2 NAG MA . -6.45 -8.47 39.13
H3 NAG MA . -8.79 -7.92 41.00
H4 NAG MA . -6.07 -9.18 41.56
H5 NAG MA . -7.12 -6.48 42.52
H61 NAG MA . -5.40 -7.73 43.98
H62 NAG MA . -4.93 -6.13 43.41
H81 NAG MA . -8.78 -7.87 35.07
H82 NAG MA . -9.87 -7.24 36.25
H83 NAG MA . -9.59 -8.94 36.14
HN2 NAG MA . -9.28 -7.89 38.59
HO3 NAG MA . -8.80 -9.96 39.66
HO4 NAG MA . -8.06 -9.77 42.72
HO6 NAG MA . -3.91 -7.20 41.63
C1 NAG NA . -26.30 -3.68 40.21
C2 NAG NA . -26.86 -3.34 41.62
C3 NAG NA . -26.01 -4.02 42.70
C4 NAG NA . -25.92 -5.53 42.45
C5 NAG NA . -25.41 -5.85 41.04
C6 NAG NA . -25.51 -7.34 40.69
C7 NAG NA . -27.90 -1.11 41.46
C8 NAG NA . -27.83 0.36 41.86
N2 NAG NA . -26.90 -1.89 41.86
O3 NAG NA . -26.60 -3.81 44.02
O4 NAG NA . -24.99 -6.06 43.41
O5 NAG NA . -26.25 -5.13 40.05
O6 NAG NA . -25.27 -7.48 39.28
O7 NAG NA . -28.84 -1.55 40.81
H1 NAG NA . -25.31 -3.25 40.08
H2 NAG NA . -27.87 -3.72 41.68
H3 NAG NA . -25.02 -3.59 42.69
H4 NAG NA . -26.89 -5.98 42.60
H5 NAG NA . -24.38 -5.52 40.93
H61 NAG NA . -26.49 -7.73 40.92
H62 NAG NA . -24.77 -7.92 41.25
H81 NAG NA . -28.73 0.87 41.54
H82 NAG NA . -26.98 0.82 41.41
H83 NAG NA . -27.75 0.43 42.94
HN2 NAG NA . -26.10 -1.46 42.27
HO3 NAG NA . -26.77 -2.88 44.15
HO4 NAG NA . -25.23 -5.71 44.26
HO6 NAG NA . -25.73 -6.76 38.87
C1 NAG OA . -50.89 -29.21 15.76
C2 NAG OA . -51.44 -30.13 14.65
C3 NAG OA . -52.62 -30.98 15.17
C4 NAG OA . -52.24 -31.69 16.48
C5 NAG OA . -51.79 -30.67 17.53
C6 NAG OA . -51.39 -31.29 18.87
C7 NAG OA . -51.11 -29.10 12.43
C8 NAG OA . -51.69 -28.15 11.37
N2 NAG OA . -51.88 -29.34 13.49
O3 NAG OA . -53.01 -31.97 14.19
O4 NAG OA . -53.41 -32.39 16.97
O5 NAG OA . -50.61 -29.96 16.98
O6 NAG OA . -50.67 -30.31 19.62
O7 NAG OA . -50.00 -29.62 12.32
H1 NAG OA . -51.62 -28.42 15.98
H2 NAG OA . -50.65 -30.82 14.34
H3 NAG OA . -53.47 -30.32 15.35
H4 NAG OA . -51.45 -32.41 16.30
H5 NAG OA . -52.58 -29.96 17.71
H61 NAG OA . -50.74 -32.13 18.72
H62 NAG OA . -52.24 -31.60 19.43
H81 NAG OA . -52.72 -28.39 11.16
H82 NAG OA . -51.12 -28.23 10.45
H83 NAG OA . -51.63 -27.12 11.71
HN2 NAG OA . -52.77 -28.87 13.56
HO3 NAG OA . -53.28 -31.54 13.39
HO4 NAG OA . -53.78 -32.86 16.23
HO6 NAG OA . -50.12 -29.86 19.00
C1 NAG PA . -51.14 -13.60 18.73
C2 NAG PA . -50.95 -12.15 19.24
C3 NAG PA . -49.97 -12.13 20.43
C4 NAG PA . -50.45 -13.06 21.55
C5 NAG PA . -50.61 -14.50 21.05
C6 NAG PA . -51.24 -15.39 22.13
C7 NAG PA . -51.23 -10.45 17.47
C8 NAG PA . -50.54 -9.60 16.40
N2 NAG PA . -50.45 -11.28 18.17
O3 NAG PA . -49.86 -10.78 20.96
O4 NAG PA . -49.46 -13.04 22.58
O5 NAG PA . -51.48 -14.51 19.84
O6 NAG PA . -51.40 -16.72 21.61
O7 NAG PA . -52.44 -10.37 17.69
H1 NAG PA . -50.24 -13.95 18.24
H2 NAG PA . -51.92 -11.77 19.60
H3 NAG PA . -49.00 -12.46 20.09
H4 NAG PA . -51.40 -12.70 21.95
H5 NAG PA . -49.64 -14.89 20.79
H61 NAG PA . -52.21 -15.01 22.42
H62 NAG PA . -50.61 -15.44 23.01
H81 NAG PA . -49.69 -9.25 16.74
H82 NAG PA . -51.10 -8.82 16.12
H83 NAG PA . -50.37 -10.14 15.59
HN2 NAG PA . -49.48 -11.37 17.89
HO3 NAG PA . -49.59 -10.19 20.27
HO4 NAG PA . -49.27 -12.13 22.78
HO6 NAG PA . -51.87 -16.65 20.78
C1 NAG QA . -4.35 26.00 45.33
C2 NAG QA . -4.28 24.57 44.77
C3 NAG QA . -4.86 23.55 45.76
C4 NAG QA . -4.20 23.69 47.13
C5 NAG QA . -4.44 25.11 47.68
C6 NAG QA . -3.79 25.35 49.05
C7 NAG QA . -4.45 24.56 42.32
C8 NAG QA . -5.39 24.41 41.13
N2 NAG QA . -5.01 24.47 43.51
O3 NAG QA . -4.67 22.19 45.28
O4 NAG QA . -4.83 22.73 48.01
O5 NAG QA . -3.86 26.07 46.72
O6 NAG QA . -4.10 26.69 49.47
O7 NAG QA . -3.24 24.76 42.19
H1 NAG QA . -5.38 26.37 45.32
H2 NAG QA . -3.23 24.31 44.60
H3 NAG QA . -5.94 23.74 45.86
H4 NAG QA . -3.14 23.48 47.07
H5 NAG QA . -5.50 25.28 47.75
H61 NAG QA . -2.71 25.24 48.98
H62 NAG QA . -4.17 24.65 49.79
H81 NAG QA . -6.18 25.15 41.19
H82 NAG QA . -4.83 24.56 40.20
H83 NAG QA . -5.82 23.42 41.13
HN2 NAG QA . -6.01 24.41 43.56
HO3 NAG QA . -5.08 22.09 44.43
HO4 NAG QA . -4.85 21.91 47.54
HO6 NAG QA . -3.92 27.28 48.76
C1 NAG RA . 31.88 -41.76 3.74
C2 NAG RA . 31.57 -40.92 2.48
C3 NAG RA . 31.66 -41.77 1.21
C4 NAG RA . 32.95 -42.60 1.14
C5 NAG RA . 33.11 -43.45 2.41
C6 NAG RA . 34.38 -44.29 2.49
C7 NAG RA . 30.00 -39.14 3.11
C8 NAG RA . 28.53 -38.77 3.29
N2 NAG RA . 30.24 -40.34 2.58
O3 NAG RA . 31.57 -40.94 0.02
O4 NAG RA . 32.84 -43.48 0.00
O5 NAG RA . 33.10 -42.54 3.57
O6 NAG RA . 34.42 -44.89 3.79
O7 NAG RA . 30.90 -38.39 3.43
H1 NAG RA . 31.06 -42.44 3.97
H2 NAG RA . 32.32 -40.12 2.40
H3 NAG RA . 30.81 -42.46 1.20
H4 NAG RA . 33.81 -41.95 1.01
H5 NAG RA . 32.26 -44.11 2.49
H61 NAG RA . 35.26 -43.65 2.36
H62 NAG RA . 34.39 -45.07 1.72
H81 NAG RA . 28.14 -38.33 2.38
H82 NAG RA . 28.42 -38.05 4.11
H83 NAG RA . 27.95 -39.66 3.54
HN2 NAG RA . 29.44 -40.92 2.37
HO3 NAG RA . 30.77 -40.41 0.06
HO4 NAG RA . 32.62 -42.93 -0.76
HO6 NAG RA . 34.36 -44.18 4.42
C1 NAG SA . 46.46 -35.76 39.27
C2 NAG SA . 47.14 -36.27 40.56
C3 NAG SA . 47.48 -35.08 41.48
C4 NAG SA . 48.33 -34.07 40.72
C5 NAG SA . 47.64 -33.62 39.41
C6 NAG SA . 48.48 -32.64 38.59
C7 NAG SA . 45.11 -37.21 41.61
C8 NAG SA . 44.45 -38.48 42.14
N2 NAG SA . 46.37 -37.32 41.25
O3 NAG SA . 48.23 -35.54 42.64
O4 NAG SA . 48.56 -32.93 41.57
O5 NAG SA . 47.36 -34.82 38.59
O6 NAG SA . 48.41 -31.34 39.19
O7 NAG SA . 44.49 -36.15 41.52
H1 NAG SA . 45.53 -35.24 39.49
H2 NAG SA . 48.08 -36.74 40.27
H3 NAG SA . 46.57 -34.61 41.82
H4 NAG SA . 49.30 -34.51 40.47
H5 NAG SA . 46.69 -33.15 39.65
H61 NAG SA . 48.10 -32.58 37.57
H62 NAG SA . 49.52 -32.97 38.54
H81 NAG SA . 43.43 -38.34 42.35
H82 NAG SA . 44.94 -38.76 43.03
H83 NAG SA . 44.54 -39.27 41.44
HN2 NAG SA . 46.82 -38.20 41.33
HO3 NAG SA . 47.75 -36.22 43.08
HO4 NAG SA . 48.80 -33.27 42.42
HO6 NAG SA . 48.57 -31.46 40.13
C1 NAG TA . 10.83 -31.58 32.63
C2 NAG TA . 10.92 -33.09 32.31
C3 NAG TA . 10.03 -33.87 33.28
C4 NAG TA . 10.39 -33.59 34.73
C5 NAG TA . 10.34 -32.07 35.04
C6 NAG TA . 10.86 -31.70 36.42
C7 NAG TA . 11.34 -33.48 29.91
C8 NAG TA . 10.69 -33.84 28.58
N2 NAG TA . 10.50 -33.36 30.94
O3 NAG TA . 10.13 -35.30 33.04
O4 NAG TA . 9.42 -34.29 35.55
O5 NAG TA . 11.18 -31.35 34.04
O6 NAG TA . 12.28 -31.93 36.48
O7 NAG TA . 12.54 -33.29 30.04
H1 NAG TA . 9.81 -31.22 32.45
H2 NAG TA . 11.95 -33.41 32.45
H3 NAG TA . 8.99 -33.58 33.11
H4 NAG TA . 11.38 -33.97 34.95
H5 NAG TA . 9.31 -31.73 34.95
H61 NAG TA . 10.37 -32.28 37.20
H62 NAG TA . 10.67 -30.66 36.61
H81 NAG TA . 10.12 -32.99 28.21
H82 NAG TA . 10.03 -34.68 28.71
H83 NAG TA . 11.45 -34.10 27.85
HN2 NAG TA . 9.51 -33.40 30.75
HO3 NAG TA . 9.92 -35.50 32.18
HO4 NAG TA . 9.39 -35.18 35.23
HO6 NAG TA . 12.68 -31.49 35.75
C1 NAG UA . 47.43 -9.09 -28.84
C2 NAG UA . 47.17 -8.66 -30.31
C3 NAG UA . 46.69 -9.84 -31.17
C4 NAG UA . 47.65 -11.03 -31.04
C5 NAG UA . 47.74 -11.48 -29.58
C6 NAG UA . 48.74 -12.63 -29.37
C7 NAG UA . 46.46 -6.32 -30.47
C8 NAG UA . 45.30 -5.33 -30.29
N2 NAG UA . 46.15 -7.61 -30.35
O3 NAG UA . 46.62 -9.46 -32.57
O4 NAG UA . 47.12 -12.10 -31.85
O5 NAG UA . 48.19 -10.34 -28.76
O6 NAG UA . 48.96 -12.77 -27.95
O7 NAG UA . 47.59 -5.94 -30.74
H1 NAG UA . 46.49 -9.22 -28.31
H2 NAG UA . 48.10 -8.29 -30.73
H3 NAG UA . 45.70 -10.14 -30.84
H4 NAG UA . 48.64 -10.76 -31.41
H5 NAG UA . 46.76 -11.79 -29.23
H61 NAG UA . 49.68 -12.39 -29.84
H62 NAG UA . 48.36 -13.56 -29.78
H81 NAG UA . 45.57 -4.39 -30.42
H82 NAG UA . 44.93 -5.39 -29.39
H83 NAG UA . 44.56 -5.50 -30.92
HN2 NAG UA . 45.20 -7.86 -30.13
HO3 NAG UA . 46.09 -8.68 -32.66
HO4 NAG UA . 46.87 -11.72 -32.68
HO6 NAG UA . 49.07 -11.91 -27.59
C1 NAG VA . 62.77 6.71 -7.31
C2 NAG VA . 62.09 5.41 -7.74
C3 NAG VA . 62.47 4.25 -6.80
C4 NAG VA . 64.01 4.10 -6.75
C5 NAG VA . 64.63 5.41 -6.23
C6 NAG VA . 66.15 5.39 -6.14
C7 NAG VA . 59.95 5.70 -8.90
C8 NAG VA . 58.45 5.93 -8.78
N2 NAG VA . 60.62 5.56 -7.77
O3 NAG VA . 61.89 3.00 -7.25
O4 NAG VA . 64.32 3.00 -5.88
O5 NAG VA . 64.23 6.51 -7.14
O6 NAG VA . 66.60 6.70 -5.73
O7 NAG VA . 60.51 5.67 -9.99
H1 NAG VA . 62.35 7.06 -6.37
H2 NAG VA . 62.45 5.14 -8.74
H3 NAG VA . 62.09 4.46 -5.80
H4 NAG VA . 64.38 3.89 -7.75
H5 NAG VA . 64.22 5.62 -5.24
H61 NAG VA . 66.59 5.15 -7.11
H62 NAG VA . 66.49 4.66 -5.42
H81 NAG VA . 58.16 6.14 -7.76
H82 NAG VA . 57.92 5.05 -9.11
H83 NAG VA . 58.16 6.77 -9.39
HN2 NAG VA . 60.14 5.65 -6.90
HO3 NAG VA . 60.94 3.09 -7.30
HO4 NAG VA . 63.75 2.28 -6.12
HO6 NAG VA . 66.17 7.34 -6.29
C1 NAG WA . -0.54 -38.82 11.47
C2 NAG WA . -1.41 -40.01 11.01
C3 NAG WA . -2.22 -40.55 12.21
C4 NAG WA . -1.30 -40.86 13.41
C5 NAG WA . -0.44 -39.65 13.79
C6 NAG WA . 0.57 -39.93 14.91
C7 NAG WA . -2.26 -40.09 8.69
C8 NAG WA . -3.05 -39.34 7.60
N2 NAG WA . -2.31 -39.60 9.93
O3 NAG WA . -2.94 -41.77 11.85
O4 NAG WA . -2.15 -41.20 14.53
O5 NAG WA . 0.33 -39.23 12.59
O6 NAG WA . 1.43 -38.78 15.05
O7 NAG WA . -1.61 -41.08 8.42
H1 NAG WA . -1.19 -38.02 11.81
H2 NAG WA . -0.75 -40.80 10.66
H3 NAG WA . -2.95 -39.80 12.50
H4 NAG WA . -0.67 -41.70 13.17
H5 NAG WA . -1.07 -38.83 14.09
H61 NAG WA . 1.18 -40.79 14.66
H62 NAG WA . 0.06 -40.12 15.84
H81 NAG WA . -2.50 -39.22 6.76
H82 NAG WA . -3.33 -38.44 7.91
H83 NAG WA . -3.87 -39.85 7.35
HN2 NAG WA . -2.89 -38.81 10.10
HO3 NAG WA . -3.48 -41.59 11.08
HO4 NAG WA . -2.77 -41.85 14.23
HO6 NAG WA . 1.76 -38.57 14.19
C1 NAG XA . 16.96 -28.80 -23.16
C2 NAG XA . 15.93 -28.39 -24.25
C3 NAG XA . 16.11 -29.31 -25.45
C4 NAG XA . 17.55 -29.24 -25.98
C5 NAG XA . 18.55 -29.59 -24.88
C6 NAG XA . 20.01 -29.42 -25.31
C7 NAG XA . 13.95 -27.40 -23.23
C8 NAG XA . 12.46 -27.57 -22.90
N2 NAG XA . 14.56 -28.44 -23.75
O3 NAG XA . 15.21 -28.94 -26.51
O4 NAG XA . 17.66 -30.21 -27.06
O5 NAG XA . 18.30 -28.71 -23.71
O6 NAG XA . 20.33 -30.36 -26.35
O7 NAG XA . 14.54 -26.35 -23.01
H1 NAG XA . 16.77 -29.81 -22.81
H2 NAG XA . 16.15 -27.37 -24.56
H3 NAG XA . 15.88 -30.32 -25.17
H4 NAG XA . 17.75 -28.25 -26.37
H5 NAG XA . 18.40 -30.62 -24.56
H61 NAG XA . 20.66 -29.59 -24.49
H62 NAG XA . 20.18 -28.43 -25.67
H81 NAG XA . 12.32 -27.48 -21.83
H82 NAG XA . 12.10 -28.55 -23.21
H83 NAG XA . 11.88 -26.80 -23.41
HN2 NAG XA . 14.05 -29.29 -23.88
HO3 NAG XA . 15.42 -29.38 -27.25
HO4 NAG XA . 18.59 -30.42 -27.15
HO6 NAG XA . 21.26 -30.30 -26.55
C1 NAG YA . 3.34 -42.68 -21.85
C2 NAG YA . 4.66 -43.47 -21.60
C3 NAG YA . 5.53 -43.41 -22.87
C4 NAG YA . 4.75 -43.93 -24.09
C5 NAG YA . 3.42 -43.20 -24.29
C6 NAG YA . 2.54 -43.85 -25.36
C7 NAG YA . 5.26 -43.39 -19.24
C8 NAG YA . 5.88 -42.54 -18.13
N2 NAG YA . 5.38 -42.91 -20.46
O3 NAG YA . 6.73 -44.23 -22.71
O4 NAG YA . 5.59 -43.73 -25.25
O5 NAG YA . 2.64 -43.23 -23.02
O6 NAG YA . 1.23 -43.29 -25.29
O7 NAG YA . 4.68 -44.45 -19.00
H1 NAG YA . 3.56 -41.64 -22.03
H2 NAG YA . 4.40 -44.51 -21.40
H3 NAG YA . 5.83 -42.38 -23.04
H4 NAG YA . 4.57 -45.00 -23.97
H5 NAG YA . 3.60 -42.17 -24.56
H61 NAG YA . 2.47 -44.93 -25.19
H62 NAG YA . 2.96 -43.70 -26.36
H81 NAG YA . 5.14 -41.87 -17.75
H82 NAG YA . 6.71 -41.98 -18.51
H83 NAG YA . 6.23 -43.18 -17.33
HN2 NAG YA . 5.82 -42.02 -20.59
HO3 NAG YA . 7.18 -43.97 -21.91
HO4 NAG YA . 6.45 -44.07 -25.03
HO6 NAG YA . 1.01 -43.24 -24.37
C1 NAG ZA . -36.37 -33.58 -34.36
C2 NAG ZA . -37.67 -32.86 -34.86
C3 NAG ZA . -38.36 -33.69 -35.94
C4 NAG ZA . -37.38 -34.02 -37.08
C5 NAG ZA . -36.21 -34.83 -36.51
C6 NAG ZA . -35.17 -35.24 -37.54
C7 NAG ZA . -38.52 -31.51 -32.99
C8 NAG ZA . -39.42 -31.48 -31.74
N2 NAG ZA . -38.57 -32.62 -33.73
O3 NAG ZA . -39.51 -32.97 -36.47
O4 NAG ZA . -38.06 -34.80 -38.08
O5 NAG ZA . -35.54 -33.99 -35.50
O6 NAG ZA . -34.00 -35.71 -36.84
O7 NAG ZA . -37.77 -30.58 -33.28
H1 NAG ZA . -36.64 -34.46 -33.78
H2 NAG ZA . -37.38 -31.91 -35.30
H3 NAG ZA . -38.73 -34.62 -35.50
H4 NAG ZA . -37.01 -33.11 -37.53
H5 NAG ZA . -36.59 -35.72 -36.01
H61 NAG ZA . -34.89 -34.40 -38.15
H62 NAG ZA . -35.54 -36.03 -38.18
H81 NAG ZA . -39.52 -30.47 -31.40
H82 NAG ZA . -38.96 -32.06 -30.96
H83 NAG ZA . -40.40 -31.88 -31.96
HN2 NAG ZA . -39.18 -33.37 -33.44
HO3 NAG ZA . -40.11 -32.76 -35.77
HO4 NAG ZA . -38.87 -34.36 -38.28
HO6 NAG ZA . -33.85 -35.10 -36.12
C1 NAG AB . -31.47 -41.04 -21.23
C2 NAG AB . -30.60 -41.68 -20.13
C3 NAG AB . -29.16 -41.79 -20.66
C4 NAG AB . -29.10 -42.53 -22.00
C5 NAG AB . -30.01 -41.89 -23.05
C6 NAG AB . -30.13 -42.66 -24.37
C7 NAG AB . -31.46 -41.18 -17.86
C8 NAG AB . -31.37 -40.23 -16.66
N2 NAG AB . -30.66 -40.89 -18.89
O3 NAG AB . -28.32 -42.48 -19.69
O4 NAG AB . -27.73 -42.44 -22.48
O5 NAG AB . -31.36 -41.75 -22.50
O6 NAG AB . -28.85 -42.66 -25.03
O7 NAG AB . -32.22 -42.13 -17.87
H1 NAG AB . -31.19 -40.00 -21.38
H2 NAG AB . -30.97 -42.68 -19.93
H3 NAG AB . -28.76 -40.78 -20.78
H4 NAG AB . -29.36 -43.57 -21.86
H5 NAG AB . -29.64 -40.89 -23.28
H61 NAG AB . -30.87 -42.20 -25.01
H62 NAG AB . -30.44 -43.69 -24.17
H81 NAG AB . -30.63 -40.37 -16.13
H82 NAG AB . -32.08 -40.29 -16.08
H83 NAG AB . -31.33 -39.33 -16.88
HN2 NAG AB . -30.10 -40.06 -18.84
HO3 NAG AB . -27.46 -42.60 -20.10
HO4 NAG AB . -27.75 -42.60 -23.42
HO6 NAG AB . -28.96 -43.05 -25.89
C1 NAG BB . 60.71 -20.46 26.48
C2 NAG BB . 61.40 -21.59 25.66
C3 NAG BB . 62.87 -21.21 25.40
C4 NAG BB . 62.97 -19.83 24.73
C5 NAG BB . 62.20 -18.75 25.53
C6 NAG BB . 62.10 -17.39 24.84
C7 NAG BB . 60.58 -23.86 26.01
C8 NAG BB . 60.31 -24.96 27.06
N2 NAG BB . 61.31 -22.84 26.42
O3 NAG BB . 63.53 -22.19 24.55
O4 NAG BB . 64.36 -19.46 24.69
O5 NAG BB . 60.80 -19.20 25.74
O6 NAG BB . 63.41 -16.82 24.69
O7 NAG BB . 60.09 -23.91 24.89
H1 NAG BB . 61.19 -20.35 27.45
H2 NAG BB . 60.91 -21.68 24.70
H3 NAG BB . 63.40 -21.17 26.36
H4 NAG BB . 62.58 -19.89 23.71
H5 NAG BB . 62.67 -18.62 26.50
H61 NAG BB . 61.50 -16.72 25.43
H62 NAG BB . 61.65 -17.49 23.87
H81 NAG BB . 59.66 -24.58 27.82
H82 NAG BB . 61.23 -25.27 27.53
H83 NAG BB . 59.85 -25.80 26.63
HN2 NAG BB . 61.73 -22.87 27.34
HO3 NAG BB . 64.40 -21.87 24.35
HO4 NAG BB . 64.40 -18.52 24.57
HO6 NAG BB . 63.35 -15.93 24.50
#